data_9D19
#
_entry.id   9D19
#
loop_
_entity.id
_entity.type
_entity.pdbx_description
1 polymer 'Isoform 5 of Calcium-activated potassium channel subunit alpha-1'
2 polymer 'Large-conductance Ca2+-activated K+ channel beta2 subunit,Calcium-activated potassium channel subunit beta-4'
3 non-polymer 'MAGNESIUM ION'
4 non-polymer 'CALCIUM ION'
5 non-polymer '(2S)-3-(hexadecanoyloxy)-2-[(9Z)-octadec-9-enoyloxy]propyl 2-(trimethylammonio)ethyl phosphate'
6 non-polymer CHOLESTEROL
7 non-polymer 'POTASSIUM ION'
#
loop_
_entity_poly.entity_id
_entity_poly.type
_entity_poly.pdbx_seq_one_letter_code
_entity_poly.pdbx_strand_id
1 'polypeptide(L)'
;MDALIIPVTMEVPCDSRGQRMWWAFLASSMVTFFGGLFIILLWRTLKYLWTVCCHCGGKTKEAQKINNGSSQADGTLKPV
DEKEEAVAAEVGWMTSVKDWAGVMISAQTLTGRVLVVLVFALSIGALVIYFIDSSNPIESCQNFYKDFTLQIDMAFNVFF
LLYFGLRFIAANDKLWFWLEVNSVVDFFTVPPVFVSVYLNRSWLGLRFLRALRLIQFSEILQFLNILKTSNSIKLVNLLS
IFISTWLTAAGFIHLVENSGDPWENFQNNQALTYWECVYLLMVTMSTVGYGDVYAKTTLGRLFMVFFILGGLAMFASYVP
EIIELIGNRKKYGGSYSAVSGRKHIVVCGHITLESVSNFLKDFLHKDRDDVNVEIVFLHNISPNLELEALFKRHFTQVEF
YQGSVLNPHDLARVKIESADACLILANKYCADPDAEDASNIMRVISIKNYHPKIRIITQMLQYHNKAHLLNIPSWNWKEG
DDAICLAELKLGFIAQSCLAQGLSTMLANLFSMRSFIKIEEDTWQKYYLEGVSNEMYTEYLSSAFVGLSFPTVCELCFVK
LKLLMIAIEYKSANRESRILINPGNHLKIQEGTLGFFIASDAKEVKRAFFYCKACHDDITDPKRIKKCGCKRLEDEQPST
LSPKKKQRNGGMRNSPNTSPKLMRHDPLLIPGNDQIDNMDSNVKKYDSTGMFHWCAPKEIEKVILTRSEAAMTVLSGHVV
VCIFGDVSSALIGLRNLVMPLRASNFHYHELKHIVFVGSIEYLKREWETLHNFPKVSILPGTPLSRADLRAVNINLCDMC
VILSANQNNIDDTSLQDKECILASLNIKSMQFDDSIGVLQANSQGFTPPGMDRSSPDNSPVHGMLRQPSITTGVNIPIIT
ELVNDTNVQFLDQDDDDDPDTELYLTQPFACGTAFAVSVLDSLMSATYFNDNILTLIRTLVTGGATPELEALIAEENALR
GGYSTPQTLANRDRCRVAQLALLDGPFADLGDGGCYGDLFCKALKTYNMLCFGIYRLRDAHLSTPSQCTKRYVITNPPYE
FELVPTDLIFCLMQFD
;
A,B,C,D
2 'polypeptide(L)'
;FIWTSGRTSSSYRHDEKRNIYQKIRDHDLLDKRKTVTALKAGEDKSIRLGLFLIISGVVSLFIFGFCWLSPALQDLQATE
ANCTVLSVQQIGEVFECTFTCGADCRGTSQYPCVQVYVNNSESNSRALLHSDEHQLLTNPKCSYIPPCKRENQKNLESVM
NWQQYWKDEIGSQPFTCYFNQHQRPDDVLLHRTHDEIVLLHCFLWPLVTFVVGVLIVVLTICAKSLAVKAEAMKKRKFS
;
E,F,G,H
#
loop_
_chem_comp.id
_chem_comp.type
_chem_comp.name
_chem_comp.formula
CA non-polymer 'CALCIUM ION' 'Ca 2'
CLR non-polymer CHOLESTEROL 'C27 H46 O'
K non-polymer 'POTASSIUM ION' 'K 1'
MG non-polymer 'MAGNESIUM ION' 'Mg 2'
POV non-polymer '(2S)-3-(hexadecanoyloxy)-2-[(9Z)-octadec-9-enoyloxy]propyl 2-(trimethylammonio)ethyl phosphate' 'C42 H82 N O8 P'
#
# COMPACT_ATOMS: atom_id res chain seq x y z
N GLN A 19 19.78 54.49 29.69
CA GLN A 19 18.43 53.92 29.69
C GLN A 19 18.20 53.06 28.45
N ARG A 20 17.45 51.96 28.63
CA ARG A 20 17.10 51.02 27.56
C ARG A 20 15.65 51.24 27.14
N MET A 21 15.32 50.94 25.88
CA MET A 21 13.99 51.23 25.31
C MET A 21 13.32 50.05 24.63
N TRP A 22 13.85 48.83 24.78
CA TRP A 22 13.35 47.61 24.15
C TRP A 22 11.82 47.45 24.24
N TRP A 23 11.25 47.80 25.39
CA TRP A 23 9.82 47.68 25.66
C TRP A 23 8.98 48.62 24.80
N ALA A 24 9.49 49.76 24.33
CA ALA A 24 8.73 50.69 23.51
C ALA A 24 8.41 50.09 22.14
N PHE A 25 9.38 49.44 21.51
CA PHE A 25 9.19 48.73 20.24
C PHE A 25 8.16 47.61 20.38
N LEU A 26 8.31 46.76 21.39
CA LEU A 26 7.40 45.65 21.67
C LEU A 26 5.99 46.15 22.03
N ALA A 27 5.88 47.18 22.85
CA ALA A 27 4.61 47.79 23.22
C ALA A 27 3.89 48.33 21.98
N SER A 28 4.58 49.00 21.07
CA SER A 28 3.95 49.50 19.84
C SER A 28 3.34 48.40 19.01
N SER A 29 3.96 47.21 18.90
CA SER A 29 3.38 46.06 18.18
C SER A 29 2.20 45.45 18.91
N MET A 30 2.32 45.21 20.21
CA MET A 30 1.22 44.65 21.02
C MET A 30 0.01 45.58 21.02
N VAL A 31 0.24 46.88 21.18
CA VAL A 31 -0.84 47.86 21.22
C VAL A 31 -1.54 47.93 19.88
N THR A 32 -0.78 47.91 18.79
CA THR A 32 -1.35 47.88 17.42
C THR A 32 -2.21 46.64 17.19
N PHE A 33 -1.70 45.45 17.48
CA PHE A 33 -2.45 44.22 17.21
C PHE A 33 -3.72 44.14 18.06
N PHE A 34 -3.62 44.33 19.37
CA PHE A 34 -4.76 44.19 20.28
C PHE A 34 -5.71 45.38 20.25
N GLY A 35 -5.26 46.62 20.06
CA GLY A 35 -6.17 47.73 19.91
C GLY A 35 -7.00 47.62 18.65
N GLY A 36 -6.38 47.19 17.54
CA GLY A 36 -7.16 46.97 16.34
C GLY A 36 -8.20 45.87 16.53
N LEU A 37 -7.82 44.77 17.17
CA LEU A 37 -8.73 43.65 17.44
C LEU A 37 -9.90 44.08 18.33
N PHE A 38 -9.62 44.83 19.41
CA PHE A 38 -10.67 45.37 20.26
C PHE A 38 -11.52 46.41 19.56
N ILE A 39 -10.97 47.27 18.72
CA ILE A 39 -11.77 48.24 18.00
C ILE A 39 -12.73 47.53 17.06
N ILE A 40 -12.26 46.51 16.35
CA ILE A 40 -13.14 45.76 15.45
C ILE A 40 -14.27 45.10 16.24
N LEU A 41 -13.96 44.43 17.36
CA LEU A 41 -14.96 43.75 18.18
C LEU A 41 -15.94 44.73 18.84
N LEU A 42 -15.49 45.91 19.25
CA LEU A 42 -16.36 46.96 19.76
C LEU A 42 -17.26 47.52 18.67
N TRP A 43 -16.76 47.72 17.46
CA TRP A 43 -17.60 48.18 16.35
C TRP A 43 -18.68 47.15 16.04
N ARG A 44 -18.33 45.88 16.08
CA ARG A 44 -19.33 44.84 15.84
C ARG A 44 -20.43 44.89 16.90
N THR A 45 -20.02 44.89 18.17
CA THR A 45 -20.92 44.94 19.32
C THR A 45 -21.86 46.15 19.24
N LEU A 46 -21.31 47.35 19.06
CA LEU A 46 -22.08 48.57 18.96
C LEU A 46 -22.94 48.66 17.69
N LYS A 47 -22.61 47.94 16.61
CA LYS A 47 -23.46 47.93 15.43
C LYS A 47 -24.78 47.22 15.70
N TYR A 48 -24.73 46.09 16.39
CA TYR A 48 -25.94 45.35 16.78
C TYR A 48 -26.68 46.05 17.91
N LEU A 49 -25.97 46.66 18.85
CA LEU A 49 -26.56 47.43 19.94
C LEU A 49 -27.33 48.68 19.45
N TRP A 50 -27.12 49.17 18.23
CA TRP A 50 -27.92 50.26 17.71
C TRP A 50 -29.38 49.86 17.48
N THR A 51 -29.65 48.57 17.29
CA THR A 51 -31.02 48.06 17.15
C THR A 51 -31.81 48.23 18.45
N VAL A 52 -31.13 48.34 19.61
CA VAL A 52 -31.80 48.65 20.86
C VAL A 52 -32.37 50.07 20.86
N CYS A 53 -31.60 51.03 20.37
CA CYS A 53 -32.07 52.42 20.29
C CYS A 53 -33.08 52.64 19.16
N CYS A 54 -33.24 51.67 18.27
CA CYS A 54 -34.20 51.79 17.17
C CYS A 54 -35.14 50.61 17.14
N VAL A 91 -25.04 49.54 -6.76
CA VAL A 91 -23.79 49.22 -6.11
C VAL A 91 -23.17 50.47 -5.49
N GLY A 92 -22.90 50.46 -4.20
CA GLY A 92 -22.36 51.61 -3.47
C GLY A 92 -20.88 51.86 -3.75
N TRP A 93 -20.40 53.03 -3.37
CA TRP A 93 -18.99 53.38 -3.54
C TRP A 93 -18.06 52.54 -2.65
N MET A 94 -18.54 52.09 -1.49
CA MET A 94 -17.82 51.16 -0.62
C MET A 94 -17.47 49.86 -1.36
N THR A 95 -18.45 49.27 -2.05
CA THR A 95 -18.22 48.05 -2.83
C THR A 95 -17.32 48.32 -4.02
N SER A 96 -17.47 49.48 -4.64
CA SER A 96 -16.65 49.86 -5.80
C SER A 96 -15.17 50.02 -5.43
N VAL A 97 -14.84 50.63 -4.29
CA VAL A 97 -13.46 50.72 -3.81
C VAL A 97 -12.94 49.36 -3.30
N LYS A 98 -13.77 48.52 -2.70
CA LYS A 98 -13.39 47.16 -2.31
C LYS A 98 -13.01 46.32 -3.53
N ASP A 99 -13.78 46.41 -4.62
CA ASP A 99 -13.44 45.74 -5.88
C ASP A 99 -12.14 46.27 -6.47
N TRP A 100 -11.94 47.58 -6.51
CA TRP A 100 -10.70 48.16 -7.03
C TRP A 100 -9.48 47.69 -6.21
N ALA A 101 -9.57 47.70 -4.89
CA ALA A 101 -8.51 47.20 -4.04
C ALA A 101 -8.26 45.70 -4.27
N GLY A 102 -9.30 44.88 -4.42
CA GLY A 102 -9.14 43.45 -4.70
C GLY A 102 -8.48 43.18 -6.05
N VAL A 103 -8.76 44.00 -7.06
CA VAL A 103 -8.08 43.91 -8.35
C VAL A 103 -6.61 44.31 -8.22
N MET A 104 -6.35 45.38 -7.46
CA MET A 104 -4.96 45.78 -7.24
C MET A 104 -4.18 44.71 -6.48
N ILE A 105 -4.80 44.10 -5.47
CA ILE A 105 -4.14 43.05 -4.70
C ILE A 105 -3.79 41.86 -5.59
N SER A 106 -4.73 41.44 -6.43
CA SER A 106 -4.42 40.44 -7.44
C SER A 106 -3.55 41.06 -8.53
N ALA A 107 -3.15 40.24 -9.49
CA ALA A 107 -2.33 40.69 -10.61
C ALA A 107 -3.17 40.84 -11.87
N GLN A 108 -4.41 41.30 -11.75
CA GLN A 108 -5.30 41.41 -12.89
C GLN A 108 -5.06 42.66 -13.73
N THR A 109 -4.22 43.58 -13.26
CA THR A 109 -3.89 44.78 -14.00
C THR A 109 -2.38 44.98 -13.98
N LEU A 110 -1.90 45.87 -14.85
CA LEU A 110 -0.47 46.15 -14.90
C LEU A 110 0.02 46.75 -13.58
N THR A 111 -0.76 47.68 -13.02
CA THR A 111 -0.38 48.26 -11.73
C THR A 111 -0.37 47.21 -10.63
N GLY A 112 -1.34 46.29 -10.67
CA GLY A 112 -1.34 45.21 -9.68
C GLY A 112 -0.14 44.30 -9.81
N ARG A 113 0.25 43.98 -11.04
CA ARG A 113 1.44 43.17 -11.25
C ARG A 113 2.69 43.88 -10.76
N VAL A 114 2.78 45.19 -11.03
CA VAL A 114 3.91 45.96 -10.54
C VAL A 114 3.96 45.95 -9.02
N LEU A 115 2.80 46.13 -8.38
CA LEU A 115 2.74 46.12 -6.92
C LEU A 115 3.14 44.77 -6.36
N VAL A 116 2.70 43.68 -6.98
CA VAL A 116 3.04 42.35 -6.49
C VAL A 116 4.53 42.10 -6.63
N VAL A 117 5.13 42.49 -7.77
CA VAL A 117 6.57 42.34 -7.94
C VAL A 117 7.32 43.18 -6.92
N LEU A 118 6.82 44.38 -6.64
CA LEU A 118 7.45 45.22 -5.63
C LEU A 118 7.39 44.58 -4.25
N VAL A 119 6.26 43.96 -3.92
CA VAL A 119 6.14 43.25 -2.64
C VAL A 119 7.17 42.12 -2.59
N PHE A 120 7.28 41.36 -3.68
CA PHE A 120 8.22 40.25 -3.72
C PHE A 120 9.65 40.74 -3.52
N ALA A 121 10.03 41.85 -4.15
CA ALA A 121 11.38 42.36 -4.00
C ALA A 121 11.61 42.94 -2.62
N LEU A 122 10.65 43.68 -2.09
CA LEU A 122 10.87 44.40 -0.83
C LEU A 122 10.84 43.45 0.36
N SER A 123 10.16 42.31 0.25
CA SER A 123 10.25 41.31 1.32
C SER A 123 11.70 40.82 1.47
N ILE A 124 12.34 40.48 0.35
CA ILE A 124 13.72 40.06 0.39
C ILE A 124 14.62 41.21 0.84
N GLY A 125 14.29 42.44 0.43
CA GLY A 125 15.07 43.58 0.87
C GLY A 125 15.04 43.77 2.37
N ALA A 126 13.85 43.67 2.97
CA ALA A 126 13.74 43.78 4.42
C ALA A 126 14.44 42.64 5.13
N LEU A 127 14.35 41.42 4.57
CA LEU A 127 15.08 40.31 5.17
C LEU A 127 16.58 40.56 5.13
N VAL A 128 17.10 41.08 4.02
CA VAL A 128 18.52 41.38 3.92
C VAL A 128 18.93 42.48 4.90
N ILE A 129 18.05 43.47 5.08
CA ILE A 129 18.33 44.52 6.05
C ILE A 129 18.42 43.93 7.45
N TYR A 130 17.52 43.02 7.80
CA TYR A 130 17.61 42.36 9.10
C TYR A 130 18.89 41.55 9.21
N PHE A 131 19.28 40.86 8.15
CA PHE A 131 20.53 40.10 8.17
C PHE A 131 21.72 41.00 8.44
N ILE A 132 21.78 42.19 7.83
CA ILE A 132 22.84 43.19 8.09
C ILE A 132 22.83 43.58 9.57
N ASP A 133 21.68 44.02 10.10
CA ASP A 133 21.54 44.45 11.48
C ASP A 133 21.86 43.36 12.49
N SER A 134 21.62 42.08 12.18
CA SER A 134 21.89 40.97 13.10
C SER A 134 23.36 40.85 13.51
N SER A 135 24.29 41.44 12.76
CA SER A 135 25.73 41.49 13.08
C SER A 135 26.12 42.55 14.13
N ASN A 136 25.26 43.53 14.42
CA ASN A 136 25.48 44.61 15.39
C ASN A 136 25.07 44.22 16.83
N PRO A 137 25.41 45.03 17.84
CA PRO A 137 24.87 44.95 19.21
C PRO A 137 23.32 44.92 19.28
N ILE A 138 22.78 44.45 20.41
CA ILE A 138 21.34 44.16 20.58
C ILE A 138 20.46 45.42 20.64
N GLU A 139 21.00 46.49 21.24
CA GLU A 139 20.33 47.80 21.36
C GLU A 139 21.36 48.92 21.14
N SER A 140 21.01 49.97 20.39
CA SER A 140 21.95 51.06 20.10
C SER A 140 21.27 52.37 19.70
N CYS A 141 22.01 53.48 19.73
CA CYS A 141 21.59 54.80 19.27
C CYS A 141 22.20 55.08 17.88
N GLN A 142 21.39 55.41 16.88
CA GLN A 142 21.87 55.69 15.52
C GLN A 142 21.06 56.77 14.82
N ASN A 143 21.76 57.68 14.14
CA ASN A 143 21.18 58.90 13.57
C ASN A 143 20.38 58.60 12.29
N PHE A 144 19.05 58.74 12.33
CA PHE A 144 18.18 58.58 11.16
C PHE A 144 18.60 59.43 9.96
N TYR A 145 19.03 60.68 10.19
CA TYR A 145 19.44 61.53 9.07
C TYR A 145 20.77 61.12 8.47
N LYS A 146 21.52 60.24 9.14
CA LYS A 146 22.81 59.78 8.64
C LYS A 146 22.90 58.25 8.63
N ASP A 147 21.79 57.54 8.45
CA ASP A 147 21.82 56.09 8.38
C ASP A 147 21.01 55.59 7.20
N PHE A 148 21.71 55.33 6.08
CA PHE A 148 21.08 54.90 4.83
C PHE A 148 20.25 53.64 5.05
N THR A 149 20.69 52.67 5.87
CA THR A 149 19.89 51.46 6.08
C THR A 149 18.60 51.77 6.82
N LEU A 150 18.62 52.68 7.82
CA LEU A 150 17.39 53.09 8.48
C LEU A 150 16.48 53.88 7.53
N GLN A 151 16.99 54.72 6.62
CA GLN A 151 16.10 55.35 5.65
C GLN A 151 15.49 54.34 4.69
N ILE A 152 16.29 53.37 4.24
CA ILE A 152 15.79 52.35 3.33
C ILE A 152 14.72 51.50 4.02
N ASP A 153 14.97 51.14 5.28
CA ASP A 153 13.96 50.42 6.05
C ASP A 153 12.70 51.24 6.23
N MET A 154 12.86 52.54 6.44
CA MET A 154 11.71 53.45 6.61
C MET A 154 10.85 53.41 5.35
N ALA A 155 11.49 53.53 4.18
CA ALA A 155 10.74 53.50 2.93
C ALA A 155 10.09 52.13 2.70
N PHE A 156 10.82 51.04 3.00
CA PHE A 156 10.27 49.72 2.82
C PHE A 156 9.03 49.52 3.68
N ASN A 157 9.07 50.01 4.92
CA ASN A 157 7.93 49.85 5.80
C ASN A 157 6.78 50.77 5.42
N VAL A 158 7.07 51.93 4.80
CA VAL A 158 5.99 52.73 4.23
C VAL A 158 5.27 51.94 3.15
N PHE A 159 6.04 51.29 2.26
CA PHE A 159 5.42 50.49 1.21
C PHE A 159 4.62 49.33 1.80
N PHE A 160 5.12 48.66 2.84
CA PHE A 160 4.35 47.59 3.48
C PHE A 160 3.12 48.10 4.20
N LEU A 161 3.15 49.28 4.83
CA LEU A 161 1.97 49.91 5.39
C LEU A 161 0.93 50.17 4.29
N LEU A 162 1.35 50.62 3.12
CA LEU A 162 0.41 50.87 2.03
C LEU A 162 -0.19 49.58 1.51
N TYR A 163 0.62 48.54 1.34
CA TYR A 163 0.16 47.23 0.90
C TYR A 163 -0.79 46.59 1.93
N PHE A 164 -0.52 46.77 3.23
CA PHE A 164 -1.42 46.38 4.30
C PHE A 164 -2.76 47.11 4.20
N GLY A 165 -2.75 48.43 4.02
CA GLY A 165 -3.95 49.23 3.84
C GLY A 165 -4.78 48.75 2.64
N LEU A 166 -4.13 48.42 1.53
CA LEU A 166 -4.84 47.93 0.35
C LEU A 166 -5.50 46.58 0.64
N ARG A 167 -4.79 45.64 1.28
CA ARG A 167 -5.34 44.33 1.63
C ARG A 167 -6.45 44.43 2.66
N PHE A 168 -6.37 45.38 3.59
CA PHE A 168 -7.47 45.66 4.52
C PHE A 168 -8.72 46.15 3.79
N ILE A 169 -8.58 47.10 2.86
CA ILE A 169 -9.72 47.62 2.09
C ILE A 169 -10.34 46.49 1.26
N ALA A 170 -9.51 45.68 0.60
CA ALA A 170 -9.97 44.55 -0.20
C ALA A 170 -10.56 43.41 0.63
N ALA A 171 -10.33 43.35 1.94
CA ALA A 171 -10.75 42.23 2.76
C ALA A 171 -12.27 42.15 2.86
N ASN A 172 -12.79 40.93 2.86
CA ASN A 172 -14.23 40.70 3.04
C ASN A 172 -14.60 40.73 4.51
N ASP A 173 -14.08 39.82 5.33
CA ASP A 173 -14.31 39.83 6.77
C ASP A 173 -13.09 40.47 7.43
N LYS A 174 -13.29 41.66 8.00
CA LYS A 174 -12.20 42.40 8.62
C LYS A 174 -11.54 41.63 9.75
N LEU A 175 -12.34 41.06 10.62
CA LEU A 175 -11.82 40.30 11.75
C LEU A 175 -11.05 39.07 11.26
N TRP A 176 -11.53 38.40 10.22
CA TRP A 176 -10.77 37.36 9.56
C TRP A 176 -9.44 37.86 8.99
N PHE A 177 -9.42 39.02 8.36
CA PHE A 177 -8.21 39.67 7.91
C PHE A 177 -7.29 40.02 9.08
N TRP A 178 -7.81 40.60 10.16
CA TRP A 178 -6.94 41.00 11.28
C TRP A 178 -6.21 39.82 11.88
N LEU A 179 -6.80 38.63 11.80
CA LEU A 179 -6.24 37.37 12.25
C LEU A 179 -5.59 36.52 11.15
N GLU A 180 -5.45 37.01 9.91
CA GLU A 180 -4.60 36.36 8.91
C GLU A 180 -3.13 36.57 9.26
N VAL A 181 -2.29 35.55 9.16
CA VAL A 181 -0.96 35.64 9.76
C VAL A 181 -0.06 36.66 9.07
N ASN A 182 -0.18 36.92 7.77
CA ASN A 182 0.58 38.04 7.20
C ASN A 182 0.08 39.42 7.63
N SER A 183 -1.10 39.55 8.23
CA SER A 183 -1.48 40.75 8.99
C SER A 183 -0.72 40.81 10.29
N VAL A 184 -0.65 39.69 11.02
CA VAL A 184 0.11 39.58 12.26
C VAL A 184 1.59 39.88 12.04
N VAL A 185 2.20 39.38 10.97
CA VAL A 185 3.57 39.64 10.60
C VAL A 185 3.76 41.15 10.38
N ASP A 186 2.83 41.86 9.75
CA ASP A 186 2.90 43.33 9.62
C ASP A 186 2.77 44.06 10.96
N PHE A 187 1.85 43.66 11.86
CA PHE A 187 1.76 44.28 13.19
C PHE A 187 3.02 44.11 14.03
N PHE A 188 3.69 42.98 13.90
CA PHE A 188 4.92 42.70 14.63
C PHE A 188 6.19 43.17 13.93
N THR A 189 6.11 43.75 12.73
CA THR A 189 7.29 44.26 12.01
C THR A 189 7.20 45.69 11.53
N VAL A 190 6.02 46.29 11.34
CA VAL A 190 5.89 47.68 10.85
C VAL A 190 5.92 48.72 11.96
N PRO A 191 5.07 48.68 13.00
CA PRO A 191 5.12 49.61 14.12
C PRO A 191 6.50 49.79 14.77
N PRO A 192 7.32 48.75 15.02
CA PRO A 192 8.63 48.95 15.64
C PRO A 192 9.58 49.71 14.73
N VAL A 193 9.46 49.61 13.40
CA VAL A 193 10.27 50.45 12.52
C VAL A 193 9.88 51.91 12.67
N PHE A 194 8.57 52.18 12.76
CA PHE A 194 8.15 53.57 12.98
C PHE A 194 8.68 54.11 14.31
N VAL A 195 8.62 53.29 15.37
CA VAL A 195 9.10 53.73 16.67
C VAL A 195 10.60 54.00 16.61
N SER A 196 11.35 53.13 15.93
CA SER A 196 12.79 53.33 15.81
C SER A 196 13.11 54.61 15.06
N VAL A 197 12.41 54.86 13.96
CA VAL A 197 12.69 56.06 13.19
C VAL A 197 12.30 57.32 13.97
N TYR A 198 11.30 57.20 14.86
CA TYR A 198 10.95 58.36 15.69
C TYR A 198 11.97 58.58 16.79
N LEU A 199 12.39 57.51 17.48
CA LEU A 199 13.29 57.55 18.64
C LEU A 199 14.76 57.73 18.28
N ASN A 200 15.18 57.60 17.02
CA ASN A 200 16.60 57.73 16.63
C ASN A 200 17.49 56.67 17.33
N ARG A 201 16.91 55.48 17.56
CA ARG A 201 17.48 54.32 18.27
C ARG A 201 16.91 53.04 17.67
N SER A 202 17.62 51.92 17.78
CA SER A 202 17.10 50.62 17.33
C SER A 202 17.37 49.50 18.33
N TRP A 203 16.39 48.62 18.48
CA TRP A 203 16.50 47.33 19.15
C TRP A 203 16.30 46.22 18.13
N LEU A 204 17.23 45.26 18.07
CA LEU A 204 17.09 44.05 17.27
C LEU A 204 16.11 43.10 17.97
N GLY A 205 14.82 43.45 18.01
CA GLY A 205 13.85 42.68 18.77
C GLY A 205 13.21 41.58 17.95
N LEU A 206 11.95 41.73 17.59
CA LEU A 206 11.21 40.75 16.80
C LEU A 206 11.42 40.95 15.29
N ARG A 207 12.59 41.42 14.83
CA ARG A 207 12.82 41.70 13.43
C ARG A 207 13.01 40.44 12.61
N PHE A 208 13.23 39.30 13.25
CA PHE A 208 13.36 38.04 12.54
C PHE A 208 12.03 37.59 11.94
N LEU A 209 10.89 38.13 12.38
CA LEU A 209 9.58 37.79 11.82
C LEU A 209 9.44 38.26 10.37
N ARG A 210 10.40 39.04 9.90
CA ARG A 210 10.40 39.47 8.51
C ARG A 210 10.53 38.25 7.58
N ALA A 211 11.22 37.21 8.05
CA ALA A 211 11.39 35.99 7.27
C ALA A 211 10.07 35.29 7.00
N LEU A 212 9.00 35.55 7.75
CA LEU A 212 7.68 34.97 7.49
C LEU A 212 7.01 35.56 6.25
N ARG A 213 7.58 36.62 5.70
CA ARG A 213 7.06 37.19 4.48
C ARG A 213 7.26 36.26 3.26
N LEU A 214 8.13 35.25 3.38
CA LEU A 214 8.37 34.33 2.28
C LEU A 214 7.21 33.37 2.06
N ILE A 215 6.27 33.27 3.01
CA ILE A 215 5.10 32.39 2.91
C ILE A 215 4.18 32.82 1.76
N GLN A 216 4.08 34.12 1.48
CA GLN A 216 3.23 34.62 0.41
C GLN A 216 3.87 34.54 -0.98
N PHE A 217 5.12 34.08 -1.12
CA PHE A 217 5.81 34.05 -2.39
C PHE A 217 5.10 33.17 -3.41
N SER A 218 4.67 31.98 -2.98
CA SER A 218 3.96 31.09 -3.89
C SER A 218 2.63 31.69 -4.33
N GLU A 219 1.93 32.34 -3.39
CA GLU A 219 0.64 32.95 -3.74
C GLU A 219 0.82 34.06 -4.77
N ILE A 220 1.81 34.93 -4.58
CA ILE A 220 1.99 36.01 -5.53
C ILE A 220 2.66 35.55 -6.81
N LEU A 221 3.30 34.38 -6.81
CA LEU A 221 3.74 33.79 -8.07
C LEU A 221 2.57 33.20 -8.84
N GLN A 222 1.61 32.61 -8.12
CA GLN A 222 0.39 32.13 -8.77
C GLN A 222 -0.44 33.29 -9.30
N PHE A 223 -0.44 34.44 -8.61
CA PHE A 223 -1.14 35.61 -9.11
C PHE A 223 -0.55 36.07 -10.43
N LEU A 224 0.78 36.05 -10.55
CA LEU A 224 1.47 36.51 -11.74
C LEU A 224 1.44 35.50 -12.89
N ASN A 225 0.63 34.45 -12.79
CA ASN A 225 0.51 33.43 -13.83
C ASN A 225 1.83 32.73 -14.11
N ILE A 226 2.70 32.63 -13.10
CA ILE A 226 3.98 31.96 -13.25
C ILE A 226 3.89 30.50 -12.83
N LEU A 227 3.30 30.24 -11.67
CA LEU A 227 3.15 28.88 -11.17
C LEU A 227 1.79 28.32 -11.60
N LYS A 228 1.83 27.25 -12.39
CA LYS A 228 0.61 26.60 -12.86
C LYS A 228 0.53 25.13 -12.50
N THR A 229 1.64 24.41 -12.58
CA THR A 229 1.61 22.97 -12.34
C THR A 229 1.61 22.67 -10.85
N SER A 230 0.92 21.58 -10.50
CA SER A 230 0.78 21.20 -9.10
C SER A 230 2.13 20.89 -8.47
N ASN A 231 3.01 20.20 -9.21
CA ASN A 231 4.31 19.84 -8.67
C ASN A 231 5.13 21.09 -8.35
N SER A 232 5.16 22.05 -9.27
CA SER A 232 5.92 23.27 -9.02
C SER A 232 5.33 24.08 -7.88
N ILE A 233 3.99 24.16 -7.82
CA ILE A 233 3.34 24.89 -6.74
C ILE A 233 3.70 24.26 -5.40
N LYS A 234 3.63 22.93 -5.33
CA LYS A 234 3.96 22.23 -4.09
C LYS A 234 5.41 22.44 -3.70
N LEU A 235 6.32 22.38 -4.68
CA LEU A 235 7.73 22.58 -4.38
C LEU A 235 7.99 23.97 -3.83
N VAL A 236 7.39 25.00 -4.45
CA VAL A 236 7.59 26.36 -3.97
C VAL A 236 7.01 26.52 -2.57
N ASN A 237 5.82 25.95 -2.33
CA ASN A 237 5.22 26.04 -1.00
C ASN A 237 6.10 25.41 0.05
N LEU A 238 6.61 24.20 -0.22
CA LEU A 238 7.45 23.51 0.74
C LEU A 238 8.73 24.28 1.01
N LEU A 239 9.38 24.77 -0.05
CA LEU A 239 10.62 25.51 0.14
C LEU A 239 10.39 26.79 0.94
N SER A 240 9.32 27.52 0.63
CA SER A 240 9.04 28.76 1.34
C SER A 240 8.77 28.49 2.82
N ILE A 241 7.92 27.53 3.13
CA ILE A 241 7.57 27.19 4.51
C ILE A 241 8.81 26.72 5.26
N PHE A 242 9.64 25.88 4.65
CA PHE A 242 10.84 25.37 5.31
C PHE A 242 11.80 26.50 5.63
N ILE A 243 12.13 27.33 4.64
CA ILE A 243 13.11 28.38 4.84
C ILE A 243 12.60 29.42 5.84
N SER A 244 11.35 29.87 5.72
CA SER A 244 10.83 30.89 6.62
C SER A 244 10.79 30.37 8.05
N THR A 245 10.33 29.14 8.28
CA THR A 245 10.32 28.51 9.60
C THR A 245 11.73 28.43 10.18
N TRP A 246 12.70 27.99 9.37
CA TRP A 246 14.08 27.87 9.81
C TRP A 246 14.64 29.23 10.25
N LEU A 247 14.50 30.25 9.39
CA LEU A 247 15.07 31.54 9.68
C LEU A 247 14.38 32.21 10.87
N THR A 248 13.06 32.09 10.97
CA THR A 248 12.34 32.72 12.07
C THR A 248 12.73 32.09 13.41
N ALA A 249 12.76 30.76 13.45
CA ALA A 249 13.14 30.04 14.64
C ALA A 249 14.58 30.36 15.04
N ALA A 250 15.47 30.51 14.05
CA ALA A 250 16.85 30.89 14.32
C ALA A 250 16.94 32.28 14.91
N GLY A 251 16.17 33.23 14.39
CA GLY A 251 16.15 34.56 14.95
C GLY A 251 15.66 34.58 16.38
N PHE A 252 14.58 33.85 16.69
CA PHE A 252 14.03 33.81 18.04
C PHE A 252 15.03 33.18 19.01
N ILE A 253 15.70 32.10 18.62
CA ILE A 253 16.66 31.49 19.53
C ILE A 253 17.88 32.39 19.68
N HIS A 254 18.26 33.17 18.66
CA HIS A 254 19.32 34.18 18.73
C HIS A 254 18.96 35.28 19.72
N LEU A 255 17.76 35.84 19.67
CA LEU A 255 17.28 36.81 20.64
C LEU A 255 17.33 36.24 22.06
N VAL A 256 16.85 35.02 22.24
CA VAL A 256 16.70 34.45 23.58
C VAL A 256 18.07 34.09 24.16
N GLU A 257 18.98 33.60 23.33
CA GLU A 257 20.31 33.26 23.84
C GLU A 257 21.12 34.51 24.16
N ASN A 258 21.05 35.57 23.36
CA ASN A 258 21.88 36.75 23.60
C ASN A 258 21.37 37.63 24.75
N SER A 259 20.10 37.50 25.12
CA SER A 259 19.52 38.14 26.30
C SER A 259 19.12 37.07 27.30
N GLY A 260 19.86 36.97 28.40
CA GLY A 260 19.82 35.88 29.37
C GLY A 260 18.49 35.78 30.10
N ASP A 261 18.50 34.95 31.13
CA ASP A 261 17.30 34.69 31.92
C ASP A 261 17.08 35.79 32.95
N PRO A 262 15.84 36.31 33.08
CA PRO A 262 15.55 37.34 34.06
C PRO A 262 15.76 36.89 35.50
N TRP A 263 15.45 35.63 35.84
CA TRP A 263 15.74 35.08 37.17
C TRP A 263 17.23 34.93 37.43
N GLU A 264 18.05 34.78 36.40
CA GLU A 264 19.50 34.84 36.55
C GLU A 264 20.04 36.24 36.35
N ASN A 265 19.19 37.27 36.27
CA ASN A 265 19.57 38.66 36.11
C ASN A 265 20.30 38.96 34.80
N PHE A 266 19.99 38.19 33.75
CA PHE A 266 20.56 38.31 32.41
C PHE A 266 22.07 38.10 32.38
N GLN A 267 22.62 37.34 33.32
CA GLN A 267 24.05 37.11 33.46
C GLN A 267 24.52 35.85 32.75
N ASN A 268 23.61 34.92 32.44
CA ASN A 268 23.95 33.68 31.78
C ASN A 268 23.74 33.74 30.26
N ASN A 269 23.78 34.94 29.69
CA ASN A 269 23.61 35.08 28.25
C ASN A 269 24.79 34.46 27.52
N GLN A 270 24.50 33.93 26.33
CA GLN A 270 25.51 33.32 25.47
C GLN A 270 25.64 34.15 24.20
N ALA A 271 26.86 34.57 23.89
CA ALA A 271 27.12 35.41 22.72
C ALA A 271 27.11 34.53 21.48
N LEU A 272 25.93 34.40 20.87
CA LEU A 272 25.75 33.58 19.67
C LEU A 272 25.37 34.48 18.51
N THR A 273 26.05 34.30 17.38
CA THR A 273 25.69 35.04 16.18
C THR A 273 24.46 34.42 15.52
N TYR A 274 23.82 35.21 14.66
CA TYR A 274 22.61 34.74 13.98
C TYR A 274 22.91 33.54 13.10
N TRP A 275 24.04 33.57 12.39
CA TRP A 275 24.40 32.44 11.54
C TRP A 275 24.79 31.22 12.37
N GLU A 276 25.39 31.44 13.54
CA GLU A 276 25.64 30.33 14.46
C GLU A 276 24.34 29.69 14.90
N CYS A 277 23.33 30.50 15.19
CA CYS A 277 22.03 29.94 15.56
C CYS A 277 21.37 29.23 14.39
N VAL A 278 21.55 29.74 13.18
CA VAL A 278 21.01 29.06 11.99
C VAL A 278 21.65 27.68 11.85
N TYR A 279 22.97 27.61 12.00
CA TYR A 279 23.67 26.34 11.92
C TYR A 279 23.23 25.39 13.02
N LEU A 280 23.05 25.91 14.24
CA LEU A 280 22.58 25.08 15.35
C LEU A 280 21.19 24.54 15.06
N LEU A 281 20.31 25.35 14.50
CA LEU A 281 18.97 24.88 14.16
C LEU A 281 19.01 23.81 13.09
N MET A 282 19.86 23.96 12.07
CA MET A 282 19.98 22.93 11.06
C MET A 282 20.47 21.61 11.68
N VAL A 283 21.48 21.70 12.55
CA VAL A 283 22.01 20.50 13.18
C VAL A 283 20.95 19.83 14.05
N THR A 284 20.17 20.63 14.75
CA THR A 284 19.12 20.09 15.60
C THR A 284 17.99 19.45 14.80
N MET A 285 17.52 20.10 13.70
CA MET A 285 16.43 19.61 12.83
C MET A 285 16.73 18.26 12.18
N SER A 286 17.93 18.13 11.63
CA SER A 286 18.41 16.90 11.00
C SER A 286 18.67 15.78 11.99
N THR A 287 18.59 16.06 13.30
CA THR A 287 18.90 15.17 14.43
C THR A 287 20.37 14.78 14.55
N VAL A 288 21.31 15.49 13.92
CA VAL A 288 22.72 15.18 14.03
C VAL A 288 23.23 15.45 15.43
N GLY A 289 22.93 16.63 15.97
CA GLY A 289 23.28 16.97 17.33
C GLY A 289 24.76 16.87 17.65
N TYR A 290 25.57 17.73 17.03
CA TYR A 290 27.01 17.71 17.28
C TYR A 290 27.32 18.01 18.74
N GLY A 291 26.66 19.01 19.31
CA GLY A 291 26.95 19.46 20.65
C GLY A 291 28.02 20.54 20.74
N ASP A 292 28.64 20.91 19.63
CA ASP A 292 29.59 22.03 19.65
C ASP A 292 28.89 23.33 19.97
N VAL A 293 27.70 23.53 19.42
CA VAL A 293 26.88 24.71 19.68
C VAL A 293 25.53 24.23 20.19
N TYR A 294 25.09 24.80 21.31
CA TYR A 294 23.79 24.44 21.87
C TYR A 294 23.30 25.58 22.76
N ALA A 295 22.00 25.58 23.01
CA ALA A 295 21.40 26.57 23.89
C ALA A 295 21.77 26.29 25.34
N LYS A 296 22.03 27.35 26.10
CA LYS A 296 22.42 27.22 27.50
C LYS A 296 21.46 27.89 28.46
N THR A 297 20.73 28.92 28.02
CA THR A 297 19.77 29.57 28.89
C THR A 297 18.53 28.70 29.07
N THR A 298 17.82 28.94 30.18
CA THR A 298 16.61 28.17 30.44
C THR A 298 15.55 28.42 29.38
N LEU A 299 15.34 29.68 29.00
CA LEU A 299 14.38 29.98 27.94
C LEU A 299 14.83 29.39 26.61
N GLY A 300 16.14 29.45 26.32
CA GLY A 300 16.65 28.84 25.11
C GLY A 300 16.39 27.35 25.05
N ARG A 301 16.61 26.65 26.17
CA ARG A 301 16.36 25.22 26.20
C ARG A 301 14.87 24.90 26.15
N LEU A 302 14.03 25.71 26.78
CA LEU A 302 12.59 25.55 26.74
C LEU A 302 12.07 25.74 25.31
N PHE A 303 12.60 26.72 24.59
CA PHE A 303 12.34 26.87 23.17
C PHE A 303 12.87 25.68 22.38
N MET A 304 14.06 25.18 22.65
CA MET A 304 14.65 24.02 21.98
C MET A 304 13.77 22.79 22.12
N VAL A 305 13.23 22.57 23.33
CA VAL A 305 12.35 21.44 23.56
C VAL A 305 11.09 21.58 22.71
N PHE A 306 10.45 22.74 22.63
CA PHE A 306 9.24 22.83 21.81
C PHE A 306 9.55 22.72 20.32
N PHE A 307 10.66 23.23 19.83
CA PHE A 307 11.10 23.14 18.45
C PHE A 307 11.48 21.77 18.04
N ILE A 308 12.05 20.96 18.94
CA ILE A 308 12.38 19.57 18.64
C ILE A 308 11.12 18.78 18.28
N LEU A 309 9.95 19.10 18.85
CA LEU A 309 8.73 18.39 18.52
C LEU A 309 8.26 18.70 17.10
N GLY A 310 8.29 19.97 16.70
CA GLY A 310 7.76 20.44 15.43
C GLY A 310 8.78 20.42 14.28
N GLY A 311 9.98 20.94 14.51
CA GLY A 311 11.01 21.10 13.49
C GLY A 311 11.53 19.78 12.94
N LEU A 312 11.63 18.73 13.75
CA LEU A 312 12.04 17.41 13.25
C LEU A 312 10.96 16.76 12.38
N ALA A 313 9.69 16.88 12.74
CA ALA A 313 8.60 16.40 11.91
C ALA A 313 8.53 17.16 10.58
N MET A 314 8.77 18.47 10.59
CA MET A 314 8.86 19.26 9.36
C MET A 314 10.03 18.80 8.49
N PHE A 315 11.24 18.69 9.05
CA PHE A 315 12.43 18.25 8.31
C PHE A 315 12.27 16.85 7.73
N ALA A 316 11.85 15.89 8.56
CA ALA A 316 11.67 14.50 8.17
C ALA A 316 10.62 14.34 7.06
N SER A 317 9.61 15.22 7.01
CA SER A 317 8.56 15.21 6.00
C SER A 317 8.93 15.99 4.74
N TYR A 318 9.50 17.19 4.86
CA TYR A 318 9.68 18.11 3.74
C TYR A 318 10.94 17.81 2.93
N VAL A 319 12.06 17.46 3.54
CA VAL A 319 13.32 17.28 2.81
C VAL A 319 13.25 16.14 1.80
N PRO A 320 12.72 14.94 2.11
CA PRO A 320 12.49 13.90 1.12
C PRO A 320 11.50 14.33 0.04
N GLU A 321 10.40 14.99 0.42
CA GLU A 321 9.42 15.40 -0.56
C GLU A 321 9.96 16.45 -1.52
N ILE A 322 10.77 17.40 -1.03
CA ILE A 322 11.41 18.38 -1.91
C ILE A 322 12.38 17.69 -2.86
N ILE A 323 13.20 16.77 -2.35
CA ILE A 323 14.18 16.05 -3.15
C ILE A 323 13.48 15.15 -4.18
N GLU A 324 12.30 14.63 -3.90
CA GLU A 324 11.51 13.90 -4.89
C GLU A 324 10.96 14.85 -5.95
N LEU A 325 10.47 16.02 -5.55
CA LEU A 325 9.91 16.96 -6.51
C LEU A 325 10.98 17.46 -7.47
N ILE A 326 12.18 17.76 -6.97
CA ILE A 326 13.28 18.08 -7.87
C ILE A 326 13.80 16.80 -8.53
N GLY A 327 14.51 16.98 -9.63
CA GLY A 327 15.11 15.85 -10.32
C GLY A 327 14.16 15.00 -11.14
N ASN A 328 12.92 15.46 -11.32
CA ASN A 328 11.95 14.74 -12.15
C ASN A 328 12.17 15.10 -13.61
N ARG A 329 13.30 14.61 -14.14
CA ARG A 329 13.70 14.87 -15.51
C ARG A 329 13.49 13.63 -16.36
N LYS A 330 13.15 13.85 -17.62
CA LYS A 330 12.96 12.77 -18.58
C LYS A 330 14.29 12.45 -19.24
N LYS A 331 14.80 11.24 -18.98
CA LYS A 331 16.11 10.77 -19.46
C LYS A 331 16.11 10.57 -20.97
N TYR A 332 15.09 9.92 -21.50
CA TYR A 332 14.92 9.72 -22.93
C TYR A 332 14.27 10.78 -23.86
N GLY A 333 14.56 12.03 -23.61
CA GLY A 333 14.00 13.10 -24.39
C GLY A 333 14.81 13.34 -25.65
N GLY A 334 14.66 14.53 -26.20
CA GLY A 334 15.40 14.85 -27.40
C GLY A 334 14.84 14.14 -28.61
N SER A 335 15.59 14.21 -29.70
CA SER A 335 15.13 13.66 -30.95
C SER A 335 16.32 13.13 -31.75
N TYR A 336 16.01 12.23 -32.69
CA TYR A 336 17.04 11.60 -33.50
C TYR A 336 17.63 12.60 -34.48
N SER A 337 18.93 12.49 -34.71
CA SER A 337 19.65 13.33 -35.66
C SER A 337 20.04 12.48 -36.85
N ALA A 338 19.46 12.78 -38.01
CA ALA A 338 19.73 11.98 -39.21
C ALA A 338 21.18 12.15 -39.66
N VAL A 339 21.73 11.08 -40.22
CA VAL A 339 23.10 11.05 -40.73
C VAL A 339 23.04 10.91 -42.24
N SER A 340 23.77 11.79 -42.93
CA SER A 340 23.78 11.75 -44.39
C SER A 340 24.48 10.49 -44.88
N GLY A 341 23.86 9.80 -45.84
CA GLY A 341 24.41 8.60 -46.41
C GLY A 341 24.06 7.32 -45.67
N ARG A 342 23.40 7.41 -44.52
CA ARG A 342 23.02 6.24 -43.74
C ARG A 342 21.53 6.27 -43.48
N LYS A 343 20.86 5.15 -43.74
CA LYS A 343 19.42 4.96 -43.54
C LYS A 343 19.14 4.62 -42.08
N HIS A 344 17.95 4.92 -41.60
CA HIS A 344 17.53 4.55 -40.25
C HIS A 344 16.13 3.98 -40.28
N ILE A 345 15.77 3.15 -39.31
CA ILE A 345 14.53 2.41 -39.21
C ILE A 345 13.89 2.74 -37.89
N VAL A 346 12.61 3.05 -37.88
CA VAL A 346 11.83 3.34 -36.68
C VAL A 346 11.03 2.10 -36.31
N VAL A 347 11.16 1.62 -35.08
CA VAL A 347 10.48 0.45 -34.54
C VAL A 347 9.58 0.89 -33.38
N CYS A 348 8.33 0.48 -33.39
CA CYS A 348 7.35 0.82 -32.35
C CYS A 348 6.41 -0.36 -32.07
N GLY A 349 5.36 -0.12 -31.31
CA GLY A 349 4.41 -1.16 -30.90
C GLY A 349 4.84 -1.86 -29.62
N HIS A 350 4.77 -3.19 -29.60
CA HIS A 350 5.11 -3.98 -28.42
C HIS A 350 6.62 -4.09 -28.20
N ILE A 351 7.18 -3.20 -27.38
CA ILE A 351 8.60 -3.14 -27.04
C ILE A 351 8.79 -3.60 -25.60
N THR A 352 9.58 -4.65 -25.44
CA THR A 352 9.92 -5.33 -24.18
C THR A 352 11.30 -5.96 -24.33
N LEU A 353 11.93 -6.37 -23.24
CA LEU A 353 13.28 -6.94 -23.27
C LEU A 353 13.41 -8.11 -24.24
N GLU A 354 12.52 -9.11 -24.18
CA GLU A 354 12.61 -10.25 -25.08
C GLU A 354 12.27 -9.88 -26.54
N SER A 355 11.29 -9.01 -26.76
CA SER A 355 10.90 -8.57 -28.10
C SER A 355 12.05 -7.84 -28.80
N VAL A 356 12.68 -6.88 -28.14
CA VAL A 356 13.85 -6.16 -28.67
C VAL A 356 15.04 -7.10 -28.82
N SER A 357 15.30 -7.97 -27.85
CA SER A 357 16.43 -8.90 -27.92
C SER A 357 16.31 -9.86 -29.11
N ASN A 358 15.13 -10.42 -29.35
CA ASN A 358 14.88 -11.27 -30.50
C ASN A 358 14.97 -10.48 -31.81
N PHE A 359 14.37 -9.30 -31.89
CA PHE A 359 14.46 -8.46 -33.08
C PHE A 359 15.92 -8.11 -33.43
N LEU A 360 16.74 -7.68 -32.46
CA LEU A 360 18.12 -7.30 -32.73
C LEU A 360 19.00 -8.49 -33.14
N LYS A 361 18.77 -9.69 -32.57
CA LYS A 361 19.47 -10.91 -33.00
C LYS A 361 19.25 -11.23 -34.47
N ASP A 362 18.02 -11.09 -34.98
CA ASP A 362 17.71 -11.30 -36.40
C ASP A 362 18.10 -10.11 -37.28
N PHE A 363 17.95 -8.87 -36.83
CA PHE A 363 18.26 -7.73 -37.69
C PHE A 363 19.77 -7.55 -37.91
N LEU A 364 20.57 -7.74 -36.87
CA LEU A 364 22.01 -7.48 -36.86
C LEU A 364 22.87 -8.75 -37.01
N HIS A 365 22.31 -9.84 -37.54
CA HIS A 365 23.04 -11.10 -37.66
C HIS A 365 24.19 -11.01 -38.65
N LYS A 366 25.34 -11.62 -38.33
CA LYS A 366 26.56 -11.60 -39.17
C LYS A 366 26.41 -12.28 -40.53
N ASP A 367 25.39 -13.12 -40.74
CA ASP A 367 25.14 -13.74 -42.04
C ASP A 367 24.51 -12.78 -43.05
N ARG A 368 24.05 -11.61 -42.64
CA ARG A 368 23.62 -10.70 -43.67
C ARG A 368 24.92 -10.04 -44.15
N ASP A 369 24.87 -9.31 -45.27
CA ASP A 369 25.96 -8.45 -45.72
C ASP A 369 26.10 -7.20 -44.84
N ASP A 370 27.10 -6.37 -45.11
CA ASP A 370 27.54 -5.25 -44.30
C ASP A 370 26.55 -4.10 -44.39
N VAL A 371 25.35 -4.25 -43.84
CA VAL A 371 24.33 -3.20 -43.75
C VAL A 371 24.61 -2.32 -42.55
N ASN A 372 24.43 -1.01 -42.72
CA ASN A 372 24.63 -0.06 -41.64
C ASN A 372 23.35 0.74 -41.38
N VAL A 373 22.21 0.07 -41.38
CA VAL A 373 20.92 0.69 -41.07
C VAL A 373 20.78 0.90 -39.58
N GLU A 374 20.60 2.15 -39.14
CA GLU A 374 20.37 2.45 -37.73
C GLU A 374 18.95 2.09 -37.33
N ILE A 375 18.79 1.67 -36.08
CA ILE A 375 17.50 1.28 -35.53
C ILE A 375 17.12 2.29 -34.45
N VAL A 376 15.94 2.88 -34.59
CA VAL A 376 15.42 3.85 -33.65
C VAL A 376 14.13 3.32 -33.05
N PHE A 377 14.06 3.21 -31.74
CA PHE A 377 12.90 2.72 -31.03
C PHE A 377 12.07 3.87 -30.48
N LEU A 378 10.75 3.78 -30.62
CA LEU A 378 9.80 4.74 -30.08
C LEU A 378 8.79 4.03 -29.19
N HIS A 379 8.83 4.31 -27.90
CA HIS A 379 7.91 3.71 -26.95
C HIS A 379 7.59 4.69 -25.83
N ASN A 380 6.40 4.59 -25.26
CA ASN A 380 5.90 5.53 -24.27
C ASN A 380 6.20 5.10 -22.84
N ILE A 381 6.87 3.97 -22.61
CA ILE A 381 7.26 3.50 -21.28
C ILE A 381 8.77 3.67 -21.15
N SER A 382 9.25 4.21 -20.03
CA SER A 382 10.69 4.30 -19.78
C SER A 382 11.29 2.88 -19.67
N PRO A 383 12.39 2.57 -20.38
CA PRO A 383 12.96 1.23 -20.37
C PRO A 383 13.51 0.86 -19.00
N ASN A 384 13.31 -0.39 -18.56
CA ASN A 384 13.91 -0.88 -17.32
C ASN A 384 15.43 -1.09 -17.46
N LEU A 385 16.12 -1.35 -16.35
CA LEU A 385 17.59 -1.46 -16.32
C LEU A 385 18.14 -2.51 -17.30
N GLU A 386 17.43 -3.61 -17.54
CA GLU A 386 17.88 -4.65 -18.47
C GLU A 386 17.73 -4.24 -19.93
N LEU A 387 16.70 -3.49 -20.30
CA LEU A 387 16.58 -2.87 -21.61
C LEU A 387 17.65 -1.80 -21.83
N GLU A 388 17.91 -0.95 -20.84
CA GLU A 388 19.00 0.02 -20.94
C GLU A 388 20.36 -0.64 -21.14
N ALA A 389 20.62 -1.76 -20.46
CA ALA A 389 21.82 -2.56 -20.69
C ALA A 389 21.84 -3.17 -22.09
N LEU A 390 20.71 -3.67 -22.61
CA LEU A 390 20.61 -4.18 -23.98
C LEU A 390 20.90 -3.09 -25.02
N PHE A 391 20.38 -1.87 -24.85
CA PHE A 391 20.71 -0.75 -25.72
C PHE A 391 22.18 -0.33 -25.60
N LYS A 392 22.80 -0.38 -24.41
CA LYS A 392 24.25 -0.13 -24.25
C LYS A 392 25.12 -1.19 -24.94
N ARG A 393 24.71 -2.46 -24.96
CA ARG A 393 25.42 -3.49 -25.74
C ARG A 393 25.32 -3.27 -27.26
N HIS A 394 24.35 -2.48 -27.72
CA HIS A 394 24.19 -2.09 -29.13
C HIS A 394 24.38 -0.59 -29.33
N PHE A 395 25.26 0.05 -28.55
CA PHE A 395 25.35 1.50 -28.41
C PHE A 395 25.49 2.25 -29.73
N THR A 396 26.19 1.68 -30.72
CA THR A 396 26.40 2.38 -31.98
C THR A 396 25.34 2.10 -33.04
N GLN A 397 24.43 1.16 -32.80
CA GLN A 397 23.45 0.78 -33.80
C GLN A 397 22.00 0.98 -33.37
N VAL A 398 21.75 1.22 -32.09
CA VAL A 398 20.40 1.35 -31.57
C VAL A 398 20.29 2.65 -30.80
N GLU A 399 19.24 3.39 -31.05
CA GLU A 399 18.85 4.54 -30.25
C GLU A 399 17.40 4.39 -29.82
N PHE A 400 17.09 4.83 -28.61
CA PHE A 400 15.75 4.81 -28.05
C PHE A 400 15.32 6.22 -27.70
N TYR A 401 14.05 6.54 -27.95
CA TYR A 401 13.43 7.81 -27.64
C TYR A 401 12.05 7.56 -27.06
N GLN A 402 11.74 8.18 -25.91
CA GLN A 402 10.47 7.94 -25.21
C GLN A 402 9.39 8.85 -25.75
N GLY A 403 8.31 8.32 -26.29
CA GLY A 403 7.22 9.07 -26.89
C GLY A 403 6.11 8.13 -27.32
N SER A 404 5.03 8.74 -27.81
CA SER A 404 3.87 8.01 -28.28
C SER A 404 3.81 8.07 -29.80
N VAL A 405 3.57 6.92 -30.43
CA VAL A 405 3.48 6.87 -31.88
C VAL A 405 2.27 7.65 -32.38
N LEU A 406 1.26 7.85 -31.54
CA LEU A 406 0.08 8.62 -31.90
C LEU A 406 0.32 10.12 -31.86
N ASN A 407 1.49 10.57 -31.41
CA ASN A 407 1.79 11.98 -31.30
C ASN A 407 2.59 12.44 -32.50
N PRO A 408 2.07 13.36 -33.32
CA PRO A 408 2.86 13.86 -34.45
C PRO A 408 4.16 14.52 -34.03
N HIS A 409 4.20 15.13 -32.85
CA HIS A 409 5.44 15.69 -32.35
C HIS A 409 6.50 14.60 -32.15
N ASP A 410 6.11 13.48 -31.55
CA ASP A 410 7.05 12.38 -31.38
C ASP A 410 7.44 11.78 -32.73
N LEU A 411 6.49 11.67 -33.65
CA LEU A 411 6.81 11.15 -34.98
C LEU A 411 7.82 12.04 -35.69
N ALA A 412 7.69 13.35 -35.53
CA ALA A 412 8.71 14.25 -36.07
C ALA A 412 10.03 14.13 -35.31
N ARG A 413 9.96 13.84 -34.01
CA ARG A 413 11.18 13.67 -33.22
C ARG A 413 12.00 12.49 -33.71
N VAL A 414 11.35 11.37 -34.02
CA VAL A 414 12.07 10.18 -34.45
C VAL A 414 12.38 10.27 -35.94
N LYS A 415 12.10 11.42 -36.54
CA LYS A 415 12.40 11.68 -37.95
C LYS A 415 11.77 10.64 -38.87
N ILE A 416 10.52 10.28 -38.58
CA ILE A 416 9.84 9.26 -39.35
C ILE A 416 9.56 9.70 -40.78
N GLU A 417 9.67 10.99 -41.07
CA GLU A 417 9.49 11.48 -42.43
C GLU A 417 10.66 11.13 -43.34
N SER A 418 11.80 10.74 -42.77
CA SER A 418 12.96 10.33 -43.55
C SER A 418 13.38 8.90 -43.29
N ALA A 419 12.65 8.18 -42.43
CA ALA A 419 12.98 6.78 -42.16
C ALA A 419 12.72 5.91 -43.38
N ASP A 420 13.50 4.86 -43.53
CA ASP A 420 13.36 3.93 -44.66
C ASP A 420 12.10 3.07 -44.54
N ALA A 421 11.72 2.70 -43.32
CA ALA A 421 10.47 2.02 -43.01
C ALA A 421 10.10 2.20 -41.54
N CYS A 422 8.89 1.81 -41.19
CA CYS A 422 8.44 1.77 -39.80
C CYS A 422 7.91 0.36 -39.50
N LEU A 423 8.45 -0.27 -38.46
CA LEU A 423 8.08 -1.61 -38.06
C LEU A 423 7.23 -1.53 -36.80
N ILE A 424 6.11 -2.24 -36.78
CA ILE A 424 5.16 -2.21 -35.67
C ILE A 424 5.02 -3.63 -35.14
N LEU A 425 5.72 -3.93 -34.07
CA LEU A 425 5.64 -5.23 -33.39
C LEU A 425 4.31 -5.32 -32.63
N ALA A 426 3.77 -6.52 -32.47
CA ALA A 426 2.47 -6.76 -31.84
C ALA A 426 2.63 -7.72 -30.67
N ASN A 427 1.71 -7.61 -29.71
CA ASN A 427 1.69 -8.48 -28.54
C ASN A 427 0.91 -9.74 -28.91
N LYS A 428 1.62 -10.79 -29.29
CA LYS A 428 1.03 -12.07 -29.73
C LYS A 428 0.29 -12.81 -28.63
N TYR A 429 0.67 -12.60 -27.39
CA TYR A 429 0.14 -13.24 -26.20
C TYR A 429 -0.81 -12.32 -25.42
N CYS A 430 -1.42 -11.35 -26.10
CA CYS A 430 -2.32 -10.42 -25.43
C CYS A 430 -3.59 -11.13 -24.98
N ALA A 431 -4.23 -10.56 -23.95
CA ALA A 431 -5.48 -11.13 -23.46
C ALA A 431 -6.62 -10.90 -24.46
N ASP A 432 -6.64 -9.73 -25.10
CA ASP A 432 -7.71 -9.37 -26.04
C ASP A 432 -7.12 -9.18 -27.43
N PRO A 433 -7.21 -10.18 -28.30
CA PRO A 433 -6.71 -9.99 -29.67
C PRO A 433 -7.41 -8.87 -30.41
N ASP A 434 -8.71 -8.67 -30.18
CA ASP A 434 -9.42 -7.57 -30.81
C ASP A 434 -8.86 -6.22 -30.35
N ALA A 435 -8.61 -6.07 -29.05
CA ALA A 435 -8.05 -4.83 -28.54
C ALA A 435 -6.65 -4.59 -29.10
N GLU A 436 -5.82 -5.63 -29.17
CA GLU A 436 -4.49 -5.48 -29.73
C GLU A 436 -4.55 -5.08 -31.20
N ASP A 437 -5.44 -5.71 -31.96
CA ASP A 437 -5.59 -5.35 -33.37
C ASP A 437 -6.06 -3.92 -33.51
N ALA A 438 -6.98 -3.48 -32.66
CA ALA A 438 -7.46 -2.10 -32.70
C ALA A 438 -6.33 -1.12 -32.41
N SER A 439 -5.50 -1.43 -31.40
CA SER A 439 -4.39 -0.55 -31.08
C SER A 439 -3.40 -0.47 -32.24
N ASN A 440 -3.09 -1.61 -32.86
CA ASN A 440 -2.17 -1.60 -33.99
C ASN A 440 -2.76 -0.84 -35.17
N ILE A 441 -4.08 -0.97 -35.37
CA ILE A 441 -4.75 -0.22 -36.43
C ILE A 441 -4.64 1.27 -36.18
N MET A 442 -4.83 1.69 -34.92
CA MET A 442 -4.70 3.11 -34.59
C MET A 442 -3.27 3.60 -34.83
N ARG A 443 -2.28 2.79 -34.46
CA ARG A 443 -0.89 3.17 -34.71
C ARG A 443 -0.62 3.33 -36.19
N VAL A 444 -1.10 2.39 -37.00
CA VAL A 444 -0.92 2.50 -38.46
C VAL A 444 -1.60 3.75 -38.98
N ILE A 445 -2.80 4.03 -38.49
CA ILE A 445 -3.55 5.21 -38.93
C ILE A 445 -2.77 6.48 -38.61
N SER A 446 -2.22 6.55 -37.40
CA SER A 446 -1.47 7.73 -37.00
C SER A 446 -0.21 7.92 -37.85
N ILE A 447 0.54 6.83 -38.07
CA ILE A 447 1.77 6.94 -38.85
C ILE A 447 1.45 7.36 -40.28
N LYS A 448 0.43 6.75 -40.88
CA LYS A 448 0.07 7.09 -42.25
C LYS A 448 -0.46 8.52 -42.33
N ASN A 449 -1.19 8.97 -41.32
CA ASN A 449 -1.71 10.33 -41.30
C ASN A 449 -0.57 11.35 -41.24
N TYR A 450 0.45 11.06 -40.42
CA TYR A 450 1.61 11.96 -40.38
C TYR A 450 2.37 11.93 -41.70
N HIS A 451 2.63 10.74 -42.23
CA HIS A 451 3.38 10.58 -43.47
C HIS A 451 2.74 9.46 -44.28
N PRO A 452 1.99 9.79 -45.34
CA PRO A 452 1.37 8.74 -46.16
C PRO A 452 2.37 7.83 -46.86
N LYS A 453 3.50 8.39 -47.27
CA LYS A 453 4.52 7.65 -48.02
C LYS A 453 5.61 6.93 -47.22
N ILE A 454 5.24 6.39 -46.07
CA ILE A 454 6.15 5.63 -45.22
C ILE A 454 5.86 4.15 -45.38
N ARG A 455 6.89 3.33 -45.62
CA ARG A 455 6.72 1.87 -45.68
C ARG A 455 6.40 1.36 -44.27
N ILE A 456 5.33 0.62 -44.10
CA ILE A 456 4.87 0.12 -42.81
C ILE A 456 4.83 -1.41 -42.86
N ILE A 457 5.54 -2.03 -41.94
CA ILE A 457 5.53 -3.47 -41.74
C ILE A 457 4.92 -3.71 -40.37
N THR A 458 3.84 -4.49 -40.28
CA THR A 458 3.14 -4.68 -39.03
C THR A 458 2.69 -6.13 -38.90
N GLN A 459 2.48 -6.55 -37.66
CA GLN A 459 1.97 -7.87 -37.35
C GLN A 459 0.49 -7.77 -36.98
N MET A 460 -0.33 -8.59 -37.61
CA MET A 460 -1.77 -8.57 -37.37
C MET A 460 -2.20 -9.94 -36.86
N LEU A 461 -2.91 -9.96 -35.75
CA LEU A 461 -3.28 -11.23 -35.13
C LEU A 461 -4.34 -11.97 -35.93
N GLN A 462 -5.37 -11.27 -36.39
CA GLN A 462 -6.48 -11.87 -37.11
C GLN A 462 -6.46 -11.45 -38.57
N TYR A 463 -7.32 -12.10 -39.37
CA TYR A 463 -7.45 -11.83 -40.81
C TYR A 463 -8.59 -10.85 -41.14
N HIS A 464 -9.69 -10.84 -40.37
CA HIS A 464 -10.72 -9.84 -40.57
C HIS A 464 -10.24 -8.45 -40.18
N ASN A 465 -9.44 -8.36 -39.12
CA ASN A 465 -8.83 -7.08 -38.77
C ASN A 465 -7.84 -6.62 -39.83
N LYS A 466 -7.11 -7.55 -40.46
CA LYS A 466 -6.24 -7.25 -41.61
C LYS A 466 -7.06 -6.69 -42.76
N ALA A 467 -8.24 -7.24 -43.02
CA ALA A 467 -9.13 -6.71 -44.05
C ALA A 467 -9.63 -5.32 -43.66
N HIS A 468 -9.90 -5.11 -42.38
CA HIS A 468 -10.28 -3.78 -41.91
C HIS A 468 -9.17 -2.78 -42.15
N LEU A 469 -7.92 -3.18 -41.88
CA LEU A 469 -6.79 -2.28 -42.02
C LEU A 469 -6.49 -1.93 -43.47
N LEU A 470 -6.58 -2.89 -44.39
CA LEU A 470 -6.18 -2.62 -45.78
C LEU A 470 -7.09 -1.63 -46.50
N ASN A 471 -8.19 -1.19 -45.88
CA ASN A 471 -9.05 -0.17 -46.46
C ASN A 471 -8.56 1.24 -46.21
N ILE A 472 -7.43 1.40 -45.52
CA ILE A 472 -6.89 2.74 -45.26
C ILE A 472 -6.50 3.40 -46.57
N PRO A 473 -6.82 4.69 -46.78
CA PRO A 473 -6.49 5.31 -48.07
C PRO A 473 -5.01 5.34 -48.39
N SER A 474 -4.15 5.46 -47.38
CA SER A 474 -2.71 5.49 -47.61
C SER A 474 -2.07 4.11 -47.62
N TRP A 475 -2.82 3.07 -47.27
CA TRP A 475 -2.29 1.71 -47.24
C TRP A 475 -2.06 1.23 -48.67
N ASN A 476 -0.79 1.16 -49.09
CA ASN A 476 -0.42 0.78 -50.44
C ASN A 476 0.42 -0.49 -50.38
N TRP A 477 -0.17 -1.65 -50.65
CA TRP A 477 0.56 -2.92 -50.64
C TRP A 477 1.61 -2.97 -51.76
N LYS A 478 1.40 -2.28 -52.89
CA LYS A 478 2.40 -2.28 -53.95
C LYS A 478 3.66 -1.54 -53.53
N GLU A 479 3.51 -0.43 -52.82
CA GLU A 479 4.67 0.36 -52.42
C GLU A 479 5.54 -0.38 -51.39
N GLY A 480 5.00 -1.35 -50.68
CA GLY A 480 5.75 -2.15 -49.72
C GLY A 480 5.08 -2.29 -48.37
N ASP A 481 3.84 -1.83 -48.22
CA ASP A 481 3.10 -2.05 -46.99
C ASP A 481 2.77 -3.53 -46.83
N ASP A 482 3.37 -4.16 -45.83
CA ASP A 482 3.19 -5.58 -45.53
C ASP A 482 2.52 -5.76 -44.18
N ALA A 483 1.33 -6.33 -44.16
CA ALA A 483 0.68 -6.79 -42.94
C ALA A 483 0.91 -8.29 -42.80
N ILE A 484 1.88 -8.67 -41.96
CA ILE A 484 2.23 -10.05 -41.65
C ILE A 484 1.14 -10.59 -40.73
N CYS A 485 0.17 -11.31 -41.27
CA CYS A 485 -0.92 -11.86 -40.47
C CYS A 485 -0.49 -13.19 -39.84
N LEU A 486 -0.45 -13.26 -38.51
CA LEU A 486 0.08 -14.43 -37.82
C LEU A 486 -0.82 -15.64 -37.99
N ALA A 487 -2.13 -15.46 -37.80
CA ALA A 487 -3.06 -16.58 -37.89
C ALA A 487 -3.07 -17.17 -39.29
N GLU A 488 -3.13 -16.31 -40.32
CA GLU A 488 -3.08 -16.70 -41.73
C GLU A 488 -1.80 -17.48 -42.05
N LEU A 489 -0.63 -16.91 -41.78
CA LEU A 489 0.62 -17.61 -42.08
C LEU A 489 0.74 -18.90 -41.29
N LYS A 490 0.31 -18.96 -40.02
CA LYS A 490 0.48 -20.21 -39.28
C LYS A 490 -0.46 -21.30 -39.81
N LEU A 491 -1.67 -20.94 -40.19
CA LEU A 491 -2.63 -21.91 -40.72
C LEU A 491 -2.22 -22.36 -42.12
N GLY A 492 -1.65 -21.47 -42.93
CA GLY A 492 -1.06 -21.84 -44.19
C GLY A 492 0.12 -22.80 -43.99
N PHE A 493 1.02 -22.54 -43.05
CA PHE A 493 2.14 -23.45 -42.74
C PHE A 493 1.62 -24.83 -42.29
N ILE A 494 0.58 -24.87 -41.45
CA ILE A 494 0.00 -26.13 -41.02
C ILE A 494 -0.59 -26.88 -42.22
N ALA A 495 -1.29 -26.19 -43.14
CA ALA A 495 -1.81 -26.80 -44.36
C ALA A 495 -0.70 -27.33 -45.28
N GLN A 496 0.40 -26.61 -45.46
CA GLN A 496 1.53 -27.15 -46.21
C GLN A 496 2.15 -28.37 -45.50
N SER A 497 2.13 -28.48 -44.17
CA SER A 497 2.48 -29.74 -43.51
C SER A 497 1.50 -30.90 -43.80
N CYS A 498 0.26 -30.63 -44.17
CA CYS A 498 -0.69 -31.64 -44.64
C CYS A 498 -0.41 -32.13 -46.07
N LEU A 499 0.24 -31.33 -46.92
CA LEU A 499 0.72 -31.78 -48.24
C LEU A 499 2.07 -32.51 -48.14
N ALA A 500 2.95 -32.09 -47.23
CA ALA A 500 4.23 -32.74 -46.96
C ALA A 500 4.66 -32.50 -45.51
N GLN A 501 4.54 -33.52 -44.64
CA GLN A 501 4.88 -33.35 -43.22
C GLN A 501 6.32 -32.86 -43.05
N GLY A 502 6.53 -31.91 -42.15
CA GLY A 502 7.84 -31.29 -41.89
C GLY A 502 8.07 -29.98 -42.62
N LEU A 503 7.24 -29.64 -43.61
CA LEU A 503 7.40 -28.42 -44.38
C LEU A 503 7.21 -27.13 -43.57
N SER A 504 6.42 -27.13 -42.50
CA SER A 504 6.33 -25.97 -41.61
C SER A 504 7.67 -25.67 -40.93
N THR A 505 8.38 -26.70 -40.47
CA THR A 505 9.74 -26.59 -39.92
C THR A 505 10.73 -26.13 -40.98
N MET A 506 10.65 -26.71 -42.19
CA MET A 506 11.48 -26.34 -43.34
C MET A 506 11.38 -24.85 -43.66
N LEU A 507 10.15 -24.32 -43.78
CA LEU A 507 9.92 -22.91 -44.06
C LEU A 507 10.36 -22.01 -42.91
N ALA A 508 9.98 -22.31 -41.66
CA ALA A 508 10.31 -21.47 -40.53
C ALA A 508 11.83 -21.28 -40.34
N ASN A 509 12.62 -22.35 -40.53
CA ASN A 509 14.07 -22.25 -40.40
C ASN A 509 14.75 -21.45 -41.52
N LEU A 510 14.11 -21.22 -42.68
CA LEU A 510 14.70 -20.42 -43.75
C LEU A 510 14.72 -18.91 -43.46
N PHE A 511 13.94 -18.42 -42.50
CA PHE A 511 13.89 -16.99 -42.17
C PHE A 511 14.82 -16.59 -41.03
N SER A 512 14.88 -17.39 -39.98
CA SER A 512 15.70 -17.08 -38.81
C SER A 512 17.16 -17.13 -39.19
N MET A 513 17.91 -16.07 -38.91
CA MET A 513 19.34 -16.06 -39.21
C MET A 513 20.08 -16.99 -38.25
N ARG A 514 20.75 -17.98 -38.81
CA ARG A 514 21.51 -18.91 -38.00
C ARG A 514 22.89 -19.21 -38.58
N SER A 515 23.89 -19.14 -37.71
CA SER A 515 25.27 -19.54 -38.01
C SER A 515 25.39 -21.06 -38.09
N PHE A 516 26.47 -21.57 -38.68
CA PHE A 516 26.80 -23.00 -38.60
C PHE A 516 27.22 -23.36 -37.16
N ILE A 517 26.68 -24.46 -36.62
CA ILE A 517 27.06 -25.03 -35.32
C ILE A 517 27.46 -26.48 -35.58
N LYS A 518 28.63 -26.92 -35.09
CA LYS A 518 29.13 -28.26 -35.33
C LYS A 518 29.68 -28.84 -34.04
N ILE A 519 29.38 -30.12 -33.81
CA ILE A 519 29.87 -30.84 -32.64
C ILE A 519 30.41 -32.20 -33.07
N GLU A 520 31.23 -32.78 -32.20
CA GLU A 520 31.91 -34.04 -32.52
C GLU A 520 30.98 -35.25 -32.46
N GLU A 521 29.88 -35.16 -31.73
CA GLU A 521 28.98 -36.30 -31.59
C GLU A 521 28.27 -36.58 -32.91
N ASP A 522 28.11 -37.86 -33.21
CA ASP A 522 27.32 -38.38 -34.31
C ASP A 522 25.91 -38.59 -33.80
N THR A 523 25.08 -37.61 -33.94
CA THR A 523 23.70 -37.52 -33.51
C THR A 523 22.87 -36.88 -34.61
N TRP A 524 21.56 -37.09 -34.63
CA TRP A 524 20.65 -36.44 -35.58
C TRP A 524 20.74 -34.90 -35.49
N GLN A 525 21.15 -34.37 -34.33
CA GLN A 525 21.22 -32.93 -34.12
C GLN A 525 22.30 -32.28 -34.98
N LYS A 526 23.40 -32.99 -35.22
CA LYS A 526 24.46 -32.43 -36.05
C LYS A 526 23.96 -32.16 -37.47
N TYR A 527 23.32 -33.17 -38.06
CA TYR A 527 22.76 -33.05 -39.40
C TYR A 527 21.68 -31.98 -39.43
N TYR A 528 20.78 -32.01 -38.46
CA TYR A 528 19.72 -31.01 -38.37
C TYR A 528 20.30 -29.60 -38.32
N LEU A 529 21.30 -29.35 -37.48
CA LEU A 529 21.89 -28.02 -37.39
C LEU A 529 22.58 -27.62 -38.69
N GLU A 530 23.25 -28.57 -39.33
CA GLU A 530 23.88 -28.28 -40.61
C GLU A 530 22.84 -27.85 -41.63
N GLY A 531 21.68 -28.50 -41.64
CA GLY A 531 20.59 -28.05 -42.49
C GLY A 531 20.04 -26.69 -42.08
N VAL A 532 19.86 -26.45 -40.79
CA VAL A 532 19.31 -25.19 -40.27
C VAL A 532 20.18 -23.97 -40.61
N SER A 533 21.48 -24.14 -40.83
CA SER A 533 22.41 -23.03 -41.12
C SER A 533 22.11 -22.22 -42.39
N ASN A 534 21.18 -22.65 -43.25
CA ASN A 534 20.83 -21.97 -44.50
C ASN A 534 19.56 -21.12 -44.38
N GLU A 535 19.58 -19.92 -44.95
CA GLU A 535 18.41 -19.04 -45.08
C GLU A 535 18.05 -18.78 -46.54
N MET A 536 16.83 -18.29 -46.78
CA MET A 536 16.45 -17.78 -48.08
C MET A 536 16.91 -16.33 -48.27
N TYR A 537 17.56 -16.04 -49.39
CA TYR A 537 18.07 -14.72 -49.79
C TYR A 537 17.45 -14.27 -51.12
N THR A 538 17.91 -13.16 -51.70
CA THR A 538 17.43 -12.68 -53.00
C THR A 538 18.49 -11.76 -53.61
N GLU A 539 18.96 -12.05 -54.82
CA GLU A 539 19.87 -11.14 -55.53
C GLU A 539 19.89 -11.33 -57.05
N TYR A 540 20.36 -10.31 -57.77
CA TYR A 540 20.53 -10.30 -59.22
C TYR A 540 21.67 -11.22 -59.68
N LEU A 541 21.50 -11.87 -60.84
CA LEU A 541 22.39 -12.92 -61.32
C LEU A 541 23.03 -12.62 -62.69
N SER A 542 24.22 -13.19 -62.91
CA SER A 542 25.17 -12.84 -63.97
C SER A 542 24.59 -12.92 -65.38
N SER A 543 25.03 -12.01 -66.26
CA SER A 543 24.77 -12.10 -67.70
C SER A 543 25.29 -13.41 -68.31
N ALA A 544 26.31 -14.03 -67.71
CA ALA A 544 26.81 -15.35 -68.11
C ALA A 544 25.77 -16.48 -67.99
N PHE A 545 24.65 -16.25 -67.28
CA PHE A 545 23.52 -17.18 -67.14
C PHE A 545 22.26 -16.75 -67.91
N VAL A 546 22.25 -15.57 -68.53
CA VAL A 546 21.15 -15.13 -69.41
C VAL A 546 21.18 -15.94 -70.70
N GLY A 547 20.01 -16.42 -71.15
CA GLY A 547 19.92 -17.18 -72.38
C GLY A 547 19.90 -18.68 -72.21
N LEU A 548 20.03 -19.16 -70.96
CA LEU A 548 19.98 -20.58 -70.58
C LEU A 548 18.63 -20.94 -69.96
N SER A 549 18.34 -22.24 -69.82
CA SER A 549 17.15 -22.69 -69.13
C SER A 549 17.34 -22.65 -67.62
N PHE A 550 16.23 -22.49 -66.90
CA PHE A 550 16.22 -22.46 -65.43
C PHE A 550 16.76 -23.76 -64.81
N PRO A 551 16.35 -24.97 -65.23
CA PRO A 551 17.01 -26.19 -64.79
C PRO A 551 18.52 -26.19 -65.05
N THR A 552 18.97 -25.66 -66.20
CA THR A 552 20.39 -25.66 -66.54
C THR A 552 21.17 -24.76 -65.58
N VAL A 553 20.72 -23.53 -65.34
CA VAL A 553 21.41 -22.65 -64.39
C VAL A 553 21.30 -23.20 -62.96
N CYS A 554 20.25 -23.95 -62.61
CA CYS A 554 20.16 -24.60 -61.30
C CYS A 554 21.21 -25.70 -61.12
N GLU A 555 21.36 -26.63 -62.07
CA GLU A 555 22.40 -27.66 -61.99
C GLU A 555 23.81 -27.06 -62.10
N LEU A 556 23.96 -25.91 -62.76
CA LEU A 556 25.23 -25.18 -62.76
C LEU A 556 25.50 -24.56 -61.39
N CYS A 557 24.59 -23.76 -60.86
CA CYS A 557 24.75 -23.12 -59.56
C CYS A 557 24.89 -24.11 -58.40
N PHE A 558 24.30 -25.31 -58.48
CA PHE A 558 24.07 -26.16 -57.31
C PHE A 558 25.32 -26.43 -56.46
N VAL A 559 26.40 -26.97 -57.04
CA VAL A 559 27.60 -27.26 -56.26
C VAL A 559 28.84 -26.55 -56.78
N LYS A 560 28.85 -25.96 -57.99
CA LYS A 560 30.02 -25.23 -58.53
C LYS A 560 30.18 -23.88 -57.82
N LEU A 561 29.09 -23.13 -57.74
CA LEU A 561 28.95 -21.92 -56.94
C LEU A 561 28.51 -22.23 -55.49
N LYS A 562 27.99 -23.44 -55.23
CA LYS A 562 27.37 -23.91 -53.97
C LYS A 562 26.05 -23.19 -53.62
N LEU A 563 25.18 -22.94 -54.61
CA LEU A 563 23.96 -22.14 -54.45
C LEU A 563 22.72 -22.84 -55.08
N LEU A 564 21.59 -22.87 -54.38
CA LEU A 564 20.34 -23.48 -54.87
C LEU A 564 19.27 -22.41 -55.14
N MET A 565 18.64 -22.42 -56.32
CA MET A 565 17.60 -21.46 -56.69
C MET A 565 16.21 -22.10 -56.64
N ILE A 566 15.29 -21.52 -55.87
CA ILE A 566 13.89 -21.98 -55.79
C ILE A 566 13.00 -21.34 -56.87
N ALA A 567 13.32 -20.11 -57.27
CA ALA A 567 12.46 -19.25 -58.08
C ALA A 567 13.28 -18.10 -58.69
N ILE A 568 12.66 -17.38 -59.63
CA ILE A 568 13.19 -16.12 -60.19
C ILE A 568 12.09 -15.05 -60.31
N GLU A 569 12.51 -13.80 -60.45
CA GLU A 569 11.62 -12.69 -60.81
C GLU A 569 11.05 -12.86 -62.23
N SER A 577 3.50 -13.01 -64.41
CA SER A 577 4.76 -13.55 -64.91
C SER A 577 5.98 -13.06 -64.13
N ARG A 578 5.73 -12.43 -63.00
CA ARG A 578 6.79 -11.90 -62.15
C ARG A 578 7.35 -12.96 -61.19
N ILE A 579 6.60 -13.24 -60.13
CA ILE A 579 7.01 -14.23 -59.15
C ILE A 579 6.65 -15.63 -59.63
N LEU A 580 7.66 -16.39 -60.05
CA LEU A 580 7.44 -17.74 -60.55
C LEU A 580 8.13 -18.78 -59.69
N ILE A 581 7.33 -19.59 -58.99
CA ILE A 581 7.80 -20.69 -58.16
C ILE A 581 8.26 -21.87 -59.02
N ASN A 582 9.54 -22.27 -58.89
CA ASN A 582 10.21 -23.35 -59.61
C ASN A 582 9.84 -23.41 -61.12
N PRO A 583 10.32 -22.47 -61.96
CA PRO A 583 10.06 -22.44 -63.39
C PRO A 583 10.31 -23.77 -64.12
N GLY A 584 9.54 -24.03 -65.17
CA GLY A 584 9.79 -25.15 -66.08
C GLY A 584 11.08 -25.00 -66.90
N ASN A 585 11.45 -26.08 -67.59
CA ASN A 585 12.57 -26.11 -68.52
C ASN A 585 12.39 -25.23 -69.77
N HIS A 586 11.16 -24.82 -70.07
CA HIS A 586 10.81 -23.97 -71.21
C HIS A 586 11.04 -22.47 -70.95
N LEU A 587 11.40 -22.03 -69.74
CA LEU A 587 11.58 -20.61 -69.44
C LEU A 587 13.06 -20.22 -69.52
N LYS A 588 13.31 -19.13 -70.25
CA LYS A 588 14.62 -18.57 -70.49
C LYS A 588 14.87 -17.42 -69.53
N ILE A 589 16.07 -17.33 -68.94
CA ILE A 589 16.41 -16.30 -67.92
C ILE A 589 16.43 -14.90 -68.57
N GLN A 590 15.57 -13.97 -68.15
CA GLN A 590 15.59 -12.59 -68.67
C GLN A 590 16.88 -11.86 -68.24
N GLU A 591 17.40 -10.94 -69.06
CA GLU A 591 18.49 -10.06 -68.59
C GLU A 591 18.01 -9.17 -67.41
N GLY A 592 18.89 -8.95 -66.42
CA GLY A 592 18.60 -8.12 -65.24
C GLY A 592 17.70 -8.75 -64.18
N THR A 593 17.53 -10.07 -64.16
CA THR A 593 16.66 -10.75 -63.17
C THR A 593 17.35 -11.11 -61.85
N LEU A 594 16.54 -11.43 -60.84
CA LEU A 594 16.95 -11.85 -59.50
C LEU A 594 16.47 -13.27 -59.19
N GLY A 595 17.31 -14.01 -58.47
CA GLY A 595 17.05 -15.39 -58.05
C GLY A 595 16.80 -15.51 -56.55
N PHE A 596 15.78 -16.29 -56.19
CA PHE A 596 15.41 -16.58 -54.81
C PHE A 596 16.24 -17.76 -54.30
N PHE A 597 17.50 -17.48 -54.02
CA PHE A 597 18.46 -18.46 -53.55
C PHE A 597 18.18 -18.95 -52.12
N ILE A 598 18.50 -20.20 -51.85
CA ILE A 598 18.75 -20.71 -50.50
C ILE A 598 20.26 -20.92 -50.39
N ALA A 599 20.86 -20.39 -49.33
CA ALA A 599 22.32 -20.39 -49.16
C ALA A 599 22.70 -20.30 -47.68
N SER A 600 23.96 -20.54 -47.35
CA SER A 600 24.46 -20.35 -46.01
C SER A 600 24.33 -18.92 -45.55
N ASP A 601 24.58 -17.98 -46.47
CA ASP A 601 24.49 -16.55 -46.19
C ASP A 601 24.49 -15.70 -47.47
N ALA A 602 24.37 -14.39 -47.27
CA ALA A 602 24.37 -13.40 -48.31
C ALA A 602 25.70 -13.25 -49.05
N LYS A 603 26.84 -13.42 -48.40
CA LYS A 603 28.14 -13.25 -49.05
C LYS A 603 28.50 -14.39 -50.00
N GLU A 604 27.83 -15.54 -49.90
CA GLU A 604 27.95 -16.65 -50.82
C GLU A 604 27.16 -16.40 -52.12
N VAL A 605 25.92 -15.94 -52.02
CA VAL A 605 25.08 -15.69 -53.22
C VAL A 605 25.65 -14.61 -54.14
N LYS A 606 26.60 -13.78 -53.68
CA LYS A 606 27.35 -12.83 -54.53
C LYS A 606 27.98 -13.51 -55.76
N ARG A 607 28.28 -14.80 -55.64
CA ARG A 607 28.84 -15.56 -56.76
C ARG A 607 27.87 -15.58 -57.96
N ALA A 608 26.57 -15.71 -57.69
CA ALA A 608 25.57 -15.72 -58.75
C ALA A 608 25.71 -14.52 -59.68
N PHE A 609 26.15 -13.36 -59.17
CA PHE A 609 26.50 -12.17 -59.94
C PHE A 609 27.97 -12.21 -60.44
N PHE A 610 28.91 -12.48 -59.54
CA PHE A 610 30.36 -12.37 -59.80
C PHE A 610 30.98 -13.62 -60.49
N TYR A 611 30.35 -14.12 -61.55
CA TYR A 611 30.83 -15.28 -62.32
C TYR A 611 30.73 -15.04 -63.84
N CYS A 612 31.78 -15.40 -64.58
CA CYS A 612 31.84 -15.37 -66.04
C CYS A 612 32.81 -16.44 -66.55
N LYS A 613 32.29 -17.67 -66.71
CA LYS A 613 33.05 -18.85 -67.19
C LYS A 613 34.34 -19.14 -66.39
N ALA A 614 34.30 -18.91 -65.08
CA ALA A 614 35.38 -19.23 -64.14
C ALA A 614 35.42 -20.74 -63.78
N CYS A 615 35.39 -21.60 -64.80
CA CYS A 615 35.21 -23.05 -64.69
C CYS A 615 36.34 -23.72 -63.87
N SER A 681 -21.19 -27.41 -69.93
CA SER A 681 -20.07 -27.09 -69.06
C SER A 681 -20.32 -25.80 -68.31
N ASN A 682 -21.54 -25.60 -67.82
CA ASN A 682 -21.94 -24.49 -66.95
C ASN A 682 -21.54 -24.70 -65.47
N VAL A 683 -20.89 -25.82 -65.15
CA VAL A 683 -20.42 -26.13 -63.79
C VAL A 683 -19.32 -25.16 -63.34
N LYS A 684 -19.57 -24.40 -62.26
CA LYS A 684 -18.57 -23.56 -61.60
C LYS A 684 -17.64 -24.42 -60.72
N LYS A 685 -16.59 -24.98 -61.33
CA LYS A 685 -15.56 -25.78 -60.63
C LYS A 685 -14.56 -24.95 -59.83
N TYR A 686 -14.40 -23.67 -60.13
CA TYR A 686 -13.33 -22.82 -59.59
C TYR A 686 -13.83 -21.44 -59.13
N ASP A 687 -13.00 -20.71 -58.40
CA ASP A 687 -13.19 -19.29 -58.12
C ASP A 687 -13.02 -18.42 -59.38
N SER A 688 -13.41 -17.16 -59.28
CA SER A 688 -13.30 -16.16 -60.34
C SER A 688 -11.88 -15.97 -60.93
N THR A 689 -10.82 -16.27 -60.17
CA THR A 689 -9.42 -16.16 -60.66
C THR A 689 -8.85 -17.47 -61.22
N GLY A 690 -9.56 -18.60 -61.05
CA GLY A 690 -9.09 -19.90 -61.53
C GLY A 690 -7.96 -20.51 -60.69
N MET A 691 -7.93 -20.26 -59.38
CA MET A 691 -6.87 -20.69 -58.47
C MET A 691 -7.32 -21.55 -57.28
N PHE A 692 -8.61 -21.61 -56.96
CA PHE A 692 -9.19 -22.48 -55.92
C PHE A 692 -10.43 -23.22 -56.43
N HIS A 693 -10.64 -24.46 -55.95
CA HIS A 693 -11.89 -25.18 -56.16
C HIS A 693 -13.05 -24.48 -55.43
N TRP A 694 -14.28 -24.65 -55.91
CA TRP A 694 -15.47 -23.97 -55.38
C TRP A 694 -16.73 -24.85 -55.47
N CYS A 695 -17.72 -24.60 -54.62
CA CYS A 695 -19.06 -25.16 -54.72
C CYS A 695 -20.12 -24.21 -54.16
N ALA A 696 -21.39 -24.46 -54.49
CA ALA A 696 -22.52 -23.71 -53.97
C ALA A 696 -22.59 -23.79 -52.42
N PRO A 697 -23.17 -22.78 -51.75
CA PRO A 697 -23.13 -22.66 -50.30
C PRO A 697 -23.98 -23.73 -49.61
N LYS A 698 -23.32 -24.77 -49.08
CA LYS A 698 -23.96 -25.89 -48.38
C LYS A 698 -24.56 -25.44 -47.05
N GLU A 699 -25.72 -25.97 -46.68
CA GLU A 699 -26.27 -25.75 -45.34
C GLU A 699 -25.45 -26.51 -44.28
N ILE A 700 -25.41 -26.00 -43.05
CA ILE A 700 -24.66 -26.62 -41.95
C ILE A 700 -25.15 -28.04 -41.62
N GLU A 701 -26.47 -28.31 -41.69
CA GLU A 701 -26.96 -29.65 -41.36
C GLU A 701 -26.60 -30.67 -42.43
N LYS A 702 -26.35 -30.23 -43.66
CA LYS A 702 -25.99 -31.17 -44.72
C LYS A 702 -24.66 -31.86 -44.42
N VAL A 703 -23.68 -31.08 -43.94
CA VAL A 703 -22.29 -31.51 -43.69
C VAL A 703 -22.05 -32.06 -42.28
N ILE A 704 -22.93 -31.80 -41.31
CA ILE A 704 -22.87 -32.42 -39.98
C ILE A 704 -23.03 -33.94 -40.08
N LEU A 705 -22.13 -34.67 -39.41
CA LEU A 705 -22.20 -36.11 -39.17
C LEU A 705 -22.61 -36.39 -37.71
N THR A 706 -22.79 -37.66 -37.37
CA THR A 706 -22.72 -38.18 -36.00
C THR A 706 -22.11 -39.57 -36.01
N ARG A 707 -22.02 -40.24 -34.87
CA ARG A 707 -21.26 -41.48 -34.64
C ARG A 707 -21.48 -42.56 -35.70
N SER A 708 -22.74 -42.80 -36.04
CA SER A 708 -23.16 -43.79 -37.04
C SER A 708 -22.54 -43.51 -38.42
N GLU A 709 -22.89 -42.39 -39.04
CA GLU A 709 -22.46 -42.07 -40.40
C GLU A 709 -20.96 -41.81 -40.50
N ALA A 710 -20.35 -41.23 -39.47
CA ALA A 710 -18.90 -41.09 -39.41
C ALA A 710 -18.20 -42.46 -39.47
N ALA A 711 -18.67 -43.44 -38.69
CA ALA A 711 -18.07 -44.77 -38.65
C ALA A 711 -18.24 -45.56 -39.96
N MET A 712 -19.40 -45.48 -40.61
CA MET A 712 -19.64 -46.22 -41.85
C MET A 712 -19.10 -45.51 -43.11
N THR A 713 -18.88 -44.20 -43.06
CA THR A 713 -18.22 -43.47 -44.15
C THR A 713 -16.73 -43.73 -44.12
N VAL A 714 -16.23 -44.58 -45.02
CA VAL A 714 -14.79 -44.90 -45.07
C VAL A 714 -14.00 -43.66 -45.49
N LEU A 715 -12.98 -43.33 -44.69
CA LEU A 715 -12.06 -42.21 -44.88
C LEU A 715 -10.63 -42.71 -44.78
N SER A 716 -9.78 -42.24 -45.69
CA SER A 716 -8.35 -42.52 -45.74
C SER A 716 -7.62 -41.40 -46.47
N GLY A 717 -6.39 -41.08 -46.07
CA GLY A 717 -5.62 -39.94 -46.60
C GLY A 717 -6.25 -38.57 -46.34
N HIS A 718 -7.27 -38.49 -45.49
CA HIS A 718 -7.98 -37.27 -45.12
C HIS A 718 -7.17 -36.39 -44.15
N VAL A 719 -7.70 -35.22 -43.81
CA VAL A 719 -7.18 -34.33 -42.77
C VAL A 719 -8.21 -34.26 -41.66
N VAL A 720 -7.79 -34.55 -40.43
CA VAL A 720 -8.65 -34.48 -39.25
C VAL A 720 -8.27 -33.24 -38.46
N VAL A 721 -9.23 -32.37 -38.15
CA VAL A 721 -8.95 -31.13 -37.44
C VAL A 721 -9.68 -31.12 -36.10
N CYS A 722 -8.92 -31.01 -35.03
CA CYS A 722 -9.37 -31.08 -33.65
C CYS A 722 -9.40 -29.67 -33.05
N ILE A 723 -10.58 -29.16 -32.72
CA ILE A 723 -10.79 -27.79 -32.27
C ILE A 723 -11.38 -27.76 -30.86
N PHE A 724 -10.70 -27.08 -29.94
CA PHE A 724 -11.20 -26.92 -28.58
C PHE A 724 -11.92 -25.57 -28.44
N GLY A 725 -13.00 -25.43 -29.19
CA GLY A 725 -13.74 -24.19 -29.22
C GLY A 725 -14.64 -24.00 -28.01
N ASP A 726 -15.22 -22.80 -27.93
CA ASP A 726 -16.10 -22.45 -26.83
C ASP A 726 -16.98 -21.29 -27.27
N VAL A 727 -18.08 -21.04 -26.56
CA VAL A 727 -18.98 -19.96 -26.93
C VAL A 727 -18.36 -18.58 -26.68
N SER A 728 -17.37 -18.53 -25.80
CA SER A 728 -16.71 -17.26 -25.47
C SER A 728 -15.29 -17.18 -26.05
N SER A 729 -14.85 -18.25 -26.68
CA SER A 729 -13.52 -18.31 -27.27
C SER A 729 -13.43 -17.42 -28.51
N ALA A 730 -12.21 -17.03 -28.84
CA ALA A 730 -11.96 -16.18 -29.99
C ALA A 730 -12.09 -16.99 -31.28
N LEU A 731 -12.19 -16.30 -32.41
CA LEU A 731 -12.31 -16.94 -33.73
C LEU A 731 -10.91 -17.29 -34.24
N ILE A 732 -10.66 -18.56 -34.53
CA ILE A 732 -9.40 -19.02 -35.09
C ILE A 732 -9.26 -18.59 -36.54
N GLY A 733 -10.30 -18.65 -37.37
CA GLY A 733 -10.22 -18.26 -38.78
C GLY A 733 -9.83 -19.41 -39.71
N LEU A 734 -10.53 -20.53 -39.62
CA LEU A 734 -10.21 -21.80 -40.28
C LEU A 734 -10.18 -21.71 -41.81
N ARG A 735 -10.81 -20.69 -42.41
CA ARG A 735 -10.69 -20.33 -43.84
C ARG A 735 -9.26 -20.42 -44.35
N ASN A 736 -8.31 -19.88 -43.59
CA ASN A 736 -6.91 -19.73 -44.01
C ASN A 736 -6.16 -21.07 -44.02
N LEU A 737 -6.69 -22.05 -43.28
CA LEU A 737 -6.21 -23.45 -43.25
C LEU A 737 -6.84 -24.29 -44.36
N VAL A 738 -8.13 -24.07 -44.63
CA VAL A 738 -8.87 -24.82 -45.67
C VAL A 738 -8.42 -24.43 -47.07
N MET A 739 -8.26 -23.13 -47.34
CA MET A 739 -7.99 -22.64 -48.69
C MET A 739 -6.73 -23.25 -49.34
N PRO A 740 -5.56 -23.36 -48.70
CA PRO A 740 -4.41 -24.03 -49.31
C PRO A 740 -4.66 -25.49 -49.71
N LEU A 741 -5.41 -26.27 -48.92
CA LEU A 741 -5.83 -27.61 -49.30
C LEU A 741 -6.75 -27.58 -50.51
N ARG A 742 -7.62 -26.58 -50.57
CA ARG A 742 -8.59 -26.44 -51.66
C ARG A 742 -8.05 -25.79 -52.94
N ALA A 743 -6.76 -25.46 -52.97
CA ALA A 743 -6.15 -24.85 -54.15
C ALA A 743 -6.27 -25.70 -55.43
N SER A 744 -6.37 -25.05 -56.60
CA SER A 744 -6.70 -25.71 -57.89
C SER A 744 -5.55 -26.37 -58.64
N ASN A 745 -4.29 -26.26 -58.23
CA ASN A 745 -3.22 -27.06 -58.84
C ASN A 745 -3.16 -28.51 -58.31
N PHE A 746 -4.19 -28.94 -57.56
CA PHE A 746 -4.54 -30.33 -57.28
C PHE A 746 -5.75 -30.74 -58.11
N HIS A 747 -5.75 -31.95 -58.67
CA HIS A 747 -6.94 -32.53 -59.32
C HIS A 747 -8.04 -32.83 -58.30
N TYR A 748 -9.30 -32.88 -58.71
CA TYR A 748 -10.42 -33.10 -57.78
C TYR A 748 -10.37 -34.47 -57.07
N HIS A 749 -9.87 -35.51 -57.74
CA HIS A 749 -9.65 -36.82 -57.12
C HIS A 749 -8.49 -36.82 -56.11
N GLU A 750 -7.68 -35.76 -56.14
CA GLU A 750 -6.55 -35.65 -55.23
C GLU A 750 -6.83 -34.77 -54.00
N LEU A 751 -8.04 -34.23 -53.91
CA LEU A 751 -8.40 -33.38 -52.78
C LEU A 751 -8.64 -34.21 -51.51
N LYS A 752 -7.77 -34.04 -50.50
CA LYS A 752 -7.89 -34.68 -49.18
C LYS A 752 -9.15 -34.19 -48.47
N HIS A 753 -10.03 -35.07 -48.04
CA HIS A 753 -11.24 -34.71 -47.28
C HIS A 753 -10.87 -34.04 -45.95
N ILE A 754 -11.72 -33.15 -45.42
CA ILE A 754 -11.48 -32.45 -44.15
C ILE A 754 -12.63 -32.72 -43.19
N VAL A 755 -12.34 -33.11 -41.95
CA VAL A 755 -13.38 -33.23 -40.90
C VAL A 755 -12.98 -32.50 -39.63
N PHE A 756 -13.90 -31.69 -39.10
CA PHE A 756 -13.70 -30.88 -37.90
C PHE A 756 -14.41 -31.51 -36.71
N VAL A 757 -13.68 -31.80 -35.64
CA VAL A 757 -14.22 -32.30 -34.36
C VAL A 757 -14.13 -31.18 -33.33
N GLY A 758 -15.23 -30.84 -32.66
CA GLY A 758 -15.23 -29.74 -31.68
C GLY A 758 -16.62 -29.33 -31.17
N SER A 759 -16.67 -28.28 -30.34
CA SER A 759 -17.94 -27.83 -29.78
C SER A 759 -18.86 -27.32 -30.88
N ILE A 760 -20.10 -27.81 -30.92
CA ILE A 760 -21.04 -27.41 -31.97
C ILE A 760 -21.31 -25.92 -31.90
N GLU A 761 -21.29 -25.31 -30.71
CA GLU A 761 -21.49 -23.86 -30.63
C GLU A 761 -20.40 -23.12 -31.40
N TYR A 762 -19.13 -23.49 -31.18
CA TYR A 762 -18.04 -22.84 -31.89
C TYR A 762 -18.11 -23.12 -33.39
N LEU A 763 -18.46 -24.34 -33.81
CA LEU A 763 -18.62 -24.58 -35.25
C LEU A 763 -19.73 -23.69 -35.84
N LYS A 764 -20.87 -23.51 -35.16
CA LYS A 764 -21.93 -22.58 -35.61
C LYS A 764 -21.68 -21.10 -35.29
N ARG A 765 -20.42 -20.79 -35.02
CA ARG A 765 -19.96 -19.43 -34.77
C ARG A 765 -18.85 -19.13 -35.78
N GLU A 766 -18.62 -20.07 -36.70
CA GLU A 766 -17.57 -19.94 -37.73
C GLU A 766 -17.98 -20.53 -39.10
N TRP A 767 -18.96 -21.44 -39.16
CA TRP A 767 -19.40 -22.10 -40.39
C TRP A 767 -19.83 -21.12 -41.49
N GLU A 768 -20.30 -19.93 -41.12
CA GLU A 768 -20.65 -18.82 -42.00
C GLU A 768 -19.57 -18.41 -43.02
N THR A 769 -18.31 -18.85 -42.85
CA THR A 769 -17.23 -18.64 -43.82
C THR A 769 -16.63 -19.92 -44.41
N LEU A 770 -17.28 -21.07 -44.21
CA LEU A 770 -16.76 -22.34 -44.73
C LEU A 770 -17.74 -23.16 -45.61
N HIS A 771 -18.91 -22.60 -45.91
CA HIS A 771 -19.92 -23.31 -46.72
C HIS A 771 -19.69 -23.39 -48.25
N ASN A 772 -18.73 -22.67 -48.83
CA ASN A 772 -18.40 -22.75 -50.25
C ASN A 772 -17.27 -23.73 -50.62
N PHE A 773 -16.84 -24.54 -49.65
CA PHE A 773 -15.78 -25.51 -49.88
C PHE A 773 -16.34 -26.92 -49.88
N PRO A 774 -15.77 -27.78 -50.75
CA PRO A 774 -16.21 -29.18 -50.86
C PRO A 774 -15.44 -30.09 -49.91
N LYS A 775 -15.84 -31.36 -49.88
CA LYS A 775 -15.19 -32.37 -49.06
C LYS A 775 -15.03 -32.03 -47.57
N VAL A 776 -15.89 -31.15 -47.04
CA VAL A 776 -15.78 -30.83 -45.60
C VAL A 776 -16.89 -31.50 -44.80
N SER A 777 -16.63 -31.79 -43.52
CA SER A 777 -17.60 -32.36 -42.57
C SER A 777 -17.38 -31.84 -41.14
N ILE A 778 -18.44 -31.80 -40.33
CA ILE A 778 -18.39 -31.48 -38.90
C ILE A 778 -18.85 -32.70 -38.09
N LEU A 779 -18.17 -33.03 -37.00
CA LEU A 779 -18.66 -33.98 -35.99
C LEU A 779 -18.77 -33.29 -34.62
N PRO A 780 -19.98 -33.09 -34.08
CA PRO A 780 -20.19 -32.35 -32.84
C PRO A 780 -19.86 -33.21 -31.60
N GLY A 781 -18.57 -33.32 -31.26
CA GLY A 781 -18.07 -34.11 -30.16
C GLY A 781 -16.95 -33.42 -29.44
N THR A 782 -16.06 -34.21 -28.84
CA THR A 782 -14.92 -33.72 -28.07
C THR A 782 -13.64 -34.24 -28.71
N PRO A 783 -12.62 -33.40 -28.97
CA PRO A 783 -11.35 -33.88 -29.53
C PRO A 783 -10.65 -34.90 -28.65
N LEU A 784 -11.01 -34.96 -27.37
CA LEU A 784 -10.45 -35.93 -26.44
C LEU A 784 -11.29 -37.20 -26.34
N SER A 785 -12.37 -37.35 -27.11
CA SER A 785 -13.19 -38.55 -27.04
C SER A 785 -12.61 -39.64 -27.93
N ARG A 786 -12.20 -40.74 -27.30
CA ARG A 786 -11.62 -41.89 -28.00
C ARG A 786 -12.61 -42.47 -29.00
N ALA A 787 -13.89 -42.50 -28.67
CA ALA A 787 -14.92 -43.00 -29.57
C ALA A 787 -15.01 -42.15 -30.85
N ASP A 788 -15.02 -40.83 -30.72
CA ASP A 788 -15.03 -39.91 -31.87
C ASP A 788 -13.79 -40.10 -32.73
N LEU A 789 -12.61 -40.20 -32.12
CA LEU A 789 -11.38 -40.28 -32.91
C LEU A 789 -11.25 -41.63 -33.62
N ARG A 790 -11.88 -42.66 -33.06
CA ARG A 790 -11.93 -43.97 -33.69
C ARG A 790 -12.94 -43.94 -34.85
N ALA A 791 -14.08 -43.28 -34.63
CA ALA A 791 -15.13 -43.17 -35.65
C ALA A 791 -14.68 -42.36 -36.88
N VAL A 792 -13.78 -41.39 -36.69
CA VAL A 792 -13.18 -40.54 -37.73
C VAL A 792 -12.00 -41.20 -38.46
N ASN A 793 -11.68 -42.46 -38.20
CA ASN A 793 -10.55 -43.18 -38.83
C ASN A 793 -9.19 -42.49 -38.62
N ILE A 794 -8.91 -41.98 -37.42
CA ILE A 794 -7.70 -41.19 -37.12
C ILE A 794 -6.39 -41.89 -37.57
N ASN A 795 -6.34 -43.22 -37.53
CA ASN A 795 -5.19 -44.02 -37.92
C ASN A 795 -4.89 -44.02 -39.43
N LEU A 796 -5.84 -43.60 -40.27
CA LEU A 796 -5.73 -43.60 -41.73
C LEU A 796 -5.57 -42.20 -42.35
N CYS A 797 -5.62 -41.14 -41.55
CA CYS A 797 -5.46 -39.77 -42.03
C CYS A 797 -4.05 -39.50 -42.56
N ASP A 798 -3.90 -38.50 -43.44
CA ASP A 798 -2.59 -37.97 -43.83
C ASP A 798 -2.08 -36.91 -42.84
N MET A 799 -2.98 -36.27 -42.10
CA MET A 799 -2.65 -35.38 -40.99
C MET A 799 -3.77 -35.30 -39.97
N CYS A 800 -3.40 -35.23 -38.70
CA CYS A 800 -4.23 -34.67 -37.65
C CYS A 800 -3.69 -33.31 -37.22
N VAL A 801 -4.55 -32.30 -37.16
CA VAL A 801 -4.19 -30.93 -36.79
C VAL A 801 -4.91 -30.57 -35.50
N ILE A 802 -4.18 -30.20 -34.45
CA ILE A 802 -4.77 -29.84 -33.15
C ILE A 802 -4.59 -28.35 -32.85
N LEU A 803 -5.71 -27.63 -32.72
CA LEU A 803 -5.76 -26.19 -32.46
C LEU A 803 -6.67 -25.87 -31.28
N SER A 804 -6.34 -24.81 -30.55
CA SER A 804 -7.07 -24.34 -29.39
C SER A 804 -7.39 -22.87 -29.54
N ALA A 805 -8.61 -22.48 -29.18
CA ALA A 805 -9.01 -21.09 -29.21
C ALA A 805 -8.88 -20.42 -27.85
N ASN A 806 -9.04 -21.20 -26.78
CA ASN A 806 -8.90 -20.67 -25.43
C ASN A 806 -7.41 -20.59 -25.10
N GLN A 807 -6.77 -19.53 -25.58
CA GLN A 807 -5.34 -19.34 -25.38
C GLN A 807 -5.05 -17.96 -24.80
N ASN A 808 -5.91 -16.99 -25.08
CA ASN A 808 -5.75 -15.63 -24.62
C ASN A 808 -6.67 -15.27 -23.47
N ASN A 809 -7.84 -15.92 -23.38
CA ASN A 809 -8.80 -15.60 -22.34
C ASN A 809 -8.25 -15.88 -20.95
N ILE A 810 -7.59 -17.03 -20.79
CA ILE A 810 -6.99 -17.41 -19.52
C ILE A 810 -5.55 -16.92 -19.48
N ASP A 811 -5.06 -16.63 -18.28
CA ASP A 811 -3.68 -16.18 -18.08
C ASP A 811 -3.05 -17.04 -16.98
N ASP A 812 -2.53 -18.21 -17.35
CA ASP A 812 -1.86 -19.10 -16.43
C ASP A 812 -0.52 -19.60 -16.91
N THR A 813 -0.27 -19.60 -18.23
CA THR A 813 0.99 -20.04 -18.82
C THR A 813 1.32 -21.49 -18.45
N SER A 814 0.31 -22.20 -17.95
CA SER A 814 0.46 -23.60 -17.60
C SER A 814 -0.64 -24.43 -18.24
N LEU A 815 -1.85 -23.88 -18.28
CA LEU A 815 -3.00 -24.57 -18.84
C LEU A 815 -3.34 -24.10 -20.26
N GLN A 816 -2.49 -23.26 -20.86
CA GLN A 816 -2.76 -22.77 -22.21
C GLN A 816 -2.74 -23.91 -23.22
N ASP A 817 -1.78 -24.82 -23.11
CA ASP A 817 -1.63 -25.93 -24.03
C ASP A 817 -1.99 -27.27 -23.41
N LYS A 818 -2.65 -27.26 -22.25
CA LYS A 818 -3.00 -28.50 -21.58
C LYS A 818 -3.91 -29.37 -22.44
N GLU A 819 -4.93 -28.77 -23.06
CA GLU A 819 -5.85 -29.56 -23.87
C GLU A 819 -5.15 -30.16 -25.08
N CYS A 820 -4.31 -29.37 -25.75
CA CYS A 820 -3.59 -29.87 -26.93
C CYS A 820 -2.65 -31.00 -26.54
N ILE A 821 -1.92 -30.84 -25.43
CA ILE A 821 -1.00 -31.88 -25.00
C ILE A 821 -1.76 -33.15 -24.63
N LEU A 822 -2.88 -33.01 -23.93
CA LEU A 822 -3.67 -34.17 -23.55
C LEU A 822 -4.22 -34.88 -24.78
N ALA A 823 -4.69 -34.13 -25.77
CA ALA A 823 -5.20 -34.73 -27.00
C ALA A 823 -4.10 -35.46 -27.74
N SER A 824 -2.92 -34.86 -27.84
CA SER A 824 -1.80 -35.51 -28.51
C SER A 824 -1.42 -36.80 -27.82
N LEU A 825 -1.37 -36.79 -26.49
CA LEU A 825 -1.03 -38.00 -25.76
C LEU A 825 -2.11 -39.07 -25.91
N ASN A 826 -3.38 -38.66 -25.89
CA ASN A 826 -4.46 -39.63 -26.09
C ASN A 826 -4.38 -40.26 -27.46
N ILE A 827 -4.08 -39.50 -28.52
CA ILE A 827 -3.93 -40.06 -29.88
C ILE A 827 -2.71 -40.95 -29.94
N LYS A 828 -1.59 -40.59 -29.29
CA LYS A 828 -0.40 -41.43 -29.30
C LYS A 828 -0.54 -42.65 -28.40
N SER A 829 -1.58 -42.73 -27.57
CA SER A 829 -1.76 -43.87 -26.67
C SER A 829 -2.94 -44.72 -27.11
N MET A 830 -3.10 -44.90 -28.42
CA MET A 830 -4.22 -45.62 -28.99
C MET A 830 -3.72 -46.92 -29.62
N GLN A 831 -4.48 -47.99 -29.40
CA GLN A 831 -4.17 -49.30 -29.96
C GLN A 831 -5.10 -49.59 -31.14
N PHE A 832 -4.54 -49.90 -32.30
CA PHE A 832 -5.30 -50.22 -33.50
C PHE A 832 -4.94 -51.63 -33.96
N ASP A 833 -5.95 -52.35 -34.43
CA ASP A 833 -5.76 -53.71 -34.93
C ASP A 833 -5.11 -53.71 -36.30
N THR A 871 -1.28 -51.81 -35.21
CA THR A 871 -0.33 -50.72 -34.97
C THR A 871 -0.75 -49.82 -33.79
N THR A 872 0.22 -49.19 -33.13
CA THR A 872 -0.03 -48.23 -32.07
C THR A 872 -0.33 -46.85 -32.67
N GLY A 873 -0.68 -45.91 -31.80
CA GLY A 873 -1.02 -44.57 -32.24
C GLY A 873 0.16 -43.63 -32.29
N VAL A 874 1.36 -44.15 -32.06
CA VAL A 874 2.57 -43.32 -32.10
C VAL A 874 3.00 -43.00 -33.52
N ASN A 875 2.64 -43.84 -34.50
CA ASN A 875 3.04 -43.61 -35.88
C ASN A 875 2.11 -42.68 -36.63
N ILE A 876 0.98 -42.24 -36.05
CA ILE A 876 0.02 -41.34 -36.71
C ILE A 876 0.69 -39.99 -37.06
N PRO A 877 0.43 -39.40 -38.24
CA PRO A 877 0.91 -38.07 -38.59
C PRO A 877 0.12 -37.00 -37.83
N ILE A 878 0.81 -36.24 -36.99
CA ILE A 878 0.20 -35.31 -36.05
C ILE A 878 0.95 -33.97 -36.07
N ILE A 879 0.20 -32.86 -36.06
CA ILE A 879 0.74 -31.53 -35.80
C ILE A 879 -0.13 -30.80 -34.80
N THR A 880 0.50 -30.11 -33.86
CA THR A 880 -0.20 -29.34 -32.83
C THR A 880 0.40 -27.96 -32.67
N GLU A 881 -0.48 -26.98 -32.41
CA GLU A 881 -0.05 -25.60 -32.21
C GLU A 881 -0.01 -25.27 -30.72
N LEU A 882 1.15 -24.81 -30.26
CA LEU A 882 1.34 -24.48 -28.85
C LEU A 882 1.47 -22.97 -28.68
N VAL A 883 0.96 -22.48 -27.56
CA VAL A 883 1.11 -21.06 -27.23
C VAL A 883 2.42 -20.79 -26.51
N ASN A 884 2.85 -21.69 -25.64
CA ASN A 884 4.11 -21.55 -24.91
C ASN A 884 5.13 -22.52 -25.48
N ASP A 885 6.29 -22.00 -25.83
CA ASP A 885 7.37 -22.82 -26.37
C ASP A 885 7.94 -23.80 -25.35
N THR A 886 7.85 -23.49 -24.07
CA THR A 886 8.36 -24.38 -23.03
C THR A 886 7.48 -25.60 -22.82
N ASN A 887 6.25 -25.59 -23.32
CA ASN A 887 5.34 -26.72 -23.20
C ASN A 887 5.64 -27.81 -24.21
N VAL A 888 6.56 -27.56 -25.15
CA VAL A 888 6.89 -28.55 -26.17
C VAL A 888 7.60 -29.76 -25.63
N GLN A 889 8.12 -29.69 -24.40
CA GLN A 889 8.84 -30.81 -23.81
C GLN A 889 7.93 -31.98 -23.44
N PHE A 890 6.64 -31.73 -23.28
CA PHE A 890 5.68 -32.77 -22.92
C PHE A 890 5.12 -33.51 -24.12
N LEU A 891 5.46 -33.08 -25.34
CA LEU A 891 4.89 -33.71 -26.52
C LEU A 891 5.51 -35.08 -26.78
N ASP A 892 6.80 -35.24 -26.47
CA ASP A 892 7.50 -36.50 -26.70
C ASP A 892 8.15 -36.97 -25.41
N GLN A 893 8.31 -38.29 -25.29
CA GLN A 893 8.89 -38.90 -24.10
C GLN A 893 10.29 -39.45 -24.32
N ASP A 894 10.62 -39.91 -25.53
CA ASP A 894 11.94 -40.45 -25.78
C ASP A 894 12.99 -39.36 -25.87
N ASP A 895 12.61 -38.15 -26.27
CA ASP A 895 13.55 -37.05 -26.39
C ASP A 895 13.97 -36.53 -25.02
N ASP A 896 15.14 -35.91 -24.99
CA ASP A 896 15.64 -35.28 -23.78
C ASP A 896 15.14 -33.84 -23.70
N ASP A 897 14.67 -33.45 -22.52
CA ASP A 897 14.02 -32.17 -22.33
C ASP A 897 14.91 -31.22 -21.54
N ASP A 898 14.95 -29.97 -21.97
CA ASP A 898 15.72 -28.93 -21.31
C ASP A 898 15.08 -27.58 -21.58
N PRO A 899 14.69 -26.84 -20.53
CA PRO A 899 14.08 -25.52 -20.76
C PRO A 899 14.98 -24.54 -21.50
N ASP A 900 16.29 -24.66 -21.33
CA ASP A 900 17.21 -23.75 -22.00
C ASP A 900 17.25 -24.01 -23.50
N THR A 901 17.02 -25.25 -23.92
CA THR A 901 17.04 -25.59 -25.33
C THR A 901 15.98 -24.81 -26.09
N GLU A 902 16.38 -24.17 -27.20
CA GLU A 902 15.48 -23.39 -28.04
C GLU A 902 14.45 -24.28 -28.75
N LEU A 903 13.31 -23.72 -29.10
CA LEU A 903 12.22 -24.45 -29.74
C LEU A 903 12.65 -25.05 -31.06
N TYR A 904 13.42 -24.30 -31.86
CA TYR A 904 13.91 -24.78 -33.14
C TYR A 904 14.80 -26.01 -32.95
N LEU A 905 15.47 -26.09 -31.81
CA LEU A 905 16.39 -27.19 -31.51
C LEU A 905 15.68 -28.38 -30.88
N THR A 906 14.48 -28.17 -30.34
CA THR A 906 13.73 -29.26 -29.73
C THR A 906 13.37 -30.32 -30.77
N GLN A 907 13.35 -31.57 -30.32
CA GLN A 907 13.05 -32.68 -31.22
C GLN A 907 11.66 -32.63 -31.84
N PRO A 908 10.58 -32.39 -31.08
CA PRO A 908 9.25 -32.38 -31.73
C PRO A 908 9.12 -31.31 -32.80
N PHE A 909 9.77 -30.15 -32.68
CA PHE A 909 9.78 -29.14 -33.73
C PHE A 909 10.67 -29.55 -34.91
N ALA A 910 11.87 -30.08 -34.66
CA ALA A 910 12.75 -30.55 -35.72
C ALA A 910 12.10 -31.65 -36.58
N CYS A 911 11.18 -32.42 -36.02
CA CYS A 911 10.41 -33.43 -36.73
C CYS A 911 9.14 -32.90 -37.42
N GLY A 912 8.77 -31.63 -37.24
CA GLY A 912 7.53 -31.08 -37.79
C GLY A 912 6.27 -31.48 -37.05
N THR A 913 6.38 -31.93 -35.79
CA THR A 913 5.24 -32.31 -34.95
C THR A 913 4.66 -31.13 -34.19
N ALA A 914 5.41 -30.04 -33.95
CA ALA A 914 4.90 -28.92 -33.20
C ALA A 914 5.18 -27.64 -33.95
N PHE A 915 4.31 -26.64 -33.73
CA PHE A 915 4.49 -25.34 -34.36
C PHE A 915 4.00 -24.27 -33.38
N ALA A 916 4.76 -23.19 -33.26
CA ALA A 916 4.39 -22.07 -32.42
C ALA A 916 4.54 -20.77 -33.20
N VAL A 917 3.70 -19.79 -32.85
CA VAL A 917 3.70 -18.51 -33.56
C VAL A 917 4.97 -17.71 -33.29
N SER A 918 5.77 -18.10 -32.31
CA SER A 918 6.99 -17.37 -31.97
C SER A 918 8.10 -17.54 -32.99
N VAL A 919 8.04 -18.56 -33.87
CA VAL A 919 9.07 -18.79 -34.91
C VAL A 919 8.92 -17.84 -36.10
N LEU A 920 7.80 -17.12 -36.20
CA LEU A 920 7.54 -16.17 -37.27
C LEU A 920 8.12 -14.77 -37.00
N ASP A 921 8.81 -14.54 -35.87
CA ASP A 921 9.27 -13.21 -35.51
C ASP A 921 10.38 -12.69 -36.42
N SER A 922 11.14 -13.59 -37.04
CA SER A 922 12.15 -13.23 -38.02
C SER A 922 11.57 -12.72 -39.34
N LEU A 923 10.25 -12.88 -39.60
CA LEU A 923 9.64 -12.36 -40.81
C LEU A 923 9.65 -10.84 -40.87
N MET A 924 9.64 -10.13 -39.74
CA MET A 924 9.82 -8.67 -39.73
C MET A 924 11.14 -8.28 -40.39
N SER A 925 12.24 -8.86 -39.94
CA SER A 925 13.56 -8.56 -40.48
C SER A 925 13.68 -9.04 -41.92
N ALA A 926 13.23 -10.26 -42.24
CA ALA A 926 13.32 -10.79 -43.59
C ALA A 926 12.53 -9.92 -44.59
N THR A 927 11.30 -9.58 -44.23
CA THR A 927 10.45 -8.76 -45.07
C THR A 927 11.08 -7.42 -45.39
N TYR A 928 11.62 -6.75 -44.38
CA TYR A 928 12.24 -5.45 -44.58
C TYR A 928 13.40 -5.48 -45.57
N PHE A 929 14.37 -6.37 -45.31
CA PHE A 929 15.54 -6.48 -46.18
C PHE A 929 15.21 -6.90 -47.60
N ASN A 930 14.26 -7.81 -47.75
CA ASN A 930 13.87 -8.28 -49.08
C ASN A 930 12.33 -8.25 -49.24
N ASP A 931 11.82 -7.21 -49.89
CA ASP A 931 10.38 -6.96 -50.04
C ASP A 931 9.63 -8.04 -50.82
N ASN A 932 10.29 -8.77 -51.73
CA ASN A 932 9.66 -9.88 -52.43
C ASN A 932 9.49 -11.16 -51.58
N ILE A 933 10.21 -11.32 -50.46
CA ILE A 933 10.14 -12.56 -49.68
C ILE A 933 8.75 -12.77 -49.09
N LEU A 934 8.07 -11.74 -48.62
CA LEU A 934 6.74 -11.90 -48.05
C LEU A 934 5.73 -12.38 -49.11
N THR A 935 5.84 -11.91 -50.36
CA THR A 935 4.94 -12.41 -51.41
C THR A 935 5.33 -13.80 -51.90
N LEU A 936 6.62 -14.15 -51.97
CA LEU A 936 7.03 -15.52 -52.33
C LEU A 936 6.51 -16.53 -51.32
N ILE A 937 6.64 -16.22 -50.04
CA ILE A 937 6.08 -17.04 -48.97
C ILE A 937 4.57 -17.09 -49.05
N ARG A 938 3.90 -15.95 -49.18
CA ARG A 938 2.44 -15.93 -49.28
C ARG A 938 1.88 -16.76 -50.43
N THR A 939 2.47 -16.65 -51.61
CA THR A 939 2.00 -17.42 -52.77
C THR A 939 2.22 -18.92 -52.56
N LEU A 940 3.40 -19.32 -52.06
CA LEU A 940 3.72 -20.72 -51.76
C LEU A 940 2.83 -21.31 -50.67
N VAL A 941 2.39 -20.52 -49.69
CA VAL A 941 1.74 -20.98 -48.46
C VAL A 941 0.22 -21.03 -48.54
N THR A 942 -0.40 -20.09 -49.24
CA THR A 942 -1.85 -20.09 -49.39
C THR A 942 -2.28 -20.62 -50.77
N GLY A 943 -1.32 -21.13 -51.54
CA GLY A 943 -1.59 -21.69 -52.86
C GLY A 943 -2.05 -20.62 -53.85
N GLY A 944 -1.36 -19.48 -53.89
CA GLY A 944 -1.67 -18.32 -54.72
C GLY A 944 -2.69 -17.36 -54.09
N ALA A 945 -2.34 -16.09 -53.99
CA ALA A 945 -3.25 -15.00 -53.65
C ALA A 945 -2.85 -13.74 -54.42
N THR A 946 -3.10 -13.76 -55.73
CA THR A 946 -2.75 -12.66 -56.63
C THR A 946 -3.61 -11.42 -56.36
N PRO A 947 -3.18 -10.20 -56.79
CA PRO A 947 -3.90 -8.96 -56.52
C PRO A 947 -5.39 -8.96 -56.88
N GLU A 948 -5.80 -9.71 -57.89
CA GLU A 948 -7.21 -9.89 -58.26
C GLU A 948 -8.01 -10.50 -57.12
N LEU A 949 -7.52 -11.59 -56.52
CA LEU A 949 -8.21 -12.26 -55.42
C LEU A 949 -8.21 -11.39 -54.17
N GLU A 950 -7.13 -10.66 -53.92
CA GLU A 950 -7.03 -9.73 -52.79
C GLU A 950 -7.98 -8.54 -52.93
N ALA A 951 -8.28 -8.08 -54.15
CA ALA A 951 -9.35 -7.13 -54.38
C ALA A 951 -10.74 -7.75 -54.15
N LEU A 952 -11.03 -8.92 -54.73
CA LEU A 952 -12.32 -9.59 -54.57
C LEU A 952 -12.66 -9.86 -53.10
N ILE A 953 -11.73 -10.41 -52.33
CA ILE A 953 -11.98 -10.66 -50.90
C ILE A 953 -12.08 -9.38 -50.08
N ALA A 954 -11.47 -8.27 -50.51
CA ALA A 954 -11.63 -6.96 -49.87
C ALA A 954 -12.99 -6.30 -50.17
N GLU A 955 -13.55 -6.47 -51.37
CA GLU A 955 -14.86 -5.91 -51.73
C GLU A 955 -16.04 -6.76 -51.24
N GLU A 956 -15.99 -8.09 -51.37
CA GLU A 956 -17.15 -8.98 -51.11
C GLU A 956 -16.98 -9.97 -49.95
N ASN A 957 -15.74 -10.24 -49.51
CA ASN A 957 -15.41 -11.00 -48.31
C ASN A 957 -15.98 -12.42 -48.37
N ALA A 958 -15.99 -13.00 -49.57
CA ALA A 958 -16.23 -14.42 -49.86
C ALA A 958 -15.60 -14.81 -51.21
N LEU A 959 -15.23 -16.09 -51.41
CA LEU A 959 -14.86 -16.59 -52.74
C LEU A 959 -16.13 -16.76 -53.58
N ARG A 960 -16.09 -16.21 -54.79
CA ARG A 960 -17.19 -16.31 -55.74
C ARG A 960 -16.76 -17.24 -56.88
N GLY A 961 -17.65 -18.16 -57.26
CA GLY A 961 -17.38 -19.13 -58.31
C GLY A 961 -17.39 -18.51 -59.71
N GLY A 962 -16.46 -18.93 -60.57
CA GLY A 962 -16.33 -18.48 -61.96
C GLY A 962 -16.55 -19.62 -62.96
N TYR A 963 -17.12 -19.29 -64.12
CA TYR A 963 -17.20 -20.23 -65.25
C TYR A 963 -15.80 -20.49 -65.83
N SER A 964 -15.60 -21.68 -66.39
CA SER A 964 -14.29 -22.06 -66.96
C SER A 964 -13.89 -21.16 -68.13
N THR A 965 -12.63 -20.71 -68.16
CA THR A 965 -12.08 -19.93 -69.26
C THR A 965 -10.67 -20.43 -69.58
N PRO A 966 -10.13 -20.13 -70.77
CA PRO A 966 -8.75 -20.48 -71.13
C PRO A 966 -7.70 -19.88 -70.19
N GLN A 967 -7.90 -18.64 -69.71
CA GLN A 967 -7.04 -18.03 -68.69
C GLN A 967 -7.12 -18.76 -67.33
N THR A 968 -8.31 -19.22 -66.93
CA THR A 968 -8.49 -20.06 -65.74
C THR A 968 -7.72 -21.37 -65.86
N LEU A 969 -7.79 -22.06 -66.99
CA LEU A 969 -7.01 -23.30 -67.21
C LEU A 969 -5.50 -23.04 -67.34
N ALA A 970 -5.05 -21.86 -67.76
CA ALA A 970 -3.64 -21.48 -67.72
C ALA A 970 -3.14 -21.22 -66.28
N ASN A 971 -3.98 -20.63 -65.41
CA ASN A 971 -3.64 -20.33 -64.01
C ASN A 971 -3.42 -21.58 -63.13
N ARG A 972 -3.67 -22.79 -63.62
CA ARG A 972 -3.38 -24.05 -62.91
C ARG A 972 -1.93 -24.54 -63.05
N ASP A 973 -1.12 -23.98 -63.94
CA ASP A 973 0.20 -24.55 -64.30
C ASP A 973 1.27 -24.49 -63.19
N ARG A 974 1.11 -23.66 -62.17
CA ARG A 974 2.09 -23.46 -61.08
C ARG A 974 2.44 -24.70 -60.26
N CYS A 975 3.72 -24.88 -59.94
CA CYS A 975 4.22 -26.00 -59.13
C CYS A 975 3.46 -26.20 -57.81
N ARG A 976 3.48 -27.43 -57.34
CA ARG A 976 2.91 -27.84 -56.05
C ARG A 976 3.98 -28.60 -55.25
N VAL A 977 4.11 -28.31 -53.96
CA VAL A 977 5.09 -28.98 -53.10
C VAL A 977 4.71 -30.44 -52.87
N ALA A 978 5.69 -31.32 -52.79
CA ALA A 978 5.46 -32.76 -52.70
C ALA A 978 6.51 -33.47 -51.83
N GLN A 979 6.12 -34.65 -51.35
CA GLN A 979 7.08 -35.69 -50.99
C GLN A 979 6.87 -36.89 -51.91
N LEU A 980 7.99 -37.56 -52.22
CA LEU A 980 8.02 -38.82 -52.93
C LEU A 980 8.99 -39.82 -52.25
N ALA A 981 8.71 -41.12 -52.41
CA ALA A 981 9.48 -42.20 -51.80
C ALA A 981 10.78 -42.53 -52.56
N LEU A 982 11.77 -43.03 -51.83
CA LEU A 982 13.07 -43.48 -52.36
C LEU A 982 13.19 -45.02 -52.48
N LEU A 983 12.19 -45.78 -52.03
CA LEU A 983 12.15 -47.25 -52.10
C LEU A 983 11.56 -47.81 -53.41
N ASP A 984 10.88 -47.01 -54.22
CA ASP A 984 10.29 -47.42 -55.51
C ASP A 984 10.19 -46.26 -56.52
N GLY A 985 9.88 -46.57 -57.77
CA GLY A 985 9.87 -45.60 -58.87
C GLY A 985 11.26 -45.32 -59.44
N PRO A 986 11.38 -44.33 -60.35
CA PRO A 986 12.59 -44.16 -61.17
C PRO A 986 13.81 -43.69 -60.36
N PHE A 987 13.59 -43.11 -59.18
CA PHE A 987 14.64 -42.58 -58.31
C PHE A 987 15.29 -43.66 -57.42
N ALA A 988 14.69 -44.85 -57.33
CA ALA A 988 15.05 -45.86 -56.33
C ALA A 988 16.42 -46.53 -56.55
N ASP A 989 17.08 -46.34 -57.70
CA ASP A 989 18.45 -46.81 -57.91
C ASP A 989 19.48 -46.05 -57.04
N LEU A 990 19.12 -44.87 -56.53
CA LEU A 990 19.79 -44.22 -55.39
C LEU A 990 19.42 -44.93 -54.08
N GLY A 991 19.88 -46.17 -53.95
CA GLY A 991 19.81 -46.95 -52.73
C GLY A 991 20.84 -46.51 -51.69
N ASP A 992 21.24 -47.46 -50.84
CA ASP A 992 22.31 -47.28 -49.86
C ASP A 992 23.61 -46.76 -50.49
N GLY A 993 24.20 -45.71 -49.90
CA GLY A 993 25.48 -45.14 -50.32
C GLY A 993 25.43 -44.18 -51.51
N GLY A 994 24.24 -43.89 -52.06
CA GLY A 994 24.09 -42.87 -53.10
C GLY A 994 24.44 -41.47 -52.62
N CYS A 995 24.78 -40.56 -53.53
CA CYS A 995 25.11 -39.16 -53.22
C CYS A 995 23.93 -38.23 -53.51
N TYR A 996 23.65 -37.29 -52.62
CA TYR A 996 22.56 -36.32 -52.80
C TYR A 996 22.73 -35.50 -54.08
N GLY A 997 23.97 -35.17 -54.45
CA GLY A 997 24.27 -34.52 -55.71
C GLY A 997 23.85 -35.32 -56.94
N ASP A 998 24.05 -36.65 -56.93
CA ASP A 998 23.56 -37.51 -58.02
C ASP A 998 22.04 -37.43 -58.12
N LEU A 999 21.34 -37.54 -56.98
CA LEU A 999 19.88 -37.48 -56.94
C LEU A 999 19.35 -36.13 -57.41
N PHE A 1000 19.91 -35.04 -56.87
CA PHE A 1000 19.57 -33.68 -57.26
C PHE A 1000 19.75 -33.50 -58.77
N CYS A 1001 20.88 -33.92 -59.31
CA CYS A 1001 21.15 -33.82 -60.74
C CYS A 1001 20.14 -34.63 -61.56
N LYS A 1002 19.96 -35.95 -61.29
CA LYS A 1002 19.05 -36.74 -62.14
C LYS A 1002 17.60 -36.29 -62.04
N ALA A 1003 17.13 -35.90 -60.85
CA ALA A 1003 15.77 -35.37 -60.67
C ALA A 1003 15.56 -34.10 -61.51
N LEU A 1004 16.53 -33.19 -61.46
CA LEU A 1004 16.45 -31.92 -62.16
C LEU A 1004 16.56 -32.08 -63.67
N LYS A 1005 17.53 -32.86 -64.13
CA LYS A 1005 17.77 -33.13 -65.56
C LYS A 1005 16.58 -33.78 -66.26
N THR A 1006 15.94 -34.76 -65.60
CA THR A 1006 15.00 -35.67 -66.28
C THR A 1006 13.52 -35.45 -65.93
N TYR A 1007 13.21 -34.96 -64.73
CA TYR A 1007 11.83 -34.72 -64.29
C TYR A 1007 11.52 -33.25 -63.99
N ASN A 1008 12.43 -32.32 -64.30
CA ASN A 1008 12.24 -30.87 -64.08
C ASN A 1008 11.89 -30.58 -62.62
N MET A 1009 12.48 -31.34 -61.70
CA MET A 1009 12.13 -31.44 -60.28
C MET A 1009 13.39 -31.30 -59.43
N LEU A 1010 13.34 -30.49 -58.36
CA LEU A 1010 14.51 -30.31 -57.50
C LEU A 1010 14.11 -30.19 -56.05
N CYS A 1011 15.03 -30.66 -55.23
CA CYS A 1011 14.84 -30.95 -53.83
C CYS A 1011 15.63 -29.99 -52.95
N PHE A 1012 14.95 -29.40 -51.99
CA PHE A 1012 15.53 -28.51 -51.00
C PHE A 1012 15.79 -29.22 -49.66
N GLY A 1013 15.43 -30.49 -49.51
CA GLY A 1013 15.73 -31.22 -48.28
C GLY A 1013 15.31 -32.69 -48.22
N ILE A 1014 15.85 -33.38 -47.23
CA ILE A 1014 15.66 -34.80 -46.93
C ILE A 1014 14.88 -34.90 -45.62
N TYR A 1015 13.82 -35.69 -45.56
CA TYR A 1015 13.07 -35.97 -44.32
C TYR A 1015 13.56 -37.29 -43.69
N ARG A 1016 14.78 -37.26 -43.17
CA ARG A 1016 15.48 -38.43 -42.64
C ARG A 1016 15.07 -39.00 -41.28
N LEU A 1017 14.94 -40.33 -41.21
CA LEU A 1017 14.61 -40.99 -39.94
C LEU A 1017 15.65 -40.68 -38.84
N ARG A 1018 15.17 -40.32 -37.66
CA ARG A 1018 16.05 -39.96 -36.54
C ARG A 1018 17.15 -40.97 -36.22
N ASP A 1019 16.79 -42.24 -36.14
CA ASP A 1019 17.70 -43.33 -35.81
C ASP A 1019 18.40 -43.94 -37.02
N ALA A 1020 18.17 -43.46 -38.25
CA ALA A 1020 18.80 -44.02 -39.45
C ALA A 1020 20.32 -43.87 -39.50
N HIS A 1021 20.89 -42.93 -38.75
CA HIS A 1021 22.33 -42.77 -38.61
C HIS A 1021 22.96 -43.76 -37.61
N LEU A 1022 22.17 -44.46 -36.81
CA LEU A 1022 22.65 -45.46 -35.87
C LEU A 1022 22.92 -46.79 -36.57
N SER A 1023 23.77 -47.63 -35.97
CA SER A 1023 24.05 -48.98 -36.44
C SER A 1023 22.90 -49.96 -36.18
N THR A 1024 22.32 -49.90 -35.00
CA THR A 1024 21.28 -50.83 -34.52
C THR A 1024 19.91 -50.49 -35.10
N PRO A 1025 19.13 -51.47 -35.57
CA PRO A 1025 17.74 -51.26 -35.92
C PRO A 1025 16.91 -50.74 -34.76
N SER A 1026 15.94 -49.89 -35.04
CA SER A 1026 15.01 -49.32 -34.05
C SER A 1026 13.60 -49.23 -34.61
N GLN A 1027 12.60 -49.33 -33.74
CA GLN A 1027 11.19 -49.29 -34.12
C GLN A 1027 10.65 -47.85 -34.26
N CYS A 1028 11.43 -46.84 -33.85
CA CYS A 1028 11.07 -45.45 -33.96
C CYS A 1028 10.90 -45.02 -35.43
N THR A 1029 9.76 -44.42 -35.75
CA THR A 1029 9.40 -43.95 -37.09
C THR A 1029 9.54 -42.43 -37.24
N LYS A 1030 10.15 -41.74 -36.27
CA LYS A 1030 10.21 -40.29 -36.29
C LYS A 1030 11.34 -39.83 -37.20
N ARG A 1031 11.03 -38.85 -38.04
CA ARG A 1031 12.00 -38.27 -38.96
C ARG A 1031 12.22 -36.81 -38.62
N TYR A 1032 13.13 -36.18 -39.35
CA TYR A 1032 13.49 -34.77 -39.15
C TYR A 1032 14.00 -34.13 -40.45
N VAL A 1033 13.85 -32.82 -40.55
CA VAL A 1033 14.13 -32.08 -41.79
C VAL A 1033 15.61 -31.75 -41.90
N ILE A 1034 16.28 -32.27 -42.91
CA ILE A 1034 17.61 -31.83 -43.33
C ILE A 1034 17.43 -30.92 -44.54
N THR A 1035 17.93 -29.70 -44.45
CA THR A 1035 17.76 -28.62 -45.46
C THR A 1035 19.02 -28.50 -46.31
N ASN A 1036 18.84 -28.46 -47.63
CA ASN A 1036 19.86 -28.10 -48.61
C ASN A 1036 21.23 -28.78 -48.35
N PRO A 1037 21.31 -30.12 -48.25
CA PRO A 1037 22.55 -30.78 -47.89
C PRO A 1037 23.59 -30.74 -49.03
N PRO A 1038 24.89 -30.94 -48.73
CA PRO A 1038 25.95 -30.99 -49.72
C PRO A 1038 25.69 -31.98 -50.87
N TYR A 1039 26.32 -31.75 -52.03
CA TYR A 1039 26.34 -32.72 -53.13
C TYR A 1039 26.92 -34.08 -52.67
N GLU A 1040 27.93 -34.04 -51.81
CA GLU A 1040 28.61 -35.22 -51.25
C GLU A 1040 27.80 -35.96 -50.15
N PHE A 1041 26.64 -35.43 -49.74
CA PHE A 1041 25.86 -36.00 -48.63
C PHE A 1041 25.30 -37.40 -48.97
N GLU A 1042 25.32 -38.30 -47.99
CA GLU A 1042 25.11 -39.74 -48.20
C GLU A 1042 23.66 -40.17 -47.93
N LEU A 1043 23.09 -40.89 -48.89
CA LEU A 1043 21.73 -41.42 -48.81
C LEU A 1043 21.69 -42.82 -48.16
N VAL A 1044 20.54 -43.10 -47.54
CA VAL A 1044 20.12 -44.43 -47.06
C VAL A 1044 18.75 -44.73 -47.68
N PRO A 1045 18.40 -46.00 -47.94
CA PRO A 1045 17.25 -46.30 -48.80
C PRO A 1045 15.91 -45.92 -48.17
N THR A 1046 15.78 -45.98 -46.84
CA THR A 1046 14.58 -45.47 -46.15
C THR A 1046 14.77 -43.97 -45.96
N ASP A 1047 14.26 -43.18 -46.91
CA ASP A 1047 14.30 -41.71 -46.92
C ASP A 1047 13.05 -41.16 -47.66
N LEU A 1048 12.73 -39.90 -47.39
CA LEU A 1048 11.75 -39.10 -48.13
C LEU A 1048 12.39 -37.77 -48.52
N ILE A 1049 12.00 -37.22 -49.68
CA ILE A 1049 12.62 -36.02 -50.25
C ILE A 1049 11.57 -34.91 -50.42
N PHE A 1050 11.82 -33.73 -49.88
CA PHE A 1050 11.01 -32.54 -50.16
C PHE A 1050 11.40 -31.96 -51.51
N CYS A 1051 10.42 -31.70 -52.38
CA CYS A 1051 10.66 -31.11 -53.69
C CYS A 1051 9.45 -30.33 -54.22
N LEU A 1052 9.69 -29.50 -55.23
CA LEU A 1052 8.63 -28.85 -56.02
C LEU A 1052 8.49 -29.59 -57.35
N MET A 1053 7.25 -29.94 -57.69
CA MET A 1053 6.91 -30.78 -58.85
C MET A 1053 5.96 -30.07 -59.81
N GLN A 1054 6.09 -30.43 -61.08
CA GLN A 1054 5.33 -29.87 -62.20
C GLN A 1054 3.83 -30.25 -62.14
N PHE A 1055 3.03 -29.53 -62.92
CA PHE A 1055 1.60 -29.76 -63.12
C PHE A 1055 1.31 -30.42 -64.48
N ASP A 1056 0.31 -31.29 -64.51
CA ASP A 1056 -0.06 -31.98 -65.73
C ASP A 1056 -1.46 -31.57 -66.19
N GLN B 19 20.36 10.64 60.96
CA GLN B 19 19.79 9.39 60.41
C GLN B 19 18.89 9.68 59.22
N ARG B 20 18.92 8.79 58.22
CA ARG B 20 18.12 8.88 57.00
C ARG B 20 16.94 7.89 57.08
N MET B 21 15.83 8.21 56.41
CA MET B 21 14.60 7.41 56.52
C MET B 21 14.01 6.99 55.17
N TRP B 22 14.73 7.16 54.06
CA TRP B 22 14.26 6.87 52.70
C TRP B 22 13.57 5.50 52.59
N TRP B 23 14.10 4.49 53.26
CA TRP B 23 13.60 3.13 53.24
C TRP B 23 12.20 3.00 53.87
N ALA B 24 11.81 3.85 54.81
CA ALA B 24 10.49 3.78 55.44
C ALA B 24 9.37 4.09 54.45
N PHE B 25 9.55 5.12 53.64
CA PHE B 25 8.61 5.49 52.58
C PHE B 25 8.46 4.37 51.55
N LEU B 26 9.58 3.85 51.05
CA LEU B 26 9.61 2.76 50.08
C LEU B 26 9.03 1.46 50.66
N ALA B 27 9.37 1.12 51.90
CA ALA B 27 8.83 -0.05 52.59
C ALA B 27 7.30 0.05 52.72
N SER B 28 6.76 1.21 53.09
CA SER B 28 5.31 1.37 53.19
C SER B 28 4.59 1.09 51.88
N SER B 29 5.14 1.48 50.72
CA SER B 29 4.56 1.18 49.41
C SER B 29 4.68 -0.30 49.04
N MET B 30 5.85 -0.89 49.22
CA MET B 30 6.07 -2.31 48.93
C MET B 30 5.19 -3.19 49.81
N VAL B 31 5.10 -2.87 51.10
CA VAL B 31 4.32 -3.65 52.04
C VAL B 31 2.83 -3.56 51.71
N THR B 32 2.36 -2.36 51.34
CA THR B 32 0.97 -2.16 50.90
C THR B 32 0.65 -2.97 49.66
N PHE B 33 1.46 -2.89 48.60
CA PHE B 33 1.17 -3.59 47.35
C PHE B 33 1.19 -5.10 47.53
N PHE B 34 2.26 -5.65 48.11
CA PHE B 34 2.42 -7.09 48.25
C PHE B 34 1.59 -7.70 49.38
N GLY B 35 1.35 -7.01 50.50
CA GLY B 35 0.47 -7.53 51.51
C GLY B 35 -0.97 -7.61 51.03
N GLY B 36 -1.42 -6.59 50.28
CA GLY B 36 -2.75 -6.69 49.70
C GLY B 36 -2.86 -7.84 48.72
N LEU B 37 -1.86 -8.03 47.86
CA LEU B 37 -1.83 -9.11 46.88
C LEU B 37 -1.84 -10.48 47.56
N PHE B 38 -1.02 -10.67 48.60
CA PHE B 38 -1.04 -11.90 49.37
C PHE B 38 -2.32 -12.10 50.14
N ILE B 39 -2.93 -11.07 50.71
CA ILE B 39 -4.19 -11.23 51.41
C ILE B 39 -5.28 -11.68 50.45
N ILE B 40 -5.33 -11.10 49.26
CA ILE B 40 -6.32 -11.51 48.27
C ILE B 40 -6.11 -12.96 47.88
N LEU B 41 -4.87 -13.38 47.59
CA LEU B 41 -4.57 -14.75 47.19
C LEU B 41 -4.81 -15.76 48.32
N LEU B 42 -4.53 -15.39 49.58
CA LEU B 42 -4.86 -16.22 50.73
C LEU B 42 -6.37 -16.34 50.93
N TRP B 43 -7.13 -15.27 50.76
CA TRP B 43 -8.59 -15.35 50.85
C TRP B 43 -9.14 -16.27 49.78
N ARG B 44 -8.59 -16.22 48.57
CA ARG B 44 -9.05 -17.10 47.51
C ARG B 44 -8.79 -18.57 47.89
N THR B 45 -7.55 -18.84 48.28
CA THR B 45 -7.11 -20.19 48.67
C THR B 45 -7.99 -20.75 49.80
N LEU B 46 -8.16 -20.00 50.88
CA LEU B 46 -8.96 -20.41 52.02
C LEU B 46 -10.46 -20.48 51.71
N LYS B 47 -10.98 -19.77 50.70
CA LYS B 47 -12.38 -19.89 50.32
C LYS B 47 -12.67 -21.27 49.74
N TYR B 48 -11.79 -21.76 48.87
CA TYR B 48 -11.93 -23.09 48.27
C TYR B 48 -11.60 -24.19 49.29
N LEU B 49 -10.61 -23.95 50.17
CA LEU B 49 -10.25 -24.88 51.24
C LEU B 49 -11.37 -25.08 52.27
N TRP B 50 -12.37 -24.21 52.36
CA TRP B 50 -13.50 -24.45 53.24
C TRP B 50 -14.36 -25.63 52.79
N THR B 51 -14.31 -25.97 51.49
CA THR B 51 -15.03 -27.16 50.98
C THR B 51 -14.44 -28.45 51.52
N VAL B 52 -13.18 -28.43 51.99
CA VAL B 52 -12.59 -29.60 52.67
C VAL B 52 -13.27 -29.84 54.01
N CYS B 53 -13.51 -28.79 54.79
CA CYS B 53 -14.19 -28.92 56.07
C CYS B 53 -15.68 -29.17 55.95
N CYS B 54 -16.24 -29.01 54.75
CA CYS B 54 -17.66 -29.25 54.53
C CYS B 54 -17.88 -30.23 53.39
N VAL B 91 -31.54 -9.77 45.07
CA VAL B 91 -30.27 -9.09 44.96
C VAL B 91 -29.77 -8.68 46.35
N GLY B 92 -28.58 -9.11 46.73
CA GLY B 92 -28.01 -8.83 48.04
C GLY B 92 -27.50 -7.39 48.20
N TRP B 93 -27.24 -6.99 49.44
CA TRP B 93 -26.74 -5.64 49.71
C TRP B 93 -25.31 -5.44 49.19
N MET B 94 -24.50 -6.51 49.11
CA MET B 94 -23.18 -6.49 48.48
C MET B 94 -23.25 -6.03 47.03
N THR B 95 -24.17 -6.61 46.25
CA THR B 95 -24.36 -6.22 44.85
C THR B 95 -24.92 -4.81 44.75
N SER B 96 -25.80 -4.42 45.67
CA SER B 96 -26.40 -3.09 45.67
C SER B 96 -25.36 -2.00 45.94
N VAL B 97 -24.43 -2.20 46.87
CA VAL B 97 -23.32 -1.25 47.10
C VAL B 97 -22.29 -1.28 45.97
N LYS B 98 -22.02 -2.43 45.35
CA LYS B 98 -21.16 -2.53 44.17
C LYS B 98 -21.72 -1.73 43.00
N ASP B 99 -23.02 -1.81 42.75
CA ASP B 99 -23.69 -1.00 41.73
C ASP B 99 -23.62 0.50 42.05
N TRP B 100 -23.89 0.90 43.29
CA TRP B 100 -23.80 2.30 43.68
C TRP B 100 -22.38 2.84 43.49
N ALA B 101 -21.36 2.10 43.90
CA ALA B 101 -19.98 2.50 43.68
C ALA B 101 -19.65 2.58 42.19
N GLY B 102 -20.10 1.64 41.36
CA GLY B 102 -19.87 1.68 39.91
C GLY B 102 -20.54 2.89 39.24
N VAL B 103 -21.71 3.29 39.72
CA VAL B 103 -22.38 4.51 39.23
C VAL B 103 -21.58 5.74 39.65
N MET B 104 -21.12 5.76 40.90
CA MET B 104 -20.30 6.89 41.36
C MET B 104 -19.00 7.00 40.56
N ILE B 105 -18.36 5.86 40.29
CA ILE B 105 -17.11 5.87 39.54
C ILE B 105 -17.34 6.42 38.14
N SER B 106 -18.41 5.98 37.48
CA SER B 106 -18.79 6.58 36.21
C SER B 106 -19.38 7.96 36.47
N ALA B 107 -19.72 8.66 35.39
CA ALA B 107 -20.32 10.00 35.48
C ALA B 107 -21.82 9.96 35.23
N GLN B 108 -22.49 8.91 35.71
CA GLN B 108 -23.91 8.74 35.46
C GLN B 108 -24.78 9.57 36.40
N THR B 109 -24.20 10.19 37.42
CA THR B 109 -24.93 11.05 38.34
C THR B 109 -24.17 12.35 38.54
N LEU B 110 -24.85 13.34 39.11
CA LEU B 110 -24.20 14.62 39.37
C LEU B 110 -23.04 14.47 40.35
N THR B 111 -23.23 13.68 41.39
CA THR B 111 -22.15 13.45 42.34
C THR B 111 -20.99 12.72 41.68
N GLY B 112 -21.28 11.77 40.80
CA GLY B 112 -20.22 11.09 40.07
C GLY B 112 -19.44 12.03 39.17
N ARG B 113 -20.16 12.93 38.48
CA ARG B 113 -19.48 13.92 37.63
C ARG B 113 -18.60 14.84 38.47
N VAL B 114 -19.10 15.27 39.63
CA VAL B 114 -18.31 16.12 40.52
C VAL B 114 -17.06 15.38 40.98
N LEU B 115 -17.21 14.10 41.34
CA LEU B 115 -16.06 13.32 41.78
C LEU B 115 -15.04 13.15 40.67
N VAL B 116 -15.50 12.91 39.44
CA VAL B 116 -14.58 12.74 38.33
C VAL B 116 -13.83 14.04 38.04
N VAL B 117 -14.54 15.17 38.06
CA VAL B 117 -13.87 16.46 37.87
C VAL B 117 -12.86 16.72 38.98
N LEU B 118 -13.21 16.35 40.21
CA LEU B 118 -12.28 16.52 41.32
C LEU B 118 -11.04 15.66 41.13
N VAL B 119 -11.20 14.43 40.65
CA VAL B 119 -10.05 13.58 40.36
C VAL B 119 -9.17 14.23 39.30
N PHE B 120 -9.80 14.75 38.25
CA PHE B 120 -9.05 15.41 37.17
C PHE B 120 -8.25 16.58 37.70
N ALA B 121 -8.86 17.40 38.56
CA ALA B 121 -8.15 18.56 39.10
C ALA B 121 -7.05 18.16 40.08
N LEU B 122 -7.33 17.19 40.94
CA LEU B 122 -6.38 16.85 42.00
C LEU B 122 -5.20 16.07 41.47
N SER B 123 -5.34 15.36 40.35
CA SER B 123 -4.17 14.75 39.72
C SER B 123 -3.16 15.81 39.31
N ILE B 124 -3.64 16.87 38.64
CA ILE B 124 -2.76 17.97 38.26
C ILE B 124 -2.23 18.67 39.49
N GLY B 125 -3.05 18.80 40.53
CA GLY B 125 -2.58 19.43 41.75
C GLY B 125 -1.43 18.67 42.39
N ALA B 126 -1.55 17.35 42.47
CA ALA B 126 -0.47 16.53 43.03
C ALA B 126 0.77 16.59 42.16
N LEU B 127 0.60 16.60 40.83
CA LEU B 127 1.74 16.73 39.95
C LEU B 127 2.46 18.07 40.18
N VAL B 128 1.69 19.15 40.34
CA VAL B 128 2.29 20.45 40.59
C VAL B 128 3.00 20.47 41.94
N ILE B 129 2.44 19.81 42.93
CA ILE B 129 3.10 19.72 44.24
C ILE B 129 4.43 19.00 44.10
N TYR B 130 4.46 17.91 43.33
CA TYR B 130 5.73 17.22 43.11
C TYR B 130 6.71 18.11 42.37
N PHE B 131 6.24 18.88 41.39
CA PHE B 131 7.11 19.80 40.67
C PHE B 131 7.73 20.82 41.62
N ILE B 132 6.96 21.39 42.57
CA ILE B 132 7.48 22.31 43.59
C ILE B 132 8.56 21.61 44.42
N ASP B 133 8.26 20.44 44.99
CA ASP B 133 9.19 19.69 45.83
C ASP B 133 10.47 19.29 45.10
N SER B 134 10.41 19.03 43.79
CA SER B 134 11.59 18.61 43.01
C SER B 134 12.74 19.62 43.02
N SER B 135 12.47 20.90 43.36
CA SER B 135 13.48 21.96 43.50
C SER B 135 14.25 21.93 44.84
N ASN B 136 13.76 21.21 45.86
CA ASN B 136 14.40 21.09 47.18
C ASN B 136 15.44 19.94 47.25
N PRO B 137 16.23 19.86 48.34
CA PRO B 137 17.07 18.69 48.67
C PRO B 137 16.31 17.34 48.67
N ILE B 138 17.06 16.24 48.56
CA ILE B 138 16.50 14.88 48.34
C ILE B 138 15.76 14.31 49.56
N GLU B 139 16.25 14.64 50.76
CA GLU B 139 15.66 14.23 52.03
C GLU B 139 15.74 15.40 53.03
N SER B 140 14.68 15.63 53.81
CA SER B 140 14.66 16.76 54.76
C SER B 140 13.63 16.59 55.89
N CYS B 141 13.76 17.38 56.95
CA CYS B 141 12.81 17.47 58.06
C CYS B 141 11.95 18.74 57.91
N GLN B 142 10.63 18.61 57.92
CA GLN B 142 9.72 19.75 57.76
C GLN B 142 8.43 19.59 58.58
N ASN B 143 8.02 20.68 59.24
CA ASN B 143 6.94 20.67 60.22
C ASN B 143 5.56 20.59 59.56
N PHE B 144 4.85 19.47 59.69
CA PHE B 144 3.49 19.28 59.18
C PHE B 144 2.52 20.39 59.63
N TYR B 145 2.60 20.84 60.89
CA TYR B 145 1.70 21.89 61.35
C TYR B 145 2.04 23.26 60.78
N LYS B 146 3.19 23.42 60.14
CA LYS B 146 3.60 24.69 59.55
C LYS B 146 4.02 24.51 58.10
N ASP B 147 3.48 23.55 57.36
CA ASP B 147 3.82 23.38 55.97
C ASP B 147 2.55 23.21 55.13
N PHE B 148 2.10 24.32 54.54
CA PHE B 148 0.87 24.35 53.74
C PHE B 148 0.93 23.33 52.62
N THR B 149 2.08 23.14 51.94
CA THR B 149 2.14 22.15 50.85
C THR B 149 1.97 20.74 51.38
N LEU B 150 2.55 20.40 52.54
CA LEU B 150 2.33 19.09 53.13
C LEU B 150 0.88 18.92 53.60
N GLN B 151 0.19 19.94 54.11
CA GLN B 151 -1.23 19.79 54.43
C GLN B 151 -2.06 19.59 53.17
N ILE B 152 -1.75 20.34 52.11
CA ILE B 152 -2.49 20.21 50.85
C ILE B 152 -2.27 18.82 50.26
N ASP B 153 -1.03 18.33 50.30
CA ASP B 153 -0.75 16.98 49.84
C ASP B 153 -1.50 15.95 50.68
N MET B 154 -1.58 16.19 51.99
CA MET B 154 -2.28 15.28 52.89
C MET B 154 -3.74 15.17 52.48
N ALA B 155 -4.38 16.31 52.23
CA ALA B 155 -5.78 16.31 51.82
C ALA B 155 -5.96 15.66 50.45
N PHE B 156 -5.05 15.95 49.51
CA PHE B 156 -5.14 15.36 48.19
C PHE B 156 -5.05 13.83 48.27
N ASN B 157 -4.15 13.33 49.11
CA ASN B 157 -4.01 11.89 49.22
C ASN B 157 -5.17 11.26 49.99
N VAL B 158 -5.80 12.00 50.89
CA VAL B 158 -7.06 11.51 51.48
C VAL B 158 -8.10 11.32 50.39
N PHE B 159 -8.25 12.32 49.51
CA PHE B 159 -9.21 12.19 48.43
C PHE B 159 -8.86 11.03 47.51
N PHE B 160 -7.58 10.82 47.19
CA PHE B 160 -7.18 9.67 46.36
C PHE B 160 -7.40 8.34 47.07
N LEU B 161 -7.17 8.24 48.38
CA LEU B 161 -7.52 7.05 49.15
C LEU B 161 -9.02 6.77 49.06
N LEU B 162 -9.86 7.80 49.14
CA LEU B 162 -11.31 7.58 49.05
C LEU B 162 -11.71 7.13 47.65
N TYR B 163 -11.13 7.74 46.61
CA TYR B 163 -11.39 7.35 45.23
C TYR B 163 -10.90 5.93 44.94
N PHE B 164 -9.76 5.53 45.50
CA PHE B 164 -9.27 4.15 45.46
C PHE B 164 -10.25 3.20 46.13
N GLY B 165 -10.74 3.52 47.33
CA GLY B 165 -11.73 2.71 48.03
C GLY B 165 -13.01 2.54 47.21
N LEU B 166 -13.48 3.59 46.55
CA LEU B 166 -14.68 3.49 45.72
C LEU B 166 -14.44 2.59 44.53
N ARG B 167 -13.30 2.71 43.84
CA ARG B 167 -12.98 1.86 42.68
C ARG B 167 -12.75 0.42 43.09
N PHE B 168 -12.22 0.16 44.28
CA PHE B 168 -12.11 -1.19 44.82
C PHE B 168 -13.50 -1.80 45.07
N ILE B 169 -14.42 -1.07 45.69
CA ILE B 169 -15.77 -1.56 45.96
C ILE B 169 -16.48 -1.84 44.63
N ALA B 170 -16.37 -0.93 43.66
CA ALA B 170 -16.96 -1.11 42.34
C ALA B 170 -16.30 -2.22 41.50
N ALA B 171 -15.11 -2.69 41.85
CA ALA B 171 -14.39 -3.64 41.02
C ALA B 171 -15.09 -5.00 40.98
N ASN B 172 -15.05 -5.63 39.81
CA ASN B 172 -15.61 -6.97 39.66
C ASN B 172 -14.62 -8.04 40.14
N ASP B 173 -13.45 -8.15 39.52
CA ASP B 173 -12.41 -9.07 39.97
C ASP B 173 -11.40 -8.26 40.78
N LYS B 174 -11.36 -8.53 42.08
CA LYS B 174 -10.46 -7.81 42.99
C LYS B 174 -9.00 -7.93 42.59
N LEU B 175 -8.57 -9.15 42.33
CA LEU B 175 -7.19 -9.41 41.94
C LEU B 175 -6.87 -8.70 40.63
N TRP B 176 -7.79 -8.69 39.68
CA TRP B 176 -7.65 -7.88 38.47
C TRP B 176 -7.53 -6.39 38.77
N PHE B 177 -8.33 -5.87 39.69
CA PHE B 177 -8.21 -4.50 40.17
C PHE B 177 -6.88 -4.26 40.85
N TRP B 178 -6.42 -5.14 41.74
CA TRP B 178 -5.18 -4.91 42.47
C TRP B 178 -3.98 -4.78 41.52
N LEU B 179 -4.06 -5.44 40.37
CA LEU B 179 -3.06 -5.40 39.31
C LEU B 179 -3.39 -4.43 38.17
N GLU B 180 -4.44 -3.61 38.26
CA GLU B 180 -4.64 -2.48 37.33
C GLU B 180 -3.62 -1.38 37.64
N VAL B 181 -3.00 -0.78 36.63
CA VAL B 181 -1.83 0.06 36.91
C VAL B 181 -2.18 1.33 37.66
N ASN B 182 -3.35 1.93 37.51
CA ASN B 182 -3.71 3.05 38.40
C ASN B 182 -3.97 2.63 39.85
N SER B 183 -4.17 1.35 40.16
CA SER B 183 -4.06 0.83 41.53
C SER B 183 -2.61 0.83 41.99
N VAL B 184 -1.71 0.34 41.14
CA VAL B 184 -0.27 0.34 41.42
C VAL B 184 0.26 1.76 41.64
N VAL B 185 -0.15 2.73 40.83
CA VAL B 185 0.21 4.13 40.98
C VAL B 185 -0.26 4.63 42.35
N ASP B 186 -1.45 4.29 42.82
CA ASP B 186 -1.90 4.66 44.18
C ASP B 186 -1.07 3.97 45.29
N PHE B 187 -0.73 2.69 45.19
CA PHE B 187 0.12 2.04 46.18
C PHE B 187 1.52 2.64 46.28
N PHE B 188 2.07 3.09 45.15
CA PHE B 188 3.39 3.72 45.12
C PHE B 188 3.37 5.24 45.35
N THR B 189 2.21 5.86 45.53
CA THR B 189 2.12 7.32 45.81
C THR B 189 1.31 7.71 47.02
N VAL B 190 0.38 6.90 47.52
CA VAL B 190 -0.45 7.26 48.70
C VAL B 190 0.19 6.89 50.04
N PRO B 191 0.58 5.64 50.31
CA PRO B 191 1.28 5.28 51.54
C PRO B 191 2.50 6.15 51.91
N PRO B 192 3.40 6.54 51.00
CA PRO B 192 4.53 7.37 51.38
C PRO B 192 4.11 8.76 51.82
N VAL B 193 3.01 9.31 51.33
CA VAL B 193 2.51 10.57 51.85
C VAL B 193 2.04 10.41 53.29
N PHE B 194 1.35 9.30 53.58
CA PHE B 194 0.94 9.05 54.96
C PHE B 194 2.15 8.93 55.89
N VAL B 195 3.18 8.21 55.43
CA VAL B 195 4.38 8.03 56.25
C VAL B 195 5.06 9.37 56.48
N SER B 196 5.13 10.21 55.45
CA SER B 196 5.75 11.52 55.60
C SER B 196 4.97 12.38 56.59
N VAL B 197 3.64 12.38 56.50
CA VAL B 197 2.86 13.20 57.40
C VAL B 197 2.96 12.68 58.83
N TYR B 198 3.18 11.37 59.01
CA TYR B 198 3.36 10.84 60.35
C TYR B 198 4.74 11.18 60.90
N LEU B 199 5.80 11.02 60.09
CA LEU B 199 7.20 11.20 60.49
C LEU B 199 7.64 12.66 60.55
N ASN B 200 6.88 13.63 60.04
CA ASN B 200 7.29 15.05 60.05
C ASN B 200 8.59 15.29 59.25
N ARG B 201 8.79 14.48 58.20
CA ARG B 201 9.96 14.41 57.30
C ARG B 201 9.51 14.04 55.90
N SER B 202 10.27 14.39 54.86
CA SER B 202 9.97 13.97 53.50
C SER B 202 11.21 13.51 52.74
N TRP B 203 11.03 12.47 51.94
CA TRP B 203 11.98 12.02 50.92
C TRP B 203 11.33 12.18 49.55
N LEU B 204 12.02 12.84 48.62
CA LEU B 204 11.61 12.93 47.22
C LEU B 204 11.90 11.59 46.52
N GLY B 205 11.16 10.54 46.86
CA GLY B 205 11.46 9.21 46.38
C GLY B 205 10.75 8.92 45.08
N LEU B 206 9.75 8.04 45.10
CA LEU B 206 8.98 7.65 43.93
C LEU B 206 7.82 8.63 43.65
N ARG B 207 7.95 9.92 43.97
CA ARG B 207 6.86 10.87 43.80
C ARG B 207 6.62 11.25 42.35
N PHE B 208 7.57 10.92 41.46
CA PHE B 208 7.37 11.18 40.05
C PHE B 208 6.31 10.29 39.43
N LEU B 209 5.92 9.19 40.08
CA LEU B 209 4.86 8.31 39.59
C LEU B 209 3.49 8.99 39.59
N ARG B 210 3.42 10.17 40.19
CA ARG B 210 2.18 10.94 40.17
C ARG B 210 1.82 11.31 38.73
N ALA B 211 2.83 11.50 37.88
CA ALA B 211 2.61 11.84 36.48
C ALA B 211 1.88 10.75 35.73
N LEU B 212 1.84 9.51 36.21
CA LEU B 212 1.09 8.43 35.57
C LEU B 212 -0.41 8.57 35.75
N ARG B 213 -0.83 9.51 36.60
CA ARG B 213 -2.25 9.78 36.76
C ARG B 213 -2.88 10.41 35.51
N LEU B 214 -2.06 10.93 34.59
CA LEU B 214 -2.59 11.54 33.37
C LEU B 214 -3.12 10.51 32.40
N ILE B 215 -2.84 9.21 32.59
CA ILE B 215 -3.30 8.13 31.72
C ILE B 215 -4.83 8.00 31.77
N GLN B 216 -5.45 8.26 32.93
CA GLN B 216 -6.90 8.17 33.08
C GLN B 216 -7.66 9.39 32.56
N PHE B 217 -6.99 10.45 32.10
CA PHE B 217 -7.64 11.68 31.68
C PHE B 217 -8.60 11.44 30.53
N SER B 218 -8.18 10.67 29.52
CA SER B 218 -9.06 10.38 28.39
C SER B 218 -10.28 9.57 28.84
N GLU B 219 -10.07 8.61 29.73
CA GLU B 219 -11.18 7.80 30.21
C GLU B 219 -12.21 8.65 30.95
N ILE B 220 -11.75 9.52 31.84
CA ILE B 220 -12.70 10.34 32.59
C ILE B 220 -13.26 11.48 31.75
N LEU B 221 -12.63 11.83 30.63
CA LEU B 221 -13.26 12.74 29.70
C LEU B 221 -14.34 12.05 28.89
N GLN B 222 -14.12 10.77 28.55
CA GLN B 222 -15.17 9.99 27.90
C GLN B 222 -16.34 9.74 28.84
N PHE B 223 -16.07 9.57 30.13
CA PHE B 223 -17.16 9.43 31.10
C PHE B 223 -18.03 10.66 31.13
N LEU B 224 -17.42 11.84 31.07
CA LEU B 224 -18.14 13.11 31.15
C LEU B 224 -18.80 13.50 29.84
N ASN B 225 -18.87 12.60 28.87
CA ASN B 225 -19.53 12.85 27.59
C ASN B 225 -18.87 14.01 26.84
N ILE B 226 -17.57 14.20 27.05
CA ILE B 226 -16.84 15.27 26.36
C ILE B 226 -16.16 14.75 25.10
N LEU B 227 -15.47 13.61 25.21
CA LEU B 227 -14.79 13.01 24.06
C LEU B 227 -15.71 12.01 23.41
N LYS B 228 -16.05 12.24 22.15
CA LYS B 228 -16.92 11.34 21.38
C LYS B 228 -16.28 10.85 20.09
N THR B 229 -15.58 11.72 19.38
CA THR B 229 -15.02 11.35 18.09
C THR B 229 -13.74 10.54 18.25
N SER B 230 -13.54 9.60 17.32
CA SER B 230 -12.38 8.72 17.39
C SER B 230 -11.08 9.49 17.28
N ASN B 231 -11.04 10.50 16.40
CA ASN B 231 -9.81 11.28 16.23
C ASN B 231 -9.44 12.01 17.50
N SER B 232 -10.42 12.66 18.15
CA SER B 232 -10.13 13.39 19.38
C SER B 232 -9.74 12.43 20.50
N ILE B 233 -10.42 11.27 20.59
CA ILE B 233 -10.07 10.30 21.62
C ILE B 233 -8.64 9.82 21.43
N LYS B 234 -8.27 9.50 20.18
CA LYS B 234 -6.92 9.05 19.91
C LYS B 234 -5.90 10.12 20.22
N LEU B 235 -6.19 11.38 19.87
CA LEU B 235 -5.26 12.46 20.15
C LEU B 235 -5.03 12.62 21.64
N VAL B 236 -6.12 12.59 22.43
CA VAL B 236 -5.97 12.74 23.87
C VAL B 236 -5.20 11.56 24.45
N ASN B 237 -5.48 10.35 23.99
CA ASN B 237 -4.76 9.18 24.48
C ASN B 237 -3.27 9.31 24.20
N LEU B 238 -2.91 9.67 22.96
CA LEU B 238 -1.50 9.78 22.60
C LEU B 238 -0.81 10.86 23.41
N LEU B 239 -1.44 12.02 23.56
CA LEU B 239 -0.84 13.10 24.32
C LEU B 239 -0.63 12.70 25.78
N SER B 240 -1.65 12.07 26.39
CA SER B 240 -1.54 11.68 27.79
C SER B 240 -0.42 10.67 27.98
N ILE B 241 -0.37 9.63 27.15
CA ILE B 241 0.65 8.58 27.25
C ILE B 241 2.03 9.18 27.05
N PHE B 242 2.20 10.05 26.05
CA PHE B 242 3.50 10.65 25.78
C PHE B 242 3.97 11.49 26.95
N ILE B 243 3.12 12.40 27.43
CA ILE B 243 3.54 13.30 28.50
C ILE B 243 3.80 12.53 29.78
N SER B 244 2.93 11.61 30.18
CA SER B 244 3.12 10.87 31.43
C SER B 244 4.39 10.04 31.38
N THR B 245 4.64 9.33 30.28
CA THR B 245 5.87 8.56 30.07
C THR B 245 7.10 9.44 30.17
N TRP B 246 7.08 10.59 29.51
CA TRP B 246 8.19 11.53 29.53
C TRP B 246 8.49 12.00 30.95
N LEU B 247 7.46 12.48 31.66
CA LEU B 247 7.67 13.03 32.99
C LEU B 247 8.09 11.96 33.98
N THR B 248 7.49 10.77 33.90
CA THR B 248 7.85 9.70 34.83
C THR B 248 9.29 9.25 34.65
N ALA B 249 9.69 9.04 33.39
CA ALA B 249 11.04 8.65 33.07
C ALA B 249 12.03 9.72 33.50
N ALA B 250 11.67 10.99 33.34
CA ALA B 250 12.52 12.10 33.79
C ALA B 250 12.69 12.09 35.29
N GLY B 251 11.60 11.85 36.03
CA GLY B 251 11.71 11.78 37.47
C GLY B 251 12.60 10.64 37.93
N PHE B 252 12.46 9.45 37.32
CA PHE B 252 13.28 8.29 37.69
C PHE B 252 14.75 8.55 37.41
N ILE B 253 15.07 9.13 36.26
CA ILE B 253 16.47 9.40 35.95
C ILE B 253 17.01 10.50 36.86
N HIS B 254 16.18 11.46 37.28
CA HIS B 254 16.54 12.48 38.26
C HIS B 254 16.87 11.87 39.62
N LEU B 255 16.03 10.96 40.13
CA LEU B 255 16.31 10.22 41.36
C LEU B 255 17.63 9.46 41.25
N VAL B 256 17.84 8.75 40.14
CA VAL B 256 18.99 7.87 40.01
C VAL B 256 20.28 8.67 39.84
N GLU B 257 20.23 9.79 39.12
CA GLU B 257 21.43 10.61 38.95
C GLU B 257 21.79 11.33 40.24
N ASN B 258 20.83 11.85 41.01
CA ASN B 258 21.16 12.62 42.21
C ASN B 258 21.59 11.75 43.39
N SER B 259 21.25 10.46 43.40
CA SER B 259 21.72 9.48 44.36
C SER B 259 22.60 8.45 43.64
N GLY B 260 23.91 8.51 43.88
CA GLY B 260 24.94 7.82 43.14
C GLY B 260 24.86 6.30 43.27
N ASP B 261 25.92 5.66 42.79
CA ASP B 261 25.98 4.20 42.78
C ASP B 261 26.40 3.67 44.15
N PRO B 262 25.73 2.65 44.69
CA PRO B 262 26.10 2.06 45.97
C PRO B 262 27.49 1.44 45.97
N TRP B 263 27.92 0.81 44.88
CA TRP B 263 29.29 0.30 44.77
C TRP B 263 30.33 1.40 44.70
N GLU B 264 29.97 2.61 44.24
CA GLU B 264 30.85 3.76 44.35
C GLU B 264 30.60 4.55 45.62
N ASN B 265 29.82 4.03 46.56
CA ASN B 265 29.53 4.65 47.85
C ASN B 265 28.79 5.99 47.73
N PHE B 266 27.97 6.13 46.68
CA PHE B 266 27.17 7.30 46.38
C PHE B 266 27.99 8.57 46.17
N GLN B 267 29.25 8.43 45.74
CA GLN B 267 30.17 9.54 45.57
C GLN B 267 30.18 10.09 44.15
N ASN B 268 29.68 9.33 43.17
CA ASN B 268 29.65 9.75 41.78
C ASN B 268 28.31 10.34 41.38
N ASN B 269 27.55 10.86 42.35
CA ASN B 269 26.27 11.47 42.05
C ASN B 269 26.45 12.74 41.22
N GLN B 270 25.48 13.01 40.35
CA GLN B 270 25.48 14.20 39.52
C GLN B 270 24.30 15.08 39.92
N ALA B 271 24.60 16.34 40.23
CA ALA B 271 23.58 17.28 40.67
C ALA B 271 22.79 17.76 39.45
N LEU B 272 21.72 17.06 39.13
CA LEU B 272 20.86 17.37 37.99
C LEU B 272 19.49 17.78 38.50
N THR B 273 18.98 18.90 37.98
CA THR B 273 17.63 19.31 38.32
C THR B 273 16.62 18.51 37.52
N TYR B 274 15.37 18.53 38.01
CA TYR B 274 14.31 17.77 37.35
C TYR B 274 14.07 18.28 35.93
N TRP B 275 14.08 19.59 35.75
CA TRP B 275 13.88 20.15 34.41
C TRP B 275 15.08 19.86 33.51
N GLU B 276 16.28 19.81 34.07
CA GLU B 276 17.44 19.40 33.30
C GLU B 276 17.27 17.96 32.82
N CYS B 277 16.76 17.08 33.68
CA CYS B 277 16.51 15.71 33.27
C CYS B 277 15.40 15.62 32.23
N VAL B 278 14.38 16.47 32.34
CA VAL B 278 13.32 16.51 31.33
C VAL B 278 13.90 16.89 29.97
N TYR B 279 14.74 17.93 29.96
CA TYR B 279 15.38 18.36 28.73
C TYR B 279 16.28 17.26 28.16
N LEU B 280 17.04 16.58 29.02
CA LEU B 280 17.90 15.49 28.58
C LEU B 280 17.07 14.37 27.96
N LEU B 281 15.93 14.04 28.57
CA LEU B 281 15.08 13.00 28.02
C LEU B 281 14.52 13.40 26.66
N MET B 282 14.10 14.66 26.51
CA MET B 282 13.62 15.10 25.20
C MET B 282 14.71 15.00 24.15
N VAL B 283 15.93 15.42 24.49
CA VAL B 283 17.04 15.37 23.55
C VAL B 283 17.35 13.92 23.17
N THR B 284 17.29 13.02 24.14
CA THR B 284 17.56 11.61 23.90
C THR B 284 16.47 10.97 23.04
N MET B 285 15.18 11.22 23.32
CA MET B 285 14.03 10.66 22.59
C MET B 285 14.01 11.03 21.12
N SER B 286 14.23 12.30 20.82
CA SER B 286 14.30 12.83 19.46
C SER B 286 15.54 12.37 18.69
N THR B 287 16.47 11.68 19.35
CA THR B 287 17.78 11.24 18.86
C THR B 287 18.75 12.36 18.52
N VAL B 288 18.56 13.58 19.01
CA VAL B 288 19.48 14.68 18.74
C VAL B 288 20.81 14.44 19.43
N GLY B 289 20.78 14.10 20.72
CA GLY B 289 21.97 13.77 21.46
C GLY B 289 23.04 14.86 21.46
N TYR B 290 22.75 15.99 22.09
CA TYR B 290 23.73 17.07 22.14
C TYR B 290 24.99 16.66 22.88
N GLY B 291 24.83 15.97 24.01
CA GLY B 291 25.96 15.62 24.85
C GLY B 291 26.31 16.64 25.90
N ASP B 292 25.65 17.80 25.91
CA ASP B 292 25.89 18.77 26.98
C ASP B 292 25.43 18.22 28.32
N VAL B 293 24.30 17.52 28.35
CA VAL B 293 23.77 16.89 29.55
C VAL B 293 23.60 15.41 29.25
N TYR B 294 24.12 14.56 30.13
CA TYR B 294 23.97 13.12 29.95
C TYR B 294 24.14 12.45 31.31
N ALA B 295 23.65 11.21 31.39
CA ALA B 295 23.77 10.43 32.61
C ALA B 295 25.22 9.95 32.78
N LYS B 296 25.70 9.97 34.02
CA LYS B 296 27.06 9.57 34.33
C LYS B 296 27.15 8.38 35.27
N THR B 297 26.15 8.14 36.10
CA THR B 297 26.17 7.00 36.99
C THR B 297 25.90 5.71 36.22
N THR B 298 26.34 4.59 36.78
CA THR B 298 26.11 3.30 36.13
C THR B 298 24.63 2.98 36.04
N LEU B 299 23.88 3.21 37.12
CA LEU B 299 22.44 2.98 37.08
C LEU B 299 21.76 3.94 36.11
N GLY B 300 22.22 5.19 36.08
CA GLY B 300 21.66 6.14 35.13
C GLY B 300 21.86 5.71 33.70
N ARG B 301 23.06 5.22 33.37
CA ARG B 301 23.32 4.75 32.02
C ARG B 301 22.58 3.47 31.70
N LEU B 302 22.43 2.57 32.66
CA LEU B 302 21.67 1.35 32.50
C LEU B 302 20.20 1.66 32.23
N PHE B 303 19.64 2.63 32.96
CA PHE B 303 18.32 3.15 32.67
C PHE B 303 18.26 3.81 31.30
N MET B 304 19.25 4.60 30.89
CA MET B 304 19.32 5.24 29.59
C MET B 304 19.29 4.22 28.46
N VAL B 305 20.04 3.13 28.62
CA VAL B 305 20.05 2.08 27.61
C VAL B 305 18.66 1.47 27.48
N PHE B 306 17.95 1.15 28.57
CA PHE B 306 16.64 0.55 28.40
C PHE B 306 15.62 1.55 27.84
N PHE B 307 15.68 2.82 28.18
CA PHE B 307 14.81 3.88 27.67
C PHE B 307 15.05 4.18 26.23
N ILE B 308 16.28 4.08 25.74
CA ILE B 308 16.57 4.29 24.33
C ILE B 308 15.83 3.26 23.46
N LEU B 309 15.58 2.06 23.95
CA LEU B 309 14.86 1.08 23.15
C LEU B 309 13.38 1.43 23.02
N GLY B 310 12.74 1.86 24.11
CA GLY B 310 11.30 2.14 24.16
C GLY B 310 10.93 3.57 23.81
N GLY B 311 11.62 4.56 24.37
CA GLY B 311 11.30 5.97 24.21
C GLY B 311 11.47 6.48 22.79
N LEU B 312 12.45 5.98 22.03
CA LEU B 312 12.62 6.37 20.63
C LEU B 312 11.51 5.80 19.74
N ALA B 313 11.10 4.55 19.96
CA ALA B 313 9.96 3.96 19.25
C ALA B 313 8.66 4.70 19.57
N MET B 314 8.45 5.12 20.82
CA MET B 314 7.30 5.94 21.19
C MET B 314 7.35 7.30 20.48
N PHE B 315 8.46 8.03 20.56
CA PHE B 315 8.60 9.33 19.91
C PHE B 315 8.42 9.26 18.40
N ALA B 316 9.11 8.34 17.74
CA ALA B 316 9.06 8.16 16.29
C ALA B 316 7.66 7.80 15.80
N SER B 317 6.86 7.11 16.63
CA SER B 317 5.49 6.72 16.32
C SER B 317 4.45 7.80 16.66
N TYR B 318 4.56 8.43 17.84
CA TYR B 318 3.51 9.29 18.38
C TYR B 318 3.59 10.72 17.85
N VAL B 319 4.77 11.29 17.69
CA VAL B 319 4.90 12.70 17.31
C VAL B 319 4.33 12.97 15.90
N PRO B 320 4.62 12.17 14.86
CA PRO B 320 3.97 12.31 13.57
C PRO B 320 2.46 12.09 13.65
N GLU B 321 2.01 11.08 14.39
CA GLU B 321 0.59 10.80 14.47
C GLU B 321 -0.17 11.92 15.19
N ILE B 322 0.42 12.50 16.24
CA ILE B 322 -0.21 13.65 16.90
C ILE B 322 -0.29 14.84 15.96
N ILE B 323 0.80 15.13 15.25
CA ILE B 323 0.86 16.25 14.31
C ILE B 323 -0.11 16.04 13.13
N GLU B 324 -0.37 14.79 12.74
CA GLU B 324 -1.40 14.51 11.74
C GLU B 324 -2.80 14.74 12.30
N LEU B 325 -3.03 14.30 13.54
CA LEU B 325 -4.34 14.47 14.15
C LEU B 325 -4.69 15.95 14.33
N ILE B 326 -3.73 16.75 14.76
CA ILE B 326 -3.96 18.20 14.80
C ILE B 326 -3.87 18.76 13.38
N GLY B 327 -4.44 19.95 13.20
CA GLY B 327 -4.38 20.62 11.93
C GLY B 327 -5.33 20.10 10.87
N ASN B 328 -6.25 19.21 11.24
CA ASN B 328 -7.24 18.69 10.31
C ASN B 328 -8.40 19.68 10.20
N ARG B 329 -8.10 20.82 9.58
CA ARG B 329 -9.07 21.89 9.41
C ARG B 329 -9.54 21.93 7.96
N LYS B 330 -10.80 22.32 7.79
CA LYS B 330 -11.40 22.47 6.47
C LYS B 330 -11.13 23.88 5.96
N LYS B 331 -10.34 23.99 4.90
CA LYS B 331 -9.91 25.26 4.29
C LYS B 331 -11.08 26.00 3.64
N TYR B 332 -11.88 25.29 2.87
CA TYR B 332 -13.07 25.83 2.23
C TYR B 332 -14.43 25.93 2.95
N GLY B 333 -14.41 26.25 4.23
CA GLY B 333 -15.62 26.34 5.00
C GLY B 333 -16.26 27.70 4.85
N GLY B 334 -17.10 28.04 5.81
CA GLY B 334 -17.76 29.32 5.76
C GLY B 334 -18.84 29.34 4.70
N SER B 335 -19.34 30.55 4.44
CA SER B 335 -20.46 30.70 3.53
C SER B 335 -20.34 32.02 2.78
N TYR B 336 -21.02 32.09 1.63
CA TYR B 336 -20.97 33.27 0.79
C TYR B 336 -21.71 34.43 1.45
N SER B 337 -21.17 35.63 1.27
CA SER B 337 -21.78 36.85 1.78
C SER B 337 -22.31 37.65 0.59
N ALA B 338 -23.63 37.79 0.53
CA ALA B 338 -24.25 38.50 -0.59
C ALA B 338 -23.89 39.98 -0.57
N VAL B 339 -23.78 40.55 -1.76
CA VAL B 339 -23.44 41.97 -1.94
C VAL B 339 -24.66 42.67 -2.53
N SER B 340 -25.07 43.77 -1.91
CA SER B 340 -26.23 44.51 -2.39
C SER B 340 -25.92 45.14 -3.75
N GLY B 341 -26.85 44.99 -4.69
CA GLY B 341 -26.70 45.55 -6.01
C GLY B 341 -25.96 44.68 -7.00
N ARG B 342 -25.42 43.55 -6.56
CA ARG B 342 -24.68 42.65 -7.45
C ARG B 342 -25.27 41.25 -7.33
N LYS B 343 -25.53 40.64 -8.47
CA LYS B 343 -26.08 39.29 -8.60
C LYS B 343 -24.97 38.26 -8.48
N HIS B 344 -25.29 37.04 -8.04
CA HIS B 344 -24.32 35.96 -7.99
C HIS B 344 -24.94 34.69 -8.54
N ILE B 345 -24.13 33.77 -9.02
CA ILE B 345 -24.52 32.54 -9.71
C ILE B 345 -23.88 31.38 -8.99
N VAL B 346 -24.63 30.34 -8.69
CA VAL B 346 -24.15 29.13 -8.05
C VAL B 346 -23.95 28.06 -9.12
N VAL B 347 -22.77 27.47 -9.19
CA VAL B 347 -22.39 26.43 -10.14
C VAL B 347 -22.04 25.16 -9.37
N CYS B 348 -22.60 24.03 -9.77
CA CYS B 348 -22.37 22.74 -9.13
C CYS B 348 -22.35 21.60 -10.16
N GLY B 349 -22.35 20.35 -9.70
CA GLY B 349 -22.25 19.19 -10.57
C GLY B 349 -20.80 18.80 -10.84
N HIS B 350 -20.48 18.52 -12.09
CA HIS B 350 -19.15 18.07 -12.50
C HIS B 350 -18.14 19.22 -12.53
N ILE B 351 -17.42 19.43 -11.42
CA ILE B 351 -16.40 20.48 -11.27
C ILE B 351 -15.02 19.83 -11.26
N THR B 352 -14.19 20.25 -12.21
CA THR B 352 -12.82 19.79 -12.48
C THR B 352 -12.05 20.94 -13.13
N LEU B 353 -10.72 20.86 -13.18
CA LEU B 353 -9.89 21.93 -13.73
C LEU B 353 -10.30 22.33 -15.15
N GLU B 354 -10.47 21.39 -16.07
CA GLU B 354 -10.85 21.73 -17.43
C GLU B 354 -12.29 22.24 -17.53
N SER B 355 -13.23 21.66 -16.78
CA SER B 355 -14.64 22.08 -16.76
C SER B 355 -14.78 23.53 -16.29
N VAL B 356 -14.16 23.88 -15.16
CA VAL B 356 -14.15 25.26 -14.65
C VAL B 356 -13.40 26.19 -15.58
N SER B 357 -12.24 25.78 -16.11
CA SER B 357 -11.46 26.62 -17.02
C SER B 357 -12.25 26.98 -18.29
N ASN B 358 -12.91 25.99 -18.91
CA ASN B 358 -13.76 26.23 -20.07
C ASN B 358 -14.97 27.10 -19.72
N PHE B 359 -15.66 26.82 -18.61
CA PHE B 359 -16.79 27.64 -18.19
C PHE B 359 -16.39 29.10 -17.95
N LEU B 360 -15.28 29.37 -17.24
CA LEU B 360 -14.87 30.74 -16.97
C LEU B 360 -14.42 31.49 -18.22
N LYS B 361 -13.77 30.84 -19.18
CA LYS B 361 -13.43 31.44 -20.48
C LYS B 361 -14.65 31.94 -21.24
N ASP B 362 -15.75 31.19 -21.26
CA ASP B 362 -17.00 31.60 -21.89
C ASP B 362 -17.82 32.57 -21.04
N PHE B 363 -17.86 32.42 -19.71
CA PHE B 363 -18.69 33.30 -18.90
C PHE B 363 -18.10 34.72 -18.80
N LEU B 364 -16.79 34.84 -18.66
CA LEU B 364 -16.10 36.11 -18.40
C LEU B 364 -15.43 36.70 -19.65
N HIS B 365 -15.86 36.31 -20.85
CA HIS B 365 -15.26 36.79 -22.09
C HIS B 365 -15.47 38.29 -22.30
N LYS B 366 -14.44 39.00 -22.79
CA LYS B 366 -14.48 40.45 -23.03
C LYS B 366 -15.47 40.91 -24.09
N ASP B 367 -15.96 40.02 -24.95
CA ASP B 367 -16.99 40.36 -25.95
C ASP B 367 -18.39 40.48 -25.33
N ARG B 368 -18.60 40.08 -24.10
CA ARG B 368 -19.90 40.38 -23.55
C ARG B 368 -19.78 41.84 -23.07
N ASP B 369 -20.90 42.47 -22.71
CA ASP B 369 -20.89 43.77 -22.04
C ASP B 369 -20.44 43.64 -20.57
N ASP B 370 -20.34 44.76 -19.87
CA ASP B 370 -19.74 44.90 -18.54
C ASP B 370 -20.65 44.29 -17.48
N VAL B 371 -20.79 42.98 -17.46
CA VAL B 371 -21.53 42.24 -16.43
C VAL B 371 -20.65 42.00 -15.22
N ASN B 372 -21.22 42.16 -14.02
CA ASN B 372 -20.49 41.94 -12.79
C ASN B 372 -21.16 40.85 -11.96
N VAL B 373 -21.60 39.76 -12.59
CA VAL B 373 -22.20 38.62 -11.91
C VAL B 373 -21.11 37.78 -11.25
N GLU B 374 -21.18 37.61 -9.94
CA GLU B 374 -20.24 36.76 -9.21
C GLU B 374 -20.58 35.29 -9.43
N ILE B 375 -19.54 34.45 -9.45
CA ILE B 375 -19.68 33.02 -9.65
C ILE B 375 -19.28 32.32 -8.37
N VAL B 376 -20.18 31.48 -7.85
CA VAL B 376 -19.93 30.73 -6.62
C VAL B 376 -20.00 29.24 -6.96
N PHE B 377 -18.94 28.50 -6.66
CA PHE B 377 -18.86 27.07 -6.91
C PHE B 377 -19.16 26.28 -5.64
N LEU B 378 -19.94 25.22 -5.77
CA LEU B 378 -20.27 24.30 -4.70
C LEU B 378 -19.90 22.88 -5.09
N HIS B 379 -18.91 22.31 -4.44
CA HIS B 379 -18.48 20.95 -4.72
C HIS B 379 -17.99 20.26 -3.45
N ASN B 380 -18.13 18.95 -3.37
CA ASN B 380 -17.84 18.19 -2.17
C ASN B 380 -16.42 17.65 -2.13
N ILE B 381 -15.59 17.92 -3.14
CA ILE B 381 -14.19 17.51 -3.18
C ILE B 381 -13.32 18.75 -2.98
N SER B 382 -12.31 18.67 -2.13
CA SER B 382 -11.36 19.78 -1.97
C SER B 382 -10.59 20.01 -3.27
N PRO B 383 -10.49 21.24 -3.79
CA PRO B 383 -9.85 21.50 -5.07
C PRO B 383 -8.34 21.22 -5.00
N ASN B 384 -7.77 20.63 -6.05
CA ASN B 384 -6.32 20.43 -6.14
C ASN B 384 -5.58 21.77 -6.38
N LEU B 385 -4.25 21.75 -6.29
CA LEU B 385 -3.42 22.96 -6.38
C LEU B 385 -3.64 23.75 -7.68
N GLU B 386 -3.93 23.08 -8.81
CA GLU B 386 -4.17 23.76 -10.09
C GLU B 386 -5.54 24.45 -10.14
N LEU B 387 -6.57 23.87 -9.53
CA LEU B 387 -7.86 24.54 -9.35
C LEU B 387 -7.75 25.72 -8.39
N GLU B 388 -7.02 25.59 -7.28
CA GLU B 388 -6.80 26.73 -6.39
C GLU B 388 -6.05 27.86 -7.08
N ALA B 389 -5.07 27.57 -7.93
CA ALA B 389 -4.43 28.57 -8.76
C ALA B 389 -5.38 29.20 -9.78
N LEU B 390 -6.27 28.42 -10.41
CA LEU B 390 -7.30 28.95 -11.31
C LEU B 390 -8.27 29.90 -10.59
N PHE B 391 -8.72 29.56 -9.39
CA PHE B 391 -9.53 30.45 -8.58
C PHE B 391 -8.77 31.71 -8.14
N LYS B 392 -7.47 31.63 -7.83
CA LYS B 392 -6.64 32.81 -7.54
C LYS B 392 -6.45 33.73 -8.76
N ARG B 393 -6.36 33.19 -9.97
CA ARG B 393 -6.35 34.02 -11.20
C ARG B 393 -7.68 34.74 -11.45
N HIS B 394 -8.77 34.29 -10.85
CA HIS B 394 -10.09 34.92 -10.90
C HIS B 394 -10.54 35.42 -9.52
N PHE B 395 -9.61 35.88 -8.68
CA PHE B 395 -9.84 36.12 -7.26
C PHE B 395 -11.02 37.03 -6.96
N THR B 396 -11.29 38.03 -7.81
CA THR B 396 -12.39 38.95 -7.51
C THR B 396 -13.73 38.54 -8.11
N GLN B 397 -13.77 37.50 -8.93
CA GLN B 397 -15.00 37.12 -9.60
C GLN B 397 -15.47 35.70 -9.27
N VAL B 398 -14.64 34.87 -8.66
CA VAL B 398 -14.96 33.49 -8.38
C VAL B 398 -14.74 33.22 -6.91
N GLU B 399 -15.69 32.57 -6.27
CA GLU B 399 -15.56 32.02 -4.93
C GLU B 399 -15.94 30.55 -4.95
N PHE B 400 -15.24 29.75 -4.16
CA PHE B 400 -15.48 28.33 -4.01
C PHE B 400 -15.80 28.01 -2.55
N TYR B 401 -16.76 27.13 -2.33
CA TYR B 401 -17.16 26.65 -1.02
C TYR B 401 -17.36 25.14 -1.08
N GLN B 402 -16.77 24.39 -0.15
CA GLN B 402 -16.81 22.93 -0.17
C GLN B 402 -18.06 22.44 0.55
N GLY B 403 -18.93 21.69 -0.13
CA GLY B 403 -20.18 21.20 0.40
C GLY B 403 -20.87 20.33 -0.61
N SER B 404 -21.99 19.76 -0.20
CA SER B 404 -22.80 18.89 -1.05
C SER B 404 -24.07 19.62 -1.45
N VAL B 405 -24.41 19.54 -2.74
CA VAL B 405 -25.62 20.19 -3.22
C VAL B 405 -26.87 19.55 -2.64
N LEU B 406 -26.78 18.30 -2.19
CA LEU B 406 -27.90 17.61 -1.57
C LEU B 406 -28.13 18.03 -0.12
N ASN B 407 -27.25 18.87 0.44
CA ASN B 407 -27.37 19.29 1.82
C ASN B 407 -28.04 20.66 1.88
N PRO B 408 -29.21 20.77 2.51
CA PRO B 408 -29.84 22.10 2.64
C PRO B 408 -28.98 23.09 3.40
N HIS B 409 -28.16 22.62 4.35
CA HIS B 409 -27.25 23.53 5.04
C HIS B 409 -26.25 24.15 4.06
N ASP B 410 -25.68 23.32 3.18
CA ASP B 410 -24.76 23.85 2.17
C ASP B 410 -25.47 24.78 1.19
N LEU B 411 -26.71 24.42 0.81
CA LEU B 411 -27.47 25.27 -0.10
C LEU B 411 -27.73 26.63 0.53
N ALA B 412 -28.02 26.66 1.83
CA ALA B 412 -28.15 27.94 2.53
C ALA B 412 -26.81 28.65 2.64
N ARG B 413 -25.72 27.90 2.76
CA ARG B 413 -24.39 28.49 2.84
C ARG B 413 -24.04 29.25 1.57
N VAL B 414 -24.34 28.67 0.40
CA VAL B 414 -24.00 29.31 -0.86
C VAL B 414 -25.06 30.34 -1.23
N LYS B 415 -26.00 30.59 -0.31
CA LYS B 415 -27.04 31.60 -0.49
C LYS B 415 -27.84 31.36 -1.77
N ILE B 416 -28.18 30.10 -2.02
CA ILE B 416 -28.91 29.75 -3.24
C ILE B 416 -30.32 30.29 -3.25
N GLU B 417 -30.83 30.75 -2.10
CA GLU B 417 -32.15 31.36 -2.06
C GLU B 417 -32.17 32.76 -2.67
N SER B 418 -31.01 33.38 -2.86
CA SER B 418 -30.93 34.68 -3.49
C SER B 418 -30.11 34.67 -4.78
N ALA B 419 -29.62 33.50 -5.21
CA ALA B 419 -28.86 33.41 -6.44
C ALA B 419 -29.76 33.67 -7.65
N ASP B 420 -29.19 34.25 -8.70
CA ASP B 420 -29.93 34.54 -9.92
C ASP B 420 -30.28 33.28 -10.71
N ALA B 421 -29.41 32.27 -10.69
CA ALA B 421 -29.65 30.95 -11.24
C ALA B 421 -28.69 29.93 -10.63
N CYS B 422 -28.95 28.66 -10.89
CA CYS B 422 -28.06 27.56 -10.51
C CYS B 422 -27.73 26.75 -11.75
N LEU B 423 -26.44 26.58 -12.03
CA LEU B 423 -25.97 25.84 -13.19
C LEU B 423 -25.42 24.50 -12.72
N ILE B 424 -25.81 23.43 -13.39
CA ILE B 424 -25.43 22.06 -13.02
C ILE B 424 -24.71 21.46 -14.22
N LEU B 425 -23.38 21.45 -14.18
CA LEU B 425 -22.55 20.83 -15.20
C LEU B 425 -22.62 19.30 -15.05
N ALA B 426 -22.47 18.56 -16.16
CA ALA B 426 -22.59 17.12 -16.19
C ALA B 426 -21.31 16.50 -16.74
N ASN B 427 -21.06 15.26 -16.35
CA ASN B 427 -19.89 14.51 -16.82
C ASN B 427 -20.27 13.83 -18.13
N LYS B 428 -19.93 14.45 -19.25
CA LYS B 428 -20.28 13.97 -20.60
C LYS B 428 -19.58 12.66 -20.97
N TYR B 429 -18.42 12.41 -20.38
CA TYR B 429 -17.58 11.24 -20.63
C TYR B 429 -17.70 10.19 -19.53
N CYS B 430 -18.82 10.17 -18.80
CA CYS B 430 -19.00 9.23 -17.71
C CYS B 430 -19.12 7.80 -18.25
N ALA B 431 -18.78 6.84 -17.39
CA ALA B 431 -18.90 5.44 -17.79
C ALA B 431 -20.37 5.02 -17.88
N ASP B 432 -21.20 5.50 -16.97
CA ASP B 432 -22.61 5.13 -16.90
C ASP B 432 -23.49 6.36 -17.14
N PRO B 433 -23.98 6.56 -18.38
CA PRO B 433 -24.87 7.71 -18.61
C PRO B 433 -26.12 7.68 -17.76
N ASP B 434 -26.67 6.49 -17.50
CA ASP B 434 -27.84 6.38 -16.65
C ASP B 434 -27.53 6.84 -15.23
N ALA B 435 -26.38 6.42 -14.69
CA ALA B 435 -26.01 6.84 -13.34
C ALA B 435 -25.77 8.35 -13.29
N GLU B 436 -25.11 8.92 -14.30
CA GLU B 436 -24.90 10.35 -14.33
C GLU B 436 -26.22 11.11 -14.39
N ASP B 437 -27.15 10.64 -15.23
CA ASP B 437 -28.46 11.28 -15.32
C ASP B 437 -29.20 11.18 -14.00
N ALA B 438 -29.10 10.03 -13.32
CA ALA B 438 -29.75 9.88 -12.02
C ALA B 438 -29.17 10.85 -11.00
N SER B 439 -27.84 10.99 -10.98
CA SER B 439 -27.22 11.91 -10.05
C SER B 439 -27.65 13.36 -10.33
N ASN B 440 -27.69 13.75 -11.60
CA ASN B 440 -28.13 15.10 -11.94
C ASN B 440 -29.58 15.31 -11.57
N ILE B 441 -30.41 14.28 -11.76
CA ILE B 441 -31.82 14.37 -11.38
C ILE B 441 -31.94 14.57 -9.87
N MET B 442 -31.14 13.84 -9.09
CA MET B 442 -31.16 14.02 -7.64
C MET B 442 -30.73 15.43 -7.25
N ARG B 443 -29.69 15.96 -7.90
CA ARG B 443 -29.25 17.31 -7.61
C ARG B 443 -30.36 18.33 -7.90
N VAL B 444 -31.03 18.18 -9.05
CA VAL B 444 -32.12 19.07 -9.41
C VAL B 444 -33.23 18.97 -8.37
N ILE B 445 -33.54 17.74 -7.95
CA ILE B 445 -34.60 17.52 -6.97
C ILE B 445 -34.26 18.23 -5.67
N SER B 446 -33.00 18.10 -5.21
CA SER B 446 -32.60 18.73 -3.97
C SER B 446 -32.67 20.25 -4.06
N ILE B 447 -32.17 20.81 -5.15
CA ILE B 447 -32.18 22.27 -5.28
C ILE B 447 -33.61 22.79 -5.33
N LYS B 448 -34.48 22.12 -6.10
CA LYS B 448 -35.86 22.56 -6.18
C LYS B 448 -36.58 22.40 -4.85
N ASN B 449 -36.26 21.33 -4.11
CA ASN B 449 -36.87 21.11 -2.81
C ASN B 449 -36.48 22.21 -1.83
N TYR B 450 -35.21 22.61 -1.84
CA TYR B 450 -34.79 23.72 -0.98
C TYR B 450 -35.45 25.02 -1.42
N HIS B 451 -35.43 25.32 -2.71
CA HIS B 451 -36.00 26.56 -3.24
C HIS B 451 -36.70 26.25 -4.55
N PRO B 452 -38.03 26.20 -4.56
CA PRO B 452 -38.75 25.92 -5.81
C PRO B 452 -38.54 26.98 -6.89
N LYS B 453 -38.44 28.23 -6.48
CA LYS B 453 -38.30 29.35 -7.41
C LYS B 453 -36.88 29.75 -7.85
N ILE B 454 -36.02 28.77 -8.02
CA ILE B 454 -34.66 29.00 -8.48
C ILE B 454 -34.56 28.58 -9.94
N ARG B 455 -33.98 29.44 -10.79
CA ARG B 455 -33.74 29.09 -12.20
C ARG B 455 -32.64 28.03 -12.25
N ILE B 456 -32.89 26.91 -12.92
CA ILE B 456 -31.96 25.80 -13.00
C ILE B 456 -31.61 25.55 -14.46
N ILE B 457 -30.33 25.57 -14.77
CA ILE B 457 -29.81 25.24 -16.08
C ILE B 457 -28.97 23.98 -15.89
N THR B 458 -29.26 22.90 -16.61
CA THR B 458 -28.57 21.64 -16.41
C THR B 458 -28.32 20.97 -17.76
N GLN B 459 -27.34 20.08 -17.77
CA GLN B 459 -27.01 19.28 -18.94
C GLN B 459 -27.51 17.87 -18.73
N MET B 460 -28.25 17.34 -19.70
CA MET B 460 -28.83 16.02 -19.61
C MET B 460 -28.28 15.18 -20.76
N LEU B 461 -27.76 13.99 -20.44
CA LEU B 461 -27.12 13.17 -21.46
C LEU B 461 -28.15 12.56 -22.40
N GLN B 462 -29.24 12.04 -21.88
CA GLN B 462 -30.26 11.36 -22.68
C GLN B 462 -31.54 12.17 -22.72
N TYR B 463 -32.46 11.75 -23.58
CA TYR B 463 -33.77 12.40 -23.77
C TYR B 463 -34.88 11.76 -22.93
N HIS B 464 -34.85 10.45 -22.68
CA HIS B 464 -35.82 9.83 -21.80
C HIS B 464 -35.62 10.27 -20.36
N ASN B 465 -34.35 10.44 -19.94
CA ASN B 465 -34.08 10.97 -18.62
C ASN B 465 -34.53 12.42 -18.51
N LYS B 466 -34.42 13.22 -19.59
CA LYS B 466 -34.95 14.58 -19.65
C LYS B 466 -36.47 14.57 -19.46
N ALA B 467 -37.16 13.59 -20.08
CA ALA B 467 -38.60 13.44 -19.88
C ALA B 467 -38.92 13.06 -18.44
N HIS B 468 -38.09 12.21 -17.84
CA HIS B 468 -38.25 11.87 -16.44
C HIS B 468 -38.11 13.10 -15.56
N LEU B 469 -37.13 13.95 -15.86
CA LEU B 469 -36.87 15.12 -15.04
C LEU B 469 -37.97 16.17 -15.15
N LEU B 470 -38.52 16.40 -16.34
CA LEU B 470 -39.49 17.49 -16.51
C LEU B 470 -40.82 17.23 -15.80
N ASN B 471 -41.01 16.06 -15.19
CA ASN B 471 -42.21 15.79 -14.40
C ASN B 471 -42.11 16.31 -12.97
N ILE B 472 -40.99 16.95 -12.61
CA ILE B 472 -40.85 17.48 -11.25
C ILE B 472 -41.87 18.58 -11.03
N PRO B 473 -42.55 18.63 -9.87
CA PRO B 473 -43.57 19.66 -9.66
C PRO B 473 -43.04 21.08 -9.73
N SER B 474 -41.81 21.32 -9.31
CA SER B 474 -41.25 22.66 -9.35
C SER B 474 -40.55 22.98 -10.67
N TRP B 475 -40.39 22.01 -11.55
CA TRP B 475 -39.74 22.22 -12.83
C TRP B 475 -40.65 23.06 -13.73
N ASN B 476 -40.29 24.33 -13.92
CA ASN B 476 -41.09 25.27 -14.70
C ASN B 476 -40.27 25.75 -15.88
N TRP B 477 -40.50 25.19 -17.07
CA TRP B 477 -39.77 25.61 -18.28
C TRP B 477 -40.10 27.05 -18.68
N LYS B 478 -41.30 27.55 -18.36
CA LYS B 478 -41.63 28.94 -18.69
C LYS B 478 -40.81 29.91 -17.85
N GLU B 479 -40.61 29.61 -16.58
CA GLU B 479 -39.87 30.52 -15.71
C GLU B 479 -38.40 30.61 -16.08
N GLY B 480 -37.85 29.64 -16.80
CA GLY B 480 -36.48 29.67 -17.27
C GLY B 480 -35.70 28.38 -16.99
N ASP B 481 -36.36 27.34 -16.51
CA ASP B 481 -35.70 26.05 -16.33
C ASP B 481 -35.37 25.46 -17.69
N ASP B 482 -34.08 25.36 -17.99
CA ASP B 482 -33.56 24.83 -19.25
C ASP B 482 -32.78 23.54 -19.01
N ALA B 483 -33.25 22.42 -19.55
CA ALA B 483 -32.50 21.19 -19.62
C ALA B 483 -31.86 21.08 -21.00
N ILE B 484 -30.58 21.42 -21.10
CA ILE B 484 -29.78 21.33 -22.32
C ILE B 484 -29.46 19.85 -22.56
N CYS B 485 -30.24 19.18 -23.40
CA CYS B 485 -30.03 17.77 -23.69
C CYS B 485 -28.94 17.61 -24.77
N LEU B 486 -27.83 16.96 -24.43
CA LEU B 486 -26.68 16.87 -25.32
C LEU B 486 -26.98 15.98 -26.53
N ALA B 487 -27.58 14.81 -26.29
CA ALA B 487 -27.85 13.89 -27.39
C ALA B 487 -28.83 14.49 -28.38
N GLU B 488 -29.91 15.10 -27.88
CA GLU B 488 -30.93 15.80 -28.68
C GLU B 488 -30.31 16.91 -29.52
N LEU B 489 -29.61 17.86 -28.90
CA LEU B 489 -29.02 18.96 -29.64
C LEU B 489 -27.98 18.44 -30.64
N LYS B 490 -27.17 17.44 -30.31
CA LYS B 490 -26.15 17.01 -31.27
C LYS B 490 -26.79 16.30 -32.46
N LEU B 491 -27.84 15.52 -32.24
CA LEU B 491 -28.52 14.83 -33.34
C LEU B 491 -29.32 15.80 -34.19
N GLY B 492 -29.89 16.84 -33.58
CA GLY B 492 -30.50 17.92 -34.33
C GLY B 492 -29.47 18.66 -35.18
N PHE B 493 -28.30 18.98 -34.64
CA PHE B 493 -27.23 19.63 -35.42
C PHE B 493 -26.77 18.75 -36.58
N ILE B 494 -26.64 17.43 -36.37
CA ILE B 494 -26.28 16.51 -37.44
C ILE B 494 -27.36 16.51 -38.52
N ALA B 495 -28.65 16.49 -38.15
CA ALA B 495 -29.76 16.56 -39.10
C ALA B 495 -29.78 17.87 -39.89
N GLN B 496 -29.52 19.02 -39.25
CA GLN B 496 -29.39 20.27 -40.00
C GLN B 496 -28.17 20.25 -40.94
N SER B 497 -27.08 19.53 -40.64
CA SER B 497 -26.03 19.29 -41.64
C SER B 497 -26.48 18.43 -42.83
N CYS B 498 -27.51 17.60 -42.69
CA CYS B 498 -28.13 16.87 -43.80
C CYS B 498 -29.01 17.74 -44.71
N LEU B 499 -29.56 18.86 -44.20
CA LEU B 499 -30.25 19.86 -45.03
C LEU B 499 -29.27 20.83 -45.68
N ALA B 500 -28.18 21.20 -45.01
CA ALA B 500 -27.11 22.03 -45.56
C ALA B 500 -25.77 21.70 -44.88
N GLN B 501 -24.87 21.00 -45.57
CA GLN B 501 -23.60 20.60 -44.98
C GLN B 501 -22.82 21.82 -44.47
N GLY B 502 -22.22 21.70 -43.28
CA GLY B 502 -21.47 22.77 -42.62
C GLY B 502 -22.29 23.55 -41.59
N LEU B 503 -23.62 23.40 -41.56
CA LEU B 503 -24.47 24.13 -40.64
C LEU B 503 -24.25 23.76 -39.17
N SER B 504 -23.80 22.55 -38.84
CA SER B 504 -23.44 22.21 -37.47
C SER B 504 -22.26 23.05 -36.98
N THR B 505 -21.24 23.26 -37.81
CA THR B 505 -20.11 24.15 -37.53
C THR B 505 -20.56 25.60 -37.43
N MET B 506 -21.43 26.05 -38.34
CA MET B 506 -22.00 27.38 -38.35
C MET B 506 -22.71 27.70 -37.03
N LEU B 507 -23.59 26.81 -36.55
CA LEU B 507 -24.30 26.99 -35.29
C LEU B 507 -23.37 26.92 -34.09
N ALA B 508 -22.50 25.92 -34.00
CA ALA B 508 -21.62 25.77 -32.85
C ALA B 508 -20.71 27.00 -32.62
N ASN B 509 -20.17 27.59 -33.68
CA ASN B 509 -19.32 28.77 -33.55
C ASN B 509 -20.08 30.03 -33.12
N LEU B 510 -21.41 30.11 -33.26
CA LEU B 510 -22.17 31.29 -32.83
C LEU B 510 -22.32 31.40 -31.31
N PHE B 511 -22.08 30.34 -30.54
CA PHE B 511 -22.20 30.35 -29.08
C PHE B 511 -20.90 30.63 -28.35
N SER B 512 -19.81 30.02 -28.80
CA SER B 512 -18.52 30.17 -28.14
C SER B 512 -18.04 31.61 -28.30
N MET B 513 -17.68 32.27 -27.21
CA MET B 513 -17.18 33.63 -27.29
C MET B 513 -15.77 33.62 -27.88
N ARG B 514 -15.60 34.32 -28.98
CA ARG B 514 -14.31 34.40 -29.63
C ARG B 514 -13.97 35.81 -30.10
N SER B 515 -12.75 36.24 -29.76
CA SER B 515 -12.17 37.49 -30.22
C SER B 515 -11.77 37.40 -31.71
N PHE B 516 -11.54 38.52 -32.37
CA PHE B 516 -10.93 38.53 -33.70
C PHE B 516 -9.45 38.10 -33.60
N ILE B 517 -9.01 37.20 -34.49
CA ILE B 517 -7.62 36.76 -34.64
C ILE B 517 -7.24 37.00 -36.10
N LYS B 518 -6.11 37.66 -36.35
CA LYS B 518 -5.69 38.01 -37.71
C LYS B 518 -4.20 37.73 -37.87
N ILE B 519 -3.84 37.15 -39.01
CA ILE B 519 -2.46 36.86 -39.34
C ILE B 519 -2.16 37.31 -40.76
N GLU B 520 -0.88 37.47 -41.06
CA GLU B 520 -0.46 38.01 -42.35
C GLU B 520 -0.57 36.99 -43.48
N GLU B 521 -0.58 35.70 -43.17
CA GLU B 521 -0.67 34.69 -44.22
C GLU B 521 -2.03 34.71 -44.88
N ASP B 522 -2.02 34.52 -46.20
CA ASP B 522 -3.20 34.32 -47.03
C ASP B 522 -3.47 32.83 -47.08
N THR B 523 -4.29 32.36 -46.19
CA THR B 523 -4.69 30.99 -45.98
C THR B 523 -6.18 30.93 -45.69
N TRP B 524 -6.84 29.81 -45.91
CA TRP B 524 -8.26 29.62 -45.57
C TRP B 524 -8.53 29.90 -44.09
N GLN B 525 -7.52 29.75 -43.22
CA GLN B 525 -7.69 29.93 -41.79
C GLN B 525 -7.98 31.39 -41.44
N LYS B 526 -7.41 32.33 -42.18
CA LYS B 526 -7.66 33.74 -41.90
C LYS B 526 -9.15 34.07 -42.08
N TYR B 527 -9.69 33.66 -43.22
CA TYR B 527 -11.10 33.88 -43.52
C TYR B 527 -11.98 33.15 -42.52
N TYR B 528 -11.66 31.90 -42.24
CA TYR B 528 -12.42 31.12 -41.26
C TYR B 528 -12.44 31.81 -39.91
N LEU B 529 -11.29 32.27 -39.40
CA LEU B 529 -11.25 32.95 -38.11
C LEU B 529 -12.04 34.24 -38.13
N GLU B 530 -11.95 34.99 -39.23
CA GLU B 530 -12.73 36.21 -39.35
C GLU B 530 -14.22 35.92 -39.24
N GLY B 531 -14.67 34.83 -39.88
CA GLY B 531 -16.05 34.41 -39.70
C GLY B 531 -16.36 33.96 -38.30
N VAL B 532 -15.48 33.19 -37.65
CA VAL B 532 -15.68 32.67 -36.29
C VAL B 532 -15.81 33.77 -35.24
N SER B 533 -15.26 34.96 -35.47
CA SER B 533 -15.28 36.07 -34.51
C SER B 533 -16.68 36.59 -34.12
N ASN B 534 -17.75 36.17 -34.80
CA ASN B 534 -19.12 36.61 -34.53
C ASN B 534 -19.92 35.61 -33.68
N GLU B 535 -20.68 36.10 -32.71
CA GLU B 535 -21.63 35.33 -31.91
C GLU B 535 -23.07 35.80 -32.11
N MET B 536 -24.03 34.97 -31.73
CA MET B 536 -25.43 35.38 -31.64
C MET B 536 -25.71 36.10 -30.31
N TYR B 537 -26.34 37.27 -30.38
CA TYR B 537 -26.74 38.12 -29.24
C TYR B 537 -28.25 38.33 -29.23
N THR B 538 -28.77 39.19 -28.34
CA THR B 538 -30.20 39.53 -28.28
C THR B 538 -30.37 40.87 -27.59
N GLU B 539 -31.02 41.84 -28.24
CA GLU B 539 -31.34 43.11 -27.59
C GLU B 539 -32.52 43.87 -28.24
N TYR B 540 -33.11 44.79 -27.48
CA TYR B 540 -34.19 45.68 -27.92
C TYR B 540 -33.72 46.72 -28.95
N LEU B 541 -34.58 47.06 -29.91
CA LEU B 541 -34.21 47.89 -31.06
C LEU B 541 -35.06 49.18 -31.19
N SER B 542 -34.47 50.20 -31.80
CA SER B 542 -34.91 51.59 -31.80
C SER B 542 -36.33 51.81 -32.31
N SER B 543 -37.04 52.78 -31.70
CA SER B 543 -38.33 53.26 -32.22
C SER B 543 -38.21 53.80 -33.66
N ALA B 544 -37.02 54.26 -34.08
CA ALA B 544 -36.72 54.67 -35.44
C ALA B 544 -36.89 53.54 -36.49
N PHE B 545 -36.98 52.27 -36.06
CA PHE B 545 -37.22 51.09 -36.90
C PHE B 545 -38.62 50.49 -36.72
N VAL B 546 -39.43 50.97 -35.78
CA VAL B 546 -40.84 50.56 -35.64
C VAL B 546 -41.65 51.11 -36.80
N GLY B 547 -42.51 50.27 -37.40
CA GLY B 547 -43.35 50.69 -38.50
C GLY B 547 -42.83 50.34 -39.87
N LEU B 548 -41.64 49.74 -39.96
CA LEU B 548 -40.99 49.29 -41.18
C LEU B 548 -41.10 47.77 -41.34
N SER B 549 -40.81 47.24 -42.53
CA SER B 549 -40.77 45.81 -42.75
C SER B 549 -39.46 45.22 -42.25
N PHE B 550 -39.50 43.93 -41.88
CA PHE B 550 -38.34 43.19 -41.41
C PHE B 550 -37.21 43.13 -42.44
N PRO B 551 -37.46 42.79 -43.72
CA PRO B 551 -36.43 42.94 -44.76
C PRO B 551 -35.84 44.35 -44.83
N THR B 552 -36.66 45.40 -44.68
CA THR B 552 -36.18 46.77 -44.78
C THR B 552 -35.22 47.09 -43.64
N VAL B 553 -35.60 46.79 -42.40
CA VAL B 553 -34.69 47.03 -41.26
C VAL B 553 -33.46 46.14 -41.35
N CYS B 554 -33.54 44.94 -41.95
CA CYS B 554 -32.37 44.10 -42.17
C CYS B 554 -31.37 44.71 -43.17
N GLU B 555 -31.82 45.18 -44.34
CA GLU B 555 -30.93 45.86 -45.29
C GLU B 555 -30.43 47.20 -44.76
N LEU B 556 -31.19 47.85 -43.87
CA LEU B 556 -30.70 49.04 -43.17
C LEU B 556 -29.60 48.68 -42.16
N CYS B 557 -29.87 47.77 -41.23
CA CYS B 557 -28.90 47.35 -40.23
C CYS B 557 -27.64 46.73 -40.82
N PHE B 558 -27.70 46.07 -41.99
CA PHE B 558 -26.65 45.15 -42.44
C PHE B 558 -25.24 45.73 -42.43
N VAL B 559 -24.99 46.86 -43.13
CA VAL B 559 -23.64 47.43 -43.17
C VAL B 559 -23.59 48.86 -42.64
N LYS B 560 -24.73 49.57 -42.45
CA LYS B 560 -24.72 50.96 -41.93
C LYS B 560 -24.41 50.95 -40.42
N LEU B 561 -25.13 50.11 -39.68
CA LEU B 561 -24.87 49.78 -38.29
C LEU B 561 -23.86 48.63 -38.13
N LYS B 562 -23.62 47.86 -39.20
CA LYS B 562 -22.79 46.63 -39.27
C LYS B 562 -23.40 45.44 -38.49
N LEU B 563 -24.72 45.25 -38.54
CA LEU B 563 -25.46 44.26 -37.74
C LEU B 563 -26.44 43.42 -38.59
N LEU B 564 -26.46 42.10 -38.41
CA LEU B 564 -27.36 41.19 -39.14
C LEU B 564 -28.42 40.59 -38.21
N MET B 565 -29.71 40.66 -38.57
CA MET B 565 -30.81 40.11 -37.77
C MET B 565 -31.33 38.80 -38.37
N ILE B 566 -31.35 37.73 -37.58
CA ILE B 566 -31.92 36.43 -38.00
C ILE B 566 -33.42 36.32 -37.72
N ALA B 567 -33.89 36.99 -36.68
CA ALA B 567 -35.22 36.81 -36.10
C ALA B 567 -35.58 37.99 -35.19
N ILE B 568 -36.85 38.06 -34.79
CA ILE B 568 -37.35 39.00 -33.77
C ILE B 568 -38.31 38.31 -32.78
N GLU B 569 -38.53 38.93 -31.63
CA GLU B 569 -39.59 38.54 -30.69
C GLU B 569 -40.99 38.74 -31.29
N SER B 577 -46.70 33.42 -32.10
CA SER B 577 -46.30 34.65 -32.77
C SER B 577 -45.15 35.38 -32.07
N ARG B 578 -44.53 34.68 -31.11
CA ARG B 578 -43.42 35.25 -30.36
C ARG B 578 -42.08 35.06 -31.07
N ILE B 579 -41.55 33.85 -31.00
CA ILE B 579 -40.27 33.54 -31.66
C ILE B 579 -40.49 33.25 -33.13
N LEU B 580 -40.11 34.19 -33.98
CA LEU B 580 -40.28 34.04 -35.43
C LEU B 580 -38.94 34.03 -36.15
N ILE B 581 -38.59 32.86 -36.70
CA ILE B 581 -37.39 32.67 -37.50
C ILE B 581 -37.53 33.29 -38.89
N ASN B 582 -36.65 34.25 -39.22
CA ASN B 582 -36.59 35.01 -40.47
C ASN B 582 -38.00 35.46 -40.99
N PRO B 583 -38.66 36.43 -40.35
CA PRO B 583 -39.97 36.93 -40.77
C PRO B 583 -40.06 37.31 -42.25
N GLY B 584 -41.26 37.14 -42.82
CA GLY B 584 -41.57 37.62 -44.17
C GLY B 584 -41.58 39.16 -44.27
N ASN B 585 -41.66 39.64 -45.51
CA ASN B 585 -41.81 41.07 -45.83
C ASN B 585 -43.14 41.69 -45.36
N HIS B 586 -44.15 40.85 -45.07
CA HIS B 586 -45.47 41.27 -44.60
C HIS B 586 -45.53 41.59 -43.10
N LEU B 587 -44.48 41.35 -42.32
CA LEU B 587 -44.51 41.59 -40.87
C LEU B 587 -43.89 42.93 -40.52
N LYS B 588 -44.63 43.68 -39.71
CA LYS B 588 -44.29 45.02 -39.24
C LYS B 588 -43.67 44.93 -37.86
N ILE B 589 -42.58 45.66 -37.59
CA ILE B 589 -41.85 45.61 -36.30
C ILE B 589 -42.71 46.18 -35.17
N GLN B 590 -43.08 45.39 -34.16
CA GLN B 590 -43.84 45.88 -32.99
C GLN B 590 -43.01 46.88 -32.17
N GLU B 591 -43.62 47.89 -31.54
CA GLU B 591 -42.89 48.71 -30.56
C GLU B 591 -42.43 47.85 -29.36
N GLY B 592 -41.23 48.14 -28.84
CA GLY B 592 -40.63 47.44 -27.70
C GLY B 592 -40.10 46.02 -27.96
N THR B 593 -39.83 45.66 -29.22
CA THR B 593 -39.31 44.31 -29.57
C THR B 593 -37.80 44.17 -29.50
N LEU B 594 -37.32 42.93 -29.49
CA LEU B 594 -35.92 42.53 -29.49
C LEU B 594 -35.55 41.74 -30.74
N GLY B 595 -34.33 41.97 -31.23
CA GLY B 595 -33.77 41.31 -32.41
C GLY B 595 -32.67 40.32 -32.06
N PHE B 596 -32.70 39.16 -32.70
CA PHE B 596 -31.71 38.10 -32.56
C PHE B 596 -30.56 38.35 -33.52
N PHE B 597 -29.73 39.32 -33.17
CA PHE B 597 -28.59 39.74 -33.97
C PHE B 597 -27.46 38.70 -33.98
N ILE B 598 -26.75 38.64 -35.09
CA ILE B 598 -25.39 38.08 -35.17
C ILE B 598 -24.45 39.28 -35.33
N ALA B 599 -23.41 39.34 -34.50
CA ALA B 599 -22.50 40.47 -34.46
C ALA B 599 -21.13 40.06 -33.91
N SER B 600 -20.14 40.94 -34.04
CA SER B 600 -18.83 40.72 -33.45
C SER B 600 -18.91 40.60 -31.95
N ASP B 601 -19.75 41.44 -31.34
CA ASP B 601 -19.95 41.45 -29.89
C ASP B 601 -21.21 42.22 -29.47
N ALA B 602 -21.46 42.24 -28.16
CA ALA B 602 -22.54 42.93 -27.54
C ALA B 602 -22.48 44.45 -27.62
N LYS B 603 -21.30 45.06 -27.59
CA LYS B 603 -21.18 46.52 -27.62
C LYS B 603 -21.47 47.11 -28.99
N GLU B 604 -21.44 46.31 -30.05
CA GLU B 604 -21.83 46.71 -31.40
C GLU B 604 -23.36 46.72 -31.56
N VAL B 605 -24.07 45.70 -31.09
CA VAL B 605 -25.53 45.64 -31.21
C VAL B 605 -26.26 46.75 -30.47
N LYS B 606 -25.60 47.47 -29.54
CA LYS B 606 -26.14 48.69 -28.90
C LYS B 606 -26.61 49.73 -29.92
N ARG B 607 -26.03 49.72 -31.12
CA ARG B 607 -26.44 50.63 -32.17
C ARG B 607 -27.91 50.41 -32.57
N ALA B 608 -28.35 49.15 -32.60
CA ALA B 608 -29.74 48.83 -32.95
C ALA B 608 -30.72 49.62 -32.07
N PHE B 609 -30.37 49.92 -30.82
CA PHE B 609 -31.12 50.80 -29.92
C PHE B 609 -30.74 52.28 -30.12
N PHE B 610 -29.44 52.59 -30.10
CA PHE B 610 -28.91 53.96 -30.07
C PHE B 610 -28.82 54.63 -31.47
N TYR B 611 -29.88 54.56 -32.27
CA TYR B 611 -29.95 55.17 -33.60
C TYR B 611 -31.28 55.88 -33.84
N CYS B 612 -31.23 57.09 -34.41
CA CYS B 612 -32.38 57.90 -34.82
C CYS B 612 -32.00 58.79 -36.00
N LYS B 613 -32.09 58.24 -37.23
CA LYS B 613 -31.77 58.94 -38.49
C LYS B 613 -30.37 59.57 -38.53
N ALA B 614 -29.38 58.92 -37.90
CA ALA B 614 -27.97 59.31 -37.92
C ALA B 614 -27.28 58.92 -39.26
N CYS B 615 -27.89 59.26 -40.38
CA CYS B 615 -27.51 58.82 -41.72
C CYS B 615 -26.09 59.27 -42.12
N SER B 681 -60.51 12.93 -47.52
CA SER B 681 -59.29 13.50 -46.95
C SER B 681 -59.16 13.12 -45.47
N ASN B 682 -59.46 11.86 -45.14
CA ASN B 682 -59.26 11.27 -43.82
C ASN B 682 -57.81 10.83 -43.57
N VAL B 683 -56.89 11.04 -44.54
CA VAL B 683 -55.48 10.69 -44.41
C VAL B 683 -54.77 11.56 -43.35
N LYS B 684 -54.25 10.92 -42.30
CA LYS B 684 -53.39 11.57 -41.30
C LYS B 684 -51.97 11.78 -41.85
N LYS B 685 -51.76 12.89 -42.57
CA LYS B 685 -50.44 13.29 -43.12
C LYS B 685 -49.47 13.86 -42.07
N TYR B 686 -49.98 14.36 -40.95
CA TYR B 686 -49.19 15.13 -39.98
C TYR B 686 -49.44 14.70 -38.53
N ASP B 687 -48.61 15.15 -37.60
CA ASP B 687 -48.85 15.07 -36.17
C ASP B 687 -49.99 16.00 -35.72
N SER B 688 -50.45 15.83 -34.48
CA SER B 688 -51.51 16.61 -33.86
C SER B 688 -51.28 18.14 -33.86
N THR B 689 -50.03 18.61 -33.92
CA THR B 689 -49.71 20.06 -33.96
C THR B 689 -49.52 20.60 -35.38
N GLY B 690 -49.47 19.74 -36.40
CA GLY B 690 -49.26 20.16 -37.78
C GLY B 690 -47.83 20.61 -38.11
N MET B 691 -46.83 20.01 -37.47
CA MET B 691 -45.41 20.38 -37.60
C MET B 691 -44.47 19.26 -38.06
N PHE B 692 -44.88 18.00 -38.01
CA PHE B 692 -44.13 16.84 -38.52
C PHE B 692 -44.99 15.92 -39.39
N HIS B 693 -44.40 15.31 -40.41
CA HIS B 693 -45.04 14.23 -41.17
C HIS B 693 -45.25 13.00 -40.28
N TRP B 694 -46.24 12.17 -40.60
CA TRP B 694 -46.62 11.01 -39.79
C TRP B 694 -47.14 9.85 -40.65
N CYS B 695 -47.03 8.61 -40.15
CA CYS B 695 -47.68 7.42 -40.72
C CYS B 695 -48.04 6.40 -39.64
N ALA B 696 -48.93 5.45 -39.99
CA ALA B 696 -49.30 4.35 -39.11
C ALA B 696 -48.06 3.50 -38.71
N PRO B 697 -48.09 2.83 -37.54
CA PRO B 697 -46.92 2.15 -36.98
C PRO B 697 -46.54 0.91 -37.79
N LYS B 698 -45.49 1.04 -38.62
CA LYS B 698 -44.98 -0.04 -39.47
C LYS B 698 -44.33 -1.16 -38.64
N GLU B 699 -44.52 -2.41 -39.03
CA GLU B 699 -43.79 -3.52 -38.42
C GLU B 699 -42.30 -3.47 -38.81
N ILE B 700 -41.41 -3.98 -37.95
CA ILE B 700 -39.97 -3.99 -38.21
C ILE B 700 -39.59 -4.81 -39.45
N GLU B 701 -40.27 -5.94 -39.74
CA GLU B 701 -39.93 -6.74 -40.90
C GLU B 701 -40.33 -6.06 -42.20
N LYS B 702 -41.31 -5.15 -42.16
CA LYS B 702 -41.73 -4.47 -43.38
C LYS B 702 -40.61 -3.60 -43.94
N VAL B 703 -39.89 -2.89 -43.06
CA VAL B 703 -38.85 -1.91 -43.39
C VAL B 703 -37.43 -2.50 -43.48
N ILE B 704 -37.20 -3.70 -42.94
CA ILE B 704 -35.93 -4.42 -43.12
C ILE B 704 -35.69 -4.76 -44.60
N LEU B 705 -34.50 -4.44 -45.09
CA LEU B 705 -33.95 -4.86 -46.38
C LEU B 705 -32.93 -5.98 -46.20
N THR B 706 -32.41 -6.51 -47.31
CA THR B 706 -31.13 -7.23 -47.39
C THR B 706 -30.45 -6.93 -48.72
N ARG B 707 -29.31 -7.55 -49.00
CA ARG B 707 -28.41 -7.21 -50.11
C ARG B 707 -29.10 -7.04 -51.47
N SER B 708 -29.98 -7.98 -51.81
CA SER B 708 -30.75 -7.98 -53.05
C SER B 708 -31.60 -6.72 -53.21
N GLU B 709 -32.59 -6.51 -52.34
CA GLU B 709 -33.54 -5.41 -52.44
C GLU B 709 -32.89 -4.06 -52.22
N ALA B 710 -31.88 -3.96 -51.35
CA ALA B 710 -31.10 -2.74 -51.20
C ALA B 710 -30.43 -2.34 -52.52
N ALA B 711 -29.79 -3.28 -53.22
CA ALA B 711 -29.10 -3.01 -54.47
C ALA B 711 -30.04 -2.63 -55.62
N MET B 712 -31.20 -3.27 -55.75
CA MET B 712 -32.15 -2.96 -56.83
C MET B 712 -33.05 -1.76 -56.54
N THR B 713 -33.23 -1.38 -55.28
CA THR B 713 -33.95 -0.16 -54.91
C THR B 713 -33.07 1.06 -55.15
N VAL B 714 -33.31 1.79 -56.24
CA VAL B 714 -32.51 2.98 -56.55
C VAL B 714 -32.75 4.08 -55.50
N LEU B 715 -31.65 4.58 -54.95
CA LEU B 715 -31.61 5.64 -53.94
C LEU B 715 -30.63 6.72 -54.39
N SER B 716 -31.04 7.98 -54.21
CA SER B 716 -30.25 9.18 -54.50
C SER B 716 -30.75 10.34 -53.64
N GLY B 717 -29.86 11.23 -53.22
CA GLY B 717 -30.17 12.33 -52.30
C GLY B 717 -30.66 11.89 -50.92
N HIS B 718 -30.53 10.61 -50.58
CA HIS B 718 -30.93 10.03 -49.30
C HIS B 718 -29.94 10.36 -48.18
N VAL B 719 -30.25 9.93 -46.95
CA VAL B 719 -29.37 9.99 -45.79
C VAL B 719 -29.03 8.56 -45.37
N VAL B 720 -27.74 8.25 -45.28
CA VAL B 720 -27.25 6.94 -44.85
C VAL B 720 -26.74 7.06 -43.42
N VAL B 721 -27.23 6.23 -42.51
CA VAL B 721 -26.83 6.31 -41.10
C VAL B 721 -26.14 5.02 -40.69
N CYS B 722 -24.89 5.15 -40.26
CA CYS B 722 -24.00 4.06 -39.90
C CYS B 722 -23.91 3.96 -38.38
N ILE B 723 -24.39 2.86 -37.79
CA ILE B 723 -24.50 2.68 -36.35
C ILE B 723 -23.68 1.48 -35.89
N PHE B 724 -22.75 1.70 -34.97
CA PHE B 724 -21.96 0.62 -34.38
C PHE B 724 -22.58 0.16 -33.06
N GLY B 725 -23.80 -0.36 -33.16
CA GLY B 725 -24.55 -0.77 -31.99
C GLY B 725 -24.08 -2.11 -31.44
N ASP B 726 -24.64 -2.45 -30.28
CA ASP B 726 -24.30 -3.70 -29.61
C ASP B 726 -25.44 -4.04 -28.64
N VAL B 727 -25.51 -5.28 -28.19
CA VAL B 727 -26.56 -5.68 -27.26
C VAL B 727 -26.39 -5.06 -25.87
N SER B 728 -25.17 -4.66 -25.54
CA SER B 728 -24.88 -4.06 -24.24
C SER B 728 -24.62 -2.56 -24.33
N SER B 729 -24.61 -2.04 -25.55
CA SER B 729 -24.37 -0.62 -25.80
C SER B 729 -25.55 0.22 -25.33
N ALA B 730 -25.27 1.50 -25.05
CA ALA B 730 -26.29 2.42 -24.61
C ALA B 730 -27.19 2.83 -25.77
N LEU B 731 -28.34 3.43 -25.46
CA LEU B 731 -29.30 3.89 -26.47
C LEU B 731 -28.89 5.28 -26.96
N ILE B 732 -28.66 5.43 -28.25
CA ILE B 732 -28.32 6.71 -28.86
C ILE B 732 -29.52 7.63 -28.90
N GLY B 733 -30.73 7.16 -29.21
CA GLY B 733 -31.93 7.99 -29.27
C GLY B 733 -32.17 8.62 -30.64
N LEU B 734 -32.18 7.78 -31.69
CA LEU B 734 -32.22 8.19 -33.10
C LEU B 734 -33.45 9.00 -33.48
N ARG B 735 -34.54 8.94 -32.69
CA ARG B 735 -35.72 9.81 -32.79
C ARG B 735 -35.35 11.27 -33.03
N ASN B 736 -34.37 11.77 -32.28
CA ASN B 736 -34.01 13.20 -32.27
C ASN B 736 -33.28 13.62 -33.55
N LEU B 737 -32.70 12.65 -34.25
CA LEU B 737 -32.06 12.81 -35.58
C LEU B 737 -33.08 12.71 -36.70
N VAL B 738 -34.03 11.79 -36.59
CA VAL B 738 -35.07 11.56 -37.62
C VAL B 738 -36.06 12.71 -37.68
N MET B 739 -36.53 13.19 -36.52
CA MET B 739 -37.60 14.18 -36.47
C MET B 739 -37.30 15.47 -37.25
N PRO B 740 -36.14 16.13 -37.15
CA PRO B 740 -35.85 17.30 -37.98
C PRO B 740 -35.92 17.05 -39.49
N LEU B 741 -35.48 15.90 -40.00
CA LEU B 741 -35.66 15.52 -41.39
C LEU B 741 -37.13 15.34 -41.73
N ARG B 742 -37.90 14.80 -40.79
CA ARG B 742 -39.33 14.56 -40.99
C ARG B 742 -40.25 15.77 -40.77
N ALA B 743 -39.67 16.93 -40.46
CA ALA B 743 -40.47 18.13 -40.24
C ALA B 743 -41.36 18.55 -41.44
N SER B 744 -42.50 19.17 -41.18
CA SER B 744 -43.55 19.42 -42.20
C SER B 744 -43.38 20.66 -43.05
N ASN B 745 -42.41 21.55 -42.83
CA ASN B 745 -42.12 22.64 -43.77
C ASN B 745 -41.30 22.18 -45.00
N PHE B 746 -41.12 20.87 -45.17
CA PHE B 746 -40.71 20.21 -46.41
C PHE B 746 -41.92 19.53 -47.06
N HIS B 747 -42.06 19.62 -48.38
CA HIS B 747 -43.05 18.84 -49.13
C HIS B 747 -42.74 17.35 -49.10
N TYR B 748 -43.74 16.48 -49.29
CA TYR B 748 -43.52 15.02 -49.21
C TYR B 748 -42.56 14.48 -50.29
N HIS B 749 -42.57 15.08 -51.50
CA HIS B 749 -41.60 14.73 -52.55
C HIS B 749 -40.18 15.21 -52.23
N GLU B 750 -40.04 16.08 -51.24
CA GLU B 750 -38.73 16.60 -50.85
C GLU B 750 -38.13 15.88 -49.64
N LEU B 751 -38.84 14.90 -49.09
CA LEU B 751 -38.34 14.16 -47.94
C LEU B 751 -37.22 13.18 -48.34
N LYS B 752 -35.99 13.44 -47.88
CA LYS B 752 -34.82 12.57 -48.08
C LYS B 752 -35.04 11.23 -47.39
N HIS B 753 -34.93 10.11 -48.11
CA HIS B 753 -35.05 8.76 -47.53
C HIS B 753 -33.97 8.51 -46.49
N ILE B 754 -34.21 7.68 -45.47
CA ILE B 754 -33.24 7.34 -44.42
C ILE B 754 -33.01 5.84 -44.39
N VAL B 755 -31.75 5.39 -44.37
CA VAL B 755 -31.43 3.97 -44.17
C VAL B 755 -30.39 3.78 -43.08
N PHE B 756 -30.65 2.86 -42.14
CA PHE B 756 -29.78 2.56 -41.02
C PHE B 756 -29.03 1.25 -41.26
N VAL B 757 -27.71 1.28 -41.19
CA VAL B 757 -26.84 0.11 -41.28
C VAL B 757 -26.24 -0.17 -39.90
N GLY B 758 -26.38 -1.37 -39.37
CA GLY B 758 -25.87 -1.69 -38.03
C GLY B 758 -26.30 -3.05 -37.48
N SER B 759 -25.93 -3.37 -36.23
CA SER B 759 -26.27 -4.64 -35.63
C SER B 759 -27.78 -4.78 -35.48
N ILE B 760 -28.34 -5.90 -35.96
CA ILE B 760 -29.79 -6.10 -35.90
C ILE B 760 -30.27 -6.13 -34.46
N GLU B 761 -29.45 -6.61 -33.51
CA GLU B 761 -29.87 -6.58 -32.11
C GLU B 761 -30.10 -5.15 -31.64
N TYR B 762 -29.16 -4.25 -31.93
CA TYR B 762 -29.32 -2.86 -31.53
C TYR B 762 -30.49 -2.20 -32.26
N LEU B 763 -30.71 -2.48 -33.54
CA LEU B 763 -31.88 -1.93 -34.21
C LEU B 763 -33.18 -2.43 -33.55
N LYS B 764 -33.30 -3.71 -33.17
CA LYS B 764 -34.46 -4.22 -32.42
C LYS B 764 -34.44 -3.95 -30.91
N ARG B 765 -33.64 -2.97 -30.52
CA ARG B 765 -33.55 -2.48 -29.16
C ARG B 765 -33.86 -0.97 -29.18
N GLU B 766 -34.23 -0.46 -30.36
CA GLU B 766 -34.54 0.96 -30.55
C GLU B 766 -35.70 1.21 -31.53
N TRP B 767 -36.03 0.26 -32.41
CA TRP B 767 -37.10 0.40 -33.42
C TRP B 767 -38.47 0.76 -32.82
N GLU B 768 -38.72 0.37 -31.58
CA GLU B 768 -39.92 0.69 -30.80
C GLU B 768 -40.26 2.18 -30.71
N THR B 769 -39.36 3.09 -31.08
CA THR B 769 -39.62 4.54 -31.17
C THR B 769 -39.44 5.14 -32.58
N LEU B 770 -39.32 4.30 -33.61
CA LEU B 770 -39.14 4.79 -34.98
C LEU B 770 -40.15 4.28 -36.02
N HIS B 771 -41.16 3.53 -35.59
CA HIS B 771 -42.17 2.97 -36.51
C HIS B 771 -43.25 3.91 -37.05
N ASN B 772 -43.41 5.13 -36.54
CA ASN B 772 -44.36 6.13 -37.06
C ASN B 772 -43.80 7.11 -38.11
N PHE B 773 -42.59 6.85 -38.58
CA PHE B 773 -41.95 7.71 -39.56
C PHE B 773 -41.88 7.02 -40.91
N PRO B 774 -42.06 7.78 -41.99
CA PRO B 774 -42.02 7.24 -43.36
C PRO B 774 -40.61 7.27 -43.94
N LYS B 775 -40.46 6.71 -45.14
CA LYS B 775 -39.19 6.68 -45.85
C LYS B 775 -37.99 6.13 -45.06
N VAL B 776 -38.24 5.27 -44.07
CA VAL B 776 -37.12 4.69 -43.33
C VAL B 776 -36.88 3.24 -43.73
N SER B 777 -35.63 2.76 -43.59
CA SER B 777 -35.24 1.37 -43.84
C SER B 777 -34.11 0.91 -42.93
N ILE B 778 -34.02 -0.38 -42.64
CA ILE B 778 -32.92 -1.00 -41.89
C ILE B 778 -32.19 -2.00 -42.81
N LEU B 779 -30.86 -2.03 -42.79
CA LEU B 779 -30.07 -3.11 -43.39
C LEU B 779 -29.20 -3.79 -42.31
N PRO B 780 -29.46 -5.05 -41.94
CA PRO B 780 -28.75 -5.74 -40.87
C PRO B 780 -27.35 -6.22 -41.31
N GLY B 781 -26.37 -5.32 -41.30
CA GLY B 781 -25.02 -5.58 -41.73
C GLY B 781 -24.01 -4.87 -40.84
N THR B 782 -22.86 -4.56 -41.42
CA THR B 782 -21.76 -3.90 -40.71
C THR B 782 -21.46 -2.57 -41.40
N PRO B 783 -21.36 -1.43 -40.69
CA PRO B 783 -21.00 -0.15 -41.32
C PRO B 783 -19.66 -0.18 -42.00
N LEU B 784 -18.79 -1.14 -41.68
CA LEU B 784 -17.50 -1.28 -42.32
C LEU B 784 -17.53 -2.25 -43.49
N SER B 785 -18.68 -2.80 -43.87
CA SER B 785 -18.76 -3.73 -44.99
C SER B 785 -18.88 -2.97 -46.31
N ARG B 786 -17.88 -3.11 -47.17
CA ARG B 786 -17.83 -2.46 -48.46
C ARG B 786 -19.01 -2.88 -49.33
N ALA B 787 -19.42 -4.14 -49.26
CA ALA B 787 -20.56 -4.65 -50.00
C ALA B 787 -21.87 -3.94 -49.59
N ASP B 788 -22.11 -3.79 -48.28
CA ASP B 788 -23.27 -3.08 -47.77
C ASP B 788 -23.26 -1.61 -48.21
N LEU B 789 -22.12 -0.94 -48.11
CA LEU B 789 -22.08 0.49 -48.44
C LEU B 789 -22.24 0.74 -49.94
N ARG B 790 -21.85 -0.24 -50.75
CA ARG B 790 -22.05 -0.18 -52.19
C ARG B 790 -23.53 -0.44 -52.51
N ALA B 791 -24.13 -1.42 -51.83
CA ALA B 791 -25.54 -1.78 -52.03
C ALA B 791 -26.50 -0.63 -51.63
N VAL B 792 -26.12 0.18 -50.66
CA VAL B 792 -26.87 1.35 -50.16
C VAL B 792 -26.66 2.61 -51.01
N ASN B 793 -25.94 2.56 -52.13
CA ASN B 793 -25.67 3.71 -53.01
C ASN B 793 -24.96 4.87 -52.28
N ILE B 794 -23.97 4.59 -51.43
CA ILE B 794 -23.30 5.60 -50.59
C ILE B 794 -22.79 6.80 -51.39
N ASN B 795 -22.38 6.61 -52.64
CA ASN B 795 -21.87 7.66 -53.52
C ASN B 795 -22.94 8.67 -54.00
N LEU B 796 -24.23 8.37 -53.84
CA LEU B 796 -25.35 9.20 -54.29
C LEU B 796 -26.12 9.87 -53.15
N CYS B 797 -25.78 9.59 -51.89
CA CYS B 797 -26.45 10.19 -50.74
C CYS B 797 -26.19 11.71 -50.64
N ASP B 798 -27.07 12.43 -49.96
CA ASP B 798 -26.84 13.82 -49.57
C ASP B 798 -26.05 13.93 -48.27
N MET B 799 -26.10 12.90 -47.41
CA MET B 799 -25.24 12.76 -46.24
C MET B 799 -25.04 11.31 -45.84
N CYS B 800 -23.84 10.99 -45.38
CA CYS B 800 -23.58 9.84 -44.55
C CYS B 800 -23.29 10.31 -43.12
N VAL B 801 -23.97 9.72 -42.13
CA VAL B 801 -23.84 10.06 -40.71
C VAL B 801 -23.26 8.85 -39.98
N ILE B 802 -22.12 9.00 -39.30
CA ILE B 802 -21.49 7.90 -38.56
C ILE B 802 -21.54 8.14 -37.05
N LEU B 803 -22.21 7.25 -36.34
CA LEU B 803 -22.40 7.31 -34.88
C LEU B 803 -22.02 5.98 -34.22
N SER B 804 -21.53 6.07 -32.99
CA SER B 804 -21.10 4.95 -32.19
C SER B 804 -21.77 4.99 -30.82
N ALA B 805 -22.22 3.83 -30.36
CA ALA B 805 -22.83 3.74 -29.03
C ALA B 805 -21.83 3.26 -27.98
N ASN B 806 -20.85 2.46 -28.39
CA ASN B 806 -19.82 1.99 -27.48
C ASN B 806 -18.79 3.09 -27.30
N GLN B 807 -19.11 4.05 -26.44
CA GLN B 807 -18.23 5.20 -26.19
C GLN B 807 -17.97 5.37 -24.71
N ASN B 808 -18.92 4.95 -23.88
CA ASN B 808 -18.80 5.07 -22.43
C ASN B 808 -18.46 3.76 -21.74
N ASN B 809 -18.84 2.63 -22.32
CA ASN B 809 -18.59 1.33 -21.70
C ASN B 809 -17.11 1.06 -21.55
N ILE B 810 -16.33 1.35 -22.58
CA ILE B 810 -14.89 1.14 -22.56
C ILE B 810 -14.22 2.42 -22.09
N ASP B 811 -13.07 2.30 -21.44
CA ASP B 811 -12.28 3.43 -20.95
C ASP B 811 -10.85 3.27 -21.43
N ASP B 812 -10.57 3.70 -22.66
CA ASP B 812 -9.23 3.66 -23.23
C ASP B 812 -8.78 4.97 -23.84
N THR B 813 -9.71 5.84 -24.26
CA THR B 813 -9.41 7.14 -24.85
C THR B 813 -8.57 6.99 -26.12
N SER B 814 -8.51 5.76 -26.64
CA SER B 814 -7.77 5.50 -27.87
C SER B 814 -8.66 4.75 -28.86
N LEU B 815 -9.49 3.84 -28.35
CA LEU B 815 -10.37 3.03 -29.17
C LEU B 815 -11.81 3.54 -29.15
N GLN B 816 -12.06 4.69 -28.55
CA GLN B 816 -13.42 5.23 -28.49
C GLN B 816 -13.94 5.57 -29.88
N ASP B 817 -13.09 6.18 -30.71
CA ASP B 817 -13.48 6.60 -32.05
C ASP B 817 -12.81 5.76 -33.14
N LYS B 818 -12.23 4.61 -32.77
CA LYS B 818 -11.56 3.78 -33.75
C LYS B 818 -12.50 3.31 -34.83
N GLU B 819 -13.70 2.84 -34.46
CA GLU B 819 -14.64 2.34 -35.46
C GLU B 819 -15.09 3.45 -36.40
N CYS B 820 -15.39 4.64 -35.85
CA CYS B 820 -15.83 5.75 -36.69
C CYS B 820 -14.73 6.18 -37.64
N ILE B 821 -13.48 6.26 -37.15
CA ILE B 821 -12.38 6.65 -38.01
C ILE B 821 -12.16 5.62 -39.12
N LEU B 822 -12.22 4.34 -38.76
CA LEU B 822 -12.03 3.29 -39.75
C LEU B 822 -13.13 3.32 -40.81
N ALA B 823 -14.37 3.55 -40.39
CA ALA B 823 -15.47 3.64 -41.34
C ALA B 823 -15.31 4.83 -42.27
N SER B 824 -14.91 5.98 -41.71
CA SER B 824 -14.70 7.17 -42.53
C SER B 824 -13.60 6.92 -43.57
N LEU B 825 -12.50 6.31 -43.14
CA LEU B 825 -11.41 6.02 -44.07
C LEU B 825 -11.83 5.01 -45.13
N ASN B 826 -12.60 3.99 -44.75
CA ASN B 826 -13.09 3.02 -45.72
C ASN B 826 -13.98 3.69 -46.76
N ILE B 827 -14.88 4.58 -46.35
CA ILE B 827 -15.75 5.30 -47.29
C ILE B 827 -14.91 6.24 -48.17
N LYS B 828 -13.89 6.91 -47.62
CA LYS B 828 -13.04 7.78 -48.43
C LYS B 828 -12.07 7.01 -49.31
N SER B 829 -11.94 5.71 -49.13
CA SER B 829 -11.03 4.92 -49.93
C SER B 829 -11.78 4.00 -50.89
N MET B 830 -12.87 4.50 -51.45
CA MET B 830 -13.74 3.72 -52.32
C MET B 830 -13.65 4.24 -53.75
N GLN B 831 -13.59 3.32 -54.71
CA GLN B 831 -13.54 3.66 -56.12
C GLN B 831 -14.90 3.42 -56.76
N PHE B 832 -15.47 4.43 -57.40
CA PHE B 832 -16.76 4.33 -58.08
C PHE B 832 -16.57 4.64 -59.56
N ASP B 833 -17.29 3.91 -60.39
CA ASP B 833 -17.25 4.10 -61.83
C ASP B 833 -18.00 5.35 -62.25
N THR B 871 -15.60 8.35 -60.11
CA THR B 871 -15.18 9.21 -59.01
C THR B 871 -14.69 8.40 -57.79
N THR B 872 -13.80 8.99 -56.98
CA THR B 872 -13.33 8.40 -55.74
C THR B 872 -14.32 8.67 -54.61
N GLY B 873 -14.04 8.09 -53.45
CA GLY B 873 -14.93 8.23 -52.31
C GLY B 873 -14.60 9.42 -51.43
N VAL B 874 -13.64 10.24 -51.85
CA VAL B 874 -13.25 11.42 -51.08
C VAL B 874 -14.25 12.55 -51.22
N ASN B 875 -15.01 12.60 -52.31
CA ASN B 875 -15.97 13.68 -52.52
C ASN B 875 -17.32 13.41 -51.86
N ILE B 876 -17.56 12.24 -51.26
CA ILE B 876 -18.84 11.91 -50.61
C ILE B 876 -19.12 12.85 -49.42
N PRO B 877 -20.36 13.33 -49.23
CA PRO B 877 -20.73 14.14 -48.07
C PRO B 877 -20.82 13.26 -46.82
N ILE B 878 -19.97 13.54 -45.84
CA ILE B 878 -19.77 12.69 -44.66
C ILE B 878 -19.74 13.55 -43.39
N ILE B 879 -20.41 13.10 -42.34
CA ILE B 879 -20.26 13.64 -40.99
C ILE B 879 -20.11 12.51 -39.99
N THR B 880 -19.19 12.69 -39.04
CA THR B 880 -18.94 11.69 -38.00
C THR B 880 -18.85 12.35 -36.63
N GLU B 881 -19.35 11.63 -35.62
CA GLU B 881 -19.33 12.12 -34.24
C GLU B 881 -18.18 11.46 -33.47
N LEU B 882 -17.32 12.27 -32.89
CA LEU B 882 -16.18 11.79 -32.14
C LEU B 882 -16.35 12.05 -30.65
N VAL B 883 -15.85 11.13 -29.84
CA VAL B 883 -15.87 11.31 -28.39
C VAL B 883 -14.67 12.12 -27.91
N ASN B 884 -13.49 11.88 -28.51
CA ASN B 884 -12.28 12.61 -28.15
C ASN B 884 -11.94 13.61 -29.25
N ASP B 885 -11.75 14.86 -28.85
CA ASP B 885 -11.40 15.91 -29.79
C ASP B 885 -10.03 15.72 -30.42
N THR B 886 -9.11 15.04 -29.74
CA THR B 886 -7.78 14.80 -30.27
C THR B 886 -7.76 13.76 -31.36
N ASN B 887 -8.82 12.97 -31.50
CA ASN B 887 -8.91 11.96 -32.55
C ASN B 887 -9.29 12.54 -33.90
N VAL B 888 -9.60 13.85 -33.95
CA VAL B 888 -10.02 14.48 -35.19
C VAL B 888 -8.87 14.61 -36.18
N GLN B 889 -7.62 14.43 -35.74
CA GLN B 889 -6.48 14.58 -36.63
C GLN B 889 -6.37 13.42 -37.62
N PHE B 890 -6.98 12.28 -37.34
CA PHE B 890 -6.92 11.13 -38.22
C PHE B 890 -8.00 11.15 -39.29
N LEU B 891 -8.92 12.11 -39.26
CA LEU B 891 -10.00 12.12 -40.22
C LEU B 891 -9.53 12.55 -41.60
N ASP B 892 -8.56 13.46 -41.66
CA ASP B 892 -8.05 13.97 -42.92
C ASP B 892 -6.54 13.79 -42.97
N GLN B 893 -6.01 13.67 -44.20
CA GLN B 893 -4.59 13.46 -44.42
C GLN B 893 -3.88 14.65 -45.02
N ASP B 894 -4.57 15.47 -45.81
CA ASP B 894 -3.93 16.64 -46.41
C ASP B 894 -3.72 17.76 -45.39
N ASP B 895 -4.56 17.82 -44.36
CA ASP B 895 -4.45 18.86 -43.36
C ASP B 895 -3.25 18.61 -42.45
N ASP B 896 -2.77 19.69 -41.84
CA ASP B 896 -1.69 19.60 -40.86
C ASP B 896 -2.26 19.37 -39.48
N ASP B 897 -1.66 18.44 -38.74
CA ASP B 897 -2.19 18.00 -37.46
C ASP B 897 -1.33 18.52 -36.32
N ASP B 898 -1.98 18.95 -35.25
CA ASP B 898 -1.31 19.45 -34.07
C ASP B 898 -2.22 19.26 -32.86
N PRO B 899 -1.77 18.51 -31.84
CA PRO B 899 -2.62 18.32 -30.65
C PRO B 899 -3.00 19.63 -29.96
N ASP B 900 -2.12 20.63 -30.01
CA ASP B 900 -2.42 21.90 -29.35
C ASP B 900 -3.54 22.64 -30.05
N THR B 901 -3.68 22.46 -31.35
CA THR B 901 -4.72 23.15 -32.12
C THR B 901 -6.10 22.75 -31.61
N GLU B 902 -6.95 23.75 -31.34
CA GLU B 902 -8.30 23.53 -30.85
C GLU B 902 -9.19 22.88 -31.92
N LEU B 903 -10.21 22.17 -31.49
CA LEU B 903 -11.12 21.46 -32.38
C LEU B 903 -11.82 22.40 -33.35
N TYR B 904 -12.24 23.57 -32.88
CA TYR B 904 -12.89 24.55 -33.74
C TYR B 904 -11.95 25.02 -34.85
N LEU B 905 -10.64 24.99 -34.58
CA LEU B 905 -9.64 25.44 -35.53
C LEU B 905 -9.19 24.33 -36.47
N THR B 906 -9.44 23.08 -36.10
CA THR B 906 -9.07 21.95 -36.96
C THR B 906 -9.83 22.01 -38.27
N GLN B 907 -9.15 21.56 -39.33
CA GLN B 907 -9.74 21.58 -40.68
C GLN B 907 -10.99 20.72 -40.81
N PRO B 908 -11.02 19.46 -40.36
CA PRO B 908 -12.25 18.67 -40.53
C PRO B 908 -13.47 19.27 -39.85
N PHE B 909 -13.32 19.95 -38.71
CA PHE B 909 -14.44 20.65 -38.07
C PHE B 909 -14.80 21.93 -38.81
N ALA B 910 -13.82 22.73 -39.25
CA ALA B 910 -14.09 23.94 -40.02
C ALA B 910 -14.85 23.65 -41.33
N CYS B 911 -14.67 22.45 -41.89
CA CYS B 911 -15.39 22.00 -43.07
C CYS B 911 -16.75 21.37 -42.78
N GLY B 912 -17.15 21.16 -41.52
CA GLY B 912 -18.39 20.47 -41.16
C GLY B 912 -18.36 18.96 -41.31
N THR B 913 -17.17 18.36 -41.35
CA THR B 913 -16.99 16.90 -41.46
C THR B 913 -16.99 16.21 -40.10
N ALA B 914 -16.69 16.91 -39.00
CA ALA B 914 -16.64 16.28 -37.70
C ALA B 914 -17.45 17.10 -36.71
N PHE B 915 -17.97 16.42 -35.69
CA PHE B 915 -18.72 17.09 -34.64
C PHE B 915 -18.47 16.36 -33.33
N ALA B 916 -18.26 17.11 -32.26
CA ALA B 916 -18.06 16.56 -30.94
C ALA B 916 -18.95 17.29 -29.94
N VAL B 917 -19.37 16.57 -28.90
CA VAL B 917 -20.27 17.12 -27.90
C VAL B 917 -19.59 18.20 -27.05
N SER B 918 -18.27 18.32 -27.12
CA SER B 918 -17.54 19.29 -26.32
C SER B 918 -17.74 20.72 -26.80
N VAL B 919 -18.19 20.95 -28.04
CA VAL B 919 -18.44 22.31 -28.57
C VAL B 919 -19.72 22.94 -28.04
N LEU B 920 -20.58 22.16 -27.39
CA LEU B 920 -21.84 22.63 -26.79
C LEU B 920 -21.67 23.21 -25.39
N ASP B 921 -20.47 23.26 -24.83
CA ASP B 921 -20.27 23.69 -23.45
C ASP B 921 -20.55 25.17 -23.24
N SER B 922 -20.42 25.99 -24.27
CA SER B 922 -20.76 27.40 -24.23
C SER B 922 -22.27 27.65 -24.15
N LEU B 923 -23.12 26.64 -24.38
CA LEU B 923 -24.56 26.81 -24.26
C LEU B 923 -25.00 27.10 -22.83
N MET B 924 -24.30 26.63 -21.80
CA MET B 924 -24.57 27.02 -20.42
C MET B 924 -24.50 28.53 -20.25
N SER B 925 -23.39 29.14 -20.66
CA SER B 925 -23.21 30.58 -20.55
C SER B 925 -24.18 31.34 -21.44
N ALA B 926 -24.36 30.92 -22.69
CA ALA B 926 -25.28 31.60 -23.61
C ALA B 926 -26.72 31.57 -23.09
N THR B 927 -27.17 30.39 -22.65
CA THR B 927 -28.52 30.23 -22.14
C THR B 927 -28.79 31.15 -20.96
N TYR B 928 -27.86 31.20 -20.01
CA TYR B 928 -28.02 32.05 -18.83
C TYR B 928 -28.20 33.52 -19.17
N PHE B 929 -27.25 34.07 -19.93
CA PHE B 929 -27.30 35.48 -20.30
C PHE B 929 -28.52 35.86 -21.14
N ASN B 930 -28.91 34.97 -22.05
CA ASN B 930 -30.07 35.24 -22.90
C ASN B 930 -31.01 34.02 -22.92
N ASP B 931 -32.08 34.08 -22.13
CA ASP B 931 -33.03 32.97 -21.94
C ASP B 931 -33.78 32.56 -23.21
N ASN B 932 -33.96 33.46 -24.18
CA ASN B 932 -34.59 33.10 -25.45
C ASN B 932 -33.65 32.32 -26.41
N ILE B 933 -32.33 32.34 -26.22
CA ILE B 933 -31.41 31.69 -27.16
C ILE B 933 -31.62 30.18 -27.19
N LEU B 934 -31.87 29.53 -26.05
CA LEU B 934 -32.06 28.08 -26.05
C LEU B 934 -33.33 27.69 -26.82
N THR B 935 -34.41 28.47 -26.75
CA THR B 935 -35.61 28.17 -27.55
C THR B 935 -35.43 28.53 -29.02
N LEU B 936 -34.71 29.60 -29.38
CA LEU B 936 -34.43 29.91 -30.79
C LEU B 936 -33.63 28.79 -31.44
N ILE B 937 -32.61 28.30 -30.75
CA ILE B 937 -31.83 27.15 -31.21
C ILE B 937 -32.68 25.90 -31.29
N ARG B 938 -33.44 25.59 -30.24
CA ARG B 938 -34.29 24.41 -30.25
C ARG B 938 -35.30 24.37 -31.39
N THR B 939 -35.98 25.50 -31.65
CA THR B 939 -36.96 25.57 -32.74
C THR B 939 -36.29 25.40 -34.10
N LEU B 940 -35.16 26.08 -34.33
CA LEU B 940 -34.37 25.97 -35.56
C LEU B 940 -33.81 24.55 -35.81
N VAL B 941 -33.46 23.84 -34.74
CA VAL B 941 -32.69 22.58 -34.81
C VAL B 941 -33.55 21.32 -34.88
N THR B 942 -34.69 21.30 -34.21
CA THR B 942 -35.58 20.15 -34.25
C THR B 942 -36.78 20.40 -35.18
N GLY B 943 -36.76 21.51 -35.90
CA GLY B 943 -37.83 21.86 -36.84
C GLY B 943 -39.15 22.15 -36.12
N GLY B 944 -39.11 22.95 -35.04
CA GLY B 944 -40.25 23.28 -34.19
C GLY B 944 -40.53 22.26 -33.09
N ALA B 945 -40.60 22.71 -31.84
CA ALA B 945 -41.08 21.94 -30.71
C ALA B 945 -41.83 22.87 -29.75
N THR B 946 -43.00 23.32 -30.16
CA THR B 946 -43.83 24.25 -29.39
C THR B 946 -44.39 23.59 -28.12
N PRO B 947 -44.82 24.35 -27.11
CA PRO B 947 -45.32 23.81 -25.83
C PRO B 947 -46.40 22.73 -25.94
N GLU B 948 -47.24 22.77 -26.97
CA GLU B 948 -48.23 21.74 -27.25
C GLU B 948 -47.57 20.38 -27.49
N LEU B 949 -46.55 20.31 -28.34
CA LEU B 949 -45.85 19.07 -28.65
C LEU B 949 -45.07 18.57 -27.43
N GLU B 950 -44.48 19.48 -26.67
CA GLU B 950 -43.76 19.15 -25.43
C GLU B 950 -44.68 18.60 -24.34
N ALA B 951 -45.95 19.04 -24.28
CA ALA B 951 -46.96 18.40 -23.43
C ALA B 951 -47.34 17.02 -23.96
N LEU B 952 -47.66 16.87 -25.26
CA LEU B 952 -48.04 15.59 -25.84
C LEU B 952 -46.96 14.51 -25.65
N ILE B 953 -45.70 14.82 -25.94
CA ILE B 953 -44.61 13.85 -25.75
C ILE B 953 -44.34 13.56 -24.26
N ALA B 954 -44.65 14.48 -23.34
CA ALA B 954 -44.56 14.22 -21.91
C ALA B 954 -45.69 13.33 -21.37
N GLU B 955 -46.91 13.43 -21.90
CA GLU B 955 -48.05 12.60 -21.47
C GLU B 955 -48.05 11.21 -22.13
N GLU B 956 -47.79 11.10 -23.44
CA GLU B 956 -47.97 9.85 -24.20
C GLU B 956 -46.67 9.25 -24.79
N ASN B 957 -45.60 10.04 -24.91
CA ASN B 957 -44.25 9.58 -25.28
C ASN B 957 -44.24 8.90 -26.64
N ALA B 958 -45.07 9.39 -27.57
CA ALA B 958 -45.06 9.11 -29.00
C ALA B 958 -45.71 10.27 -29.79
N LEU B 959 -45.34 10.48 -31.06
CA LEU B 959 -46.08 11.38 -31.95
C LEU B 959 -47.39 10.70 -32.38
N ARG B 960 -48.49 11.44 -32.22
CA ARG B 960 -49.82 10.97 -32.60
C ARG B 960 -50.26 11.75 -33.84
N GLY B 961 -50.81 11.04 -34.83
CA GLY B 961 -51.27 11.64 -36.07
C GLY B 961 -52.56 12.44 -35.91
N GLY B 962 -52.65 13.59 -36.57
CA GLY B 962 -53.81 14.47 -36.57
C GLY B 962 -54.45 14.61 -37.95
N TYR B 963 -55.78 14.76 -38.00
CA TYR B 963 -56.48 15.12 -39.24
C TYR B 963 -56.14 16.55 -39.67
N SER B 964 -56.18 16.82 -40.97
CA SER B 964 -55.85 18.15 -41.51
C SER B 964 -56.81 19.23 -41.01
N THR B 965 -56.28 20.39 -40.59
CA THR B 965 -57.08 21.54 -40.18
C THR B 965 -56.46 22.81 -40.75
N PRO B 966 -57.22 23.92 -40.83
CA PRO B 966 -56.69 25.22 -41.27
C PRO B 966 -55.53 25.72 -40.41
N GLN B 967 -55.56 25.52 -39.09
CA GLN B 967 -54.44 25.84 -38.19
C GLN B 967 -53.20 24.95 -38.47
N THR B 968 -53.39 23.67 -38.79
CA THR B 968 -52.30 22.77 -39.22
C THR B 968 -51.64 23.29 -40.51
N LEU B 969 -52.42 23.69 -41.51
CA LEU B 969 -51.86 24.25 -42.76
C LEU B 969 -51.23 25.64 -42.55
N ALA B 970 -51.65 26.43 -41.56
CA ALA B 970 -50.96 27.66 -41.18
C ALA B 970 -49.60 27.40 -40.50
N ASN B 971 -49.50 26.35 -39.67
CA ASN B 971 -48.27 25.97 -38.95
C ASN B 971 -47.11 25.51 -39.87
N ARG B 972 -47.32 25.36 -41.18
CA ARG B 972 -46.27 25.04 -42.15
C ARG B 972 -45.48 26.26 -42.66
N ASP B 973 -45.93 27.49 -42.41
CA ASP B 973 -45.38 28.70 -43.05
C ASP B 973 -43.92 29.06 -42.66
N ARG B 974 -43.40 28.53 -41.56
CA ARG B 974 -42.05 28.85 -41.02
C ARG B 974 -40.89 28.53 -41.97
N CYS B 975 -39.91 29.43 -42.03
CA CYS B 975 -38.70 29.26 -42.84
C CYS B 975 -37.98 27.92 -42.63
N ARG B 976 -37.25 27.50 -43.67
CA ARG B 976 -36.42 26.30 -43.66
C ARG B 976 -35.02 26.67 -44.14
N VAL B 977 -33.97 26.18 -43.47
CA VAL B 977 -32.59 26.48 -43.84
C VAL B 977 -32.23 25.80 -45.16
N ALA B 978 -31.41 26.45 -45.98
CA ALA B 978 -31.08 25.98 -47.32
C ALA B 978 -29.65 26.31 -47.73
N GLN B 979 -29.16 25.55 -48.71
CA GLN B 979 -28.09 26.01 -49.59
C GLN B 979 -28.63 26.10 -51.01
N LEU B 980 -28.11 27.10 -51.73
CA LEU B 980 -28.34 27.28 -53.17
C LEU B 980 -27.02 27.59 -53.90
N ALA B 981 -26.96 27.23 -55.19
CA ALA B 981 -25.77 27.40 -56.03
C ALA B 981 -25.62 28.83 -56.57
N LEU B 982 -24.36 29.22 -56.84
CA LEU B 982 -24.00 30.52 -57.42
C LEU B 982 -23.63 30.44 -58.92
N LEU B 983 -23.59 29.23 -59.51
CA LEU B 983 -23.30 29.00 -60.93
C LEU B 983 -24.52 29.06 -61.87
N ASP B 984 -25.75 29.04 -61.35
CA ASP B 984 -26.98 29.11 -62.13
C ASP B 984 -28.16 29.73 -61.33
N GLY B 985 -29.25 30.04 -62.03
CA GLY B 985 -30.40 30.75 -61.44
C GLY B 985 -30.19 32.28 -61.33
N PRO B 986 -31.12 33.00 -60.68
CA PRO B 986 -31.18 34.45 -60.76
C PRO B 986 -30.01 35.16 -60.07
N PHE B 987 -29.32 34.48 -59.15
CA PHE B 987 -28.19 35.01 -58.38
C PHE B 987 -26.85 34.93 -59.14
N ALA B 988 -26.79 34.18 -60.24
CA ALA B 988 -25.53 33.82 -60.90
C ALA B 988 -24.81 34.99 -61.60
N ASP B 989 -25.44 36.15 -61.77
CA ASP B 989 -24.76 37.35 -62.28
C ASP B 989 -23.71 37.90 -61.29
N LEU B 990 -23.79 37.53 -60.01
CA LEU B 990 -22.68 37.62 -59.04
C LEU B 990 -21.64 36.53 -59.32
N GLY B 991 -20.97 36.66 -60.46
CA GLY B 991 -19.82 35.86 -60.83
C GLY B 991 -18.54 36.28 -60.09
N ASP B 992 -17.39 36.04 -60.74
CA ASP B 992 -16.09 36.48 -60.26
C ASP B 992 -16.05 37.99 -59.96
N GLY B 993 -15.54 38.36 -58.78
CA GLY B 993 -15.34 39.75 -58.37
C GLY B 993 -16.58 40.46 -57.83
N GLY B 994 -17.72 39.78 -57.71
CA GLY B 994 -18.91 40.33 -57.07
C GLY B 994 -18.69 40.62 -55.57
N CYS B 995 -19.50 41.51 -54.99
CA CYS B 995 -19.43 41.87 -53.56
C CYS B 995 -20.54 41.16 -52.77
N TYR B 996 -20.21 40.63 -51.60
CA TYR B 996 -21.18 39.95 -50.74
C TYR B 996 -22.34 40.87 -50.34
N GLY B 997 -22.06 42.16 -50.13
CA GLY B 997 -23.09 43.17 -49.91
C GLY B 997 -24.09 43.29 -51.05
N ASP B 998 -23.64 43.24 -52.31
CA ASP B 998 -24.54 43.24 -53.46
C ASP B 998 -25.46 42.02 -53.43
N LEU B 999 -24.89 40.83 -53.17
CA LEU B 999 -25.64 39.57 -53.11
C LEU B 999 -26.65 39.59 -51.96
N PHE B 1000 -26.20 39.96 -50.76
CA PHE B 1000 -27.05 40.09 -49.59
C PHE B 1000 -28.22 41.02 -49.88
N CYS B 1001 -27.94 42.21 -50.44
CA CYS B 1001 -28.98 43.17 -50.78
C CYS B 1001 -29.96 42.59 -51.80
N LYS B 1002 -29.51 42.09 -52.97
CA LYS B 1002 -30.46 41.62 -54.00
C LYS B 1002 -31.28 40.41 -53.53
N ALA B 1003 -30.66 39.47 -52.80
CA ALA B 1003 -31.38 38.31 -52.24
C ALA B 1003 -32.49 38.77 -51.29
N LEU B 1004 -32.18 39.72 -50.40
CA LEU B 1004 -33.11 40.21 -49.40
C LEU B 1004 -34.23 41.03 -50.02
N LYS B 1005 -33.89 41.97 -50.91
CA LYS B 1005 -34.86 42.85 -51.59
C LYS B 1005 -35.87 42.08 -52.43
N THR B 1006 -35.43 41.04 -53.16
CA THR B 1006 -36.24 40.45 -54.24
C THR B 1006 -36.79 39.07 -53.92
N TYR B 1007 -36.11 38.26 -53.09
CA TYR B 1007 -36.55 36.91 -52.73
C TYR B 1007 -36.87 36.73 -51.24
N ASN B 1008 -36.87 37.81 -50.44
CA ASN B 1008 -37.17 37.78 -49.00
C ASN B 1008 -36.25 36.78 -48.27
N MET B 1009 -35.00 36.69 -48.73
CA MET B 1009 -34.01 35.67 -48.39
C MET B 1009 -32.69 36.33 -47.98
N LEU B 1010 -32.07 35.89 -46.89
CA LEU B 1010 -30.80 36.47 -46.44
C LEU B 1010 -29.87 35.41 -45.90
N CYS B 1011 -28.59 35.71 -46.09
CA CYS B 1011 -27.50 34.79 -45.94
C CYS B 1011 -26.61 35.18 -44.76
N PHE B 1012 -26.36 34.20 -43.90
CA PHE B 1012 -25.47 34.34 -42.75
C PHE B 1012 -24.08 33.77 -43.00
N GLY B 1013 -23.81 33.19 -44.18
CA GLY B 1013 -22.47 32.70 -44.50
C GLY B 1013 -22.27 32.07 -45.88
N ILE B 1014 -21.00 31.93 -46.23
CA ILE B 1014 -20.49 31.38 -47.48
C ILE B 1014 -19.82 30.04 -47.18
N TYR B 1015 -20.14 28.98 -47.92
CA TYR B 1015 -19.46 27.68 -47.81
C TYR B 1015 -18.35 27.56 -48.88
N ARG B 1016 -17.29 28.34 -48.68
CA ARG B 1016 -16.19 28.47 -49.64
C ARG B 1016 -15.15 27.36 -49.76
N LEU B 1017 -14.83 27.00 -51.01
CA LEU B 1017 -13.79 25.96 -51.24
C LEU B 1017 -12.45 26.34 -50.62
N ARG B 1018 -11.84 25.39 -49.91
CA ARG B 1018 -10.57 25.63 -49.23
C ARG B 1018 -9.45 26.24 -50.08
N ASP B 1019 -9.25 25.68 -51.28
CA ASP B 1019 -8.22 26.12 -52.21
C ASP B 1019 -8.68 27.23 -53.16
N ALA B 1020 -9.91 27.73 -53.08
CA ALA B 1020 -10.39 28.78 -53.99
C ALA B 1020 -9.67 30.11 -53.85
N HIS B 1021 -9.01 30.37 -52.73
CA HIS B 1021 -8.17 31.55 -52.53
C HIS B 1021 -6.78 31.42 -53.16
N LEU B 1022 -6.36 30.23 -53.59
CA LEU B 1022 -5.09 30.00 -54.25
C LEU B 1022 -5.16 30.37 -55.74
N SER B 1023 -4.01 30.65 -56.34
CA SER B 1023 -3.89 30.91 -57.78
C SER B 1023 -4.03 29.64 -58.63
N THR B 1024 -3.41 28.55 -58.21
CA THR B 1024 -3.33 27.30 -58.96
C THR B 1024 -4.61 26.48 -58.81
N PRO B 1025 -5.15 25.89 -59.88
CA PRO B 1025 -6.23 24.93 -59.79
C PRO B 1025 -5.86 23.72 -58.93
N SER B 1026 -6.83 23.17 -58.22
CA SER B 1026 -6.67 21.99 -57.37
C SER B 1026 -7.89 21.08 -57.47
N GLN B 1027 -7.69 19.78 -57.29
CA GLN B 1027 -8.77 18.78 -57.37
C GLN B 1027 -9.52 18.62 -56.04
N CYS B 1028 -9.04 19.24 -54.97
CA CYS B 1028 -9.70 19.22 -53.66
C CYS B 1028 -11.08 19.88 -53.71
N THR B 1029 -12.09 19.18 -53.23
CA THR B 1029 -13.50 19.62 -53.20
C THR B 1029 -13.94 20.06 -51.80
N LYS B 1030 -13.01 20.21 -50.84
CA LYS B 1030 -13.36 20.49 -49.46
C LYS B 1030 -13.62 22.00 -49.31
N ARG B 1031 -14.72 22.31 -48.63
CA ARG B 1031 -15.10 23.69 -48.36
C ARG B 1031 -15.08 23.95 -46.86
N TYR B 1032 -15.35 25.19 -46.49
CA TYR B 1032 -15.38 25.62 -45.09
C TYR B 1032 -16.32 26.81 -44.88
N VAL B 1033 -16.82 26.95 -43.66
CA VAL B 1033 -17.86 27.93 -43.32
C VAL B 1033 -17.25 29.29 -43.05
N ILE B 1034 -17.57 30.29 -43.86
CA ILE B 1034 -17.33 31.71 -43.56
C ILE B 1034 -18.64 32.31 -43.07
N THR B 1035 -18.61 32.88 -41.87
CA THR B 1035 -19.79 33.41 -41.17
C THR B 1035 -19.84 34.93 -41.31
N ASN B 1036 -21.01 35.46 -41.66
CA ASN B 1036 -21.36 36.87 -41.63
C ASN B 1036 -20.25 37.80 -42.19
N PRO B 1037 -19.77 37.59 -43.43
CA PRO B 1037 -18.66 38.36 -43.96
C PRO B 1037 -19.04 39.83 -44.26
N PRO B 1038 -18.06 40.73 -44.36
CA PRO B 1038 -18.28 42.14 -44.72
C PRO B 1038 -19.08 42.34 -46.01
N TYR B 1039 -19.75 43.48 -46.14
CA TYR B 1039 -20.37 43.91 -47.41
C TYR B 1039 -19.35 43.95 -48.56
N GLU B 1040 -18.12 44.38 -48.26
CA GLU B 1040 -17.01 44.46 -49.20
C GLU B 1040 -16.36 43.11 -49.57
N PHE B 1041 -16.78 42.01 -48.95
CA PHE B 1041 -16.15 40.69 -49.15
C PHE B 1041 -16.35 40.17 -50.58
N GLU B 1042 -15.32 39.54 -51.14
CA GLU B 1042 -15.23 39.23 -52.57
C GLU B 1042 -15.67 37.80 -52.90
N LEU B 1043 -16.56 37.67 -53.89
CA LEU B 1043 -17.07 36.40 -54.38
C LEU B 1043 -16.22 35.81 -55.50
N VAL B 1044 -16.23 34.48 -55.57
CA VAL B 1044 -15.73 33.67 -56.69
C VAL B 1044 -16.87 32.78 -57.17
N PRO B 1045 -16.95 32.41 -58.46
CA PRO B 1045 -18.17 31.81 -59.01
C PRO B 1045 -18.48 30.42 -58.45
N THR B 1046 -17.46 29.63 -58.11
CA THR B 1046 -17.67 28.35 -57.42
C THR B 1046 -17.81 28.65 -55.93
N ASP B 1047 -19.04 28.83 -55.47
CA ASP B 1047 -19.42 29.10 -54.07
C ASP B 1047 -20.80 28.51 -53.77
N LEU B 1048 -21.10 28.30 -52.49
CA LEU B 1048 -22.42 27.98 -51.96
C LEU B 1048 -22.74 28.94 -50.81
N ILE B 1049 -24.02 29.27 -50.63
CA ILE B 1049 -24.47 30.28 -49.67
C ILE B 1049 -25.45 29.66 -48.67
N PHE B 1050 -25.18 29.79 -47.37
CA PHE B 1050 -26.15 29.44 -46.33
C PHE B 1050 -27.19 30.54 -46.18
N CYS B 1051 -28.47 30.18 -46.21
CA CYS B 1051 -29.56 31.15 -46.06
C CYS B 1051 -30.83 30.51 -45.48
N LEU B 1052 -31.73 31.36 -44.98
CA LEU B 1052 -33.10 30.97 -44.62
C LEU B 1052 -34.05 31.40 -45.73
N MET B 1053 -34.90 30.47 -46.17
CA MET B 1053 -35.79 30.63 -47.31
C MET B 1053 -37.25 30.42 -46.95
N GLN B 1054 -38.12 31.11 -47.67
CA GLN B 1054 -39.57 31.11 -47.47
C GLN B 1054 -40.23 29.77 -47.81
N PHE B 1055 -41.47 29.60 -47.37
CA PHE B 1055 -42.31 28.45 -47.65
C PHE B 1055 -43.40 28.78 -48.70
N ASP B 1056 -43.73 27.80 -49.54
CA ASP B 1056 -44.74 28.00 -50.57
C ASP B 1056 -45.95 27.10 -50.32
N GLN C 19 57.21 -11.92 28.76
CA GLN C 19 56.80 -12.33 27.41
C GLN C 19 55.28 -12.44 27.31
N ARG C 20 54.72 -12.05 26.16
CA ARG C 20 53.29 -12.10 25.87
C ARG C 20 52.99 -13.29 24.96
N MET C 21 51.77 -13.83 25.05
CA MET C 21 51.41 -15.07 24.32
C MET C 21 50.11 -14.96 23.52
N TRP C 22 49.56 -13.76 23.34
CA TRP C 22 48.30 -13.52 22.65
C TRP C 22 48.18 -14.26 21.31
N TRP C 23 49.27 -14.32 20.56
CA TRP C 23 49.34 -14.95 19.25
C TRP C 23 49.14 -16.47 19.32
N ALA C 24 49.47 -17.14 20.42
CA ALA C 24 49.29 -18.59 20.54
C ALA C 24 47.82 -18.99 20.54
N PHE C 25 46.98 -18.25 21.27
CA PHE C 25 45.54 -18.45 21.31
C PHE C 25 44.93 -18.25 19.92
N LEU C 26 45.25 -17.12 19.27
CA LEU C 26 44.78 -16.79 17.94
C LEU C 26 45.26 -17.79 16.88
N ALA C 27 46.52 -18.18 16.93
CA ALA C 27 47.09 -19.18 16.03
C ALA C 27 46.37 -20.52 16.16
N SER C 28 46.07 -20.97 17.37
CA SER C 28 45.34 -22.23 17.57
C SER C 28 43.98 -22.22 16.90
N SER C 29 43.23 -21.10 16.92
CA SER C 29 41.95 -20.98 16.22
C SER C 29 42.09 -20.94 14.71
N MET C 30 43.01 -20.12 14.19
CA MET C 30 43.26 -20.02 12.75
C MET C 30 43.73 -21.36 12.19
N VAL C 31 44.64 -22.03 12.89
CA VAL C 31 45.19 -23.31 12.43
C VAL C 31 44.10 -24.37 12.42
N THR C 32 43.25 -24.40 13.45
CA THR C 32 42.09 -25.32 13.51
C THR C 32 41.12 -25.09 12.35
N PHE C 33 40.69 -23.85 12.11
CA PHE C 33 39.71 -23.58 11.06
C PHE C 33 40.26 -23.89 9.68
N PHE C 34 41.45 -23.38 9.33
CA PHE C 34 42.02 -23.55 7.99
C PHE C 34 42.63 -24.92 7.77
N GLY C 35 43.24 -25.57 8.76
CA GLY C 35 43.71 -26.93 8.58
C GLY C 35 42.57 -27.91 8.35
N GLY C 36 41.47 -27.75 9.09
CA GLY C 36 40.32 -28.60 8.82
C GLY C 36 39.76 -28.38 7.42
N LEU C 37 39.66 -27.13 6.99
CA LEU C 37 39.16 -26.79 5.66
C LEU C 37 40.06 -27.36 4.56
N PHE C 38 41.38 -27.23 4.70
CA PHE C 38 42.31 -27.83 3.76
C PHE C 38 42.31 -29.34 3.81
N ILE C 39 42.17 -29.97 4.96
CA ILE C 39 42.11 -31.42 5.03
C ILE C 39 40.88 -31.93 4.30
N ILE C 40 39.73 -31.27 4.50
CA ILE C 40 38.52 -31.68 3.80
C ILE C 40 38.69 -31.54 2.29
N LEU C 41 39.22 -30.41 1.82
CA LEU C 41 39.42 -30.18 0.38
C LEU C 41 40.46 -31.11 -0.23
N LEU C 42 41.52 -31.47 0.51
CA LEU C 42 42.49 -32.45 0.06
C LEU C 42 41.88 -33.85 0.01
N TRP C 43 41.05 -34.23 0.98
CA TRP C 43 40.38 -35.53 0.93
C TRP C 43 39.46 -35.61 -0.28
N ARG C 44 38.76 -34.52 -0.59
CA ARG C 44 37.89 -34.52 -1.75
C ARG C 44 38.72 -34.73 -3.04
N THR C 45 39.76 -33.92 -3.18
CA THR C 45 40.67 -33.97 -4.34
C THR C 45 41.25 -35.37 -4.53
N LEU C 46 41.83 -35.94 -3.48
CA LEU C 46 42.44 -37.27 -3.52
C LEU C 46 41.41 -38.40 -3.68
N LYS C 47 40.12 -38.20 -3.32
CA LYS C 47 39.11 -39.21 -3.55
C LYS C 47 38.83 -39.39 -5.04
N TYR C 48 38.73 -38.28 -5.78
CA TYR C 48 38.53 -38.31 -7.23
C TYR C 48 39.81 -38.73 -7.95
N LEU C 49 40.97 -38.30 -7.47
CA LEU C 49 42.27 -38.69 -8.03
C LEU C 49 42.56 -40.20 -7.91
N TRP C 50 41.87 -40.94 -7.04
CA TRP C 50 42.04 -42.38 -7.00
C TRP C 50 41.54 -43.07 -8.26
N THR C 51 40.60 -42.44 -8.98
CA THR C 51 40.11 -42.97 -10.26
C THR C 51 41.20 -42.95 -11.33
N VAL C 52 42.24 -42.12 -11.18
CA VAL C 52 43.39 -42.16 -12.07
C VAL C 52 44.18 -43.46 -11.90
N CYS C 53 44.41 -43.89 -10.66
CA CYS C 53 45.13 -45.13 -10.40
C CYS C 53 44.29 -46.37 -10.67
N CYS C 54 42.98 -46.21 -10.88
CA CYS C 54 42.11 -47.34 -11.18
C CYS C 54 41.33 -47.11 -12.46
N VAL C 91 22.06 -51.12 4.48
CA VAL C 91 22.48 -49.87 5.09
C VAL C 91 23.74 -50.10 5.91
N GLY C 92 24.79 -49.35 5.62
CA GLY C 92 26.09 -49.48 6.29
C GLY C 92 26.12 -48.91 7.70
N TRP C 93 27.14 -49.24 8.47
CA TRP C 93 27.29 -48.74 9.83
C TRP C 93 27.57 -47.23 9.86
N MET C 94 28.21 -46.68 8.82
CA MET C 94 28.41 -45.24 8.65
C MET C 94 27.08 -44.49 8.64
N THR C 95 26.12 -44.96 7.86
CA THR C 95 24.78 -44.37 7.80
C THR C 95 24.04 -44.55 9.11
N SER C 96 24.21 -45.70 9.75
CA SER C 96 23.55 -45.98 11.03
C SER C 96 24.03 -45.07 12.15
N VAL C 97 25.34 -44.77 12.24
CA VAL C 97 25.86 -43.80 13.21
C VAL C 97 25.51 -42.36 12.84
N LYS C 98 25.45 -42.01 11.54
CA LYS C 98 24.99 -40.69 11.10
C LYS C 98 23.54 -40.45 11.50
N ASP C 99 22.66 -41.44 11.34
CA ASP C 99 21.28 -41.35 11.81
C ASP C 99 21.18 -41.21 13.33
N TRP C 100 21.93 -42.01 14.09
CA TRP C 100 21.94 -41.89 15.55
C TRP C 100 22.40 -40.51 16.01
N ALA C 101 23.47 -39.98 15.43
CA ALA C 101 23.92 -38.64 15.74
C ALA C 101 22.87 -37.58 15.36
N GLY C 102 22.21 -37.70 14.21
CA GLY C 102 21.15 -36.77 13.81
C GLY C 102 19.94 -36.79 14.75
N VAL C 103 19.60 -37.96 15.28
CA VAL C 103 18.54 -38.07 16.28
C VAL C 103 18.97 -37.42 17.59
N MET C 104 20.23 -37.64 18.00
CA MET C 104 20.74 -37.01 19.20
C MET C 104 20.77 -35.49 19.06
N ILE C 105 21.18 -34.99 17.90
CA ILE C 105 21.23 -33.55 17.67
C ILE C 105 19.84 -32.94 17.77
N SER C 106 18.86 -33.59 17.15
CA SER C 106 17.47 -33.18 17.34
C SER C 106 17.01 -33.58 18.74
N ALA C 107 15.78 -33.20 19.07
CA ALA C 107 15.19 -33.53 20.37
C ALA C 107 14.20 -34.69 20.26
N GLN C 108 14.50 -35.67 19.40
CA GLN C 108 13.59 -36.78 19.17
C GLN C 108 13.66 -37.85 20.25
N THR C 109 14.63 -37.77 21.15
CA THR C 109 14.77 -38.72 22.24
C THR C 109 14.99 -37.96 23.54
N LEU C 110 14.84 -38.67 24.66
CA LEU C 110 15.05 -38.05 25.96
C LEU C 110 16.50 -37.58 26.11
N THR C 111 17.45 -38.40 25.68
CA THR C 111 18.86 -38.01 25.76
C THR C 111 19.12 -36.80 24.86
N GLY C 112 18.50 -36.77 23.68
CA GLY C 112 18.66 -35.60 22.82
C GLY C 112 18.10 -34.34 23.43
N ARG C 113 16.94 -34.44 24.08
CA ARG C 113 16.37 -33.29 24.76
C ARG C 113 17.26 -32.81 25.90
N VAL C 114 17.82 -33.76 26.65
CA VAL C 114 18.73 -33.40 27.73
C VAL C 114 19.97 -32.69 27.17
N LEU C 115 20.50 -33.21 26.07
CA LEU C 115 21.68 -32.59 25.45
C LEU C 115 21.37 -31.18 24.96
N VAL C 116 20.20 -30.99 24.35
CA VAL C 116 19.83 -29.67 23.85
C VAL C 116 19.67 -28.68 25.00
N VAL C 117 19.02 -29.11 26.09
CA VAL C 117 18.87 -28.24 27.26
C VAL C 117 20.25 -27.91 27.84
N LEU C 118 21.15 -28.89 27.86
CA LEU C 118 22.49 -28.63 28.36
C LEU C 118 23.22 -27.63 27.48
N VAL C 119 23.06 -27.72 26.17
CA VAL C 119 23.66 -26.74 25.27
C VAL C 119 23.11 -25.35 25.57
N PHE C 120 21.79 -25.26 25.74
CA PHE C 120 21.15 -23.98 26.03
C PHE C 120 21.71 -23.37 27.31
N ALA C 121 21.87 -24.19 28.35
CA ALA C 121 22.37 -23.68 29.63
C ALA C 121 23.85 -23.31 29.53
N LEU C 122 24.65 -24.15 28.88
CA LEU C 122 26.09 -23.93 28.88
C LEU C 122 26.50 -22.78 27.98
N SER C 123 25.70 -22.46 26.97
CA SER C 123 25.98 -21.25 26.19
C SER C 123 25.91 -20.01 27.07
N ILE C 124 24.85 -19.90 27.87
CA ILE C 124 24.72 -18.78 28.80
C ILE C 124 25.81 -18.84 29.85
N GLY C 125 26.18 -20.04 30.29
CA GLY C 125 27.26 -20.16 31.26
C GLY C 125 28.58 -19.64 30.74
N ALA C 126 28.93 -20.00 29.50
CA ALA C 126 30.15 -19.51 28.89
C ALA C 126 30.10 -18.00 28.69
N LEU C 127 28.93 -17.47 28.29
CA LEU C 127 28.80 -16.03 28.14
C LEU C 127 29.02 -15.33 29.48
N VAL C 128 28.46 -15.88 30.56
CA VAL C 128 28.64 -15.28 31.89
C VAL C 128 30.10 -15.36 32.32
N ILE C 129 30.78 -16.46 31.98
CA ILE C 129 32.20 -16.57 32.30
C ILE C 129 32.99 -15.49 31.57
N TYR C 130 32.67 -15.26 30.30
CA TYR C 130 33.34 -14.18 29.58
C TYR C 130 33.03 -12.83 30.20
N PHE C 131 31.80 -12.61 30.63
CA PHE C 131 31.45 -11.35 31.29
C PHE C 131 32.28 -11.14 32.55
N ILE C 132 32.48 -12.18 33.36
CA ILE C 132 33.35 -12.12 34.56
C ILE C 132 34.77 -11.73 34.15
N ASP C 133 35.38 -12.47 33.22
CA ASP C 133 36.74 -12.23 32.77
C ASP C 133 36.93 -10.84 32.15
N SER C 134 35.92 -10.26 31.50
CA SER C 134 36.02 -8.95 30.86
C SER C 134 36.37 -7.82 31.84
N SER C 135 36.18 -8.01 33.14
CA SER C 135 36.56 -7.05 34.19
C SER C 135 38.05 -7.08 34.58
N ASN C 136 38.80 -8.12 34.22
CA ASN C 136 40.24 -8.28 34.50
C ASN C 136 41.14 -7.61 33.43
N PRO C 137 42.46 -7.51 33.68
CA PRO C 137 43.47 -7.16 32.67
C PRO C 137 43.42 -8.02 31.39
N ILE C 138 44.03 -7.52 30.30
CA ILE C 138 43.89 -8.09 28.95
C ILE C 138 44.64 -9.43 28.77
N GLU C 139 45.78 -9.57 29.45
CA GLU C 139 46.59 -10.78 29.44
C GLU C 139 47.14 -11.04 30.87
N SER C 140 47.14 -12.29 31.33
CA SER C 140 47.60 -12.60 32.70
C SER C 140 48.01 -14.07 32.88
N CYS C 141 48.74 -14.37 33.96
CA CYS C 141 49.11 -15.72 34.39
C CYS C 141 48.19 -16.17 35.54
N GLN C 142 47.53 -17.31 35.42
CA GLN C 142 46.62 -17.82 36.47
C GLN C 142 46.63 -19.34 36.57
N ASN C 143 46.67 -19.85 37.79
CA ASN C 143 46.89 -21.27 38.09
C ASN C 143 45.63 -22.11 37.81
N PHE C 144 45.65 -22.97 36.78
CA PHE C 144 44.57 -23.89 36.46
C PHE C 144 44.13 -24.75 37.64
N TYR C 145 45.07 -25.25 38.46
CA TYR C 145 44.69 -26.08 39.60
C TYR C 145 44.06 -25.28 40.73
N LYS C 146 44.12 -23.95 40.68
CA LYS C 146 43.53 -23.10 41.71
C LYS C 146 42.63 -22.03 41.10
N ASP C 147 41.99 -22.29 39.96
CA ASP C 147 41.09 -21.31 39.37
C ASP C 147 39.79 -21.98 38.95
N PHE C 148 38.79 -21.89 39.82
CA PHE C 148 37.48 -22.52 39.61
C PHE C 148 36.87 -22.07 38.29
N THR C 149 36.99 -20.78 37.91
CA THR C 149 36.40 -20.34 36.63
C THR C 149 37.09 -20.98 35.45
N LEU C 150 38.42 -21.13 35.48
CA LEU C 150 39.12 -21.83 34.42
C LEU C 150 38.78 -23.33 34.40
N GLN C 151 38.56 -24.00 35.53
CA GLN C 151 38.10 -25.39 35.48
C GLN C 151 36.69 -25.48 34.91
N ILE C 152 35.80 -24.56 35.30
CA ILE C 152 34.43 -24.57 34.78
C ILE C 152 34.43 -24.32 33.29
N ASP C 153 35.25 -23.37 32.83
CA ASP C 153 35.38 -23.12 31.40
C ASP C 153 35.93 -24.35 30.68
N MET C 154 36.88 -25.04 31.31
CA MET C 154 37.46 -26.23 30.72
C MET C 154 36.38 -27.28 30.49
N ALA C 155 35.55 -27.52 31.51
CA ALA C 155 34.46 -28.49 31.38
C ALA C 155 33.43 -28.05 30.34
N PHE C 156 33.09 -26.76 30.33
CA PHE C 156 32.13 -26.26 29.35
C PHE C 156 32.64 -26.47 27.93
N ASN C 157 33.92 -26.22 27.71
CA ASN C 157 34.47 -26.39 26.37
C ASN C 157 34.62 -27.86 26.00
N VAL C 158 34.83 -28.75 26.99
CA VAL C 158 34.76 -30.18 26.71
C VAL C 158 33.37 -30.54 26.18
N PHE C 159 32.33 -30.05 26.86
CA PHE C 159 30.98 -30.35 26.41
C PHE C 159 30.72 -29.77 25.03
N PHE C 160 31.20 -28.56 24.71
CA PHE C 160 31.04 -27.99 23.38
C PHE C 160 31.84 -28.75 22.33
N LEU C 161 33.04 -29.24 22.64
CA LEU C 161 33.78 -30.11 21.74
C LEU C 161 33.00 -31.38 21.45
N LEU C 162 32.33 -31.96 22.45
CA LEU C 162 31.54 -33.18 22.22
C LEU C 162 30.33 -32.89 21.36
N TYR C 163 29.64 -31.78 21.62
CA TYR C 163 28.48 -31.37 20.83
C TYR C 163 28.87 -31.02 19.39
N PHE C 164 30.04 -30.40 19.18
CA PHE C 164 30.62 -30.20 17.86
C PHE C 164 30.89 -31.53 17.14
N GLY C 165 31.52 -32.50 17.81
CA GLY C 165 31.76 -33.81 17.26
C GLY C 165 30.47 -34.50 16.85
N LEU C 166 29.42 -34.40 17.65
CA LEU C 166 28.13 -35.01 17.32
C LEU C 166 27.53 -34.36 16.07
N ARG C 167 27.54 -33.03 15.99
CA ARG C 167 27.01 -32.30 14.82
C ARG C 167 27.83 -32.55 13.57
N PHE C 168 29.15 -32.74 13.69
CA PHE C 168 29.99 -33.15 12.58
C PHE C 168 29.61 -34.55 12.07
N ILE C 169 29.44 -35.53 12.95
CA ILE C 169 29.04 -36.89 12.57
C ILE C 169 27.67 -36.86 11.89
N ALA C 170 26.71 -36.13 12.45
CA ALA C 170 25.37 -35.98 11.88
C ALA C 170 25.34 -35.18 10.58
N ALA C 171 26.38 -34.43 10.24
CA ALA C 171 26.34 -33.55 9.08
C ALA C 171 26.29 -34.34 7.78
N ASN C 172 25.53 -33.83 6.81
CA ASN C 172 25.46 -34.44 5.49
C ASN C 172 26.64 -34.02 4.62
N ASP C 173 26.80 -32.73 4.32
CA ASP C 173 27.96 -32.23 3.59
C ASP C 173 28.93 -31.65 4.60
N LYS C 174 30.08 -32.31 4.75
CA LYS C 174 31.09 -31.90 5.71
C LYS C 174 31.58 -30.49 5.47
N LEU C 175 31.91 -30.19 4.22
CA LEU C 175 32.41 -28.87 3.87
C LEU C 175 31.34 -27.81 4.13
N TRP C 176 30.07 -28.10 3.85
CA TRP C 176 28.97 -27.24 4.26
C TRP C 176 28.89 -27.05 5.77
N PHE C 177 29.08 -28.11 6.55
CA PHE C 177 29.16 -28.03 7.99
C PHE C 177 30.37 -27.21 8.44
N TRP C 178 31.55 -27.42 7.87
CA TRP C 178 32.74 -26.70 8.31
C TRP C 178 32.58 -25.19 8.14
N LEU C 179 31.78 -24.77 7.16
CA LEU C 179 31.45 -23.39 6.88
C LEU C 179 30.10 -22.92 7.46
N GLU C 180 29.40 -23.72 8.26
CA GLU C 180 28.25 -23.24 9.05
C GLU C 180 28.76 -22.36 10.19
N VAL C 181 28.13 -21.22 10.46
CA VAL C 181 28.75 -20.23 11.35
C VAL C 181 28.85 -20.70 12.78
N ASN C 182 27.95 -21.53 13.31
CA ASN C 182 28.18 -22.09 14.64
C ASN C 182 29.32 -23.13 14.68
N SER C 183 29.80 -23.66 13.56
CA SER C 183 31.09 -24.35 13.49
C SER C 183 32.23 -23.34 13.63
N VAL C 184 32.17 -22.23 12.90
CA VAL C 184 33.15 -21.15 12.98
C VAL C 184 33.24 -20.59 14.40
N VAL C 185 32.13 -20.36 15.08
CA VAL C 185 32.06 -19.91 16.45
C VAL C 185 32.79 -20.92 17.36
N ASP C 186 32.64 -22.22 17.17
CA ASP C 186 33.39 -23.22 17.94
C ASP C 186 34.90 -23.20 17.62
N PHE C 187 35.33 -23.07 16.37
CA PHE C 187 36.77 -22.96 16.05
C PHE C 187 37.42 -21.72 16.66
N PHE C 188 36.69 -20.62 16.75
CA PHE C 188 37.20 -19.38 17.33
C PHE C 188 36.98 -19.26 18.84
N THR C 189 36.35 -20.23 19.51
CA THR C 189 36.15 -20.21 20.96
C THR C 189 36.60 -21.45 21.72
N VAL C 190 36.72 -22.64 21.10
CA VAL C 190 37.13 -23.86 21.80
C VAL C 190 38.65 -24.06 21.86
N PRO C 191 39.40 -24.07 20.74
CA PRO C 191 40.86 -24.16 20.78
C PRO C 191 41.58 -23.19 21.72
N PRO C 192 41.22 -21.89 21.83
CA PRO C 192 41.93 -20.99 22.72
C PRO C 192 41.69 -21.35 24.19
N VAL C 193 40.56 -21.94 24.55
CA VAL C 193 40.38 -22.43 25.91
C VAL C 193 41.35 -23.58 26.20
N PHE C 194 41.49 -24.48 25.24
CA PHE C 194 42.45 -25.58 25.42
C PHE C 194 43.88 -25.04 25.58
N VAL C 195 44.25 -24.06 24.76
CA VAL C 195 45.59 -23.48 24.84
C VAL C 195 45.80 -22.80 26.19
N SER C 196 44.77 -22.08 26.67
CA SER C 196 44.89 -21.42 27.97
C SER C 196 45.06 -22.44 29.09
N VAL C 197 44.27 -23.52 29.06
CA VAL C 197 44.37 -24.52 30.12
C VAL C 197 45.71 -25.23 30.06
N TYR C 198 46.31 -25.35 28.86
CA TYR C 198 47.63 -25.96 28.77
C TYR C 198 48.71 -25.02 29.26
N LEU C 199 48.67 -23.74 28.86
CA LEU C 199 49.69 -22.72 29.16
C LEU C 199 49.60 -22.15 30.56
N ASN C 200 48.54 -22.38 31.34
CA ASN C 200 48.39 -21.81 32.68
C ASN C 200 48.37 -20.25 32.67
N ARG C 201 47.84 -19.69 31.58
CA ARG C 201 47.76 -18.25 31.23
C ARG C 201 46.48 -17.99 30.46
N SER C 202 45.96 -16.76 30.47
CA SER C 202 44.81 -16.38 29.66
C SER C 202 44.97 -15.03 28.98
N TRP C 203 44.51 -14.94 27.75
CA TRP C 203 44.31 -13.71 27.00
C TRP C 203 42.81 -13.52 26.74
N LEU C 204 42.26 -12.36 27.08
CA LEU C 204 40.89 -11.99 26.74
C LEU C 204 40.83 -11.60 25.26
N GLY C 205 40.99 -12.58 24.35
CA GLY C 205 41.09 -12.29 22.94
C GLY C 205 39.75 -12.28 22.26
N LEU C 206 39.47 -13.28 21.44
CA LEU C 206 38.20 -13.41 20.72
C LEU C 206 37.11 -14.09 21.56
N ARG C 207 37.10 -13.93 22.88
CA ARG C 207 36.15 -14.61 23.74
C ARG C 207 34.75 -14.01 23.65
N PHE C 208 34.62 -12.82 23.07
CA PHE C 208 33.31 -12.22 22.88
C PHE C 208 32.47 -12.96 21.85
N LEU C 209 33.08 -13.79 21.00
CA LEU C 209 32.34 -14.58 20.01
C LEU C 209 31.44 -15.63 20.66
N ARG C 210 31.59 -15.81 21.97
CA ARG C 210 30.71 -16.72 22.70
C ARG C 210 29.26 -16.23 22.62
N ALA C 211 29.06 -14.91 22.53
CA ALA C 211 27.73 -14.34 22.43
C ALA C 211 27.01 -14.76 21.15
N LEU C 212 27.71 -15.23 20.11
CA LEU C 212 27.06 -15.72 18.89
C LEU C 212 26.37 -17.06 19.09
N ARG C 213 26.59 -17.70 20.24
CA ARG C 213 25.90 -18.95 20.53
C ARG C 213 24.38 -18.72 20.74
N LEU C 214 23.95 -17.49 20.98
CA LEU C 214 22.53 -17.21 21.19
C LEU C 214 21.72 -17.34 19.91
N ILE C 215 22.37 -17.40 18.74
CA ILE C 215 21.71 -17.54 17.44
C ILE C 215 20.96 -18.87 17.34
N GLN C 216 21.50 -19.94 17.93
CA GLN C 216 20.87 -21.27 17.89
C GLN C 216 19.74 -21.44 18.90
N PHE C 217 19.44 -20.47 19.76
CA PHE C 217 18.44 -20.61 20.81
C PHE C 217 17.06 -20.88 20.23
N SER C 218 16.67 -20.13 19.19
CA SER C 218 15.37 -20.36 18.57
C SER C 218 15.30 -21.74 17.94
N GLU C 219 16.38 -22.18 17.29
CA GLU C 219 16.38 -23.49 16.66
C GLU C 219 16.21 -24.60 17.70
N ILE C 220 16.94 -24.52 18.80
CA ILE C 220 16.83 -25.56 19.81
C ILE C 220 15.56 -25.43 20.64
N LEU C 221 14.91 -24.27 20.63
CA LEU C 221 13.58 -24.18 21.22
C LEU C 221 12.53 -24.80 20.30
N GLN C 222 12.70 -24.66 18.99
CA GLN C 222 11.83 -25.33 18.05
C GLN C 222 12.02 -26.84 18.09
N PHE C 223 13.25 -27.30 18.33
CA PHE C 223 13.49 -28.73 18.48
C PHE C 223 12.73 -29.29 19.68
N LEU C 224 12.71 -28.55 20.79
CA LEU C 224 12.06 -28.98 22.02
C LEU C 224 10.56 -28.83 21.99
N ASN C 225 9.97 -28.54 20.83
CA ASN C 225 8.51 -28.40 20.67
C ASN C 225 7.96 -27.28 21.55
N ILE C 226 8.77 -26.25 21.79
CA ILE C 226 8.34 -25.11 22.60
C ILE C 226 7.81 -23.98 21.72
N LEU C 227 8.55 -23.64 20.66
CA LEU C 227 8.15 -22.58 19.75
C LEU C 227 7.38 -23.19 18.58
N LYS C 228 6.13 -22.80 18.42
CA LYS C 228 5.29 -23.29 17.34
C LYS C 228 4.71 -22.19 16.49
N THR C 229 4.29 -21.08 17.09
CA THR C 229 3.64 -20.02 16.34
C THR C 229 4.66 -19.15 15.62
N SER C 230 4.27 -18.66 14.44
CA SER C 230 5.16 -17.86 13.62
C SER C 230 5.56 -16.58 14.33
N ASN C 231 4.63 -15.93 15.01
CA ASN C 231 4.95 -14.68 15.70
C ASN C 231 5.98 -14.89 16.79
N SER C 232 5.80 -15.93 17.61
CA SER C 232 6.77 -16.21 18.67
C SER C 232 8.12 -16.60 18.10
N ILE C 233 8.13 -17.41 17.04
CA ILE C 233 9.40 -17.80 16.41
C ILE C 233 10.13 -16.57 15.90
N LYS C 234 9.40 -15.67 15.22
CA LYS C 234 10.02 -14.46 14.70
C LYS C 234 10.54 -13.57 15.82
N LEU C 235 9.77 -13.44 16.91
CA LEU C 235 10.22 -12.61 18.03
C LEU C 235 11.50 -13.16 18.64
N VAL C 236 11.56 -14.48 18.84
CA VAL C 236 12.76 -15.06 19.43
C VAL C 236 13.95 -14.89 18.49
N ASN C 237 13.74 -15.10 17.18
CA ASN C 237 14.82 -14.92 16.22
C ASN C 237 15.35 -13.50 16.25
N LEU C 238 14.45 -12.52 16.22
CA LEU C 238 14.89 -11.12 16.22
C LEU C 238 15.63 -10.77 17.50
N LEU C 239 15.10 -11.19 18.65
CA LEU C 239 15.77 -10.88 19.91
C LEU C 239 17.15 -11.52 19.97
N SER C 240 17.27 -12.78 19.56
CA SER C 240 18.55 -13.47 19.61
C SER C 240 19.57 -12.78 18.70
N ILE C 241 19.19 -12.50 17.46
CA ILE C 241 20.10 -11.86 16.50
C ILE C 241 20.50 -10.47 17.00
N PHE C 242 19.57 -9.69 17.53
CA PHE C 242 19.88 -8.36 18.02
C PHE C 242 20.87 -8.41 19.18
N ILE C 243 20.56 -9.22 20.19
CA ILE C 243 21.42 -9.27 21.38
C ILE C 243 22.79 -9.82 21.03
N SER C 244 22.88 -10.91 20.28
CA SER C 244 24.17 -11.50 19.96
C SER C 244 25.03 -10.54 19.14
N THR C 245 24.46 -9.88 18.14
CA THR C 245 25.15 -8.87 17.34
C THR C 245 25.66 -7.73 18.22
N TRP C 246 24.80 -7.22 19.11
CA TRP C 246 25.18 -6.14 20.01
C TRP C 246 26.36 -6.54 20.88
N LEU C 247 26.26 -7.69 21.56
CA LEU C 247 27.30 -8.09 22.49
C LEU C 247 28.60 -8.41 21.76
N THR C 248 28.53 -9.07 20.61
CA THR C 248 29.74 -9.42 19.88
C THR C 248 30.47 -8.19 19.40
N ALA C 249 29.73 -7.24 18.81
CA ALA C 249 30.29 -5.99 18.34
C ALA C 249 30.89 -5.20 19.49
N ALA C 250 30.24 -5.22 20.66
CA ALA C 250 30.77 -4.53 21.84
C ALA C 250 32.08 -5.16 22.30
N GLY C 251 32.15 -6.49 22.31
CA GLY C 251 33.39 -7.15 22.67
C GLY C 251 34.52 -6.81 21.72
N PHE C 252 34.27 -6.82 20.41
CA PHE C 252 35.30 -6.50 19.42
C PHE C 252 35.78 -5.08 19.57
N ILE C 253 34.88 -4.12 19.77
CA ILE C 253 35.31 -2.73 19.94
C ILE C 253 36.04 -2.56 21.26
N HIS C 254 35.70 -3.31 22.31
CA HIS C 254 36.41 -3.34 23.58
C HIS C 254 37.84 -3.86 23.40
N LEU C 255 38.04 -4.97 22.70
CA LEU C 255 39.38 -5.48 22.37
C LEU C 255 40.19 -4.42 21.62
N VAL C 256 39.59 -3.80 20.61
CA VAL C 256 40.32 -2.91 19.72
C VAL C 256 40.67 -1.60 20.43
N GLU C 257 39.77 -1.10 21.28
CA GLU C 257 40.06 0.13 22.00
C GLU C 257 41.11 -0.09 23.08
N ASN C 258 41.08 -1.21 23.82
CA ASN C 258 42.02 -1.42 24.91
C ASN C 258 43.42 -1.79 24.44
N SER C 259 43.58 -2.29 23.22
CA SER C 259 44.87 -2.53 22.58
C SER C 259 45.02 -1.60 21.39
N GLY C 260 45.89 -0.61 21.52
CA GLY C 260 46.03 0.53 20.63
C GLY C 260 46.48 0.16 19.22
N ASP C 261 46.83 1.18 18.46
CA ASP C 261 47.23 1.00 17.07
C ASP C 261 48.69 0.59 16.98
N PRO C 262 49.03 -0.43 16.18
CA PRO C 262 50.41 -0.86 16.01
C PRO C 262 51.32 0.22 15.42
N TRP C 263 50.82 1.03 14.49
CA TRP C 263 51.60 2.16 13.96
C TRP C 263 51.81 3.26 14.99
N GLU C 264 50.95 3.38 15.99
CA GLU C 264 51.20 4.26 17.13
C GLU C 264 51.88 3.54 18.27
N ASN C 265 52.36 2.31 18.06
CA ASN C 265 53.09 1.51 19.04
C ASN C 265 52.25 1.17 20.28
N PHE C 266 50.93 1.03 20.10
CA PHE C 266 49.95 0.69 21.13
C PHE C 266 49.90 1.70 22.27
N GLN C 267 50.26 2.96 22.00
CA GLN C 267 50.32 4.01 23.01
C GLN C 267 49.04 4.82 23.09
N ASN C 268 48.19 4.77 22.07
CA ASN C 268 46.94 5.52 22.05
C ASN C 268 45.76 4.69 22.49
N ASN C 269 46.00 3.64 23.28
CA ASN C 269 44.90 2.81 23.77
C ASN C 269 44.02 3.59 24.73
N GLN C 270 42.73 3.24 24.72
CA GLN C 270 41.74 3.86 25.59
C GLN C 270 41.21 2.82 26.56
N ALA C 271 41.29 3.10 27.85
CA ALA C 271 40.86 2.17 28.89
C ALA C 271 39.34 2.21 28.96
N LEU C 272 38.69 1.35 28.20
CA LEU C 272 37.24 1.25 28.15
C LEU C 272 36.81 -0.11 28.70
N THR C 273 35.82 -0.09 29.59
CA THR C 273 35.27 -1.34 30.10
C THR C 273 34.29 -1.93 29.09
N TYR C 274 34.02 -3.23 29.26
CA TYR C 274 33.13 -3.91 28.33
C TYR C 274 31.73 -3.31 28.38
N TRP C 275 31.24 -2.99 29.58
CA TRP C 275 29.92 -2.39 29.70
C TRP C 275 29.90 -0.98 29.15
N GLU C 276 31.00 -0.25 29.28
CA GLU C 276 31.11 1.05 28.64
C GLU C 276 31.00 0.93 27.13
N CYS C 277 31.65 -0.09 26.56
CA CYS C 277 31.54 -0.31 25.12
C CYS C 277 30.13 -0.74 24.72
N VAL C 278 29.46 -1.52 25.56
CA VAL C 278 28.08 -1.90 25.29
C VAL C 278 27.19 -0.66 25.24
N TYR C 279 27.36 0.23 26.21
CA TYR C 279 26.60 1.47 26.25
C TYR C 279 26.89 2.34 25.04
N LEU C 280 28.17 2.42 24.65
CA LEU C 280 28.54 3.20 23.48
C LEU C 280 27.90 2.64 22.23
N LEU C 281 27.87 1.31 22.10
CA LEU C 281 27.24 0.70 20.94
C LEU C 281 25.75 0.96 20.91
N MET C 282 25.08 0.90 22.06
CA MET C 282 23.66 1.23 22.08
C MET C 282 23.42 2.67 21.65
N VAL C 283 24.23 3.60 22.17
CA VAL C 283 24.08 5.01 21.82
C VAL C 283 24.31 5.23 20.34
N THR C 284 25.30 4.54 19.78
CA THR C 284 25.61 4.66 18.37
C THR C 284 24.51 4.07 17.49
N MET C 285 23.97 2.88 17.82
CA MET C 285 22.92 2.17 17.05
C MET C 285 21.62 2.97 16.95
N SER C 286 21.17 3.51 18.07
CA SER C 286 19.98 4.34 18.17
C SER C 286 20.14 5.71 17.48
N THR C 287 21.35 6.05 17.04
CA THR C 287 21.76 7.33 16.46
C THR C 287 21.71 8.51 17.43
N VAL C 288 21.68 8.30 18.74
CA VAL C 288 21.67 9.39 19.70
C VAL C 288 23.01 10.14 19.68
N GLY C 289 24.11 9.41 19.76
CA GLY C 289 25.43 9.98 19.67
C GLY C 289 25.72 11.06 20.69
N TYR C 290 25.78 10.68 21.98
CA TYR C 290 26.06 11.66 23.02
C TYR C 290 27.43 12.28 22.85
N GLY C 291 28.44 11.46 22.54
CA GLY C 291 29.80 11.93 22.46
C GLY C 291 30.58 11.87 23.76
N ASP C 292 29.93 11.49 24.86
CA ASP C 292 30.67 11.31 26.12
C ASP C 292 31.66 10.15 26.00
N VAL C 293 31.25 9.07 25.35
CA VAL C 293 32.10 7.91 25.10
C VAL C 293 32.15 7.68 23.60
N TYR C 294 33.36 7.53 23.06
CA TYR C 294 33.51 7.26 21.64
C TYR C 294 34.86 6.60 21.42
N ALA C 295 34.99 5.95 20.26
CA ALA C 295 36.25 5.31 19.89
C ALA C 295 37.27 6.37 19.49
N LYS C 296 38.52 6.15 19.89
CA LYS C 296 39.59 7.08 19.60
C LYS C 296 40.71 6.49 18.76
N THR C 297 40.91 5.17 18.79
CA THR C 297 41.94 4.56 17.96
C THR C 297 41.49 4.51 16.50
N THR C 298 42.48 4.41 15.61
CA THR C 298 42.17 4.34 14.19
C THR C 298 41.38 3.08 13.85
N LEU C 299 41.80 1.94 14.40
CA LEU C 299 41.06 0.71 14.17
C LEU C 299 39.67 0.77 14.79
N GLY C 300 39.56 1.38 15.97
CA GLY C 300 38.26 1.54 16.58
C GLY C 300 37.32 2.37 15.73
N ARG C 301 37.83 3.47 15.16
CA ARG C 301 37.00 4.31 14.31
C ARG C 301 36.67 3.62 12.98
N LEU C 302 37.60 2.87 12.43
CA LEU C 302 37.38 2.10 11.21
C LEU C 302 36.31 1.04 11.43
N PHE C 303 36.34 0.37 12.57
CA PHE C 303 35.26 -0.52 12.99
C PHE C 303 33.96 0.24 13.19
N MET C 304 33.96 1.40 13.81
CA MET C 304 32.78 2.22 14.04
C MET C 304 32.12 2.61 12.72
N VAL C 305 32.93 2.98 11.73
CA VAL C 305 32.39 3.32 10.42
C VAL C 305 31.70 2.12 9.80
N PHE C 306 32.29 0.92 9.83
CA PHE C 306 31.60 -0.21 9.21
C PHE C 306 30.35 -0.63 9.98
N PHE C 307 30.33 -0.53 11.29
CA PHE C 307 29.19 -0.84 12.14
C PHE C 307 28.08 0.13 12.00
N ILE C 308 28.36 1.41 11.76
CA ILE C 308 27.32 2.41 11.52
C ILE C 308 26.49 2.06 10.28
N LEU C 309 27.07 1.41 9.27
CA LEU C 309 26.30 1.03 8.09
C LEU C 309 25.31 -0.10 8.41
N GLY C 310 25.74 -1.12 9.14
CA GLY C 310 24.94 -2.32 9.42
C GLY C 310 24.08 -2.21 10.68
N GLY C 311 24.65 -1.76 11.79
CA GLY C 311 23.99 -1.71 13.09
C GLY C 311 22.79 -0.77 13.14
N LEU C 312 22.84 0.36 12.43
CA LEU C 312 21.69 1.27 12.37
C LEU C 312 20.54 0.70 11.55
N ALA C 313 20.82 0.02 10.43
CA ALA C 313 19.79 -0.66 9.66
C ALA C 313 19.17 -1.80 10.45
N MET C 314 19.95 -2.54 11.23
CA MET C 314 19.43 -3.57 12.13
C MET C 314 18.53 -2.96 13.21
N PHE C 315 19.00 -1.94 13.92
CA PHE C 315 18.21 -1.28 14.97
C PHE C 315 16.92 -0.67 14.44
N ALA C 316 16.99 0.10 13.36
CA ALA C 316 15.85 0.75 12.75
C ALA C 316 14.79 -0.25 12.25
N SER C 317 15.21 -1.45 11.85
CA SER C 317 14.33 -2.52 11.38
C SER C 317 13.78 -3.39 12.52
N TYR C 318 14.63 -3.80 13.48
CA TYR C 318 14.28 -4.82 14.46
C TYR C 318 13.52 -4.25 15.66
N VAL C 319 13.88 -3.08 16.16
CA VAL C 319 13.27 -2.55 17.38
C VAL C 319 11.77 -2.26 17.21
N PRO C 320 11.29 -1.63 16.13
CA PRO C 320 9.86 -1.49 15.88
C PRO C 320 9.18 -2.85 15.68
N GLU C 321 9.80 -3.77 14.94
CA GLU C 321 9.19 -5.06 14.70
C GLU C 321 9.08 -5.88 15.99
N ILE C 322 10.08 -5.83 16.87
CA ILE C 322 9.98 -6.51 18.16
C ILE C 322 8.87 -5.90 19.01
N ILE C 323 8.80 -4.57 19.06
CA ILE C 323 7.78 -3.86 19.85
C ILE C 323 6.38 -4.12 19.28
N GLU C 324 6.23 -4.35 17.98
CA GLU C 324 4.96 -4.76 17.40
C GLU C 324 4.61 -6.19 17.79
N LEU C 325 5.60 -7.08 17.76
CA LEU C 325 5.35 -8.48 18.11
C LEU C 325 4.93 -8.63 19.57
N ILE C 326 5.58 -7.89 20.47
CA ILE C 326 5.11 -7.87 21.85
C ILE C 326 3.86 -6.99 21.96
N GLY C 327 3.11 -7.19 23.04
CA GLY C 327 1.94 -6.38 23.28
C GLY C 327 0.73 -6.73 22.45
N ASN C 328 0.77 -7.85 21.72
CA ASN C 328 -0.38 -8.29 20.94
C ASN C 328 -1.34 -9.06 21.85
N ARG C 329 -1.97 -8.31 22.75
CA ARG C 329 -2.91 -8.86 23.72
C ARG C 329 -4.34 -8.53 23.32
N LYS C 330 -5.25 -9.44 23.64
CA LYS C 330 -6.67 -9.25 23.38
C LYS C 330 -7.30 -8.54 24.56
N LYS C 331 -7.78 -7.32 24.34
CA LYS C 331 -8.35 -6.44 25.36
C LYS C 331 -9.69 -6.97 25.87
N TYR C 332 -10.55 -7.37 24.96
CA TYR C 332 -11.85 -7.97 25.28
C TYR C 332 -12.01 -9.47 25.60
N GLY C 333 -11.06 -10.05 26.29
CA GLY C 333 -11.09 -11.45 26.61
C GLY C 333 -11.92 -11.70 27.86
N GLY C 334 -11.67 -12.84 28.48
CA GLY C 334 -12.40 -13.16 29.69
C GLY C 334 -13.84 -13.54 29.38
N SER C 335 -14.63 -13.63 30.44
CA SER C 335 -16.00 -14.09 30.31
C SER C 335 -16.87 -13.39 31.34
N TYR C 336 -18.17 -13.38 31.06
CA TYR C 336 -19.14 -12.72 31.93
C TYR C 336 -19.30 -13.48 33.23
N SER C 337 -19.46 -12.75 34.32
CA SER C 337 -19.69 -13.32 35.65
C SER C 337 -21.13 -13.04 36.04
N ALA C 338 -21.93 -14.10 36.16
CA ALA C 338 -23.34 -13.94 36.48
C ALA C 338 -23.52 -13.40 37.90
N VAL C 339 -24.57 -12.61 38.09
CA VAL C 339 -24.90 -12.01 39.37
C VAL C 339 -26.21 -12.63 39.86
N SER C 340 -26.21 -13.10 41.09
CA SER C 340 -27.41 -13.71 41.66
C SER C 340 -28.49 -12.67 41.84
N GLY C 341 -29.71 -13.00 41.41
CA GLY C 341 -30.84 -12.12 41.54
C GLY C 341 -31.02 -11.13 40.40
N ARG C 342 -30.09 -11.08 39.46
CA ARG C 342 -30.17 -10.15 38.33
C ARG C 342 -30.03 -10.94 37.04
N LYS C 343 -30.94 -10.68 36.11
CA LYS C 343 -30.98 -11.30 34.79
C LYS C 343 -30.03 -10.58 33.84
N HIS C 344 -29.53 -11.27 32.82
CA HIS C 344 -28.69 -10.66 31.80
C HIS C 344 -29.13 -11.12 30.42
N ILE C 345 -28.86 -10.34 29.40
CA ILE C 345 -29.30 -10.52 28.02
C ILE C 345 -28.07 -10.52 27.13
N VAL C 346 -27.97 -11.49 26.24
CA VAL C 346 -26.88 -11.60 25.27
C VAL C 346 -27.36 -11.06 23.94
N VAL C 347 -26.64 -10.12 23.36
CA VAL C 347 -26.93 -9.49 22.06
C VAL C 347 -25.81 -9.79 21.10
N CYS C 348 -26.13 -10.25 19.90
CA CYS C 348 -25.15 -10.60 18.87
C CYS C 348 -25.68 -10.23 17.47
N GLY C 349 -24.98 -10.67 16.42
CA GLY C 349 -25.33 -10.34 15.05
C GLY C 349 -24.68 -9.04 14.58
N HIS C 350 -25.44 -8.17 13.93
CA HIS C 350 -24.94 -6.91 13.39
C HIS C 350 -24.73 -5.85 14.48
N ILE C 351 -23.51 -5.78 15.01
CA ILE C 351 -23.12 -4.82 16.05
C ILE C 351 -22.20 -3.75 15.44
N THR C 352 -22.65 -2.51 15.55
CA THR C 352 -22.00 -1.29 15.04
C THR C 352 -22.41 -0.12 15.93
N LEU C 353 -21.73 1.01 15.83
CA LEU C 353 -22.00 2.17 16.68
C LEU C 353 -23.47 2.61 16.64
N GLU C 354 -24.05 2.78 15.45
CA GLU C 354 -25.46 3.21 15.36
C GLU C 354 -26.43 2.12 15.82
N SER C 355 -26.16 0.85 15.50
CA SER C 355 -27.01 -0.28 15.90
C SER C 355 -27.08 -0.40 17.42
N VAL C 356 -25.93 -0.38 18.10
CA VAL C 356 -25.87 -0.42 19.58
C VAL C 356 -26.47 0.84 20.18
N SER C 357 -26.17 2.02 19.63
CA SER C 357 -26.71 3.29 20.15
C SER C 357 -28.24 3.32 20.10
N ASN C 358 -28.83 2.91 18.98
CA ASN C 358 -30.29 2.82 18.84
C ASN C 358 -30.87 1.75 19.77
N PHE C 359 -30.27 0.57 19.85
CA PHE C 359 -30.74 -0.48 20.76
C PHE C 359 -30.72 -0.02 22.22
N LEU C 360 -29.63 0.60 22.70
CA LEU C 360 -29.54 1.04 24.08
C LEU C 360 -30.51 2.18 24.42
N LYS C 361 -30.77 3.10 23.49
CA LYS C 361 -31.80 4.16 23.67
C LYS C 361 -33.18 3.58 23.93
N ASP C 362 -33.59 2.54 23.19
CA ASP C 362 -34.87 1.87 23.40
C ASP C 362 -34.87 0.90 24.58
N PHE C 363 -33.78 0.18 24.85
CA PHE C 363 -33.80 -0.79 25.93
C PHE C 363 -33.77 -0.13 27.32
N LEU C 364 -32.99 0.93 27.48
CA LEU C 364 -32.74 1.61 28.75
C LEU C 364 -33.54 2.90 28.94
N HIS C 365 -34.64 3.07 28.20
CA HIS C 365 -35.45 4.29 28.28
C HIS C 365 -36.12 4.47 29.64
N LYS C 366 -36.14 5.70 30.17
CA LYS C 366 -36.72 6.01 31.48
C LYS C 366 -38.24 5.80 31.59
N ASP C 367 -38.96 5.67 30.48
CA ASP C 367 -40.39 5.36 30.50
C ASP C 367 -40.68 3.89 30.80
N ARG C 368 -39.70 3.01 30.79
CA ARG C 368 -40.02 1.69 31.25
C ARG C 368 -39.94 1.79 32.78
N ASP C 369 -40.42 0.76 33.50
CA ASP C 369 -40.21 0.63 34.94
C ASP C 369 -38.75 0.25 35.27
N ASP C 370 -38.42 0.17 36.55
CA ASP C 370 -37.07 0.02 37.08
C ASP C 370 -36.54 -1.38 36.83
N VAL C 371 -36.25 -1.74 35.59
CA VAL C 371 -35.64 -3.00 35.20
C VAL C 371 -34.12 -2.89 35.35
N ASN C 372 -33.51 -3.96 35.86
CA ASN C 372 -32.07 -4.01 36.02
C ASN C 372 -31.47 -5.18 35.25
N VAL C 373 -31.93 -5.40 34.02
CA VAL C 373 -31.41 -6.44 33.14
C VAL C 373 -30.08 -5.99 32.54
N GLU C 374 -29.01 -6.74 32.77
CA GLU C 374 -27.71 -6.46 32.18
C GLU C 374 -27.69 -6.88 30.72
N ILE C 375 -26.94 -6.13 29.92
CA ILE C 375 -26.80 -6.37 28.49
C ILE C 375 -25.37 -6.80 28.21
N VAL C 376 -25.21 -7.96 27.58
CA VAL C 376 -23.89 -8.49 27.23
C VAL C 376 -23.82 -8.62 25.72
N PHE C 377 -22.82 -8.00 25.10
CA PHE C 377 -22.62 -8.03 23.66
C PHE C 377 -21.55 -9.06 23.31
N LEU C 378 -21.81 -9.83 22.26
CA LEU C 378 -20.86 -10.80 21.71
C LEU C 378 -20.62 -10.51 20.23
N HIS C 379 -19.41 -10.10 19.89
CA HIS C 379 -19.06 -9.82 18.51
C HIS C 379 -17.60 -10.17 18.24
N ASN C 380 -17.28 -10.53 17.02
CA ASN C 380 -15.96 -11.02 16.66
C ASN C 380 -15.03 -9.93 16.16
N ILE C 381 -15.47 -8.67 16.10
CA ILE C 381 -14.65 -7.53 15.70
C ILE C 381 -14.35 -6.70 16.95
N SER C 382 -13.10 -6.28 17.13
CA SER C 382 -12.75 -5.39 18.24
C SER C 382 -13.46 -4.03 18.05
N PRO C 383 -14.14 -3.49 19.07
CA PRO C 383 -14.89 -2.24 18.93
C PRO C 383 -13.96 -1.05 18.68
N ASN C 384 -14.35 -0.14 17.80
CA ASN C 384 -13.61 1.11 17.58
C ASN C 384 -13.75 2.07 18.77
N LEU C 385 -12.96 3.15 18.79
CA LEU C 385 -12.91 4.09 19.90
C LEU C 385 -14.27 4.70 20.26
N GLU C 386 -15.16 4.92 19.29
CA GLU C 386 -16.49 5.47 19.55
C GLU C 386 -17.44 4.46 20.18
N LEU C 387 -17.36 3.17 19.82
CA LEU C 387 -18.08 2.10 20.52
C LEU C 387 -17.54 1.90 21.94
N GLU C 388 -16.23 1.93 22.14
CA GLU C 388 -15.67 1.86 23.49
C GLU C 388 -16.14 3.02 24.37
N ALA C 389 -16.23 4.24 23.83
CA ALA C 389 -16.81 5.37 24.52
C ALA C 389 -18.31 5.17 24.81
N LEU C 390 -19.08 4.62 23.88
CA LEU C 390 -20.49 4.29 24.10
C LEU C 390 -20.67 3.26 25.22
N PHE C 391 -19.86 2.21 25.27
CA PHE C 391 -19.87 1.26 26.39
C PHE C 391 -19.44 1.89 27.70
N LYS C 392 -18.47 2.81 27.73
CA LYS C 392 -18.11 3.58 28.94
C LYS C 392 -19.21 4.49 29.43
N ARG C 393 -20.01 5.10 28.55
CA ARG C 393 -21.20 5.87 28.97
C ARG C 393 -22.30 4.99 29.58
N HIS C 394 -22.28 3.67 29.33
CA HIS C 394 -23.19 2.68 29.91
C HIS C 394 -22.46 1.70 30.82
N PHE C 395 -21.40 2.13 31.50
CA PHE C 395 -20.43 1.26 32.17
C PHE C 395 -21.06 0.25 33.13
N THR C 396 -22.14 0.60 33.82
CA THR C 396 -22.73 -0.31 34.79
C THR C 396 -23.81 -1.22 34.22
N GLN C 397 -24.23 -1.01 32.97
CA GLN C 397 -25.33 -1.77 32.40
C GLN C 397 -24.95 -2.57 31.16
N VAL C 398 -23.79 -2.31 30.57
CA VAL C 398 -23.38 -2.94 29.33
C VAL C 398 -22.01 -3.54 29.52
N GLU C 399 -21.84 -4.78 29.10
CA GLU C 399 -20.54 -5.43 28.98
C GLU C 399 -20.38 -5.99 27.58
N PHE C 400 -19.17 -5.93 27.06
CA PHE C 400 -18.81 -6.45 25.75
C PHE C 400 -17.72 -7.51 25.91
N TYR C 401 -17.82 -8.57 25.12
CA TYR C 401 -16.85 -9.66 25.06
C TYR C 401 -16.62 -10.03 23.61
N GLN C 402 -15.35 -10.13 23.18
CA GLN C 402 -15.01 -10.40 21.79
C GLN C 402 -14.97 -11.89 21.53
N GLY C 403 -15.79 -12.40 20.62
CA GLY C 403 -15.91 -13.82 20.32
C GLY C 403 -16.87 -14.03 19.17
N SER C 404 -16.99 -15.29 18.76
CA SER C 404 -17.86 -15.67 17.67
C SER C 404 -19.06 -16.43 18.23
N VAL C 405 -20.26 -16.08 17.77
CA VAL C 405 -21.47 -16.74 18.24
C VAL C 405 -21.49 -18.20 17.81
N LEU C 406 -20.76 -18.55 16.76
CA LEU C 406 -20.68 -19.93 16.29
C LEU C 406 -19.74 -20.79 17.13
N ASN C 407 -19.04 -20.20 18.10
CA ASN C 407 -18.10 -20.93 18.93
C ASN C 407 -18.76 -21.31 20.24
N PRO C 408 -18.91 -22.60 20.55
CA PRO C 408 -19.48 -22.99 21.85
C PRO C 408 -18.67 -22.48 23.03
N HIS C 409 -17.35 -22.34 22.88
CA HIS C 409 -16.54 -21.77 23.95
C HIS C 409 -16.95 -20.32 24.24
N ASP C 410 -17.14 -19.53 23.19
CA ASP C 410 -17.61 -18.15 23.37
C ASP C 410 -19.01 -18.12 23.96
N LEU C 411 -19.88 -19.02 23.50
CA LEU C 411 -21.24 -19.07 24.04
C LEU C 411 -21.24 -19.40 25.53
N ALA C 412 -20.34 -20.28 25.95
CA ALA C 412 -20.18 -20.54 27.38
C ALA C 412 -19.56 -19.35 28.09
N ARG C 413 -18.68 -18.61 27.40
CA ARG C 413 -18.07 -17.43 28.00
C ARG C 413 -19.10 -16.37 28.33
N VAL C 414 -20.05 -16.13 27.42
CA VAL C 414 -21.06 -15.09 27.65
C VAL C 414 -22.18 -15.63 28.51
N LYS C 415 -22.01 -16.85 29.04
CA LYS C 415 -22.98 -17.47 29.95
C LYS C 415 -24.36 -17.55 29.33
N ILE C 416 -24.42 -17.90 28.04
CA ILE C 416 -25.70 -17.96 27.33
C ILE C 416 -26.60 -19.06 27.86
N GLU C 417 -26.07 -20.00 28.64
CA GLU C 417 -26.89 -21.04 29.24
C GLU C 417 -27.75 -20.52 30.38
N SER C 418 -27.45 -19.34 30.91
CA SER C 418 -28.25 -18.74 31.96
C SER C 418 -28.85 -17.40 31.56
N ALA C 419 -28.63 -16.96 30.32
CA ALA C 419 -29.20 -15.70 29.86
C ALA C 419 -30.71 -15.81 29.73
N ASP C 420 -31.41 -14.70 29.95
CA ASP C 420 -32.87 -14.66 29.87
C ASP C 420 -33.37 -14.77 28.42
N ALA C 421 -32.62 -14.20 27.48
CA ALA C 421 -32.85 -14.33 26.05
C ALA C 421 -31.58 -14.00 25.25
N CYS C 422 -31.60 -14.30 23.96
CA CYS C 422 -30.54 -13.92 23.04
C CYS C 422 -31.15 -13.14 21.89
N LEU C 423 -30.65 -11.94 21.64
CA LEU C 423 -31.14 -11.06 20.58
C LEU C 423 -30.13 -11.06 19.44
N ILE C 424 -30.59 -11.23 18.22
CA ILE C 424 -29.75 -11.32 17.03
C ILE C 424 -30.17 -10.20 16.09
N LEU C 425 -29.43 -9.09 16.10
CA LEU C 425 -29.65 -7.98 15.19
C LEU C 425 -29.18 -8.35 13.78
N ALA C 426 -29.79 -7.79 12.74
CA ALA C 426 -29.49 -8.11 11.35
C ALA C 426 -29.11 -6.85 10.60
N ASN C 427 -28.33 -7.04 9.53
CA ASN C 427 -27.90 -5.93 8.68
C ASN C 427 -28.99 -5.70 7.63
N LYS C 428 -29.87 -4.74 7.88
CA LYS C 428 -31.01 -4.42 7.01
C LYS C 428 -30.60 -3.87 5.65
N TYR C 429 -29.45 -3.23 5.57
CA TYR C 429 -28.89 -2.58 4.40
C TYR C 429 -27.80 -3.41 3.73
N CYS C 430 -27.80 -4.73 3.94
CA CYS C 430 -26.78 -5.59 3.37
C CYS C 430 -26.91 -5.66 1.86
N ALA C 431 -25.80 -5.95 1.19
CA ALA C 431 -25.81 -6.09 -0.26
C ALA C 431 -26.54 -7.34 -0.69
N ASP C 432 -26.38 -8.44 0.06
CA ASP C 432 -27.00 -9.72 -0.28
C ASP C 432 -27.97 -10.14 0.82
N PRO C 433 -29.28 -9.89 0.64
CA PRO C 433 -30.24 -10.35 1.65
C PRO C 433 -30.21 -11.84 1.88
N ASP C 434 -29.98 -12.63 0.82
CA ASP C 434 -29.89 -14.07 1.00
C ASP C 434 -28.70 -14.45 1.87
N ALA C 435 -27.55 -13.82 1.63
CA ALA C 435 -26.38 -14.12 2.45
C ALA C 435 -26.59 -13.70 3.90
N GLU C 436 -27.21 -12.54 4.12
CA GLU C 436 -27.48 -12.11 5.49
C GLU C 436 -28.44 -13.08 6.19
N ASP C 437 -29.48 -13.51 5.49
CA ASP C 437 -30.42 -14.47 6.06
C ASP C 437 -29.72 -15.78 6.37
N ALA C 438 -28.83 -16.23 5.49
CA ALA C 438 -28.09 -17.47 5.74
C ALA C 438 -27.21 -17.34 6.97
N SER C 439 -26.52 -16.20 7.12
CA SER C 439 -25.68 -15.99 8.29
C SER C 439 -26.50 -15.97 9.57
N ASN C 440 -27.65 -15.30 9.55
CA ASN C 440 -28.51 -15.28 10.74
C ASN C 440 -29.04 -16.66 11.05
N ILE C 441 -29.37 -17.44 10.01
CA ILE C 441 -29.83 -18.81 10.20
C ILE C 441 -28.73 -19.64 10.87
N MET C 442 -27.49 -19.48 10.41
CA MET C 442 -26.38 -20.21 11.02
C MET C 442 -26.19 -19.81 12.48
N ARG C 443 -26.31 -18.52 12.78
CA ARG C 443 -26.19 -18.07 14.17
C ARG C 443 -27.28 -18.69 15.04
N VAL C 444 -28.51 -18.70 14.55
CA VAL C 444 -29.61 -19.30 15.30
C VAL C 444 -29.35 -20.78 15.51
N ILE C 445 -28.86 -21.46 14.47
CA ILE C 445 -28.57 -22.89 14.56
C ILE C 445 -27.52 -23.14 15.63
N SER C 446 -26.46 -22.33 15.64
CA SER C 446 -25.40 -22.52 16.63
C SER C 446 -25.90 -22.28 18.05
N ILE C 447 -26.66 -21.21 18.25
CA ILE C 447 -27.16 -20.92 19.60
C ILE C 447 -28.09 -22.01 20.08
N LYS C 448 -28.99 -22.47 19.21
CA LYS C 448 -29.92 -23.53 19.60
C LYS C 448 -29.18 -24.84 19.85
N ASN C 449 -28.14 -25.12 19.06
CA ASN C 449 -27.36 -26.33 19.26
C ASN C 449 -26.65 -26.31 20.59
N TYR C 450 -26.08 -25.17 20.98
CA TYR C 450 -25.46 -25.07 22.29
C TYR C 450 -26.49 -25.20 23.40
N HIS C 451 -27.60 -24.47 23.29
CA HIS C 451 -28.65 -24.48 24.31
C HIS C 451 -30.00 -24.46 23.61
N PRO C 452 -30.70 -25.60 23.56
CA PRO C 452 -32.02 -25.61 22.90
C PRO C 452 -33.05 -24.73 23.58
N LYS C 453 -32.99 -24.63 24.91
CA LYS C 453 -33.96 -23.86 25.70
C LYS C 453 -33.67 -22.38 25.93
N ILE C 454 -33.08 -21.72 24.95
CA ILE C 454 -32.79 -20.30 25.02
C ILE C 454 -33.81 -19.53 24.19
N ARG C 455 -34.41 -18.48 24.73
CA ARG C 455 -35.32 -17.62 23.98
C ARG C 455 -34.51 -16.84 22.95
N ILE C 456 -34.89 -16.89 21.69
CA ILE C 456 -34.17 -16.25 20.59
C ILE C 456 -35.09 -15.26 19.92
N ILE C 457 -34.67 -14.00 19.85
CA ILE C 457 -35.36 -12.95 19.13
C ILE C 457 -34.44 -12.54 17.98
N THR C 458 -34.89 -12.61 16.73
CA THR C 458 -34.04 -12.32 15.60
C THR C 458 -34.81 -11.54 14.54
N GLN C 459 -34.07 -10.84 13.70
CA GLN C 459 -34.63 -10.10 12.58
C GLN C 459 -34.37 -10.87 11.30
N MET C 460 -35.41 -11.09 10.51
CA MET C 460 -35.30 -11.84 9.27
C MET C 460 -35.71 -10.94 8.11
N LEU C 461 -34.87 -10.85 7.09
CA LEU C 461 -35.14 -9.92 5.99
C LEU C 461 -36.29 -10.40 5.12
N GLN C 462 -36.31 -11.69 4.78
CA GLN C 462 -37.32 -12.25 3.89
C GLN C 462 -38.26 -13.19 4.65
N TYR C 463 -39.34 -13.60 3.99
CA TYR C 463 -40.35 -14.50 4.56
C TYR C 463 -40.10 -15.97 4.19
N HIS C 464 -39.54 -16.29 3.02
CA HIS C 464 -39.19 -17.66 2.71
C HIS C 464 -38.03 -18.14 3.57
N ASN C 465 -37.07 -17.26 3.84
CA ASN C 465 -35.99 -17.60 4.76
C ASN C 465 -36.52 -17.80 6.18
N LYS C 466 -37.53 -17.04 6.61
CA LYS C 466 -38.22 -17.24 7.89
C LYS C 466 -38.87 -18.62 7.92
N ALA C 467 -39.48 -19.05 6.82
CA ALA C 467 -40.06 -20.39 6.74
C ALA C 467 -38.96 -21.45 6.80
N HIS C 468 -37.82 -21.19 6.18
CA HIS C 468 -36.69 -22.09 6.28
C HIS C 468 -36.23 -22.22 7.72
N LEU C 469 -36.17 -21.10 8.44
CA LEU C 469 -35.66 -21.11 9.81
C LEU C 469 -36.62 -21.81 10.77
N LEU C 470 -37.93 -21.63 10.63
CA LEU C 470 -38.87 -22.19 11.61
C LEU C 470 -38.92 -23.72 11.59
N ASN C 471 -38.23 -24.39 10.65
CA ASN C 471 -38.17 -25.84 10.64
C ASN C 471 -37.09 -26.39 11.58
N ILE C 472 -36.37 -25.53 12.29
CA ILE C 472 -35.34 -26.00 13.22
C ILE C 472 -35.99 -26.81 14.33
N PRO C 473 -35.43 -27.96 14.73
CA PRO C 473 -36.07 -28.77 15.77
C PRO C 473 -36.22 -28.05 17.10
N SER C 474 -35.29 -27.18 17.46
CA SER C 474 -35.36 -26.46 18.72
C SER C 474 -36.14 -25.16 18.63
N TRP C 475 -36.52 -24.74 17.43
CA TRP C 475 -37.26 -23.50 17.25
C TRP C 475 -38.67 -23.67 17.77
N ASN C 476 -38.97 -23.06 18.92
CA ASN C 476 -40.26 -23.20 19.58
C ASN C 476 -40.91 -21.82 19.67
N TRP C 477 -41.84 -21.50 18.78
CA TRP C 477 -42.53 -20.21 18.80
C TRP C 477 -43.40 -20.05 20.05
N LYS C 478 -43.92 -21.15 20.63
CA LYS C 478 -44.72 -21.04 21.85
C LYS C 478 -43.86 -20.60 23.03
N GLU C 479 -42.64 -21.14 23.13
CA GLU C 479 -41.78 -20.80 24.26
C GLU C 479 -41.33 -19.35 24.24
N GLY C 480 -41.36 -18.68 23.10
CA GLY C 480 -41.02 -17.26 22.98
C GLY C 480 -40.05 -16.97 21.84
N ASP C 481 -39.74 -17.93 20.99
CA ASP C 481 -38.91 -17.68 19.82
C ASP C 481 -39.68 -16.81 18.84
N ASP C 482 -39.21 -15.57 18.66
CA ASP C 482 -39.81 -14.60 17.77
C ASP C 482 -38.86 -14.26 16.61
N ALA C 483 -39.26 -14.57 15.38
CA ALA C 483 -38.60 -14.10 14.19
C ALA C 483 -39.34 -12.87 13.66
N ILE C 484 -38.83 -11.68 13.95
CA ILE C 484 -39.36 -10.40 13.49
C ILE C 484 -39.01 -10.25 12.02
N CYS C 485 -39.93 -10.59 11.12
CA CYS C 485 -39.68 -10.50 9.68
C CYS C 485 -39.92 -9.07 9.20
N LEU C 486 -38.89 -8.40 8.69
CA LEU C 486 -38.98 -6.98 8.32
C LEU C 486 -39.89 -6.78 7.12
N ALA C 487 -39.71 -7.59 6.07
CA ALA C 487 -40.50 -7.41 4.86
C ALA C 487 -41.98 -7.64 5.13
N GLU C 488 -42.31 -8.72 5.87
CA GLU C 488 -43.67 -9.05 6.28
C GLU C 488 -44.31 -7.92 7.08
N LEU C 489 -43.68 -7.49 8.18
CA LEU C 489 -44.24 -6.43 9.00
C LEU C 489 -44.37 -5.14 8.20
N LYS C 490 -43.40 -4.77 7.34
CA LYS C 490 -43.53 -3.50 6.64
C LYS C 490 -44.64 -3.55 5.61
N LEU C 491 -44.83 -4.68 4.93
CA LEU C 491 -45.89 -4.81 3.93
C LEU C 491 -47.25 -4.90 4.60
N GLY C 492 -47.34 -5.52 5.77
CA GLY C 492 -48.54 -5.48 6.58
C GLY C 492 -48.87 -4.06 7.02
N PHE C 493 -47.91 -3.28 7.50
CA PHE C 493 -48.12 -1.88 7.87
C PHE C 493 -48.59 -1.05 6.68
N ILE C 494 -48.01 -1.26 5.48
CA ILE C 494 -48.44 -0.56 4.28
C ILE C 494 -49.89 -0.94 3.95
N ALA C 495 -50.27 -2.22 4.04
CA ALA C 495 -51.65 -2.66 3.82
C ALA C 495 -52.62 -2.06 4.83
N GLN C 496 -52.28 -1.97 6.11
CA GLN C 496 -53.12 -1.29 7.08
C GLN C 496 -53.24 0.22 6.77
N SER C 497 -52.23 0.88 6.18
CA SER C 497 -52.41 2.24 5.64
C SER C 497 -53.39 2.31 4.46
N CYS C 498 -53.61 1.23 3.71
CA CYS C 498 -54.64 1.15 2.68
C CYS C 498 -56.07 1.01 3.23
N LEU C 499 -56.24 0.48 4.45
CA LEU C 499 -57.53 0.47 5.15
C LEU C 499 -57.79 1.80 5.88
N ALA C 500 -56.76 2.43 6.43
CA ALA C 500 -56.85 3.74 7.06
C ALA C 500 -55.51 4.48 6.95
N GLN C 501 -55.41 5.48 6.07
CA GLN C 501 -54.15 6.20 5.87
C GLN C 501 -53.64 6.80 7.19
N GLY C 502 -52.33 6.68 7.44
CA GLY C 502 -51.68 7.15 8.66
C GLY C 502 -51.48 6.07 9.71
N LEU C 503 -52.13 4.91 9.58
CA LEU C 503 -52.03 3.84 10.55
C LEU C 503 -50.62 3.21 10.66
N SER C 504 -49.82 3.23 9.60
CA SER C 504 -48.42 2.79 9.69
C SER C 504 -47.61 3.67 10.66
N THR C 505 -47.80 4.99 10.58
CA THR C 505 -47.21 5.95 11.53
C THR C 505 -47.74 5.75 12.94
N MET C 506 -49.05 5.55 13.08
CA MET C 506 -49.71 5.29 14.36
C MET C 506 -49.10 4.07 15.07
N LEU C 507 -48.96 2.95 14.36
CA LEU C 507 -48.37 1.74 14.92
C LEU C 507 -46.88 1.90 15.21
N ALA C 508 -46.09 2.43 14.30
CA ALA C 508 -44.65 2.57 14.50
C ALA C 508 -44.31 3.41 15.73
N ASN C 509 -45.02 4.51 15.97
CA ASN C 509 -44.77 5.36 17.14
C ASN C 509 -45.15 4.70 18.48
N LEU C 510 -46.00 3.67 18.51
CA LEU C 510 -46.37 2.98 19.76
C LEU C 510 -45.24 2.11 20.33
N PHE C 511 -44.22 1.75 19.55
CA PHE C 511 -43.12 0.90 20.01
C PHE C 511 -41.90 1.68 20.50
N SER C 512 -41.52 2.74 19.78
CA SER C 512 -40.34 3.52 20.13
C SER C 512 -40.58 4.24 21.44
N MET C 513 -39.69 4.10 22.41
CA MET C 513 -39.84 4.79 23.68
C MET C 513 -39.56 6.28 23.49
N ARG C 514 -40.56 7.09 23.82
CA ARG C 514 -40.40 8.53 23.70
C ARG C 514 -40.96 9.29 24.90
N SER C 515 -40.15 10.21 25.41
CA SER C 515 -40.54 11.15 26.46
C SER C 515 -41.49 12.22 25.91
N PHE C 516 -42.20 12.94 26.79
CA PHE C 516 -42.95 14.13 26.38
C PHE C 516 -41.98 15.25 26.00
N ILE C 517 -42.22 15.93 24.87
CA ILE C 517 -41.49 17.12 24.42
C ILE C 517 -42.52 18.22 24.20
N LYS C 518 -42.30 19.41 24.75
CA LYS C 518 -43.25 20.50 24.66
C LYS C 518 -42.52 21.80 24.34
N ILE C 519 -43.10 22.59 23.44
CA ILE C 519 -42.55 23.89 23.06
C ILE C 519 -43.66 24.92 23.07
N GLU C 520 -43.26 26.19 23.13
CA GLU C 520 -44.20 27.29 23.25
C GLU C 520 -44.91 27.60 21.93
N GLU C 521 -44.35 27.22 20.80
CA GLU C 521 -44.96 27.51 19.51
C GLU C 521 -46.23 26.70 19.33
N ASP C 522 -47.25 27.35 18.74
CA ASP C 522 -48.48 26.75 18.29
C ASP C 522 -48.28 26.29 16.87
N THR C 523 -47.88 25.07 16.69
CA THR C 523 -47.57 24.40 15.44
C THR C 523 -48.13 22.98 15.49
N TRP C 524 -48.36 22.35 14.35
CA TRP C 524 -48.79 20.96 14.27
C TRP C 524 -47.81 20.01 14.99
N GLN C 525 -46.54 20.41 15.11
CA GLN C 525 -45.52 19.57 15.73
C GLN C 525 -45.77 19.38 17.22
N LYS C 526 -46.30 20.39 17.90
CA LYS C 526 -46.59 20.26 19.32
C LYS C 526 -47.60 19.16 19.57
N TYR C 527 -48.71 19.20 18.83
CA TYR C 527 -49.76 18.20 18.97
C TYR C 527 -49.23 16.82 18.58
N TYR C 528 -48.50 16.75 17.45
CA TYR C 528 -47.92 15.50 17.01
C TYR C 528 -47.02 14.90 18.09
N LEU C 529 -46.12 15.70 18.69
CA LEU C 529 -45.22 15.18 19.72
C LEU C 529 -45.99 14.74 20.95
N GLU C 530 -47.03 15.49 21.33
CA GLU C 530 -47.86 15.08 22.46
C GLU C 530 -48.49 13.73 22.20
N GLY C 531 -48.96 13.49 20.98
CA GLY C 531 -49.46 12.16 20.63
C GLY C 531 -48.37 11.11 20.63
N VAL C 532 -47.18 11.41 20.10
CA VAL C 532 -46.05 10.47 20.01
C VAL C 532 -45.56 10.00 21.38
N SER C 533 -45.76 10.78 22.44
CA SER C 533 -45.29 10.45 23.80
C SER C 533 -45.84 9.16 24.42
N ASN C 534 -46.86 8.52 23.81
CA ASN C 534 -47.48 7.30 24.31
C ASN C 534 -46.96 6.03 23.62
N GLU C 535 -46.72 4.98 24.38
CA GLU C 535 -46.38 3.64 23.89
C GLU C 535 -47.43 2.60 24.28
N MET C 536 -47.41 1.46 23.60
CA MET C 536 -48.19 0.29 24.02
C MET C 536 -47.46 -0.50 25.11
N TYR C 537 -48.15 -0.81 26.21
CA TYR C 537 -47.67 -1.59 27.36
C TYR C 537 -48.51 -2.84 27.57
N THR C 538 -48.30 -3.58 28.65
CA THR C 538 -49.10 -4.78 28.99
C THR C 538 -48.98 -5.05 30.49
N GLU C 539 -50.10 -5.11 31.22
CA GLU C 539 -50.08 -5.51 32.63
C GLU C 539 -51.42 -6.05 33.14
N TYR C 540 -51.37 -6.77 34.26
CA TYR C 540 -52.52 -7.33 34.96
C TYR C 540 -53.37 -6.25 35.65
N LEU C 541 -54.69 -6.42 35.67
CA LEU C 541 -55.64 -5.40 36.11
C LEU C 541 -56.53 -5.84 37.29
N SER C 542 -56.97 -4.86 38.08
CA SER C 542 -57.56 -5.01 39.41
C SER C 542 -58.78 -5.93 39.47
N SER C 543 -58.93 -6.67 40.56
CA SER C 543 -60.16 -7.41 40.87
C SER C 543 -61.38 -6.50 40.94
N ALA C 544 -61.21 -5.20 41.25
CA ALA C 544 -62.26 -4.19 41.22
C ALA C 544 -62.90 -3.99 39.82
N PHE C 545 -62.27 -4.49 38.76
CA PHE C 545 -62.77 -4.45 37.38
C PHE C 545 -63.23 -5.83 36.85
N VAL C 546 -63.02 -6.92 37.61
CA VAL C 546 -63.55 -8.24 37.26
C VAL C 546 -65.07 -8.26 37.42
N GLY C 547 -65.78 -8.81 36.44
CA GLY C 547 -67.22 -8.91 36.50
C GLY C 547 -67.97 -7.82 35.75
N LEU C 548 -67.25 -6.87 35.15
CA LEU C 548 -67.77 -5.77 34.34
C LEU C 548 -67.55 -6.05 32.85
N SER C 549 -68.24 -5.28 31.99
CA SER C 549 -68.01 -5.36 30.56
C SER C 549 -66.76 -4.60 30.15
N PHE C 550 -66.15 -5.03 29.03
CA PHE C 550 -64.96 -4.41 28.47
C PHE C 550 -65.18 -2.94 28.09
N PRO C 551 -66.25 -2.55 27.39
CA PRO C 551 -66.57 -1.13 27.22
C PRO C 551 -66.69 -0.36 28.52
N THR C 552 -67.27 -0.98 29.57
CA THR C 552 -67.45 -0.28 30.84
C THR C 552 -66.12 -0.01 31.51
N VAL C 553 -65.22 -1.01 31.59
CA VAL C 553 -63.89 -0.77 32.17
C VAL C 553 -63.08 0.17 31.30
N CYS C 554 -63.30 0.21 29.98
CA CYS C 554 -62.63 1.19 29.10
C CYS C 554 -63.06 2.63 29.39
N GLU C 555 -64.37 2.91 29.47
CA GLU C 555 -64.85 4.26 29.82
C GLU C 555 -64.49 4.64 31.26
N LEU C 556 -64.33 3.64 32.15
CA LEU C 556 -63.82 3.90 33.50
C LEU C 556 -62.34 4.26 33.46
N CYS C 557 -61.50 3.41 32.88
CA CYS C 557 -60.06 3.66 32.80
C CYS C 557 -59.70 4.92 32.02
N PHE C 558 -60.51 5.36 31.03
CA PHE C 558 -60.07 6.33 30.02
C PHE C 558 -59.47 7.61 30.57
N VAL C 559 -60.18 8.36 31.44
CA VAL C 559 -59.65 9.62 31.97
C VAL C 559 -59.57 9.62 33.49
N LYS C 560 -60.20 8.68 34.22
CA LYS C 560 -60.13 8.64 35.71
C LYS C 560 -58.76 8.14 36.17
N LEU C 561 -58.33 7.03 35.59
CA LEU C 561 -56.98 6.48 35.70
C LEU C 561 -56.01 7.07 34.65
N LYS C 562 -56.55 7.70 33.58
CA LYS C 562 -55.85 8.22 32.40
C LYS C 562 -55.24 7.12 31.51
N LEU C 563 -55.93 6.00 31.30
CA LEU C 563 -55.43 4.81 30.61
C LEU C 563 -56.41 4.28 29.55
N LEU C 564 -55.94 3.95 28.34
CA LEU C 564 -56.77 3.41 27.26
C LEU C 564 -56.43 1.93 26.98
N MET C 565 -57.43 1.05 26.93
CA MET C 565 -57.22 -0.38 26.65
C MET C 565 -57.64 -0.74 25.23
N ILE C 566 -56.74 -1.32 24.44
CA ILE C 566 -57.05 -1.80 23.07
C ILE C 566 -57.59 -3.24 23.06
N ALA C 567 -57.18 -4.05 24.02
CA ALA C 567 -57.38 -5.50 24.02
C ALA C 567 -57.14 -6.08 25.42
N ILE C 568 -57.50 -7.35 25.62
CA ILE C 568 -57.19 -8.13 26.82
C ILE C 568 -56.72 -9.55 26.46
N GLU C 569 -56.08 -10.22 27.40
CA GLU C 569 -55.79 -11.65 27.32
C GLU C 569 -57.06 -12.50 27.33
N SER C 577 -59.39 -17.79 22.01
CA SER C 577 -60.03 -16.92 22.98
C SER C 577 -59.04 -16.19 23.89
N ARG C 578 -57.77 -16.25 23.52
CA ARG C 578 -56.70 -15.61 24.29
C ARG C 578 -56.52 -14.15 23.89
N ILE C 579 -55.87 -13.92 22.76
CA ILE C 579 -55.64 -12.56 22.26
C ILE C 579 -56.87 -12.05 21.54
N LEU C 580 -57.59 -11.13 22.18
CA LEU C 580 -58.81 -10.58 21.59
C LEU C 580 -58.67 -9.07 21.36
N ILE C 581 -58.63 -8.69 20.08
CA ILE C 581 -58.58 -7.30 19.64
C ILE C 581 -59.94 -6.62 19.83
N ASN C 582 -59.98 -5.54 20.63
CA ASN C 582 -61.16 -4.74 20.98
C ASN C 582 -62.44 -5.58 21.24
N PRO C 583 -62.53 -6.31 22.37
CA PRO C 583 -63.69 -7.13 22.71
C PRO C 583 -65.03 -6.40 22.61
N GLY C 584 -66.09 -7.15 22.28
CA GLY C 584 -67.46 -6.65 22.34
C GLY C 584 -67.96 -6.37 23.75
N ASN C 585 -69.12 -5.72 23.84
CA ASN C 585 -69.83 -5.45 25.11
C ASN C 585 -70.32 -6.71 25.83
N HIS C 586 -70.40 -7.85 25.13
CA HIS C 586 -70.84 -9.13 25.67
C HIS C 586 -69.75 -9.89 26.43
N LEU C 587 -68.48 -9.44 26.44
CA LEU C 587 -67.40 -10.17 27.10
C LEU C 587 -67.13 -9.60 28.50
N LYS C 588 -67.07 -10.52 29.47
CA LYS C 588 -66.85 -10.24 30.88
C LYS C 588 -65.38 -10.43 31.21
N ILE C 589 -64.78 -9.53 32.00
CA ILE C 589 -63.33 -9.57 32.34
C ILE C 589 -63.03 -10.79 33.22
N GLN C 590 -62.20 -11.75 32.78
CA GLN C 590 -61.80 -12.89 33.61
C GLN C 590 -60.95 -12.44 34.81
N GLU C 591 -61.03 -13.12 35.96
CA GLU C 591 -60.07 -12.87 37.05
C GLU C 591 -58.63 -13.21 36.60
N GLY C 592 -57.64 -12.42 37.02
CA GLY C 592 -56.23 -12.61 36.71
C GLY C 592 -55.80 -12.25 35.28
N THR C 593 -56.56 -11.45 34.55
CA THR C 593 -56.23 -11.05 33.16
C THR C 593 -55.33 -9.82 33.05
N LEU C 594 -54.74 -9.64 31.87
CA LEU C 594 -53.89 -8.51 31.49
C LEU C 594 -54.50 -7.69 30.35
N GLY C 595 -54.31 -6.38 30.42
CA GLY C 595 -54.79 -5.41 29.43
C GLY C 595 -53.67 -4.82 28.59
N PHE C 596 -53.90 -4.71 27.29
CA PHE C 596 -52.98 -4.11 26.32
C PHE C 596 -53.22 -2.61 26.28
N PHE C 597 -52.73 -1.93 27.31
CA PHE C 597 -52.88 -0.49 27.46
C PHE C 597 -52.03 0.30 26.47
N ILE C 598 -52.52 1.45 26.05
CA ILE C 598 -51.72 2.55 25.51
C ILE C 598 -51.65 3.63 26.60
N ALA C 599 -50.46 4.10 26.91
CA ALA C 599 -50.23 5.03 28.01
C ALA C 599 -48.95 5.85 27.79
N SER C 600 -48.75 6.90 28.57
CA SER C 600 -47.52 7.66 28.55
C SER C 600 -46.32 6.83 28.89
N ASP C 601 -46.49 5.93 29.87
CA ASP C 601 -45.44 5.02 30.33
C ASP C 601 -45.97 3.88 31.20
N ALA C 602 -45.04 3.01 31.62
CA ALA C 602 -45.30 1.88 32.46
C ALA C 602 -45.73 2.22 33.88
N LYS C 603 -45.23 3.31 34.48
CA LYS C 603 -45.57 3.67 35.85
C LYS C 603 -46.99 4.22 36.00
N GLU C 604 -47.61 4.65 34.90
CA GLU C 604 -49.01 5.06 34.88
C GLU C 604 -49.96 3.86 34.85
N VAL C 605 -49.69 2.85 34.01
CA VAL C 605 -50.56 1.66 33.91
C VAL C 605 -50.64 0.85 35.21
N LYS C 606 -49.71 1.06 36.17
CA LYS C 606 -49.81 0.48 37.52
C LYS C 606 -51.15 0.75 38.20
N ARG C 607 -51.79 1.86 37.82
CA ARG C 607 -53.11 2.19 38.38
C ARG C 607 -54.14 1.11 38.04
N ALA C 608 -54.08 0.55 36.83
CA ALA C 608 -55.02 -0.50 36.44
C ALA C 608 -55.04 -1.65 37.45
N PHE C 609 -53.92 -1.93 38.11
CA PHE C 609 -53.83 -2.88 39.23
C PHE C 609 -54.16 -2.22 40.57
N PHE C 610 -53.54 -1.08 40.89
CA PHE C 610 -53.59 -0.42 42.20
C PHE C 610 -54.84 0.48 42.40
N TYR C 611 -56.03 -0.04 42.09
CA TYR C 611 -57.30 0.69 42.26
C TYR C 611 -58.39 -0.19 42.87
N CYS C 612 -59.13 0.33 43.85
CA CYS C 612 -60.28 -0.31 44.48
C CYS C 612 -61.27 0.76 44.97
N LYS C 613 -62.16 1.22 44.08
CA LYS C 613 -63.19 2.24 44.35
C LYS C 613 -62.63 3.55 44.95
N ALA C 614 -61.43 3.96 44.52
CA ALA C 614 -60.80 5.23 44.89
C ALA C 614 -61.40 6.43 44.10
N CYS C 615 -62.73 6.54 44.09
CA CYS C 615 -63.49 7.46 43.26
C CYS C 615 -63.17 8.94 43.55
N SER C 681 -73.86 -25.02 -2.20
CA SER C 681 -72.91 -24.18 -1.48
C SER C 681 -71.54 -24.87 -1.39
N ASN C 682 -71.12 -25.50 -2.49
CA ASN C 682 -69.79 -26.10 -2.65
C ASN C 682 -68.69 -25.06 -2.99
N VAL C 683 -69.04 -23.77 -3.09
CA VAL C 683 -68.10 -22.69 -3.38
C VAL C 683 -67.10 -22.49 -2.23
N LYS C 684 -65.81 -22.68 -2.52
CA LYS C 684 -64.71 -22.36 -1.59
C LYS C 684 -64.45 -20.84 -1.56
N LYS C 685 -65.20 -20.12 -0.73
CA LYS C 685 -65.05 -18.66 -0.51
C LYS C 685 -63.83 -18.27 0.34
N TYR C 686 -63.33 -19.19 1.16
CA TYR C 686 -62.32 -18.89 2.19
C TYR C 686 -61.19 -19.92 2.22
N ASP C 687 -60.11 -19.60 2.94
CA ASP C 687 -59.06 -20.55 3.30
C ASP C 687 -59.55 -21.59 4.33
N SER C 688 -58.75 -22.63 4.54
CA SER C 688 -59.02 -23.72 5.48
C SER C 688 -59.29 -23.27 6.93
N THR C 689 -58.79 -22.11 7.36
CA THR C 689 -59.03 -21.58 8.72
C THR C 689 -60.22 -20.61 8.81
N GLY C 690 -60.78 -20.18 7.68
CA GLY C 690 -61.90 -19.24 7.66
C GLY C 690 -61.52 -17.80 7.99
N MET C 691 -60.31 -17.36 7.61
CA MET C 691 -59.76 -16.05 7.92
C MET C 691 -59.34 -15.20 6.72
N PHE C 692 -59.19 -15.78 5.52
CA PHE C 692 -58.90 -15.07 4.27
C PHE C 692 -59.82 -15.51 3.13
N HIS C 693 -60.18 -14.59 2.23
CA HIS C 693 -60.84 -14.92 0.97
C HIS C 693 -59.92 -15.74 0.07
N TRP C 694 -60.49 -16.56 -0.82
CA TRP C 694 -59.74 -17.49 -1.67
C TRP C 694 -60.41 -17.68 -3.04
N CYS C 695 -59.63 -18.05 -4.07
CA CYS C 695 -60.13 -18.50 -5.36
C CYS C 695 -59.19 -19.52 -6.01
N ALA C 696 -59.69 -20.24 -7.02
CA ALA C 696 -58.90 -21.18 -7.81
C ALA C 696 -57.70 -20.48 -8.49
N PRO C 697 -56.60 -21.21 -8.77
CA PRO C 697 -55.35 -20.61 -9.24
C PRO C 697 -55.48 -20.08 -10.68
N LYS C 698 -55.62 -18.75 -10.81
CA LYS C 698 -55.75 -18.05 -12.10
C LYS C 698 -54.45 -18.11 -12.89
N GLU C 699 -54.55 -18.28 -14.21
CA GLU C 699 -53.37 -18.16 -15.08
C GLU C 699 -52.91 -16.68 -15.16
N ILE C 700 -51.61 -16.45 -15.39
CA ILE C 700 -51.04 -15.10 -15.47
C ILE C 700 -51.64 -14.29 -16.63
N GLU C 701 -51.94 -14.90 -17.79
CA GLU C 701 -52.48 -14.15 -18.91
C GLU C 701 -53.93 -13.72 -18.66
N LYS C 702 -54.65 -14.42 -17.78
CA LYS C 702 -56.03 -14.05 -17.50
C LYS C 702 -56.11 -12.66 -16.86
N VAL C 703 -55.20 -12.40 -15.90
CA VAL C 703 -55.17 -11.19 -15.07
C VAL C 703 -54.33 -10.04 -15.66
N ILE C 704 -53.46 -10.30 -16.64
CA ILE C 704 -52.74 -9.25 -17.37
C ILE C 704 -53.72 -8.36 -18.15
N LEU C 705 -53.56 -7.05 -18.01
CA LEU C 705 -54.21 -6.01 -18.80
C LEU C 705 -53.22 -5.41 -19.82
N THR C 706 -53.71 -4.50 -20.66
CA THR C 706 -52.90 -3.50 -21.36
C THR C 706 -53.69 -2.20 -21.48
N ARG C 707 -53.16 -1.19 -22.17
CA ARG C 707 -53.65 0.20 -22.18
C ARG C 707 -55.15 0.32 -22.43
N SER C 708 -55.66 -0.40 -23.42
CA SER C 708 -57.06 -0.43 -23.81
C SER C 708 -57.97 -0.86 -22.66
N GLU C 709 -57.85 -2.10 -22.20
CA GLU C 709 -58.73 -2.68 -21.17
C GLU C 709 -58.55 -2.02 -19.81
N ALA C 710 -57.34 -1.59 -19.46
CA ALA C 710 -57.12 -0.80 -18.25
C ALA C 710 -57.93 0.50 -18.28
N ALA C 711 -57.91 1.23 -19.40
CA ALA C 711 -58.62 2.50 -19.51
C ALA C 711 -60.15 2.35 -19.50
N MET C 712 -60.70 1.32 -20.15
CA MET C 712 -62.16 1.13 -20.19
C MET C 712 -62.72 0.41 -18.95
N THR C 713 -61.89 -0.32 -18.20
CA THR C 713 -62.30 -0.92 -16.93
C THR C 713 -62.34 0.15 -15.85
N VAL C 714 -63.54 0.61 -15.48
CA VAL C 714 -63.67 1.65 -14.45
C VAL C 714 -63.23 1.10 -13.09
N LEU C 715 -62.33 1.83 -12.43
CA LEU C 715 -61.76 1.51 -11.12
C LEU C 715 -61.89 2.74 -10.22
N SER C 716 -62.28 2.51 -8.97
CA SER C 716 -62.40 3.53 -7.91
C SER C 716 -62.29 2.86 -6.55
N GLY C 717 -61.69 3.55 -5.57
CA GLY C 717 -61.41 3.00 -4.24
C GLY C 717 -60.44 1.82 -4.23
N HIS C 718 -59.77 1.54 -5.35
CA HIS C 718 -58.80 0.46 -5.52
C HIS C 718 -57.45 0.79 -4.85
N VAL C 719 -56.52 -0.17 -4.89
CA VAL C 719 -55.13 -0.01 -4.48
C VAL C 719 -54.24 -0.17 -5.72
N VAL C 720 -53.41 0.83 -5.98
CA VAL C 720 -52.45 0.81 -7.10
C VAL C 720 -51.07 0.55 -6.54
N VAL C 721 -50.38 -0.47 -7.06
CA VAL C 721 -49.05 -0.83 -6.55
C VAL C 721 -48.01 -0.68 -7.65
N CYS C 722 -47.04 0.18 -7.40
CA CYS C 722 -45.99 0.58 -8.33
C CYS C 722 -44.69 -0.12 -7.95
N ILE C 723 -44.19 -1.01 -8.82
CA ILE C 723 -43.04 -1.87 -8.55
C ILE C 723 -41.92 -1.59 -9.55
N PHE C 724 -40.73 -1.24 -9.07
CA PHE C 724 -39.57 -1.05 -9.93
C PHE C 724 -38.71 -2.31 -9.95
N GLY C 725 -39.31 -3.38 -10.48
CA GLY C 725 -38.65 -4.67 -10.51
C GLY C 725 -37.61 -4.78 -11.61
N ASP C 726 -36.89 -5.89 -11.59
CA ASP C 726 -35.85 -6.15 -12.56
C ASP C 726 -35.59 -7.65 -12.60
N VAL C 727 -34.93 -8.15 -13.64
CA VAL C 727 -34.64 -9.58 -13.74
C VAL C 727 -33.59 -10.04 -12.72
N SER C 728 -32.79 -9.10 -12.24
CA SER C 728 -31.74 -9.42 -11.28
C SER C 728 -32.07 -8.91 -9.87
N SER C 729 -33.18 -8.19 -9.75
CA SER C 729 -33.61 -7.64 -8.47
C SER C 729 -34.08 -8.75 -7.53
N ALA C 730 -34.03 -8.43 -6.23
CA ALA C 730 -34.45 -9.37 -5.20
C ALA C 730 -35.98 -9.48 -5.17
N LEU C 731 -36.50 -10.51 -4.51
CA LEU C 731 -37.94 -10.74 -4.39
C LEU C 731 -38.47 -9.92 -3.22
N ILE C 732 -39.44 -9.04 -3.46
CA ILE C 732 -40.08 -8.23 -2.43
C ILE C 732 -40.99 -9.08 -1.56
N GLY C 733 -41.76 -10.02 -2.12
CA GLY C 733 -42.66 -10.88 -1.33
C GLY C 733 -44.06 -10.29 -1.15
N LEU C 734 -44.68 -9.90 -2.27
CA LEU C 734 -45.94 -9.14 -2.31
C LEU C 734 -47.13 -9.87 -1.66
N ARG C 735 -47.05 -11.20 -1.48
CA ARG C 735 -47.99 -12.00 -0.67
C ARG C 735 -48.36 -11.32 0.64
N ASN C 736 -47.37 -10.80 1.35
CA ASN C 736 -47.54 -10.26 2.71
C ASN C 736 -48.29 -8.93 2.72
N LEU C 737 -48.29 -8.24 1.58
CA LEU C 737 -49.06 -7.00 1.33
C LEU C 737 -50.48 -7.31 0.88
N VAL C 738 -50.67 -8.33 0.04
CA VAL C 738 -51.98 -8.72 -0.49
C VAL C 738 -52.85 -9.34 0.59
N MET C 739 -52.30 -10.25 1.40
CA MET C 739 -53.08 -11.02 2.36
C MET C 739 -53.89 -10.16 3.36
N PRO C 740 -53.36 -9.12 4.01
CA PRO C 740 -54.17 -8.26 4.87
C PRO C 740 -55.38 -7.60 4.18
N LEU C 741 -55.24 -7.15 2.92
CA LEU C 741 -56.36 -6.66 2.13
C LEU C 741 -57.38 -7.77 1.86
N ARG C 742 -56.89 -8.98 1.63
CA ARG C 742 -57.75 -10.13 1.34
C ARG C 742 -58.38 -10.82 2.56
N ALA C 743 -58.12 -10.30 3.75
CA ALA C 743 -58.67 -10.89 4.98
C ALA C 743 -60.21 -10.96 5.00
N SER C 744 -60.79 -11.97 5.67
CA SER C 744 -62.22 -12.30 5.60
C SER C 744 -63.15 -11.52 6.52
N ASN C 745 -62.68 -10.66 7.43
CA ASN C 745 -63.56 -9.76 8.18
C ASN C 745 -63.99 -8.52 7.37
N PHE C 746 -63.69 -8.50 6.07
CA PHE C 746 -64.32 -7.63 5.06
C PHE C 746 -65.31 -8.43 4.21
N HIS C 747 -66.47 -7.87 3.90
CA HIS C 747 -67.40 -8.45 2.93
C HIS C 747 -66.82 -8.44 1.51
N TYR C 748 -67.27 -9.34 0.63
CA TYR C 748 -66.72 -9.43 -0.73
C TYR C 748 -66.94 -8.15 -1.57
N HIS C 749 -68.07 -7.46 -1.38
CA HIS C 749 -68.32 -6.17 -2.02
C HIS C 749 -67.43 -5.05 -1.48
N GLU C 750 -66.78 -5.29 -0.34
CA GLU C 750 -65.90 -4.29 0.27
C GLU C 750 -64.42 -4.51 -0.05
N LEU C 751 -64.11 -5.55 -0.82
CA LEU C 751 -62.71 -5.83 -1.17
C LEU C 751 -62.19 -4.85 -2.21
N LYS C 752 -61.23 -4.00 -1.83
CA LYS C 752 -60.55 -3.04 -2.71
C LYS C 752 -59.76 -3.79 -3.79
N HIS C 753 -59.99 -3.52 -5.07
CA HIS C 753 -59.24 -4.14 -6.18
C HIS C 753 -57.76 -3.79 -6.11
N ILE C 754 -56.86 -4.65 -6.59
CA ILE C 754 -55.40 -4.41 -6.57
C ILE C 754 -54.86 -4.47 -8.01
N VAL C 755 -54.06 -3.49 -8.42
CA VAL C 755 -53.37 -3.56 -9.71
C VAL C 755 -51.88 -3.25 -9.56
N PHE C 756 -51.03 -4.09 -10.15
CA PHE C 756 -49.58 -3.99 -10.09
C PHE C 756 -49.03 -3.44 -11.41
N VAL C 757 -48.29 -2.34 -11.36
CA VAL C 757 -47.59 -1.75 -12.51
C VAL C 757 -46.10 -2.00 -12.35
N GLY C 758 -45.42 -2.58 -13.34
CA GLY C 758 -43.99 -2.88 -13.23
C GLY C 758 -43.42 -3.74 -14.36
N SER C 759 -42.14 -4.12 -14.27
CA SER C 759 -41.50 -4.92 -15.31
C SER C 759 -42.15 -6.29 -15.40
N ILE C 760 -42.54 -6.70 -16.61
CA ILE C 760 -43.21 -8.00 -16.77
C ILE C 760 -42.31 -9.14 -16.36
N GLU C 761 -40.98 -8.99 -16.52
CA GLU C 761 -40.08 -10.06 -16.07
C GLU C 761 -40.19 -10.27 -14.57
N TYR C 762 -40.16 -9.17 -13.80
CA TYR C 762 -40.29 -9.29 -12.34
C TYR C 762 -41.66 -9.81 -11.95
N LEU C 763 -42.74 -9.38 -12.60
CA LEU C 763 -44.05 -9.95 -12.28
C LEU C 763 -44.08 -11.46 -12.56
N LYS C 764 -43.50 -11.96 -13.66
CA LYS C 764 -43.38 -13.41 -13.92
C LYS C 764 -42.23 -14.12 -13.20
N ARG C 765 -41.75 -13.47 -12.14
CA ARG C 765 -40.73 -14.01 -11.27
C ARG C 765 -41.29 -14.01 -9.84
N GLU C 766 -42.57 -13.64 -9.72
CA GLU C 766 -43.27 -13.57 -8.42
C GLU C 766 -44.73 -14.03 -8.47
N TRP C 767 -45.38 -14.01 -9.65
CA TRP C 767 -46.79 -14.38 -9.82
C TRP C 767 -47.14 -15.79 -9.31
N GLU C 768 -46.16 -16.70 -9.29
CA GLU C 768 -46.25 -18.05 -8.75
C GLU C 768 -46.75 -18.14 -7.30
N THR C 769 -46.80 -17.03 -6.55
CA THR C 769 -47.40 -16.98 -5.20
C THR C 769 -48.59 -16.02 -5.06
N LEU C 770 -49.14 -15.54 -6.17
CA LEU C 770 -50.27 -14.61 -6.12
C LEU C 770 -51.52 -15.01 -6.93
N HIS C 771 -51.52 -16.21 -7.51
CA HIS C 771 -52.64 -16.69 -8.32
C HIS C 771 -53.91 -17.18 -7.59
N ASN C 772 -53.90 -17.37 -6.27
CA ASN C 772 -55.07 -17.76 -5.48
C ASN C 772 -55.88 -16.58 -4.87
N PHE C 773 -55.54 -15.36 -5.25
CA PHE C 773 -56.22 -14.18 -4.75
C PHE C 773 -57.09 -13.55 -5.82
N PRO C 774 -58.26 -13.03 -5.42
CA PRO C 774 -59.19 -12.39 -6.35
C PRO C 774 -58.92 -10.90 -6.49
N LYS C 775 -59.66 -10.26 -7.39
CA LYS C 775 -59.55 -8.83 -7.64
C LYS C 775 -58.13 -8.31 -7.93
N VAL C 776 -57.25 -9.15 -8.45
CA VAL C 776 -55.90 -8.68 -8.78
C VAL C 776 -55.72 -8.51 -10.28
N SER C 777 -54.83 -7.61 -10.69
CA SER C 777 -54.46 -7.36 -12.09
C SER C 777 -53.00 -6.95 -12.25
N ILE C 778 -52.38 -7.23 -13.40
CA ILE C 778 -51.03 -6.78 -13.76
C ILE C 778 -51.13 -5.86 -14.98
N LEU C 779 -50.39 -4.75 -15.01
CA LEU C 779 -50.18 -3.95 -16.22
C LEU C 779 -48.67 -3.87 -16.54
N PRO C 780 -48.19 -4.49 -17.62
CA PRO C 780 -46.77 -4.54 -17.95
C PRO C 780 -46.25 -3.22 -18.55
N GLY C 781 -45.96 -2.23 -17.68
CA GLY C 781 -45.51 -0.92 -18.07
C GLY C 781 -44.44 -0.40 -17.12
N THR C 782 -44.39 0.92 -16.99
CA THR C 782 -43.39 1.59 -16.16
C THR C 782 -44.13 2.41 -15.11
N PRO C 783 -43.80 2.33 -13.80
CA PRO C 783 -44.45 3.16 -12.78
C PRO C 783 -44.28 4.64 -13.00
N LEU C 784 -43.31 5.05 -13.81
CA LEU C 784 -43.10 6.45 -14.15
C LEU C 784 -43.81 6.85 -15.44
N SER C 785 -44.59 5.99 -16.08
CA SER C 785 -45.29 6.34 -17.30
C SER C 785 -46.61 7.02 -16.98
N ARG C 786 -46.73 8.28 -17.38
CA ARG C 786 -47.92 9.09 -17.15
C ARG C 786 -49.14 8.46 -17.81
N ALA C 787 -48.96 7.87 -18.99
CA ALA C 787 -50.06 7.20 -19.70
C ALA C 787 -50.60 6.01 -18.91
N ASP C 788 -49.71 5.16 -18.37
CA ASP C 788 -50.10 4.03 -17.53
C ASP C 788 -50.83 4.49 -16.27
N LEU C 789 -50.32 5.53 -15.60
CA LEU C 789 -50.92 5.96 -14.34
C LEU C 789 -52.29 6.63 -14.56
N ARG C 790 -52.47 7.20 -15.74
CA ARG C 790 -53.76 7.78 -16.12
C ARG C 790 -54.74 6.64 -16.47
N ALA C 791 -54.25 5.62 -17.19
CA ALA C 791 -55.07 4.47 -17.58
C ALA C 791 -55.56 3.65 -16.39
N VAL C 792 -54.78 3.61 -15.31
CA VAL C 792 -55.08 2.92 -14.05
C VAL C 792 -55.98 3.74 -13.10
N ASN C 793 -56.50 4.90 -13.50
CA ASN C 793 -57.35 5.77 -12.67
C ASN C 793 -56.69 6.18 -11.34
N ILE C 794 -55.40 6.54 -11.35
CA ILE C 794 -54.64 6.85 -10.14
C ILE C 794 -55.31 7.88 -9.22
N ASN C 795 -56.06 8.83 -9.79
CA ASN C 795 -56.77 9.88 -9.07
C ASN C 795 -57.98 9.39 -8.25
N LEU C 796 -58.46 8.16 -8.49
CA LEU C 796 -59.64 7.57 -7.83
C LEU C 796 -59.30 6.45 -6.84
N CYS C 797 -58.03 6.06 -6.73
CA CYS C 797 -57.62 5.01 -5.81
C CYS C 797 -57.79 5.43 -4.34
N ASP C 798 -57.90 4.45 -3.43
CA ASP C 798 -57.82 4.68 -1.99
C ASP C 798 -56.38 4.70 -1.48
N MET C 799 -55.45 4.07 -2.20
CA MET C 799 -54.01 4.16 -1.98
C MET C 799 -53.21 3.89 -3.24
N CYS C 800 -52.12 4.63 -3.41
CA CYS C 800 -51.00 4.25 -4.24
C CYS C 800 -49.83 3.83 -3.36
N VAL C 801 -49.24 2.67 -3.62
CA VAL C 801 -48.10 2.11 -2.87
C VAL C 801 -46.90 2.03 -3.80
N ILE C 802 -45.79 2.67 -3.44
CA ILE C 802 -44.57 2.66 -4.27
C ILE C 802 -43.44 1.90 -3.57
N LEU C 803 -42.99 0.81 -4.20
CA LEU C 803 -41.93 -0.08 -3.70
C LEU C 803 -40.85 -0.30 -4.76
N SER C 804 -39.63 -0.50 -4.30
CA SER C 804 -38.45 -0.72 -5.13
C SER C 804 -37.73 -1.97 -4.67
N ALA C 805 -37.29 -2.79 -5.63
CA ALA C 805 -36.52 -3.99 -5.31
C ALA C 805 -35.02 -3.75 -5.43
N ASN C 806 -34.63 -2.84 -6.32
CA ASN C 806 -33.22 -2.51 -6.50
C ASN C 806 -32.81 -1.55 -5.39
N GLN C 807 -32.54 -2.10 -4.22
CA GLN C 807 -32.17 -1.29 -3.06
C GLN C 807 -30.88 -1.80 -2.44
N ASN C 808 -30.60 -3.09 -2.59
CA ASN C 808 -29.40 -3.71 -2.02
C ASN C 808 -28.32 -3.98 -3.07
N ASN C 809 -28.71 -4.18 -4.32
CA ASN C 809 -27.73 -4.51 -5.37
C ASN C 809 -26.75 -3.37 -5.58
N ILE C 810 -27.24 -2.14 -5.62
CA ILE C 810 -26.40 -0.97 -5.80
C ILE C 810 -26.00 -0.43 -4.43
N ASP C 811 -24.84 0.20 -4.37
CA ASP C 811 -24.32 0.79 -3.14
C ASP C 811 -23.89 2.23 -3.44
N ASP C 812 -24.85 3.15 -3.39
CA ASP C 812 -24.59 4.57 -3.61
C ASP C 812 -25.18 5.48 -2.55
N THR C 813 -26.23 5.04 -1.86
CA THR C 813 -26.89 5.81 -0.80
C THR C 813 -27.42 7.14 -1.33
N SER C 814 -27.50 7.26 -2.65
CA SER C 814 -28.03 8.45 -3.28
C SER C 814 -29.10 8.09 -4.30
N LEU C 815 -28.89 6.98 -5.01
CA LEU C 815 -29.82 6.51 -6.03
C LEU C 815 -30.70 5.37 -5.55
N GLN C 816 -30.64 5.04 -4.25
CA GLN C 816 -31.46 3.95 -3.73
C GLN C 816 -32.94 4.27 -3.83
N ASP C 817 -33.32 5.51 -3.50
CA ASP C 817 -34.72 5.93 -3.51
C ASP C 817 -35.02 6.90 -4.64
N LYS C 818 -34.12 7.01 -5.62
CA LYS C 818 -34.33 7.95 -6.72
C LYS C 818 -35.60 7.62 -7.50
N GLU C 819 -35.81 6.36 -7.83
CA GLU C 819 -36.99 5.98 -8.60
C GLU C 819 -38.27 6.25 -7.83
N CYS C 820 -38.29 5.91 -6.55
CA CYS C 820 -39.49 6.15 -5.73
C CYS C 820 -39.78 7.64 -5.62
N ILE C 821 -38.75 8.45 -5.39
CA ILE C 821 -38.95 9.90 -5.29
C ILE C 821 -39.45 10.46 -6.60
N LEU C 822 -38.87 10.03 -7.72
CA LEU C 822 -39.30 10.52 -9.02
C LEU C 822 -40.75 10.13 -9.31
N ALA C 823 -41.12 8.90 -8.96
CA ALA C 823 -42.50 8.46 -9.17
C ALA C 823 -43.47 9.27 -8.32
N SER C 824 -43.11 9.51 -7.06
CA SER C 824 -43.96 10.30 -6.18
C SER C 824 -44.15 11.72 -6.72
N LEU C 825 -43.06 12.33 -7.18
CA LEU C 825 -43.16 13.67 -7.74
C LEU C 825 -43.98 13.69 -9.03
N ASN C 826 -43.82 12.68 -9.88
CA ASN C 826 -44.60 12.61 -11.10
C ASN C 826 -46.08 12.47 -10.79
N ILE C 827 -46.46 11.66 -9.81
CA ILE C 827 -47.87 11.52 -9.40
C ILE C 827 -48.38 12.82 -8.79
N LYS C 828 -47.57 13.52 -7.98
CA LYS C 828 -47.99 14.78 -7.39
C LYS C 828 -47.99 15.93 -8.40
N SER C 829 -47.43 15.74 -9.58
CA SER C 829 -47.39 16.79 -10.59
C SER C 829 -48.32 16.49 -11.75
N MET C 830 -49.49 15.93 -11.45
CA MET C 830 -50.45 15.52 -12.45
C MET C 830 -51.69 16.40 -12.39
N GLN C 831 -52.19 16.78 -13.56
CA GLN C 831 -53.39 17.60 -13.67
C GLN C 831 -54.56 16.72 -14.10
N PHE C 832 -55.65 16.73 -13.33
CA PHE C 832 -56.86 15.98 -13.62
C PHE C 832 -58.03 16.93 -13.79
N ASP C 833 -58.90 16.63 -14.73
CA ASP C 833 -60.08 17.43 -15.00
C ASP C 833 -61.15 17.20 -13.93
N THR C 871 -58.91 18.65 -10.43
CA THR C 871 -58.02 18.58 -9.27
C THR C 871 -56.57 18.24 -9.66
N THR C 872 -55.60 18.68 -8.86
CA THR C 872 -54.19 18.36 -9.03
C THR C 872 -53.89 16.98 -8.44
N GLY C 873 -52.66 16.53 -8.63
CA GLY C 873 -52.24 15.23 -8.14
C GLY C 873 -51.66 15.26 -6.75
N VAL C 874 -51.70 16.43 -6.10
CA VAL C 874 -51.18 16.55 -4.74
C VAL C 874 -52.12 15.96 -3.70
N ASN C 875 -53.41 15.88 -3.98
CA ASN C 875 -54.37 15.34 -3.02
C ASN C 875 -54.48 13.83 -3.08
N ILE C 876 -53.83 13.13 -4.01
CA ILE C 876 -53.90 11.66 -4.13
C ILE C 876 -53.34 10.98 -2.87
N PRO C 877 -53.97 9.91 -2.35
CA PRO C 877 -53.44 9.13 -1.23
C PRO C 877 -52.25 8.29 -1.68
N ILE C 878 -51.08 8.55 -1.12
CA ILE C 878 -49.81 7.98 -1.56
C ILE C 878 -48.99 7.51 -0.37
N ILE C 879 -48.38 6.33 -0.46
CA ILE C 879 -47.36 5.86 0.47
C ILE C 879 -46.17 5.30 -0.30
N THR C 880 -44.97 5.62 0.15
CA THR C 880 -43.73 5.15 -0.47
C THR C 880 -42.75 4.63 0.56
N GLU C 881 -42.03 3.59 0.19
CA GLU C 881 -41.02 2.99 1.07
C GLU C 881 -39.63 3.46 0.68
N LEU C 882 -38.90 4.02 1.64
CA LEU C 882 -37.56 4.54 1.39
C LEU C 882 -36.53 3.67 2.11
N VAL C 883 -35.37 3.54 1.47
CA VAL C 883 -34.26 2.81 2.09
C VAL C 883 -33.44 3.72 3.00
N ASN C 884 -33.23 4.97 2.61
CA ASN C 884 -32.49 5.94 3.40
C ASN C 884 -33.45 6.94 4.02
N ASP C 885 -33.35 7.12 5.33
CA ASP C 885 -34.21 8.06 6.04
C ASP C 885 -33.93 9.51 5.67
N THR C 886 -32.72 9.83 5.23
CA THR C 886 -32.37 11.18 4.85
C THR C 886 -32.97 11.60 3.51
N ASN C 887 -33.44 10.64 2.72
CA ASN C 887 -34.07 10.93 1.44
C ASN C 887 -35.51 11.38 1.59
N VAL C 888 -36.06 11.34 2.80
CA VAL C 888 -37.45 11.74 3.03
C VAL C 888 -37.67 13.23 2.85
N GLN C 889 -36.61 14.03 2.82
CA GLN C 889 -36.74 15.47 2.68
C GLN C 889 -37.19 15.88 1.28
N PHE C 890 -36.99 15.03 0.29
CA PHE C 890 -37.36 15.34 -1.09
C PHE C 890 -38.81 14.97 -1.40
N LEU C 891 -39.52 14.34 -0.47
CA LEU C 891 -40.88 13.91 -0.75
C LEU C 891 -41.85 15.08 -0.77
N ASP C 892 -41.63 16.08 0.08
CA ASP C 892 -42.49 17.24 0.18
C ASP C 892 -41.69 18.51 -0.01
N GLN C 893 -42.36 19.55 -0.50
CA GLN C 893 -41.72 20.83 -0.77
C GLN C 893 -42.14 21.94 0.19
N ASP C 894 -43.36 21.89 0.72
CA ASP C 894 -43.80 22.92 1.66
C ASP C 894 -43.16 22.76 3.03
N ASP C 895 -42.79 21.54 3.41
CA ASP C 895 -42.19 21.30 4.70
C ASP C 895 -40.75 21.81 4.74
N ASP C 896 -40.28 22.08 5.95
CA ASP C 896 -38.91 22.50 6.17
C ASP C 896 -38.03 21.26 6.38
N ASP C 897 -36.88 21.25 5.71
CA ASP C 897 -36.01 20.09 5.68
C ASP C 897 -34.77 20.33 6.53
N ASP C 898 -34.37 19.30 7.27
CA ASP C 898 -33.18 19.35 8.11
C ASP C 898 -32.64 17.93 8.28
N PRO C 899 -31.40 17.67 7.90
CA PRO C 899 -30.85 16.32 8.07
C PRO C 899 -30.81 15.86 9.52
N ASP C 900 -30.65 16.79 10.47
CA ASP C 900 -30.60 16.42 11.88
C ASP C 900 -31.96 15.94 12.38
N THR C 901 -33.05 16.46 11.80
CA THR C 901 -34.39 16.07 12.22
C THR C 901 -34.61 14.59 12.00
N GLU C 902 -35.11 13.89 13.04
CA GLU C 902 -35.38 12.46 12.97
C GLU C 902 -36.53 12.15 12.03
N LEU C 903 -36.56 10.93 11.49
CA LEU C 903 -37.58 10.52 10.53
C LEU C 903 -38.98 10.57 11.13
N TYR C 904 -39.12 10.15 12.39
CA TYR C 904 -40.41 10.20 13.05
C TYR C 904 -40.92 11.64 13.17
N LEU C 905 -40.01 12.61 13.23
CA LEU C 905 -40.35 14.02 13.36
C LEU C 905 -40.58 14.70 12.01
N THR C 906 -40.10 14.09 10.94
CA THR C 906 -40.29 14.64 9.61
C THR C 906 -41.78 14.69 9.25
N GLN C 907 -42.16 15.73 8.50
CA GLN C 907 -43.56 15.90 8.12
C GLN C 907 -44.10 14.77 7.26
N PRO C 908 -43.42 14.32 6.19
CA PRO C 908 -44.02 13.23 5.38
C PRO C 908 -44.28 11.96 6.17
N PHE C 909 -43.45 11.61 7.15
CA PHE C 909 -43.71 10.47 8.02
C PHE C 909 -44.84 10.74 9.02
N ALA C 910 -44.88 11.91 9.65
CA ALA C 910 -45.96 12.28 10.56
C ALA C 910 -47.34 12.25 9.89
N CYS C 911 -47.39 12.48 8.57
CA CYS C 911 -48.60 12.40 7.78
C CYS C 911 -48.93 10.99 7.27
N GLY C 912 -48.06 10.00 7.46
CA GLY C 912 -48.27 8.65 6.92
C GLY C 912 -47.98 8.50 5.43
N THR C 913 -47.23 9.43 4.84
CA THR C 913 -46.84 9.41 3.42
C THR C 913 -45.56 8.60 3.18
N ALA C 914 -44.70 8.42 4.18
CA ALA C 914 -43.45 7.69 3.97
C ALA C 914 -43.30 6.64 5.06
N PHE C 915 -42.58 5.57 4.73
CA PHE C 915 -42.31 4.52 5.68
C PHE C 915 -40.94 3.94 5.38
N ALA C 916 -40.15 3.70 6.44
CA ALA C 916 -38.84 3.11 6.31
C ALA C 916 -38.69 1.97 7.31
N VAL C 917 -37.89 0.97 6.94
CA VAL C 917 -37.71 -0.21 7.78
C VAL C 917 -36.94 0.11 9.06
N SER C 918 -36.32 1.29 9.15
CA SER C 918 -35.54 1.65 10.33
C SER C 918 -36.41 1.97 11.54
N VAL C 919 -37.71 2.24 11.38
CA VAL C 919 -38.62 2.53 12.51
C VAL C 919 -39.03 1.27 13.28
N LEU C 920 -38.76 0.08 12.73
CA LEU C 920 -39.08 -1.20 13.36
C LEU C 920 -38.01 -1.68 14.34
N ASP C 921 -36.92 -0.93 14.56
CA ASP C 921 -35.82 -1.40 15.39
C ASP C 921 -36.18 -1.50 16.87
N SER C 922 -37.16 -0.73 17.33
CA SER C 922 -37.68 -0.82 18.69
C SER C 922 -38.48 -2.09 18.94
N LEU C 923 -38.86 -2.85 17.92
CA LEU C 923 -39.58 -4.11 18.12
C LEU C 923 -38.72 -5.16 18.83
N MET C 924 -37.40 -5.15 18.70
CA MET C 924 -36.52 -6.02 19.49
C MET C 924 -36.74 -5.81 20.98
N SER C 925 -36.64 -4.57 21.44
CA SER C 925 -36.82 -4.23 22.85
C SER C 925 -38.27 -4.48 23.29
N ALA C 926 -39.26 -4.06 22.50
CA ALA C 926 -40.67 -4.26 22.86
C ALA C 926 -41.00 -5.76 23.00
N THR C 927 -40.59 -6.55 22.01
CA THR C 927 -40.85 -7.97 22.02
C THR C 927 -40.28 -8.66 23.26
N TYR C 928 -39.04 -8.34 23.59
CA TYR C 928 -38.39 -8.93 24.76
C TYR C 928 -39.14 -8.67 26.06
N PHE C 929 -39.39 -7.40 26.34
CA PHE C 929 -40.07 -7.02 27.58
C PHE C 929 -41.50 -7.57 27.69
N ASN C 930 -42.20 -7.58 26.56
CA ASN C 930 -43.59 -8.08 26.55
C ASN C 930 -43.79 -9.07 25.39
N ASP C 931 -43.74 -10.37 25.68
CA ASP C 931 -43.80 -11.45 24.70
C ASP C 931 -45.12 -11.50 23.91
N ASN C 932 -46.23 -11.04 24.48
CA ASN C 932 -47.50 -10.96 23.74
C ASN C 932 -47.56 -9.82 22.70
N ILE C 933 -46.71 -8.79 22.78
CA ILE C 933 -46.82 -7.64 21.87
C ILE C 933 -46.56 -8.05 20.42
N LEU C 934 -45.61 -8.95 20.16
CA LEU C 934 -45.33 -9.35 18.78
C LEU C 934 -46.53 -10.09 18.18
N THR C 935 -47.25 -10.91 18.94
CA THR C 935 -48.45 -11.57 18.40
C THR C 935 -49.64 -10.61 18.29
N LEU C 936 -49.82 -9.65 19.21
CA LEU C 936 -50.89 -8.65 19.07
C LEU C 936 -50.70 -7.83 17.80
N ILE C 937 -49.47 -7.39 17.55
CA ILE C 937 -49.13 -6.69 16.32
C ILE C 937 -49.32 -7.57 15.10
N ARG C 938 -48.80 -8.78 15.13
CA ARG C 938 -48.95 -9.70 14.00
C ARG C 938 -50.41 -9.98 13.62
N THR C 939 -51.26 -10.24 14.61
CA THR C 939 -52.68 -10.51 14.34
C THR C 939 -53.37 -9.28 13.76
N LEU C 940 -53.13 -8.09 14.34
CA LEU C 940 -53.69 -6.83 13.87
C LEU C 940 -53.22 -6.46 12.45
N VAL C 941 -51.98 -6.81 12.09
CA VAL C 941 -51.31 -6.33 10.87
C VAL C 941 -51.50 -7.23 9.64
N THR C 942 -51.56 -8.54 9.84
CA THR C 942 -51.77 -9.46 8.72
C THR C 942 -53.22 -9.97 8.67
N GLY C 943 -54.08 -9.39 9.52
CA GLY C 943 -55.49 -9.77 9.56
C GLY C 943 -55.69 -11.21 10.06
N GLY C 944 -55.01 -11.58 11.14
CA GLY C 944 -55.02 -12.93 11.73
C GLY C 944 -54.01 -13.89 11.08
N ALA C 945 -53.15 -14.51 11.90
CA ALA C 945 -52.31 -15.62 11.51
C ALA C 945 -52.16 -16.59 12.69
N THR C 946 -53.24 -17.30 12.99
CA THR C 946 -53.29 -18.23 14.12
C THR C 946 -52.40 -19.46 13.87
N PRO C 947 -52.01 -20.22 14.91
CA PRO C 947 -51.11 -21.37 14.79
C PRO C 947 -51.50 -22.40 13.72
N GLU C 948 -52.79 -22.58 13.45
CA GLU C 948 -53.27 -23.45 12.38
C GLU C 948 -52.75 -23.00 11.02
N LEU C 949 -52.88 -21.71 10.68
CA LEU C 949 -52.43 -21.17 9.41
C LEU C 949 -50.91 -21.21 9.30
N GLU C 950 -50.21 -20.95 10.41
CA GLU C 950 -48.76 -21.01 10.48
C GLU C 950 -48.23 -22.44 10.28
N ALA C 951 -48.96 -23.47 10.73
CA ALA C 951 -48.64 -24.85 10.37
C ALA C 951 -48.92 -25.14 8.89
N LEU C 952 -50.10 -24.77 8.36
CA LEU C 952 -50.44 -25.01 6.96
C LEU C 952 -49.44 -24.37 5.99
N ILE C 953 -49.07 -23.10 6.20
CA ILE C 953 -48.09 -22.44 5.32
C ILE C 953 -46.68 -23.01 5.51
N ALA C 954 -46.33 -23.59 6.66
CA ALA C 954 -45.06 -24.29 6.86
C ALA C 954 -44.99 -25.66 6.17
N GLU C 955 -46.10 -26.41 6.10
CA GLU C 955 -46.15 -27.72 5.44
C GLU C 955 -46.33 -27.61 3.92
N GLU C 956 -47.21 -26.75 3.42
CA GLU C 956 -47.60 -26.72 1.99
C GLU C 956 -47.23 -25.42 1.24
N ASN C 957 -46.95 -24.32 1.94
CA ASN C 957 -46.41 -23.07 1.41
C ASN C 957 -47.33 -22.48 0.33
N ALA C 958 -48.64 -22.63 0.53
CA ALA C 958 -49.72 -21.94 -0.19
C ALA C 958 -51.01 -21.90 0.68
N LEU C 959 -51.89 -20.92 0.49
CA LEU C 959 -53.23 -20.95 1.07
C LEU C 959 -54.10 -21.94 0.30
N ARG C 960 -54.74 -22.84 1.05
CA ARG C 960 -55.64 -23.84 0.49
C ARG C 960 -57.08 -23.47 0.85
N GLY C 961 -57.98 -23.54 -0.12
CA GLY C 961 -59.38 -23.19 0.08
C GLY C 961 -60.15 -24.24 0.88
N GLY C 962 -61.03 -23.80 1.77
CA GLY C 962 -61.88 -24.64 2.61
C GLY C 962 -63.36 -24.46 2.32
N TYR C 963 -64.14 -25.53 2.46
CA TYR C 963 -65.61 -25.44 2.42
C TYR C 963 -66.15 -24.70 3.65
N SER C 964 -67.29 -24.03 3.51
CA SER C 964 -67.89 -23.26 4.60
C SER C 964 -68.28 -24.16 5.79
N THR C 965 -67.96 -23.73 7.01
CA THR C 965 -68.34 -24.43 8.24
C THR C 965 -68.80 -23.41 9.27
N PRO C 966 -69.56 -23.82 10.31
CA PRO C 966 -69.97 -22.95 11.41
C PRO C 966 -68.79 -22.31 12.15
N GLN C 967 -67.69 -23.04 12.35
CA GLN C 967 -66.45 -22.49 12.93
C GLN C 967 -65.79 -21.45 12.01
N THR C 968 -65.81 -21.66 10.69
CA THR C 968 -65.36 -20.66 9.71
C THR C 968 -66.17 -19.38 9.80
N LEU C 969 -67.49 -19.46 9.88
CA LEU C 969 -68.35 -18.27 10.03
C LEU C 969 -68.21 -17.60 11.41
N ALA C 970 -67.83 -18.33 12.47
CA ALA C 970 -67.48 -17.74 13.76
C ALA C 970 -66.14 -16.99 13.72
N ASN C 971 -65.15 -17.48 12.98
CA ASN C 971 -63.82 -16.87 12.83
C ASN C 971 -63.82 -15.50 12.11
N ARG C 972 -64.95 -15.03 11.56
CA ARG C 972 -65.09 -13.70 10.97
C ARG C 972 -65.40 -12.58 11.97
N ASP C 973 -65.75 -12.88 13.22
CA ASP C 973 -66.28 -11.90 14.17
C ASP C 973 -65.29 -10.80 14.63
N ARG C 974 -63.97 -11.01 14.47
CA ARG C 974 -62.92 -10.09 14.94
C ARG C 974 -62.98 -8.67 14.34
N CYS C 975 -62.74 -7.66 15.17
CA CYS C 975 -62.71 -6.25 14.77
C CYS C 975 -61.80 -5.97 13.56
N ARG C 976 -62.15 -4.90 12.84
CA ARG C 976 -61.39 -4.40 11.70
C ARG C 976 -61.13 -2.89 11.91
N VAL C 977 -59.90 -2.43 11.64
CA VAL C 977 -59.54 -1.04 11.81
C VAL C 977 -60.23 -0.17 10.76
N ALA C 978 -60.62 1.04 11.13
CA ALA C 978 -61.41 1.92 10.27
C ALA C 978 -61.07 3.40 10.46
N GLN C 979 -61.39 4.19 9.44
CA GLN C 979 -61.64 5.61 9.61
C GLN C 979 -63.11 5.90 9.27
N LEU C 980 -63.68 6.86 9.99
CA LEU C 980 -65.00 7.43 9.74
C LEU C 980 -64.97 8.97 9.80
N ALA C 981 -65.88 9.61 9.06
CA ALA C 981 -65.97 11.07 8.97
C ALA C 981 -66.69 11.71 10.16
N LEU C 982 -66.34 12.96 10.45
CA LEU C 982 -66.95 13.78 11.51
C LEU C 982 -67.94 14.85 10.98
N LEU C 983 -68.08 14.97 9.65
CA LEU C 983 -69.02 15.90 8.99
C LEU C 983 -70.44 15.36 8.76
N ASP C 984 -70.67 14.05 8.89
CA ASP C 984 -71.98 13.42 8.73
C ASP C 984 -72.12 12.12 9.56
N GLY C 985 -73.33 11.59 9.66
CA GLY C 985 -73.66 10.44 10.51
C GLY C 985 -73.86 10.80 11.98
N PRO C 986 -74.01 9.81 12.87
CA PRO C 986 -74.49 10.04 14.24
C PRO C 986 -73.49 10.79 15.12
N PHE C 987 -72.21 10.80 14.74
CA PHE C 987 -71.13 11.45 15.49
C PHE C 987 -70.99 12.96 15.19
N ALA C 988 -71.66 13.45 14.13
CA ALA C 988 -71.42 14.78 13.60
C ALA C 988 -71.91 15.94 14.48
N ASP C 989 -72.69 15.68 15.54
CA ASP C 989 -73.04 16.71 16.52
C ASP C 989 -71.84 17.19 17.36
N LEU C 990 -70.73 16.41 17.39
CA LEU C 990 -69.40 16.87 17.78
C LEU C 990 -68.79 17.72 16.66
N GLY C 991 -69.38 18.89 16.43
CA GLY C 991 -68.86 19.92 15.55
C GLY C 991 -67.69 20.69 16.17
N ASP C 992 -67.54 21.95 15.75
CA ASP C 992 -66.58 22.88 16.32
C ASP C 992 -66.70 23.02 17.85
N GLY C 993 -65.57 22.91 18.55
CA GLY C 993 -65.49 23.10 20.01
C GLY C 993 -65.90 21.88 20.85
N GLY C 994 -66.25 20.76 20.24
CA GLY C 994 -66.50 19.51 20.97
C GLY C 994 -65.25 18.97 21.70
N CYS C 995 -65.45 18.15 22.72
CA CYS C 995 -64.35 17.54 23.49
C CYS C 995 -64.11 16.09 23.07
N TYR C 996 -62.85 15.68 22.91
CA TYR C 996 -62.51 14.32 22.53
C TYR C 996 -63.04 13.28 23.53
N GLY C 997 -63.06 13.63 24.81
CA GLY C 997 -63.68 12.80 25.85
C GLY C 997 -65.18 12.56 25.62
N ASP C 998 -65.93 13.57 25.18
CA ASP C 998 -67.35 13.37 24.83
C ASP C 998 -67.48 12.40 23.68
N LEU C 999 -66.67 12.56 22.63
CA LEU C 999 -66.70 11.68 21.45
C LEU C 999 -66.31 10.25 21.81
N PHE C 1000 -65.20 10.08 22.54
CA PHE C 1000 -64.74 8.79 23.02
C PHE C 1000 -65.84 8.10 23.82
N CYS C 1001 -66.45 8.81 24.77
CA CYS C 1001 -67.52 8.26 25.58
C CYS C 1001 -68.73 7.85 24.73
N LYS C 1002 -69.30 8.74 23.89
CA LYS C 1002 -70.50 8.38 23.13
C LYS C 1002 -70.25 7.26 22.11
N ALA C 1003 -69.09 7.26 21.45
CA ALA C 1003 -68.72 6.17 20.53
C ALA C 1003 -68.67 4.82 21.24
N LEU C 1004 -68.03 4.80 22.42
CA LEU C 1004 -67.85 3.58 23.19
C LEU C 1004 -69.16 3.08 23.78
N LYS C 1005 -69.94 3.98 24.40
CA LYS C 1005 -71.22 3.65 25.03
C LYS C 1005 -72.24 3.08 24.04
N THR C 1006 -72.33 3.66 22.84
CA THR C 1006 -73.48 3.42 21.94
C THR C 1006 -73.16 2.57 20.72
N TYR C 1007 -71.92 2.59 20.21
CA TYR C 1007 -71.51 1.82 19.03
C TYR C 1007 -70.42 0.77 19.32
N ASN C 1008 -70.07 0.53 20.59
CA ASN C 1008 -69.06 -0.45 20.99
C ASN C 1008 -67.72 -0.21 20.27
N MET C 1009 -67.40 1.07 20.05
CA MET C 1009 -66.33 1.57 19.18
C MET C 1009 -65.48 2.57 19.93
N LEU C 1010 -64.15 2.49 19.84
CA LEU C 1010 -63.27 3.43 20.53
C LEU C 1010 -62.06 3.76 19.69
N CYS C 1011 -61.61 4.99 19.92
CA CYS C 1011 -60.67 5.70 19.08
C CYS C 1011 -59.34 5.91 19.82
N PHE C 1012 -58.27 5.53 19.15
CA PHE C 1012 -56.90 5.72 19.63
C PHE C 1012 -56.22 6.93 19.01
N GLY C 1013 -56.87 7.66 18.10
CA GLY C 1013 -56.28 8.87 17.53
C GLY C 1013 -57.14 9.65 16.52
N ILE C 1014 -56.71 10.88 16.28
CA ILE C 1014 -57.30 11.85 15.36
C ILE C 1014 -56.35 12.05 14.18
N TYR C 1015 -56.85 11.99 12.95
CA TYR C 1015 -56.06 12.30 11.75
C TYR C 1015 -56.30 13.75 11.30
N ARG C 1016 -55.77 14.68 12.10
CA ARG C 1016 -55.99 16.11 11.94
C ARG C 1016 -55.25 16.87 10.83
N LEU C 1017 -55.98 17.72 10.11
CA LEU C 1017 -55.36 18.55 9.05
C LEU C 1017 -54.24 19.42 9.60
N ARG C 1018 -53.10 19.43 8.91
CA ARG C 1018 -51.93 20.21 9.35
C ARG C 1018 -52.20 21.67 9.68
N ASP C 1019 -52.89 22.36 8.78
CA ASP C 1019 -53.21 23.78 8.91
C ASP C 1019 -54.51 24.06 9.68
N ALA C 1020 -55.23 23.05 10.18
CA ALA C 1020 -56.49 23.27 10.89
C ALA C 1020 -56.34 24.04 12.21
N HIS C 1021 -55.15 24.07 12.80
CA HIS C 1021 -54.85 24.86 13.99
C HIS C 1021 -54.59 26.35 13.66
N LEU C 1022 -54.40 26.71 12.40
CA LEU C 1022 -54.20 28.09 11.98
C LEU C 1022 -55.53 28.85 11.87
N SER C 1023 -55.47 30.18 11.95
CA SER C 1023 -56.65 31.05 11.76
C SER C 1023 -57.07 31.15 10.29
N THR C 1024 -56.13 31.30 9.39
CA THR C 1024 -56.35 31.53 7.97
C THR C 1024 -56.70 30.23 7.22
N PRO C 1025 -57.70 30.23 6.35
CA PRO C 1025 -57.96 29.11 5.46
C PRO C 1025 -56.76 28.80 4.57
N SER C 1026 -56.55 27.52 4.26
CA SER C 1026 -55.47 27.03 3.39
C SER C 1026 -55.97 25.90 2.51
N GLN C 1027 -55.39 25.78 1.31
CA GLN C 1027 -55.76 24.73 0.35
C GLN C 1027 -55.06 23.40 0.60
N CYS C 1028 -54.10 23.36 1.52
CA CYS C 1028 -53.38 22.14 1.90
C CYS C 1028 -54.32 21.11 2.51
N THR C 1029 -54.31 19.88 1.98
CA THR C 1029 -55.14 18.75 2.43
C THR C 1029 -54.37 17.74 3.27
N LYS C 1030 -53.14 18.07 3.69
CA LYS C 1030 -52.29 17.12 4.40
C LYS C 1030 -52.68 17.06 5.86
N ARG C 1031 -52.80 15.84 6.38
CA ARG C 1031 -53.15 15.61 7.77
C ARG C 1031 -52.00 14.90 8.47
N TYR C 1032 -52.15 14.69 9.77
CA TYR C 1032 -51.16 14.03 10.61
C TYR C 1032 -51.79 13.32 11.81
N VAL C 1033 -51.11 12.30 12.32
CA VAL C 1033 -51.65 11.40 13.35
C VAL C 1033 -51.45 12.01 14.73
N ILE C 1034 -52.55 12.30 15.43
CA ILE C 1034 -52.53 12.60 16.87
C ILE C 1034 -52.99 11.34 17.59
N THR C 1035 -52.16 10.83 18.51
CA THR C 1035 -52.36 9.57 19.23
C THR C 1035 -52.89 9.85 20.64
N ASN C 1036 -53.94 9.12 21.03
CA ASN C 1036 -54.46 9.05 22.39
C ASN C 1036 -54.57 10.42 23.10
N PRO C 1037 -55.26 11.42 22.53
CA PRO C 1037 -55.29 12.76 23.09
C PRO C 1037 -56.12 12.83 24.39
N PRO C 1038 -55.90 13.85 25.23
CA PRO C 1038 -56.67 14.07 26.45
C PRO C 1038 -58.20 14.08 26.25
N TYR C 1039 -58.95 13.77 27.30
CA TYR C 1039 -60.42 13.95 27.32
C TYR C 1039 -60.80 15.41 27.00
N GLU C 1040 -60.02 16.38 27.50
CA GLU C 1040 -60.21 17.81 27.30
C GLU C 1040 -59.82 18.32 25.90
N PHE C 1041 -59.26 17.47 25.03
CA PHE C 1041 -58.75 17.88 23.72
C PHE C 1041 -59.87 18.35 22.79
N GLU C 1042 -59.61 19.41 22.01
CA GLU C 1042 -60.63 20.16 21.29
C GLU C 1042 -60.76 19.73 19.82
N LEU C 1043 -61.99 19.45 19.40
CA LEU C 1043 -62.33 19.06 18.04
C LEU C 1043 -62.62 20.26 17.14
N VAL C 1044 -62.36 20.07 15.84
CA VAL C 1044 -62.78 20.92 14.73
C VAL C 1044 -63.54 20.05 13.73
N PRO C 1045 -64.52 20.58 12.99
CA PRO C 1045 -65.47 19.74 12.26
C PRO C 1045 -64.82 18.96 11.10
N THR C 1046 -63.79 19.52 10.44
CA THR C 1046 -63.03 18.78 9.45
C THR C 1046 -61.97 17.96 10.19
N ASP C 1047 -62.30 16.71 10.50
CA ASP C 1047 -61.44 15.73 11.19
C ASP C 1047 -61.79 14.30 10.71
N LEU C 1048 -60.86 13.37 10.91
CA LEU C 1048 -61.05 11.92 10.75
C LEU C 1048 -60.55 11.24 12.02
N ILE C 1049 -61.17 10.13 12.39
CA ILE C 1049 -60.90 9.41 13.65
C ILE C 1049 -60.45 7.98 13.37
N PHE C 1050 -59.30 7.57 13.89
CA PHE C 1050 -58.88 6.16 13.87
C PHE C 1050 -59.60 5.39 14.96
N CYS C 1051 -60.21 4.25 14.62
CA CYS C 1051 -60.91 3.41 15.59
C CYS C 1051 -60.97 1.95 15.16
N LEU C 1052 -61.27 1.07 16.11
CA LEU C 1052 -61.59 -0.34 15.86
C LEU C 1052 -63.11 -0.51 15.93
N MET C 1053 -63.67 -1.16 14.90
CA MET C 1053 -65.11 -1.30 14.70
C MET C 1053 -65.54 -2.77 14.62
N GLN C 1054 -66.77 -3.02 15.06
CA GLN C 1054 -67.39 -4.34 15.12
C GLN C 1054 -67.66 -4.94 13.74
N PHE C 1055 -67.92 -6.25 13.70
CA PHE C 1055 -68.29 -7.02 12.53
C PHE C 1055 -69.80 -7.34 12.53
N ASP C 1056 -70.41 -7.36 11.34
CA ASP C 1056 -71.82 -7.65 11.21
C ASP C 1056 -72.04 -8.96 10.43
N GLN D 19 56.66 31.88 -2.97
CA GLN D 19 55.45 32.14 -3.76
C GLN D 19 54.60 30.88 -3.90
N ARG D 20 53.27 31.06 -3.88
CA ARG D 20 52.28 29.98 -4.00
C ARG D 20 51.70 29.99 -5.42
N MET D 21 51.27 28.82 -5.91
CA MET D 21 50.80 28.66 -7.30
C MET D 21 49.44 28.00 -7.44
N TRP D 22 48.69 27.82 -6.34
CA TRP D 22 47.39 27.14 -6.33
C TRP D 22 46.44 27.59 -7.45
N TRP D 23 46.44 28.90 -7.74
CA TRP D 23 45.57 29.50 -8.75
C TRP D 23 45.92 29.05 -10.17
N ALA D 24 47.16 28.65 -10.47
CA ALA D 24 47.54 28.20 -11.81
C ALA D 24 46.86 26.88 -12.18
N PHE D 25 46.81 25.93 -11.25
CA PHE D 25 46.12 24.66 -11.43
C PHE D 25 44.63 24.88 -11.66
N LEU D 26 43.99 25.67 -10.79
CA LEU D 26 42.57 25.99 -10.88
C LEU D 26 42.24 26.77 -12.16
N ALA D 27 43.05 27.75 -12.53
CA ALA D 27 42.89 28.51 -13.75
C ALA D 27 42.95 27.61 -14.97
N SER D 28 43.89 26.66 -15.03
CA SER D 28 43.98 25.75 -16.16
C SER D 28 42.71 24.92 -16.36
N SER D 29 42.04 24.48 -15.28
CA SER D 29 40.77 23.75 -15.38
C SER D 29 39.62 24.65 -15.81
N MET D 30 39.48 25.83 -15.20
CA MET D 30 38.43 26.79 -15.55
C MET D 30 38.57 27.24 -17.00
N VAL D 31 39.79 27.55 -17.43
CA VAL D 31 40.04 28.02 -18.78
C VAL D 31 39.72 26.94 -19.79
N THR D 32 40.11 25.69 -19.50
CA THR D 32 39.78 24.54 -20.34
C THR D 32 38.28 24.33 -20.48
N PHE D 33 37.53 24.28 -19.38
CA PHE D 33 36.09 24.03 -19.44
C PHE D 33 35.35 25.15 -20.17
N PHE D 34 35.57 26.41 -19.79
CA PHE D 34 34.84 27.53 -20.37
C PHE D 34 35.35 27.95 -21.74
N GLY D 35 36.64 27.85 -22.06
CA GLY D 35 37.09 28.11 -23.41
C GLY D 35 36.55 27.10 -24.40
N GLY D 36 36.52 25.82 -24.02
CA GLY D 36 35.91 24.84 -24.90
C GLY D 36 34.43 25.11 -25.13
N LEU D 37 33.70 25.45 -24.07
CA LEU D 37 32.28 25.76 -24.15
C LEU D 37 32.02 26.98 -25.04
N PHE D 38 32.79 28.05 -24.87
CA PHE D 38 32.69 29.22 -25.73
C PHE D 38 33.12 28.93 -27.16
N ILE D 39 34.14 28.13 -27.41
CA ILE D 39 34.53 27.80 -28.77
C ILE D 39 33.42 27.04 -29.47
N ILE D 40 32.80 26.08 -28.78
CA ILE D 40 31.70 25.33 -29.38
C ILE D 40 30.54 26.26 -29.71
N LEU D 41 30.15 27.14 -28.79
CA LEU D 41 29.03 28.07 -29.01
C LEU D 41 29.34 29.11 -30.09
N LEU D 42 30.58 29.57 -30.20
CA LEU D 42 31.00 30.46 -31.29
C LEU D 42 31.00 29.73 -32.62
N TRP D 43 31.44 28.47 -32.68
CA TRP D 43 31.37 27.71 -33.93
C TRP D 43 29.93 27.53 -34.37
N ARG D 44 29.03 27.28 -33.43
CA ARG D 44 27.62 27.13 -33.79
C ARG D 44 27.09 28.44 -34.38
N THR D 45 27.31 29.53 -33.67
CA THR D 45 26.88 30.88 -34.07
C THR D 45 27.39 31.24 -35.46
N LEU D 46 28.70 31.10 -35.68
CA LEU D 46 29.32 31.41 -36.96
C LEU D 46 28.94 30.43 -38.08
N LYS D 47 28.50 29.19 -37.78
CA LYS D 47 28.03 28.28 -38.82
C LYS D 47 26.74 28.77 -39.44
N TYR D 48 25.80 29.23 -38.61
CA TYR D 48 24.53 29.80 -39.09
C TYR D 48 24.73 31.18 -39.71
N LEU D 49 25.63 32.00 -39.16
CA LEU D 49 25.98 33.31 -39.70
C LEU D 49 26.61 33.24 -41.10
N TRP D 50 27.14 32.09 -41.55
CA TRP D 50 27.64 31.97 -42.91
C TRP D 50 26.53 32.06 -43.94
N THR D 51 25.29 31.74 -43.56
CA THR D 51 24.13 31.89 -44.46
C THR D 51 23.85 33.35 -44.78
N VAL D 52 24.31 34.30 -43.95
CA VAL D 52 24.21 35.72 -44.27
C VAL D 52 25.10 36.07 -45.45
N CYS D 53 26.34 35.58 -45.47
CA CYS D 53 27.25 35.83 -46.58
C CYS D 53 26.91 35.05 -47.84
N CYS D 54 26.00 34.09 -47.75
CA CYS D 54 25.59 33.31 -48.91
C CYS D 54 24.08 33.34 -49.09
N VAL D 91 28.53 7.79 -47.59
CA VAL D 91 28.92 8.04 -46.22
C VAL D 91 30.31 8.67 -46.17
N GLY D 92 30.44 9.83 -45.55
CA GLY D 92 31.70 10.57 -45.49
C GLY D 92 32.71 9.97 -44.50
N TRP D 93 33.96 10.40 -44.59
CA TRP D 93 35.00 9.92 -43.69
C TRP D 93 34.79 10.40 -42.24
N MET D 94 34.14 11.56 -42.05
CA MET D 94 33.75 12.05 -40.73
C MET D 94 32.83 11.05 -40.02
N THR D 95 31.82 10.55 -40.71
CA THR D 95 30.90 9.56 -40.15
C THR D 95 31.61 8.24 -39.90
N SER D 96 32.52 7.87 -40.81
CA SER D 96 33.27 6.61 -40.69
C SER D 96 34.20 6.61 -39.46
N VAL D 97 34.89 7.71 -39.17
CA VAL D 97 35.69 7.83 -37.95
C VAL D 97 34.84 7.97 -36.69
N LYS D 98 33.67 8.63 -36.75
CA LYS D 98 32.73 8.67 -35.64
C LYS D 98 32.20 7.28 -35.27
N ASP D 99 31.88 6.46 -36.26
CA ASP D 99 31.49 5.06 -36.02
C ASP D 99 32.63 4.24 -35.42
N TRP D 100 33.85 4.36 -35.94
CA TRP D 100 34.99 3.65 -35.39
C TRP D 100 35.25 4.04 -33.93
N ALA D 101 35.21 5.33 -33.61
CA ALA D 101 35.35 5.78 -32.24
C ALA D 101 34.22 5.26 -31.35
N GLY D 102 32.97 5.25 -31.82
CA GLY D 102 31.85 4.72 -31.05
C GLY D 102 31.97 3.22 -30.78
N VAL D 103 32.52 2.46 -31.72
CA VAL D 103 32.79 1.04 -31.52
C VAL D 103 33.90 0.86 -30.49
N MET D 104 34.96 1.68 -30.59
CA MET D 104 36.04 1.61 -29.61
C MET D 104 35.55 1.95 -28.21
N ILE D 105 34.70 2.97 -28.10
CA ILE D 105 34.17 3.38 -26.79
C ILE D 105 33.35 2.25 -26.19
N SER D 106 32.50 1.62 -26.98
CA SER D 106 31.81 0.43 -26.52
C SER D 106 32.79 -0.74 -26.48
N ALA D 107 32.31 -1.88 -26.01
CA ALA D 107 33.12 -3.10 -25.92
C ALA D 107 32.81 -4.06 -27.05
N GLN D 108 32.54 -3.55 -28.25
CA GLN D 108 32.15 -4.39 -29.38
C GLN D 108 33.34 -5.05 -30.06
N THR D 109 34.57 -4.68 -29.70
CA THR D 109 35.76 -5.27 -30.28
C THR D 109 36.73 -5.61 -29.15
N LEU D 110 37.74 -6.43 -29.48
CA LEU D 110 38.73 -6.79 -28.49
C LEU D 110 39.51 -5.57 -28.01
N THR D 111 39.88 -4.68 -28.92
CA THR D 111 40.58 -3.46 -28.53
C THR D 111 39.69 -2.58 -27.66
N GLY D 112 38.40 -2.51 -27.98
CA GLY D 112 37.48 -1.74 -27.15
C GLY D 112 37.36 -2.32 -25.76
N ARG D 113 37.29 -3.64 -25.65
CA ARG D 113 37.23 -4.28 -24.33
C ARG D 113 38.51 -4.01 -23.55
N VAL D 114 39.66 -4.09 -24.21
CA VAL D 114 40.92 -3.79 -23.54
C VAL D 114 40.94 -2.35 -23.05
N LEU D 115 40.46 -1.42 -23.88
CA LEU D 115 40.44 -0.01 -23.49
C LEU D 115 39.51 0.22 -22.30
N VAL D 116 38.34 -0.44 -22.30
CA VAL D 116 37.40 -0.28 -21.19
C VAL D 116 37.98 -0.84 -19.91
N VAL D 117 38.63 -2.00 -19.97
CA VAL D 117 39.27 -2.56 -18.78
C VAL D 117 40.38 -1.64 -18.29
N LEU D 118 41.14 -1.06 -19.21
CA LEU D 118 42.18 -0.13 -18.83
C LEU D 118 41.61 1.10 -18.14
N VAL D 119 40.48 1.61 -18.64
CA VAL D 119 39.82 2.74 -17.98
C VAL D 119 39.42 2.36 -16.57
N PHE D 120 38.83 1.17 -16.43
CA PHE D 120 38.39 0.70 -15.11
C PHE D 120 39.56 0.62 -14.14
N ALA D 121 40.70 0.10 -14.60
CA ALA D 121 41.86 -0.04 -13.72
C ALA D 121 42.48 1.32 -13.40
N LEU D 122 42.60 2.19 -14.40
CA LEU D 122 43.31 3.44 -14.21
C LEU D 122 42.50 4.45 -13.40
N SER D 123 41.17 4.33 -13.39
CA SER D 123 40.38 5.16 -12.49
C SER D 123 40.74 4.87 -11.04
N ILE D 124 40.79 3.58 -10.69
CA ILE D 124 41.18 3.19 -9.34
C ILE D 124 42.62 3.58 -9.07
N GLY D 125 43.48 3.46 -10.08
CA GLY D 125 44.86 3.86 -9.90
C GLY D 125 45.01 5.34 -9.56
N ALA D 126 44.30 6.19 -10.29
CA ALA D 126 44.33 7.63 -10.02
C ALA D 126 43.74 7.94 -8.65
N LEU D 127 42.67 7.24 -8.27
CA LEU D 127 42.11 7.44 -6.93
C LEU D 127 43.11 7.06 -5.86
N VAL D 128 43.84 5.96 -6.05
CA VAL D 128 44.84 5.54 -5.07
C VAL D 128 45.99 6.55 -5.02
N ILE D 129 46.37 7.10 -6.17
CA ILE D 129 47.41 8.12 -6.19
C ILE D 129 46.96 9.34 -5.39
N TYR D 130 45.70 9.76 -5.55
CA TYR D 130 45.19 10.87 -4.75
C TYR D 130 45.19 10.53 -3.27
N PHE D 131 44.82 9.29 -2.93
CA PHE D 131 44.83 8.88 -1.53
C PHE D 131 46.23 8.97 -0.94
N ILE D 132 47.28 8.57 -1.68
CA ILE D 132 48.68 8.70 -1.26
C ILE D 132 49.02 10.18 -1.03
N ASP D 133 48.78 11.04 -2.01
CA ASP D 133 49.07 12.47 -1.93
C ASP D 133 48.31 13.17 -0.81
N SER D 134 47.10 12.74 -0.45
CA SER D 134 46.30 13.37 0.60
C SER D 134 46.99 13.38 1.98
N SER D 135 47.98 12.51 2.21
CA SER D 135 48.79 12.46 3.44
C SER D 135 49.90 13.53 3.53
N ASN D 136 50.27 14.17 2.42
CA ASN D 136 51.30 15.22 2.34
C ASN D 136 50.75 16.63 2.64
N PRO D 137 51.63 17.64 2.81
CA PRO D 137 51.26 19.07 2.83
C PRO D 137 50.42 19.53 1.62
N ILE D 138 49.75 20.67 1.75
CA ILE D 138 48.72 21.14 0.80
C ILE D 138 49.32 21.64 -0.54
N GLU D 139 50.52 22.24 -0.47
CA GLU D 139 51.26 22.73 -1.62
C GLU D 139 52.77 22.43 -1.43
N SER D 140 53.47 21.99 -2.48
CA SER D 140 54.89 21.64 -2.36
C SER D 140 55.64 21.64 -3.70
N CYS D 141 56.97 21.66 -3.66
CA CYS D 141 57.86 21.53 -4.81
C CYS D 141 58.42 20.11 -4.87
N GLN D 142 58.27 19.40 -6.00
CA GLN D 142 58.76 18.02 -6.15
C GLN D 142 59.24 17.73 -7.58
N ASN D 143 60.39 17.05 -7.68
CA ASN D 143 61.10 16.85 -8.93
C ASN D 143 60.42 15.79 -9.81
N PHE D 144 59.83 16.18 -10.95
CA PHE D 144 59.23 15.28 -11.92
C PHE D 144 60.17 14.16 -12.37
N TYR D 145 61.46 14.46 -12.60
CA TYR D 145 62.39 13.43 -13.04
C TYR D 145 62.76 12.45 -11.92
N LYS D 146 62.41 12.75 -10.67
CA LYS D 146 62.71 11.87 -9.54
C LYS D 146 61.46 11.60 -8.71
N ASP D 147 60.27 11.60 -9.30
CA ASP D 147 59.06 11.29 -8.54
C ASP D 147 58.20 10.30 -9.32
N PHE D 148 58.35 9.01 -8.95
CA PHE D 148 57.65 7.91 -9.60
C PHE D 148 56.14 8.13 -9.59
N THR D 149 55.56 8.65 -8.48
CA THR D 149 54.10 8.86 -8.44
C THR D 149 53.69 9.95 -9.42
N LEU D 150 54.47 11.02 -9.57
CA LEU D 150 54.17 12.04 -10.57
C LEU D 150 54.34 11.50 -11.99
N GLN D 151 55.32 10.64 -12.29
CA GLN D 151 55.39 10.04 -13.62
C GLN D 151 54.20 9.11 -13.88
N ILE D 152 53.81 8.32 -12.88
CA ILE D 152 52.67 7.43 -13.04
C ILE D 152 51.39 8.22 -13.26
N ASP D 153 51.20 9.31 -12.50
CA ASP D 153 50.06 10.18 -12.71
C ASP D 153 50.09 10.80 -14.10
N MET D 154 51.29 11.17 -14.56
CA MET D 154 51.43 11.77 -15.89
C MET D 154 50.94 10.79 -16.95
N ALA D 155 51.38 9.52 -16.85
CA ALA D 155 50.94 8.51 -17.82
C ALA D 155 49.44 8.24 -17.72
N PHE D 156 48.92 8.17 -16.49
CA PHE D 156 47.50 7.93 -16.31
C PHE D 156 46.67 9.04 -16.95
N ASN D 157 47.11 10.29 -16.79
CA ASN D 157 46.37 11.39 -17.37
C ASN D 157 46.54 11.46 -18.88
N VAL D 158 47.67 10.99 -19.41
CA VAL D 158 47.78 10.83 -20.86
C VAL D 158 46.72 9.86 -21.37
N PHE D 159 46.58 8.72 -20.68
CA PHE D 159 45.57 7.76 -21.10
C PHE D 159 44.17 8.34 -20.97
N PHE D 160 43.86 9.09 -19.91
CA PHE D 160 42.55 9.74 -19.80
C PHE D 160 42.32 10.82 -20.84
N LEU D 161 43.35 11.59 -21.22
CA LEU D 161 43.24 12.53 -22.33
C LEU D 161 42.91 11.79 -23.63
N LEU D 162 43.52 10.64 -23.87
CA LEU D 162 43.22 9.88 -25.08
C LEU D 162 41.81 9.33 -25.07
N TYR D 163 41.37 8.80 -23.93
CA TYR D 163 40.01 8.29 -23.77
C TYR D 163 38.96 9.40 -23.90
N PHE D 164 39.25 10.60 -23.39
CA PHE D 164 38.45 11.80 -23.60
C PHE D 164 38.36 12.16 -25.08
N GLY D 165 39.49 12.19 -25.80
CA GLY D 165 39.50 12.46 -27.23
C GLY D 165 38.67 11.45 -28.01
N LEU D 166 38.73 10.17 -27.66
CA LEU D 166 37.93 9.15 -28.33
C LEU D 166 36.44 9.38 -28.09
N ARG D 167 36.03 9.66 -26.84
CA ARG D 167 34.63 9.92 -26.52
C ARG D 167 34.12 11.21 -27.14
N PHE D 168 34.96 12.23 -27.30
CA PHE D 168 34.62 13.43 -28.04
C PHE D 168 34.36 13.14 -29.51
N ILE D 169 35.24 12.38 -30.17
CA ILE D 169 35.07 12.01 -31.58
C ILE D 169 33.79 11.19 -31.76
N ALA D 170 33.55 10.22 -30.88
CA ALA D 170 32.35 9.40 -30.91
C ALA D 170 31.06 10.17 -30.56
N ALA D 171 31.14 11.35 -29.95
CA ALA D 171 29.96 12.04 -29.47
C ALA D 171 29.09 12.52 -30.62
N ASN D 172 27.77 12.45 -30.42
CA ASN D 172 26.83 12.96 -31.42
C ASN D 172 26.65 14.47 -31.29
N ASP D 173 26.16 14.96 -30.16
CA ASP D 173 26.04 16.40 -29.92
C ASP D 173 27.24 16.82 -29.06
N LYS D 174 28.13 17.60 -29.65
CA LYS D 174 29.35 18.04 -28.97
C LYS D 174 29.05 18.81 -27.70
N LEU D 175 28.14 19.77 -27.79
CA LEU D 175 27.77 20.60 -26.65
C LEU D 175 27.15 19.73 -25.55
N TRP D 176 26.33 18.75 -25.91
CA TRP D 176 25.84 17.76 -24.97
C TRP D 176 26.97 16.96 -24.31
N PHE D 177 27.97 16.55 -25.09
CA PHE D 177 29.16 15.91 -24.57
C PHE D 177 29.94 16.84 -23.65
N TRP D 178 30.18 18.10 -24.03
CA TRP D 178 30.97 19.01 -23.22
C TRP D 178 30.36 19.20 -21.83
N LEU D 179 29.04 19.09 -21.73
CA LEU D 179 28.28 19.19 -20.51
C LEU D 179 27.90 17.82 -19.88
N GLU D 180 28.39 16.69 -20.38
CA GLU D 180 28.28 15.41 -19.68
C GLU D 180 29.25 15.41 -18.49
N VAL D 181 28.83 14.93 -17.32
CA VAL D 181 29.62 15.17 -16.12
C VAL D 181 30.96 14.46 -16.11
N ASN D 182 31.11 13.28 -16.74
CA ASN D 182 32.45 12.72 -16.87
C ASN D 182 33.37 13.49 -17.84
N SER D 183 32.85 14.37 -18.69
CA SER D 183 33.65 15.38 -19.37
C SER D 183 34.12 16.45 -18.39
N VAL D 184 33.21 16.94 -17.55
CA VAL D 184 33.52 17.92 -16.50
C VAL D 184 34.57 17.38 -15.53
N VAL D 185 34.46 16.12 -15.10
CA VAL D 185 35.42 15.46 -14.24
C VAL D 185 36.80 15.45 -14.93
N ASP D 186 36.90 15.19 -16.22
CA ASP D 186 38.18 15.27 -16.95
C ASP D 186 38.72 16.71 -17.03
N PHE D 187 37.91 17.73 -17.29
CA PHE D 187 38.39 19.12 -17.29
C PHE D 187 38.91 19.57 -15.93
N PHE D 188 38.30 19.10 -14.85
CA PHE D 188 38.73 19.45 -13.49
C PHE D 188 39.80 18.53 -12.92
N THR D 189 40.25 17.49 -13.64
CA THR D 189 41.31 16.59 -13.16
C THR D 189 42.47 16.38 -14.11
N VAL D 190 42.35 16.59 -15.42
CA VAL D 190 43.45 16.38 -16.38
C VAL D 190 44.36 17.60 -16.55
N PRO D 191 43.86 18.80 -16.92
CA PRO D 191 44.69 20.00 -17.00
C PRO D 191 45.58 20.30 -15.79
N PRO D 192 45.13 20.17 -14.52
CA PRO D 192 46.00 20.46 -13.39
C PRO D 192 47.15 19.46 -13.27
N VAL D 193 47.00 18.22 -13.71
CA VAL D 193 48.13 17.29 -13.76
C VAL D 193 49.16 17.78 -14.77
N PHE D 194 48.70 18.24 -15.93
CA PHE D 194 49.64 18.77 -16.92
C PHE D 194 50.39 19.98 -16.36
N VAL D 195 49.67 20.88 -15.69
CA VAL D 195 50.30 22.07 -15.12
C VAL D 195 51.32 21.68 -14.06
N SER D 196 50.99 20.70 -13.22
CA SER D 196 51.91 20.25 -12.20
C SER D 196 53.17 19.65 -12.81
N VAL D 197 53.01 18.81 -13.85
CA VAL D 197 54.18 18.20 -14.47
C VAL D 197 55.02 19.25 -15.17
N TYR D 198 54.41 20.34 -15.66
CA TYR D 198 55.19 21.40 -16.28
C TYR D 198 55.93 22.23 -15.23
N LEU D 199 55.25 22.60 -14.14
CA LEU D 199 55.77 23.49 -13.07
C LEU D 199 56.70 22.80 -12.10
N ASN D 200 56.82 21.47 -12.08
CA ASN D 200 57.68 20.76 -11.11
C ASN D 200 57.25 21.02 -9.65
N ARG D 201 55.95 21.21 -9.43
CA ARG D 201 55.26 21.55 -8.17
C ARG D 201 53.88 20.92 -8.17
N SER D 202 53.30 20.67 -6.99
CA SER D 202 51.94 20.17 -6.88
C SER D 202 51.13 20.87 -5.80
N TRP D 203 49.85 21.12 -6.10
CA TRP D 203 48.83 21.53 -5.14
C TRP D 203 47.79 20.43 -5.05
N LEU D 204 47.46 19.99 -3.83
CA LEU D 204 46.37 19.06 -3.57
C LEU D 204 45.04 19.83 -3.67
N GLY D 205 44.64 20.25 -4.87
CA GLY D 205 43.48 21.10 -5.04
C GLY D 205 42.22 20.31 -5.24
N LEU D 206 41.66 20.32 -6.44
CA LEU D 206 40.44 19.59 -6.77
C LEU D 206 40.71 18.13 -7.16
N ARG D 207 41.73 17.48 -6.60
CA ARG D 207 42.09 16.12 -6.98
C ARG D 207 41.13 15.08 -6.43
N PHE D 208 40.28 15.47 -5.48
CA PHE D 208 39.28 14.55 -4.95
C PHE D 208 38.19 14.25 -5.97
N LEU D 209 38.04 15.03 -7.03
CA LEU D 209 37.06 14.79 -8.09
C LEU D 209 37.38 13.52 -8.87
N ARG D 210 38.55 12.95 -8.64
CA ARG D 210 38.91 11.70 -9.28
C ARG D 210 37.95 10.58 -8.83
N ALA D 211 37.43 10.68 -7.60
CA ALA D 211 36.49 9.70 -7.08
C ALA D 211 35.20 9.67 -7.87
N LEU D 212 34.84 10.70 -8.64
CA LEU D 212 33.64 10.69 -9.48
C LEU D 212 33.79 9.78 -10.70
N ARG D 213 34.99 9.28 -10.94
CA ARG D 213 35.20 8.33 -12.03
C ARG D 213 34.51 6.98 -11.76
N LEU D 214 34.13 6.71 -10.51
CA LEU D 214 33.47 5.45 -10.18
C LEU D 214 32.04 5.39 -10.69
N ILE D 215 31.46 6.51 -11.11
CA ILE D 215 30.09 6.58 -11.64
C ILE D 215 29.96 5.78 -12.94
N GLN D 216 31.00 5.75 -13.78
CA GLN D 216 30.97 5.03 -15.04
C GLN D 216 31.24 3.52 -14.90
N PHE D 217 31.52 3.00 -13.70
CA PHE D 217 31.87 1.61 -13.50
C PHE D 217 30.73 0.68 -13.93
N SER D 218 29.50 1.01 -13.54
CA SER D 218 28.37 0.18 -13.95
C SER D 218 28.17 0.20 -15.45
N GLU D 219 28.34 1.37 -16.08
CA GLU D 219 28.17 1.47 -17.52
C GLU D 219 29.20 0.61 -18.26
N ILE D 220 30.47 0.69 -17.83
CA ILE D 220 31.49 -0.10 -18.53
C ILE D 220 31.44 -1.56 -18.14
N LEU D 221 30.79 -1.91 -17.03
CA LEU D 221 30.53 -3.32 -16.75
C LEU D 221 29.40 -3.85 -17.62
N GLN D 222 28.40 -3.02 -17.89
CA GLN D 222 27.34 -3.40 -18.82
C GLN D 222 27.88 -3.51 -20.25
N PHE D 223 28.84 -2.67 -20.61
CA PHE D 223 29.46 -2.78 -21.93
C PHE D 223 30.16 -4.12 -22.09
N LEU D 224 30.85 -4.57 -21.04
CA LEU D 224 31.62 -5.81 -21.08
C LEU D 224 30.75 -7.06 -20.93
N ASN D 225 29.43 -6.92 -21.01
CA ASN D 225 28.50 -8.04 -20.91
C ASN D 225 28.61 -8.76 -19.57
N ILE D 226 28.97 -8.03 -18.52
CA ILE D 226 29.09 -8.62 -17.19
C ILE D 226 27.81 -8.42 -16.39
N LEU D 227 27.28 -7.21 -16.39
CA LEU D 227 26.05 -6.91 -15.66
C LEU D 227 24.86 -7.06 -16.60
N LYS D 228 23.97 -7.99 -16.27
CA LYS D 228 22.78 -8.23 -17.07
C LYS D 228 21.48 -8.11 -16.28
N THR D 229 21.46 -8.57 -15.04
CA THR D 229 20.24 -8.57 -14.25
C THR D 229 19.97 -7.19 -13.65
N SER D 230 18.69 -6.86 -13.55
CA SER D 230 18.30 -5.55 -13.05
C SER D 230 18.75 -5.34 -11.61
N ASN D 231 18.64 -6.38 -10.78
CA ASN D 231 19.03 -6.25 -9.38
C ASN D 231 20.52 -5.96 -9.26
N SER D 232 21.35 -6.69 -9.99
CA SER D 232 22.79 -6.47 -9.92
C SER D 232 23.15 -5.09 -10.48
N ILE D 233 22.51 -4.69 -11.58
CA ILE D 233 22.79 -3.37 -12.14
C ILE D 233 22.44 -2.28 -11.13
N LYS D 234 21.28 -2.40 -10.49
CA LYS D 234 20.87 -1.41 -9.50
C LYS D 234 21.82 -1.39 -8.31
N LEU D 235 22.26 -2.57 -7.85
CA LEU D 235 23.18 -2.61 -6.73
C LEU D 235 24.49 -1.93 -7.05
N VAL D 236 25.04 -2.21 -8.24
CA VAL D 236 26.30 -1.58 -8.63
C VAL D 236 26.13 -0.07 -8.76
N ASN D 237 25.01 0.37 -9.36
CA ASN D 237 24.77 1.81 -9.50
C ASN D 237 24.71 2.49 -8.14
N LEU D 238 23.95 1.90 -7.20
CA LEU D 238 23.81 2.49 -5.88
C LEU D 238 25.15 2.54 -5.16
N LEU D 239 25.92 1.45 -5.20
CA LEU D 239 27.21 1.43 -4.52
C LEU D 239 28.15 2.46 -5.12
N SER D 240 28.22 2.55 -6.45
CA SER D 240 29.11 3.50 -7.08
C SER D 240 28.75 4.93 -6.73
N ILE D 241 27.47 5.29 -6.82
CA ILE D 241 27.01 6.65 -6.52
C ILE D 241 27.27 6.97 -5.05
N PHE D 242 26.99 6.05 -4.14
CA PHE D 242 27.20 6.29 -2.72
C PHE D 242 28.68 6.53 -2.42
N ILE D 243 29.55 5.63 -2.88
CA ILE D 243 30.97 5.74 -2.55
C ILE D 243 31.57 6.97 -3.20
N SER D 244 31.29 7.26 -4.47
CA SER D 244 31.88 8.41 -5.13
C SER D 244 31.42 9.71 -4.47
N THR D 245 30.14 9.85 -4.15
CA THR D 245 29.60 11.01 -3.43
C THR D 245 30.28 11.18 -2.09
N TRP D 246 30.42 10.10 -1.32
CA TRP D 246 31.06 10.14 -0.02
C TRP D 246 32.50 10.63 -0.13
N LEU D 247 33.28 10.01 -1.02
CA LEU D 247 34.69 10.35 -1.12
C LEU D 247 34.89 11.77 -1.66
N THR D 248 34.08 12.18 -2.64
CA THR D 248 34.24 13.51 -3.21
C THR D 248 33.90 14.59 -2.18
N ALA D 249 32.80 14.41 -1.46
CA ALA D 249 32.39 15.33 -0.42
C ALA D 249 33.44 15.40 0.69
N ALA D 250 34.05 14.26 1.03
CA ALA D 250 35.10 14.22 2.04
C ALA D 250 36.32 14.98 1.58
N GLY D 251 36.70 14.82 0.32
CA GLY D 251 37.84 15.58 -0.20
C GLY D 251 37.58 17.08 -0.18
N PHE D 252 36.39 17.53 -0.58
CA PHE D 252 36.06 18.95 -0.60
C PHE D 252 36.08 19.52 0.81
N ILE D 253 35.51 18.81 1.79
CA ILE D 253 35.52 19.33 3.15
C ILE D 253 36.93 19.31 3.72
N HIS D 254 37.78 18.36 3.32
CA HIS D 254 39.19 18.32 3.69
C HIS D 254 39.95 19.53 3.14
N LEU D 255 39.78 19.87 1.86
CA LEU D 255 40.34 21.07 1.27
C LEU D 255 39.89 22.32 2.04
N VAL D 256 38.59 22.43 2.32
CA VAL D 256 38.05 23.65 2.90
C VAL D 256 38.47 23.80 4.36
N GLU D 257 38.54 22.70 5.10
CA GLU D 257 38.96 22.79 6.49
C GLU D 257 40.45 23.08 6.61
N ASN D 258 41.31 22.51 5.77
CA ASN D 258 42.75 22.72 5.91
C ASN D 258 43.22 24.08 5.40
N SER D 259 42.44 24.75 4.54
CA SER D 259 42.68 26.12 4.11
C SER D 259 41.55 27.01 4.63
N GLY D 260 41.86 27.85 5.62
CA GLY D 260 40.92 28.60 6.42
C GLY D 260 40.13 29.63 5.63
N ASP D 261 39.44 30.48 6.37
CA ASP D 261 38.58 31.48 5.77
C ASP D 261 39.39 32.70 5.34
N PRO D 262 39.18 33.23 4.13
CA PRO D 262 39.89 34.40 3.66
C PRO D 262 39.62 35.65 4.49
N TRP D 263 38.39 35.85 4.98
CA TRP D 263 38.09 36.96 5.89
C TRP D 263 38.75 36.81 7.25
N GLU D 264 39.06 35.58 7.68
CA GLU D 264 39.89 35.37 8.86
C GLU D 264 41.36 35.26 8.53
N ASN D 265 41.77 35.56 7.29
CA ASN D 265 43.16 35.54 6.83
C ASN D 265 43.79 34.15 6.89
N PHE D 266 42.98 33.11 6.71
CA PHE D 266 43.37 31.70 6.71
C PHE D 266 44.01 31.24 8.03
N GLN D 267 43.66 31.90 9.13
CA GLN D 267 44.23 31.62 10.44
C GLN D 267 43.40 30.62 11.25
N ASN D 268 42.14 30.42 10.90
CA ASN D 268 41.26 29.49 11.61
C ASN D 268 41.20 28.12 10.94
N ASN D 269 42.23 27.75 10.19
CA ASN D 269 42.26 26.44 9.55
C ASN D 269 42.36 25.34 10.59
N GLN D 270 41.76 24.19 10.27
CA GLN D 270 41.78 23.02 11.13
C GLN D 270 42.55 21.91 10.44
N ALA D 271 43.56 21.37 11.12
CA ALA D 271 44.40 20.32 10.56
C ALA D 271 43.65 19.00 10.62
N LEU D 272 42.91 18.70 9.56
CA LEU D 272 42.12 17.48 9.46
C LEU D 272 42.68 16.62 8.35
N THR D 273 42.88 15.34 8.64
CA THR D 273 43.31 14.40 7.62
C THR D 273 42.14 13.98 6.74
N TYR D 274 42.47 13.45 5.56
CA TYR D 274 41.42 13.03 4.63
C TYR D 274 40.56 11.93 5.23
N TRP D 275 41.19 10.97 5.90
CA TRP D 275 40.42 9.89 6.51
C TRP D 275 39.61 10.39 7.69
N GLU D 276 40.12 11.38 8.42
CA GLU D 276 39.31 12.01 9.47
C GLU D 276 38.06 12.66 8.87
N CYS D 277 38.22 13.32 7.73
CA CYS D 277 37.06 13.93 7.07
C CYS D 277 36.09 12.86 6.55
N VAL D 278 36.62 11.74 6.07
CA VAL D 278 35.76 10.64 5.63
C VAL D 278 34.93 10.12 6.80
N TYR D 279 35.58 9.92 7.94
CA TYR D 279 34.88 9.46 9.13
C TYR D 279 33.84 10.48 9.58
N LEU D 280 34.18 11.76 9.54
CA LEU D 280 33.24 12.81 9.92
C LEU D 280 32.03 12.81 9.00
N LEU D 281 32.25 12.62 7.70
CA LEU D 281 31.14 12.57 6.75
C LEU D 281 30.25 11.36 7.02
N MET D 282 30.84 10.21 7.32
CA MET D 282 30.01 9.04 7.63
C MET D 282 29.17 9.29 8.88
N VAL D 283 29.78 9.88 9.91
CA VAL D 283 29.05 10.16 11.15
C VAL D 283 27.92 11.15 10.89
N THR D 284 28.18 12.15 10.06
CA THR D 284 27.16 13.14 9.75
C THR D 284 26.03 12.56 8.91
N MET D 285 26.32 11.74 7.89
CA MET D 285 25.32 11.11 6.99
C MET D 285 24.35 10.20 7.72
N SER D 286 24.87 9.34 8.59
CA SER D 286 24.09 8.42 9.41
C SER D 286 23.28 9.13 10.50
N THR D 287 23.47 10.44 10.68
CA THR D 287 22.88 11.30 11.71
C THR D 287 23.34 10.97 13.14
N VAL D 288 24.44 10.24 13.34
CA VAL D 288 24.92 9.94 14.68
C VAL D 288 25.43 11.19 15.37
N GLY D 289 26.27 11.97 14.70
CA GLY D 289 26.75 13.23 15.21
C GLY D 289 27.45 13.14 16.55
N TYR D 290 28.61 12.48 16.58
CA TYR D 290 29.35 12.35 17.83
C TYR D 290 29.79 13.71 18.37
N GLY D 291 30.28 14.58 17.49
CA GLY D 291 30.82 15.85 17.91
C GLY D 291 32.29 15.84 18.25
N ASP D 292 32.94 14.68 18.23
CA ASP D 292 34.39 14.63 18.44
C ASP D 292 35.12 15.33 17.30
N VAL D 293 34.66 15.13 16.07
CA VAL D 293 35.21 15.78 14.89
C VAL D 293 34.09 16.54 14.20
N TYR D 294 34.34 17.81 13.89
CA TYR D 294 33.35 18.62 13.19
C TYR D 294 34.05 19.77 12.49
N ALA D 295 33.36 20.34 11.51
CA ALA D 295 33.89 21.49 10.79
C ALA D 295 33.84 22.74 11.66
N LYS D 296 34.88 23.56 11.57
CA LYS D 296 34.98 24.77 12.37
C LYS D 296 35.04 26.05 11.54
N THR D 297 35.52 25.97 10.30
CA THR D 297 35.55 27.15 9.45
C THR D 297 34.16 27.51 8.96
N THR D 298 33.98 28.78 8.59
CA THR D 298 32.69 29.22 8.08
C THR D 298 32.33 28.52 6.78
N LEU D 299 33.28 28.41 5.85
CA LEU D 299 33.02 27.69 4.61
C LEU D 299 32.77 26.21 4.88
N GLY D 300 33.51 25.62 5.81
CA GLY D 300 33.26 24.23 6.16
C GLY D 300 31.87 24.01 6.70
N ARG D 301 31.40 24.91 7.56
CA ARG D 301 30.05 24.77 8.11
C ARG D 301 28.99 25.06 7.05
N LEU D 302 29.23 26.00 6.16
CA LEU D 302 28.32 26.30 5.05
C LEU D 302 28.21 25.10 4.11
N PHE D 303 29.32 24.43 3.82
CA PHE D 303 29.30 23.17 3.11
C PHE D 303 28.58 22.09 3.90
N MET D 304 28.80 21.96 5.21
CA MET D 304 28.12 20.99 6.06
C MET D 304 26.61 21.17 6.02
N VAL D 305 26.15 22.41 6.07
CA VAL D 305 24.71 22.68 5.98
C VAL D 305 24.16 22.21 4.66
N PHE D 306 24.80 22.48 3.52
CA PHE D 306 24.23 22.02 2.26
C PHE D 306 24.31 20.51 2.11
N PHE D 307 25.33 19.84 2.61
CA PHE D 307 25.48 18.39 2.58
C PHE D 307 24.51 17.69 3.47
N ILE D 308 24.14 18.27 4.60
CA ILE D 308 23.14 17.68 5.49
C ILE D 308 21.79 17.54 4.76
N LEU D 309 21.46 18.42 3.84
CA LEU D 309 20.19 18.30 3.12
C LEU D 309 20.21 17.12 2.15
N GLY D 310 21.29 16.95 1.40
CA GLY D 310 21.41 15.93 0.35
C GLY D 310 21.94 14.58 0.84
N GLY D 311 23.02 14.58 1.61
CA GLY D 311 23.70 13.36 2.07
C GLY D 311 22.85 12.49 2.98
N LEU D 312 22.02 13.08 3.84
CA LEU D 312 21.13 12.28 4.69
C LEU D 312 20.00 11.63 3.89
N ALA D 313 19.42 12.32 2.91
CA ALA D 313 18.43 11.73 2.02
C ALA D 313 19.04 10.60 1.19
N MET D 314 20.28 10.75 0.71
CA MET D 314 20.99 9.68 0.01
C MET D 314 21.22 8.48 0.93
N PHE D 315 21.78 8.67 2.13
CA PHE D 315 22.04 7.60 3.09
C PHE D 315 20.76 6.87 3.50
N ALA D 316 19.73 7.62 3.90
CA ALA D 316 18.46 7.07 4.35
C ALA D 316 17.76 6.25 3.25
N SER D 317 17.97 6.60 1.97
CA SER D 317 17.40 5.92 0.82
C SER D 317 18.26 4.74 0.33
N TYR D 318 19.56 4.90 0.24
CA TYR D 318 20.44 3.93 -0.42
C TYR D 318 20.86 2.79 0.50
N VAL D 319 21.15 3.03 1.76
CA VAL D 319 21.68 1.98 2.65
C VAL D 319 20.67 0.85 2.87
N PRO D 320 19.38 1.10 3.14
CA PRO D 320 18.38 0.03 3.19
C PRO D 320 18.21 -0.67 1.85
N GLU D 321 18.18 0.07 0.74
CA GLU D 321 18.00 -0.54 -0.56
C GLU D 321 19.19 -1.42 -0.94
N ILE D 322 20.41 -1.01 -0.62
CA ILE D 322 21.58 -1.85 -0.88
C ILE D 322 21.51 -3.11 -0.03
N ILE D 323 21.18 -2.99 1.25
CA ILE D 323 21.08 -4.13 2.17
C ILE D 323 19.95 -5.07 1.77
N GLU D 324 18.88 -4.58 1.14
CA GLU D 324 17.85 -5.44 0.59
C GLU D 324 18.34 -6.17 -0.65
N LEU D 325 19.07 -5.46 -1.52
CA LEU D 325 19.58 -6.09 -2.75
C LEU D 325 20.57 -7.21 -2.43
N ILE D 326 21.46 -6.98 -1.46
CA ILE D 326 22.32 -8.07 -1.01
C ILE D 326 21.52 -9.03 -0.13
N GLY D 327 22.03 -10.24 0.01
CA GLY D 327 21.40 -11.22 0.87
C GLY D 327 20.18 -11.90 0.28
N ASN D 328 19.90 -11.69 -1.00
CA ASN D 328 18.77 -12.33 -1.66
C ASN D 328 19.20 -13.74 -2.11
N ARG D 329 19.38 -14.60 -1.12
CA ARG D 329 19.82 -15.98 -1.33
C ARG D 329 18.65 -16.93 -1.14
N LYS D 330 18.65 -18.01 -1.90
CA LYS D 330 17.63 -19.05 -1.79
C LYS D 330 18.07 -20.06 -0.75
N LYS D 331 17.32 -20.14 0.35
CA LYS D 331 17.62 -21.01 1.51
C LYS D 331 17.45 -22.48 1.16
N TYR D 332 16.36 -22.82 0.49
CA TYR D 332 16.09 -24.18 0.03
C TYR D 332 16.64 -24.73 -1.30
N GLY D 333 17.85 -24.37 -1.63
CA GLY D 333 18.45 -24.80 -2.87
C GLY D 333 19.09 -26.17 -2.72
N GLY D 334 20.01 -26.47 -3.61
CA GLY D 334 20.68 -27.75 -3.53
C GLY D 334 19.78 -28.87 -3.99
N SER D 335 20.23 -30.09 -3.74
CA SER D 335 19.53 -31.27 -4.21
C SER D 335 19.70 -32.41 -3.23
N TYR D 336 18.78 -33.36 -3.30
CA TYR D 336 18.80 -34.50 -2.40
C TYR D 336 19.96 -35.43 -2.73
N SER D 337 20.56 -35.99 -1.68
CA SER D 337 21.65 -36.95 -1.83
C SER D 337 21.13 -38.32 -1.43
N ALA D 338 21.08 -39.24 -2.39
CA ALA D 338 20.55 -40.57 -2.13
C ALA D 338 21.46 -41.35 -1.19
N VAL D 339 20.84 -42.20 -0.37
CA VAL D 339 21.55 -43.03 0.60
C VAL D 339 21.40 -44.47 0.16
N SER D 340 22.53 -45.19 0.10
CA SER D 340 22.50 -46.58 -0.31
C SER D 340 21.80 -47.43 0.74
N GLY D 341 20.89 -48.29 0.30
CA GLY D 341 20.16 -49.17 1.19
C GLY D 341 18.90 -48.58 1.78
N ARG D 342 18.62 -47.30 1.54
CA ARG D 342 17.43 -46.65 2.07
C ARG D 342 16.67 -46.01 0.93
N LYS D 343 15.36 -46.27 0.88
CA LYS D 343 14.44 -45.74 -0.12
C LYS D 343 13.99 -44.33 0.27
N HIS D 344 13.62 -43.52 -0.70
CA HIS D 344 13.08 -42.19 -0.44
C HIS D 344 11.85 -41.95 -1.30
N ILE D 345 10.97 -41.05 -0.86
CA ILE D 345 9.68 -40.77 -1.47
C ILE D 345 9.61 -39.28 -1.75
N VAL D 346 9.19 -38.90 -2.94
CA VAL D 346 9.03 -37.52 -3.35
C VAL D 346 7.55 -37.16 -3.25
N VAL D 347 7.23 -36.09 -2.54
CA VAL D 347 5.86 -35.59 -2.34
C VAL D 347 5.76 -34.19 -2.92
N CYS D 348 4.74 -33.94 -3.73
CA CYS D 348 4.51 -32.65 -4.38
C CYS D 348 3.01 -32.33 -4.47
N GLY D 349 2.66 -31.28 -5.20
CA GLY D 349 1.28 -30.83 -5.31
C GLY D 349 0.92 -29.83 -4.22
N HIS D 350 -0.24 -30.00 -3.60
CA HIS D 350 -0.74 -29.09 -2.57
C HIS D 350 -0.03 -29.28 -1.23
N ILE D 351 1.03 -28.50 -0.99
CA ILE D 351 1.84 -28.53 0.23
C ILE D 351 1.55 -27.27 1.06
N THR D 352 1.09 -27.49 2.28
CA THR D 352 0.69 -26.49 3.28
C THR D 352 0.90 -27.09 4.66
N LEU D 353 0.89 -26.27 5.71
CA LEU D 353 1.13 -26.73 7.07
C LEU D 353 0.19 -27.88 7.49
N GLU D 354 -1.12 -27.75 7.29
CA GLU D 354 -2.04 -28.82 7.68
C GLU D 354 -1.91 -30.06 6.77
N SER D 355 -1.70 -29.89 5.48
CA SER D 355 -1.53 -30.99 4.53
C SER D 355 -0.31 -31.84 4.88
N VAL D 356 0.84 -31.22 5.10
CA VAL D 356 2.07 -31.91 5.51
C VAL D 356 1.92 -32.51 6.91
N SER D 357 1.32 -31.79 7.86
CA SER D 357 1.13 -32.29 9.22
C SER D 357 0.27 -33.55 9.25
N ASN D 358 -0.85 -33.56 8.51
CA ASN D 358 -1.71 -34.74 8.39
C ASN D 358 -0.99 -35.88 7.66
N PHE D 359 -0.31 -35.61 6.55
CA PHE D 359 0.44 -36.64 5.85
C PHE D 359 1.52 -37.29 6.74
N LEU D 360 2.33 -36.50 7.47
CA LEU D 360 3.38 -37.05 8.32
C LEU D 360 2.84 -37.85 9.50
N LYS D 361 1.71 -37.44 10.10
CA LYS D 361 1.04 -38.22 11.16
C LYS D 361 0.65 -39.62 10.70
N ASP D 362 0.11 -39.77 9.49
CA ASP D 362 -0.22 -41.08 8.92
C ASP D 362 0.98 -41.83 8.36
N PHE D 363 1.96 -41.17 7.75
CA PHE D 363 3.08 -41.90 7.16
C PHE D 363 4.03 -42.45 8.22
N LEU D 364 4.31 -41.70 9.28
CA LEU D 364 5.29 -42.02 10.31
C LEU D 364 4.68 -42.58 11.59
N HIS D 365 3.45 -43.11 11.54
CA HIS D 365 2.78 -43.62 12.73
C HIS D 365 3.48 -44.84 13.32
N LYS D 366 3.56 -44.92 14.66
CA LYS D 366 4.23 -46.04 15.37
C LYS D 366 3.57 -47.41 15.20
N ASP D 367 2.33 -47.48 14.73
CA ASP D 367 1.65 -48.75 14.46
C ASP D 367 2.13 -49.40 13.15
N ARG D 368 2.87 -48.71 12.31
CA ARG D 368 3.42 -49.43 11.18
C ARG D 368 4.66 -50.12 11.76
N ASP D 369 5.25 -51.05 11.01
CA ASP D 369 6.56 -51.63 11.33
C ASP D 369 7.70 -50.62 11.05
N ASP D 370 8.93 -51.01 11.37
CA ASP D 370 10.12 -50.16 11.40
C ASP D 370 10.56 -49.81 9.98
N VAL D 371 9.79 -49.00 9.26
CA VAL D 371 10.14 -48.50 7.93
C VAL D 371 11.04 -47.28 8.06
N ASN D 372 12.05 -47.19 7.21
CA ASN D 372 12.97 -46.06 7.21
C ASN D 372 12.95 -45.36 5.84
N VAL D 373 11.77 -45.17 5.27
CA VAL D 373 11.62 -44.46 4.00
C VAL D 373 11.73 -42.95 4.23
N GLU D 374 12.68 -42.29 3.59
CA GLU D 374 12.82 -40.85 3.67
C GLU D 374 11.77 -40.16 2.83
N ILE D 375 11.32 -38.99 3.29
CA ILE D 375 10.31 -38.21 2.60
C ILE D 375 10.96 -36.91 2.11
N VAL D 376 10.83 -36.65 0.82
CA VAL D 376 11.38 -35.46 0.19
C VAL D 376 10.24 -34.65 -0.39
N PHE D 377 10.11 -33.39 0.00
CA PHE D 377 9.07 -32.49 -0.48
C PHE D 377 9.62 -31.59 -1.57
N LEU D 378 8.83 -31.40 -2.62
CA LEU D 378 9.14 -30.49 -3.72
C LEU D 378 8.01 -29.49 -3.90
N HIS D 379 8.27 -28.22 -3.63
CA HIS D 379 7.27 -27.18 -3.77
C HIS D 379 7.93 -25.87 -4.20
N ASN D 380 7.20 -25.04 -4.93
CA ASN D 380 7.74 -23.82 -5.51
C ASN D 380 7.54 -22.60 -4.62
N ILE D 381 6.94 -22.73 -3.45
CA ILE D 381 6.75 -21.64 -2.50
C ILE D 381 7.70 -21.87 -1.31
N SER D 382 8.42 -20.84 -0.86
CA SER D 382 9.25 -20.96 0.33
C SER D 382 8.38 -21.23 1.56
N PRO D 383 8.70 -22.23 2.40
CA PRO D 383 7.87 -22.59 3.54
C PRO D 383 7.86 -21.47 4.59
N ASN D 384 6.69 -21.20 5.19
CA ASN D 384 6.60 -20.26 6.30
C ASN D 384 7.22 -20.81 7.59
N LEU D 385 7.37 -19.98 8.61
CA LEU D 385 8.06 -20.34 9.85
C LEU D 385 7.47 -21.58 10.54
N GLU D 386 6.16 -21.80 10.46
CA GLU D 386 5.52 -22.97 11.08
C GLU D 386 5.78 -24.26 10.30
N LEU D 387 5.86 -24.22 8.98
CA LEU D 387 6.32 -25.36 8.17
C LEU D 387 7.80 -25.66 8.42
N GLU D 388 8.66 -24.65 8.51
CA GLU D 388 10.06 -24.87 8.85
C GLU D 388 10.23 -25.51 10.23
N ALA D 389 9.43 -25.10 11.22
CA ALA D 389 9.38 -25.76 12.51
C ALA D 389 8.88 -27.21 12.42
N LEU D 390 7.85 -27.49 11.60
CA LEU D 390 7.36 -28.85 11.37
C LEU D 390 8.44 -29.73 10.74
N PHE D 391 9.19 -29.25 9.75
CA PHE D 391 10.32 -29.98 9.18
C PHE D 391 11.45 -30.18 10.19
N LYS D 392 11.74 -29.21 11.07
CA LYS D 392 12.72 -29.39 12.16
C LYS D 392 12.29 -30.43 13.21
N ARG D 393 11.00 -30.55 13.52
CA ARG D 393 10.50 -31.65 14.37
C ARG D 393 10.64 -33.03 13.73
N HIS D 394 10.79 -33.10 12.41
CA HIS D 394 11.03 -34.33 11.65
C HIS D 394 12.41 -34.34 10.98
N PHE D 395 13.41 -33.72 11.60
CA PHE D 395 14.69 -33.38 10.98
C PHE D 395 15.39 -34.56 10.31
N THR D 396 15.28 -35.78 10.87
CA THR D 396 15.99 -36.91 10.30
C THR D 396 15.19 -37.69 9.28
N GLN D 397 13.89 -37.38 9.09
CA GLN D 397 13.06 -38.15 8.19
C GLN D 397 12.45 -37.34 7.05
N VAL D 398 12.52 -36.01 7.11
CA VAL D 398 11.91 -35.15 6.12
C VAL D 398 12.95 -34.19 5.60
N GLU D 399 13.02 -34.03 4.28
CA GLU D 399 13.79 -32.99 3.63
C GLU D 399 12.88 -32.24 2.67
N PHE D 400 13.10 -30.93 2.56
CA PHE D 400 12.37 -30.05 1.66
C PHE D 400 13.34 -29.39 0.69
N TYR D 401 12.93 -29.26 -0.56
CA TYR D 401 13.68 -28.60 -1.62
C TYR D 401 12.73 -27.73 -2.42
N GLN D 402 13.09 -26.46 -2.65
CA GLN D 402 12.21 -25.50 -3.33
C GLN D 402 12.41 -25.59 -4.83
N GLY D 403 11.38 -25.92 -5.61
CA GLY D 403 11.44 -26.09 -7.04
C GLY D 403 10.06 -26.36 -7.58
N SER D 404 9.99 -26.46 -8.91
CA SER D 404 8.74 -26.73 -9.61
C SER D 404 8.77 -28.15 -10.16
N VAL D 405 7.66 -28.88 -9.95
CA VAL D 405 7.56 -30.24 -10.44
C VAL D 405 7.58 -30.30 -11.96
N LEU D 406 7.22 -29.20 -12.63
CA LEU D 406 7.24 -29.12 -14.07
C LEU D 406 8.64 -28.90 -14.64
N ASN D 407 9.64 -28.70 -13.78
CA ASN D 407 11.00 -28.45 -14.23
C ASN D 407 11.81 -29.73 -14.18
N PRO D 408 12.31 -30.23 -15.31
CA PRO D 408 13.15 -31.42 -15.27
C PRO D 408 14.40 -31.25 -14.43
N HIS D 409 14.94 -30.04 -14.35
CA HIS D 409 16.09 -29.79 -13.48
C HIS D 409 15.72 -30.05 -12.02
N ASP D 410 14.57 -29.55 -11.58
CA ASP D 410 14.13 -29.81 -10.21
C ASP D 410 13.83 -31.28 -9.99
N LEU D 411 13.24 -31.94 -10.99
CA LEU D 411 12.96 -33.36 -10.86
C LEU D 411 14.25 -34.17 -10.71
N ALA D 412 15.30 -33.78 -11.43
CA ALA D 412 16.60 -34.40 -11.24
C ALA D 412 17.19 -34.04 -9.89
N ARG D 413 16.92 -32.83 -9.39
CA ARG D 413 17.42 -32.41 -8.10
C ARG D 413 16.86 -33.28 -6.97
N VAL D 414 15.56 -33.58 -7.02
CA VAL D 414 14.94 -34.36 -5.97
C VAL D 414 15.18 -35.85 -6.21
N LYS D 415 16.00 -36.17 -7.21
CA LYS D 415 16.39 -37.55 -7.52
C LYS D 415 15.17 -38.43 -7.77
N ILE D 416 14.19 -37.89 -8.51
CA ILE D 416 12.96 -38.62 -8.77
C ILE D 416 13.19 -39.83 -9.65
N GLU D 417 14.35 -39.94 -10.31
CA GLU D 417 14.66 -41.11 -11.11
C GLU D 417 14.99 -42.33 -10.27
N SER D 418 15.27 -42.15 -8.97
CA SER D 418 15.53 -43.25 -8.07
C SER D 418 14.54 -43.32 -6.92
N ALA D 419 13.54 -42.45 -6.89
CA ALA D 419 12.54 -42.48 -5.83
C ALA D 419 11.67 -43.72 -5.97
N ASP D 420 11.19 -44.23 -4.83
CA ASP D 420 10.34 -45.41 -4.83
C ASP D 420 8.93 -45.12 -5.37
N ALA D 421 8.42 -43.93 -5.13
CA ALA D 421 7.18 -43.42 -5.68
C ALA D 421 7.13 -41.89 -5.63
N CYS D 422 6.16 -41.31 -6.30
CA CYS D 422 5.88 -39.87 -6.23
C CYS D 422 4.42 -39.68 -5.84
N LEU D 423 4.17 -38.93 -4.78
CA LEU D 423 2.84 -38.66 -4.28
C LEU D 423 2.46 -37.23 -4.63
N ILE D 424 1.26 -37.04 -5.16
CA ILE D 424 0.77 -35.73 -5.61
C ILE D 424 -0.49 -35.42 -4.84
N LEU D 425 -0.38 -34.62 -3.79
CA LEU D 425 -1.52 -34.16 -3.01
C LEU D 425 -2.31 -33.12 -3.80
N ALA D 426 -3.61 -33.01 -3.58
CA ALA D 426 -4.50 -32.12 -4.31
C ALA D 426 -5.22 -31.20 -3.35
N ASN D 427 -5.62 -30.03 -3.86
CA ASN D 427 -6.37 -29.05 -3.07
C ASN D 427 -7.84 -29.40 -3.17
N LYS D 428 -8.37 -30.11 -2.17
CA LYS D 428 -9.76 -30.59 -2.14
C LYS D 428 -10.77 -29.46 -2.04
N TYR D 429 -10.38 -28.34 -1.46
CA TYR D 429 -11.22 -27.17 -1.21
C TYR D 429 -10.95 -26.04 -2.20
N CYS D 430 -10.45 -26.37 -3.39
CA CYS D 430 -10.14 -25.36 -4.38
C CYS D 430 -11.42 -24.72 -4.92
N ALA D 431 -11.28 -23.49 -5.41
CA ALA D 431 -12.42 -22.79 -5.99
C ALA D 431 -12.83 -23.41 -7.32
N ASP D 432 -11.86 -23.83 -8.12
CA ASP D 432 -12.13 -24.40 -9.44
C ASP D 432 -11.65 -25.85 -9.50
N PRO D 433 -12.56 -26.82 -9.32
CA PRO D 433 -12.14 -28.23 -9.43
C PRO D 433 -11.54 -28.56 -10.78
N ASP D 434 -12.06 -27.98 -11.86
CA ASP D 434 -11.52 -28.22 -13.18
C ASP D 434 -10.08 -27.72 -13.28
N ALA D 435 -9.81 -26.52 -12.76
CA ALA D 435 -8.46 -25.98 -12.79
C ALA D 435 -7.51 -26.83 -11.94
N GLU D 436 -7.96 -27.27 -10.77
CA GLU D 436 -7.12 -28.12 -9.94
C GLU D 436 -6.82 -29.45 -10.64
N ASP D 437 -7.83 -30.05 -11.27
CA ASP D 437 -7.61 -31.29 -11.99
C ASP D 437 -6.65 -31.08 -13.15
N ALA D 438 -6.76 -29.95 -13.85
CA ALA D 438 -5.85 -29.66 -14.95
C ALA D 438 -4.41 -29.51 -14.45
N SER D 439 -4.23 -28.82 -13.33
CA SER D 439 -2.90 -28.66 -12.77
C SER D 439 -2.31 -30.00 -12.36
N ASN D 440 -3.10 -30.85 -11.72
CA ASN D 440 -2.61 -32.16 -11.32
C ASN D 440 -2.28 -33.01 -12.55
N ILE D 441 -3.09 -32.89 -13.60
CA ILE D 441 -2.82 -33.62 -14.84
C ILE D 441 -1.50 -33.16 -15.44
N MET D 442 -1.25 -31.86 -15.44
CA MET D 442 0.03 -31.35 -15.94
C MET D 442 1.20 -31.85 -15.11
N ARG D 443 1.04 -31.89 -13.78
CA ARG D 443 2.11 -32.41 -12.93
C ARG D 443 2.40 -33.88 -13.25
N VAL D 444 1.34 -34.68 -13.40
CA VAL D 444 1.52 -36.09 -13.74
C VAL D 444 2.21 -36.22 -15.09
N ILE D 445 1.81 -35.39 -16.06
CA ILE D 445 2.41 -35.43 -17.38
C ILE D 445 3.90 -35.13 -17.30
N SER D 446 4.26 -34.10 -16.54
CA SER D 446 5.66 -33.73 -16.42
C SER D 446 6.49 -34.83 -15.75
N ILE D 447 5.97 -35.40 -14.66
CA ILE D 447 6.71 -36.45 -13.96
C ILE D 447 6.89 -37.66 -14.85
N LYS D 448 5.82 -38.06 -15.56
CA LYS D 448 5.92 -39.23 -16.43
C LYS D 448 6.86 -38.95 -17.61
N ASN D 449 6.84 -37.71 -18.12
CA ASN D 449 7.73 -37.35 -19.22
C ASN D 449 9.19 -37.42 -18.79
N TYR D 450 9.50 -36.94 -17.59
CA TYR D 450 10.87 -37.07 -17.09
C TYR D 450 11.24 -38.52 -16.86
N HIS D 451 10.37 -39.28 -16.21
CA HIS D 451 10.63 -40.69 -15.90
C HIS D 451 9.36 -41.47 -16.09
N PRO D 452 9.23 -42.23 -17.19
CA PRO D 452 8.01 -43.03 -17.39
C PRO D 452 7.77 -44.09 -16.33
N LYS D 453 8.86 -44.69 -15.83
CA LYS D 453 8.77 -45.79 -14.85
C LYS D 453 8.73 -45.40 -13.37
N ILE D 454 8.07 -44.30 -13.05
CA ILE D 454 7.93 -43.85 -11.67
C ILE D 454 6.52 -44.16 -11.21
N ARG D 455 6.37 -44.77 -10.02
CA ARG D 455 5.06 -45.01 -9.44
C ARG D 455 4.45 -43.68 -9.02
N ILE D 456 3.24 -43.37 -9.45
CA ILE D 456 2.58 -42.11 -9.18
C ILE D 456 1.27 -42.37 -8.45
N ILE D 457 1.12 -41.77 -7.28
CA ILE D 457 -0.11 -41.82 -6.50
C ILE D 457 -0.63 -40.39 -6.46
N THR D 458 -1.86 -40.15 -6.90
CA THR D 458 -2.40 -38.81 -6.99
C THR D 458 -3.86 -38.80 -6.58
N GLN D 459 -4.33 -37.64 -6.17
CA GLN D 459 -5.72 -37.42 -5.81
C GLN D 459 -6.42 -36.68 -6.94
N MET D 460 -7.55 -37.19 -7.38
CA MET D 460 -8.30 -36.60 -8.48
C MET D 460 -9.69 -36.23 -7.98
N LEU D 461 -10.08 -34.97 -8.21
CA LEU D 461 -11.35 -34.50 -7.66
C LEU D 461 -12.55 -35.11 -8.39
N GLN D 462 -12.50 -35.18 -9.71
CA GLN D 462 -13.60 -35.67 -10.52
C GLN D 462 -13.24 -37.00 -11.16
N TYR D 463 -14.24 -37.65 -11.76
CA TYR D 463 -14.09 -38.94 -12.44
C TYR D 463 -13.87 -38.81 -13.95
N HIS D 464 -14.44 -37.79 -14.61
CA HIS D 464 -14.15 -37.56 -16.02
C HIS D 464 -12.71 -37.09 -16.22
N ASN D 465 -12.21 -36.27 -15.30
CA ASN D 465 -10.80 -35.89 -15.35
C ASN D 465 -9.89 -37.07 -15.10
N LYS D 466 -10.29 -38.02 -14.23
CA LYS D 466 -9.57 -39.29 -14.03
C LYS D 466 -9.52 -40.09 -15.32
N ALA D 467 -10.64 -40.12 -16.07
CA ALA D 467 -10.65 -40.79 -17.37
C ALA D 467 -9.75 -40.08 -18.37
N HIS D 468 -9.71 -38.74 -18.31
CA HIS D 468 -8.79 -37.98 -19.14
C HIS D 468 -7.34 -38.35 -18.83
N LEU D 469 -7.02 -38.47 -17.54
CA LEU D 469 -5.65 -38.74 -17.12
C LEU D 469 -5.20 -40.15 -17.49
N LEU D 470 -6.06 -41.16 -17.37
CA LEU D 470 -5.63 -42.53 -17.59
C LEU D 470 -5.28 -42.84 -19.06
N ASN D 471 -5.49 -41.89 -19.97
CA ASN D 471 -5.09 -42.07 -21.36
C ASN D 471 -3.62 -41.73 -21.60
N ILE D 472 -2.89 -41.34 -20.58
CA ILE D 472 -1.46 -41.01 -20.74
C ILE D 472 -0.71 -42.26 -21.15
N PRO D 473 0.20 -42.17 -22.13
CA PRO D 473 0.92 -43.38 -22.57
C PRO D 473 1.73 -44.07 -21.48
N SER D 474 2.29 -43.30 -20.54
CA SER D 474 3.08 -43.88 -19.47
C SER D 474 2.25 -44.27 -18.26
N TRP D 475 0.98 -43.92 -18.23
CA TRP D 475 0.12 -44.24 -17.10
C TRP D 475 -0.17 -45.74 -17.09
N ASN D 476 0.43 -46.47 -16.16
CA ASN D 476 0.31 -47.92 -16.08
C ASN D 476 -0.31 -48.28 -14.74
N TRP D 477 -1.61 -48.56 -14.71
CA TRP D 477 -2.29 -48.94 -13.47
C TRP D 477 -1.79 -50.29 -12.94
N LYS D 478 -1.32 -51.20 -13.79
CA LYS D 478 -0.78 -52.48 -13.31
C LYS D 478 0.52 -52.27 -12.53
N GLU D 479 1.38 -51.38 -13.01
CA GLU D 479 2.66 -51.17 -12.36
C GLU D 479 2.51 -50.53 -10.98
N GLY D 480 1.39 -49.87 -10.69
CA GLY D 480 1.12 -49.28 -9.38
C GLY D 480 0.65 -47.83 -9.45
N ASP D 481 0.37 -47.31 -10.65
CA ASP D 481 -0.20 -45.97 -10.77
C ASP D 481 -1.62 -45.98 -10.23
N ASP D 482 -1.84 -45.28 -9.13
CA ASP D 482 -3.13 -45.17 -8.46
C ASP D 482 -3.64 -43.73 -8.50
N ALA D 483 -4.77 -43.51 -9.17
CA ALA D 483 -5.51 -42.26 -9.09
C ALA D 483 -6.65 -42.41 -8.09
N ILE D 484 -6.44 -41.93 -6.87
CA ILE D 484 -7.43 -41.93 -5.79
C ILE D 484 -8.47 -40.86 -6.11
N CYS D 485 -9.60 -41.24 -6.70
CA CYS D 485 -10.64 -40.30 -7.06
C CYS D 485 -11.53 -40.02 -5.83
N LEU D 486 -11.57 -38.77 -5.37
CA LEU D 486 -12.27 -38.44 -4.14
C LEU D 486 -13.78 -38.55 -4.30
N ALA D 487 -14.32 -38.01 -5.41
CA ALA D 487 -15.76 -38.04 -5.60
C ALA D 487 -16.27 -39.46 -5.73
N GLU D 488 -15.58 -40.29 -6.52
CA GLU D 488 -15.88 -41.71 -6.71
C GLU D 488 -15.87 -42.47 -5.38
N LEU D 489 -14.76 -42.42 -4.64
CA LEU D 489 -14.68 -43.14 -3.37
C LEU D 489 -15.72 -42.61 -2.38
N LYS D 490 -15.99 -41.31 -2.31
CA LYS D 490 -16.94 -40.84 -1.32
C LYS D 490 -18.37 -41.28 -1.68
N LEU D 491 -18.72 -41.28 -2.96
CA LEU D 491 -20.05 -41.69 -3.39
C LEU D 491 -20.22 -43.21 -3.26
N GLY D 492 -19.16 -43.97 -3.49
CA GLY D 492 -19.15 -45.39 -3.20
C GLY D 492 -19.34 -45.67 -1.71
N PHE D 493 -18.65 -44.94 -0.83
CA PHE D 493 -18.82 -45.10 0.62
C PHE D 493 -20.26 -44.73 1.05
N ILE D 494 -20.85 -43.68 0.48
CA ILE D 494 -22.23 -43.32 0.77
C ILE D 494 -23.17 -44.44 0.32
N ALA D 495 -22.97 -45.03 -0.86
CA ALA D 495 -23.77 -46.16 -1.35
C ALA D 495 -23.62 -47.40 -0.46
N GLN D 496 -22.43 -47.73 0.00
CA GLN D 496 -22.28 -48.82 0.97
C GLN D 496 -22.98 -48.51 2.31
N SER D 497 -23.08 -47.25 2.75
CA SER D 497 -23.96 -46.90 3.86
C SER D 497 -25.46 -47.11 3.58
N CYS D 498 -25.90 -47.11 2.32
CA CYS D 498 -27.27 -47.48 1.93
C CYS D 498 -27.54 -48.99 1.98
N LEU D 499 -26.51 -49.84 1.85
CA LEU D 499 -26.63 -51.28 2.06
C LEU D 499 -26.52 -51.65 3.55
N ALA D 500 -25.69 -50.95 4.32
CA ALA D 500 -25.58 -51.12 5.77
C ALA D 500 -25.15 -49.81 6.42
N GLN D 501 -26.06 -49.11 7.11
CA GLN D 501 -25.73 -47.83 7.72
C GLN D 501 -24.56 -47.95 8.69
N GLY D 502 -23.63 -46.99 8.65
CA GLY D 502 -22.41 -46.97 9.47
C GLY D 502 -21.18 -47.53 8.77
N LEU D 503 -21.34 -48.19 7.62
CA LEU D 503 -20.22 -48.79 6.90
C LEU D 503 -19.23 -47.75 6.33
N SER D 504 -19.65 -46.53 6.02
CA SER D 504 -18.72 -45.47 5.62
C SER D 504 -17.75 -45.13 6.77
N THR D 505 -18.24 -45.04 8.00
CA THR D 505 -17.41 -44.84 9.20
C THR D 505 -16.51 -46.03 9.44
N MET D 506 -17.04 -47.25 9.31
CA MET D 506 -16.30 -48.50 9.45
C MET D 506 -15.08 -48.54 8.51
N LEU D 507 -15.28 -48.26 7.23
CA LEU D 507 -14.21 -48.24 6.23
C LEU D 507 -13.22 -47.11 6.48
N ALA D 508 -13.68 -45.88 6.69
CA ALA D 508 -12.78 -44.74 6.88
C ALA D 508 -11.82 -44.93 8.07
N ASN D 509 -12.30 -45.48 9.18
CA ASN D 509 -11.44 -45.72 10.35
C ASN D 509 -10.41 -46.82 10.15
N LEU D 510 -10.55 -47.72 9.17
CA LEU D 510 -9.56 -48.78 8.91
C LEU D 510 -8.28 -48.27 8.25
N PHE D 511 -8.27 -47.07 7.66
CA PHE D 511 -7.09 -46.51 6.99
C PHE D 511 -6.26 -45.60 7.89
N SER D 512 -6.90 -44.73 8.66
CA SER D 512 -6.21 -43.78 9.50
C SER D 512 -5.45 -44.53 10.60
N MET D 513 -4.17 -44.28 10.75
CA MET D 513 -3.39 -44.94 11.80
C MET D 513 -3.78 -44.35 13.16
N ARG D 514 -4.27 -45.22 14.04
CA ARG D 514 -4.66 -44.79 15.37
C ARG D 514 -4.18 -45.74 16.46
N SER D 515 -3.57 -45.16 17.50
CA SER D 515 -3.18 -45.86 18.72
C SER D 515 -4.40 -46.22 19.57
N PHE D 516 -4.26 -47.14 20.52
CA PHE D 516 -5.29 -47.36 21.53
C PHE D 516 -5.37 -46.16 22.48
N ILE D 517 -6.59 -45.68 22.78
CA ILE D 517 -6.87 -44.63 23.77
C ILE D 517 -7.88 -45.21 24.75
N LYS D 518 -7.63 -45.10 26.05
CA LYS D 518 -8.49 -45.68 27.07
C LYS D 518 -8.69 -44.68 28.21
N ILE D 519 -9.94 -44.58 28.67
CA ILE D 519 -10.28 -43.72 29.79
C ILE D 519 -11.14 -44.48 30.79
N GLU D 520 -11.20 -43.95 32.01
CA GLU D 520 -11.90 -44.63 33.09
C GLU D 520 -13.41 -44.53 32.99
N GLU D 521 -13.93 -43.53 32.28
CA GLU D 521 -15.37 -43.36 32.16
C GLU D 521 -15.99 -44.47 31.33
N ASP D 522 -17.16 -44.92 31.78
CA ASP D 522 -18.02 -45.85 31.07
C ASP D 522 -18.95 -45.04 30.19
N THR D 523 -18.56 -44.81 28.98
CA THR D 523 -19.22 -44.03 27.96
C THR D 523 -19.12 -44.77 26.63
N TRP D 524 -19.99 -44.49 25.67
CA TRP D 524 -19.92 -45.05 24.32
C TRP D 524 -18.58 -44.74 23.64
N GLN D 525 -17.91 -43.66 24.05
CA GLN D 525 -16.66 -43.25 23.42
C GLN D 525 -15.54 -44.24 23.71
N LYS D 526 -15.55 -44.87 24.90
CA LYS D 526 -14.51 -45.84 25.21
C LYS D 526 -14.55 -47.03 24.24
N TYR D 527 -15.75 -47.58 24.06
CA TYR D 527 -15.94 -48.70 23.15
C TYR D 527 -15.63 -48.28 21.72
N TYR D 528 -16.12 -47.12 21.31
CA TYR D 528 -15.84 -46.62 19.98
C TYR D 528 -14.34 -46.49 19.73
N LEU D 529 -13.59 -45.90 20.67
CA LEU D 529 -12.15 -45.74 20.49
C LEU D 529 -11.45 -47.10 20.45
N GLU D 530 -11.89 -48.03 21.29
CA GLU D 530 -11.32 -49.38 21.26
C GLU D 530 -11.51 -50.01 19.89
N GLY D 531 -12.69 -49.83 19.29
CA GLY D 531 -12.89 -50.30 17.93
C GLY D 531 -12.03 -49.55 16.91
N VAL D 532 -11.91 -48.23 17.03
CA VAL D 532 -11.13 -47.38 16.10
C VAL D 532 -9.64 -47.74 16.08
N SER D 533 -9.09 -48.32 17.15
CA SER D 533 -7.66 -48.66 17.25
C SER D 533 -7.14 -49.66 16.22
N ASN D 534 -7.99 -50.31 15.42
CA ASN D 534 -7.61 -51.30 14.43
C ASN D 534 -7.56 -50.73 13.00
N GLU D 535 -6.54 -51.09 12.22
CA GLU D 535 -6.41 -50.77 10.80
C GLU D 535 -6.39 -52.02 9.94
N MET D 536 -6.63 -51.87 8.64
CA MET D 536 -6.41 -52.93 7.68
C MET D 536 -4.93 -53.00 7.25
N TYR D 537 -4.34 -54.19 7.29
CA TYR D 537 -2.95 -54.48 6.91
C TYR D 537 -2.91 -55.52 5.78
N THR D 538 -1.72 -56.01 5.42
CA THR D 538 -1.57 -57.06 4.40
C THR D 538 -0.23 -57.76 4.59
N GLU D 539 -0.22 -59.09 4.77
CA GLU D 539 1.03 -59.85 4.82
C GLU D 539 0.87 -61.34 4.47
N TYR D 540 1.99 -61.98 4.13
CA TYR D 540 2.09 -63.40 3.81
C TYR D 540 1.91 -64.29 5.07
N LEU D 541 1.27 -65.44 4.90
CA LEU D 541 0.85 -66.30 6.02
C LEU D 541 1.45 -67.72 5.97
N SER D 542 1.59 -68.33 7.15
CA SER D 542 2.40 -69.52 7.41
C SER D 542 2.02 -70.74 6.56
N SER D 543 3.02 -71.54 6.20
CA SER D 543 2.82 -72.87 5.59
C SER D 543 1.97 -73.79 6.50
N ALA D 544 1.99 -73.57 7.82
CA ALA D 544 1.14 -74.29 8.78
C ALA D 544 -0.37 -74.09 8.54
N PHE D 545 -0.78 -73.10 7.73
CA PHE D 545 -2.16 -72.83 7.34
C PHE D 545 -2.47 -73.17 5.87
N VAL D 546 -1.47 -73.56 5.07
CA VAL D 546 -1.68 -74.05 3.71
C VAL D 546 -2.36 -75.42 3.75
N GLY D 547 -3.40 -75.62 2.92
CA GLY D 547 -4.09 -76.90 2.86
C GLY D 547 -5.37 -76.96 3.66
N LEU D 548 -5.71 -75.89 4.37
CA LEU D 548 -6.92 -75.74 5.18
C LEU D 548 -7.95 -74.85 4.46
N SER D 549 -9.20 -74.86 4.93
CA SER D 549 -10.22 -73.96 4.40
C SER D 549 -10.08 -72.57 4.99
N PHE D 550 -10.54 -71.56 4.23
CA PHE D 550 -10.51 -70.16 4.64
C PHE D 550 -11.32 -69.91 5.94
N PRO D 551 -12.57 -70.40 6.09
CA PRO D 551 -13.24 -70.35 7.38
C PRO D 551 -12.44 -70.97 8.52
N THR D 552 -11.76 -72.11 8.27
CA THR D 552 -11.00 -72.79 9.31
C THR D 552 -9.83 -71.93 9.77
N VAL D 553 -9.02 -71.40 8.85
CA VAL D 553 -7.91 -70.52 9.25
C VAL D 553 -8.43 -69.23 9.87
N CYS D 554 -9.61 -68.74 9.50
CA CYS D 554 -10.21 -67.58 10.15
C CYS D 554 -10.59 -67.85 11.62
N GLU D 555 -11.29 -68.94 11.92
CA GLU D 555 -11.62 -69.29 13.31
C GLU D 555 -10.35 -69.66 14.11
N LEU D 556 -9.30 -70.14 13.44
CA LEU D 556 -8.01 -70.35 14.11
C LEU D 556 -7.34 -69.00 14.43
N CYS D 557 -7.15 -68.15 13.43
CA CYS D 557 -6.51 -66.85 13.63
C CYS D 557 -7.27 -65.94 14.60
N PHE D 558 -8.62 -66.05 14.71
CA PHE D 558 -9.45 -65.01 15.31
C PHE D 558 -9.01 -64.56 16.71
N VAL D 559 -8.89 -65.48 17.68
CA VAL D 559 -8.51 -65.09 19.04
C VAL D 559 -7.24 -65.78 19.52
N LYS D 560 -6.73 -66.85 18.86
CA LYS D 560 -5.49 -67.54 19.27
C LYS D 560 -4.27 -66.70 18.94
N LEU D 561 -4.21 -66.22 17.68
CA LEU D 561 -3.26 -65.23 17.20
C LEU D 561 -3.75 -63.79 17.43
N LYS D 562 -5.05 -63.60 17.71
CA LYS D 562 -5.78 -62.32 17.83
C LYS D 562 -5.88 -61.53 16.51
N LEU D 563 -6.13 -62.21 15.38
CA LEU D 563 -6.11 -61.62 14.03
C LEU D 563 -7.35 -62.02 13.20
N LEU D 564 -7.98 -61.06 12.52
CA LEU D 564 -9.16 -61.30 11.67
C LEU D 564 -8.83 -61.12 10.18
N MET D 565 -9.17 -62.08 9.33
CA MET D 565 -8.91 -62.03 7.88
C MET D 565 -10.20 -61.71 7.11
N ILE D 566 -10.20 -60.65 6.30
CA ILE D 566 -11.34 -60.30 5.43
C ILE D 566 -11.27 -60.99 4.06
N ALA D 567 -10.06 -61.27 3.57
CA ALA D 567 -9.79 -61.68 2.20
C ALA D 567 -8.39 -62.29 2.09
N ILE D 568 -8.09 -62.91 0.95
CA ILE D 568 -6.75 -63.38 0.56
C ILE D 568 -6.43 -63.04 -0.90
N GLU D 569 -5.15 -63.08 -1.25
CA GLU D 569 -4.68 -63.03 -2.64
C GLU D 569 -5.14 -64.26 -3.45
N SER D 577 -9.28 -64.44 -10.10
CA SER D 577 -9.08 -65.32 -8.96
C SER D 577 -8.02 -64.82 -8.00
N ARG D 578 -7.61 -63.56 -8.18
CA ARG D 578 -6.60 -62.94 -7.33
C ARG D 578 -7.20 -62.34 -6.06
N ILE D 579 -7.82 -61.18 -6.20
CA ILE D 579 -8.45 -60.50 -5.06
C ILE D 579 -9.83 -61.10 -4.80
N LEU D 580 -9.93 -61.88 -3.73
CA LEU D 580 -11.20 -62.52 -3.37
C LEU D 580 -11.70 -62.03 -2.01
N ILE D 581 -12.81 -61.29 -2.04
CA ILE D 581 -13.49 -60.79 -0.85
C ILE D 581 -14.25 -61.93 -0.14
N ASN D 582 -13.89 -62.18 1.12
CA ASN D 582 -14.45 -63.22 2.00
C ASN D 582 -14.71 -64.58 1.29
N PRO D 583 -13.65 -65.35 0.94
CA PRO D 583 -13.78 -66.64 0.28
C PRO D 583 -14.76 -67.61 0.94
N GLY D 584 -15.40 -68.46 0.14
CA GLY D 584 -16.21 -69.57 0.64
C GLY D 584 -15.41 -70.65 1.35
N ASN D 585 -16.12 -71.58 1.99
CA ASN D 585 -15.56 -72.76 2.64
C ASN D 585 -14.90 -73.76 1.66
N HIS D 586 -15.21 -73.66 0.37
CA HIS D 586 -14.68 -74.52 -0.68
C HIS D 586 -13.29 -74.11 -1.18
N LEU D 587 -12.73 -72.98 -0.75
CA LEU D 587 -11.42 -72.51 -1.24
C LEU D 587 -10.31 -72.90 -0.28
N LYS D 588 -9.26 -73.48 -0.84
CA LYS D 588 -8.08 -73.97 -0.14
C LYS D 588 -6.97 -72.91 -0.24
N ILE D 589 -6.26 -72.65 0.86
CA ILE D 589 -5.20 -71.60 0.93
C ILE D 589 -4.01 -72.01 0.03
N GLN D 590 -3.68 -71.25 -1.01
CA GLN D 590 -2.50 -71.51 -1.86
C GLN D 590 -1.19 -71.32 -1.05
N GLU D 591 -0.14 -72.09 -1.34
CA GLU D 591 1.18 -71.78 -0.78
C GLU D 591 1.68 -70.40 -1.25
N GLY D 592 2.33 -69.64 -0.36
CA GLY D 592 2.89 -68.31 -0.66
C GLY D 592 1.88 -67.16 -0.75
N THR D 593 0.67 -67.31 -0.21
CA THR D 593 -0.37 -66.26 -0.27
C THR D 593 -0.30 -65.23 0.87
N LEU D 594 -0.99 -64.11 0.68
CA LEU D 594 -1.13 -63.00 1.63
C LEU D 594 -2.59 -62.81 2.06
N GLY D 595 -2.77 -62.46 3.33
CA GLY D 595 -4.07 -62.21 3.94
C GLY D 595 -4.31 -60.74 4.25
N PHE D 596 -5.51 -60.25 3.95
CA PHE D 596 -5.95 -58.89 4.21
C PHE D 596 -6.51 -58.82 5.62
N PHE D 597 -5.60 -58.81 6.59
CA PHE D 597 -5.92 -58.77 8.00
C PHE D 597 -6.48 -57.41 8.45
N ILE D 598 -7.36 -57.43 9.43
CA ILE D 598 -7.66 -56.30 10.30
C ILE D 598 -7.03 -56.60 11.65
N ALA D 599 -6.26 -55.67 12.19
CA ALA D 599 -5.50 -55.87 13.42
C ALA D 599 -5.20 -54.54 14.12
N SER D 600 -4.74 -54.60 15.36
CA SER D 600 -4.30 -53.41 16.07
C SER D 600 -3.17 -52.72 15.38
N ASP D 601 -2.24 -53.50 14.84
CA ASP D 601 -1.07 -52.99 14.11
C ASP D 601 -0.36 -54.07 13.29
N ALA D 602 0.69 -53.65 12.59
CA ALA D 602 1.53 -54.48 11.78
C ALA D 602 2.35 -55.50 12.54
N LYS D 603 2.82 -55.20 13.74
CA LYS D 603 3.65 -56.12 14.52
C LYS D 603 2.87 -57.31 15.09
N GLU D 604 1.56 -57.21 15.17
CA GLU D 604 0.68 -58.31 15.56
C GLU D 604 0.47 -59.30 14.41
N VAL D 605 0.19 -58.82 13.19
CA VAL D 605 -0.04 -59.70 12.03
C VAL D 605 1.18 -60.55 11.67
N LYS D 606 2.39 -60.22 12.14
CA LYS D 606 3.58 -61.08 12.02
C LYS D 606 3.34 -62.52 12.50
N ARG D 607 2.40 -62.69 13.44
CA ARG D 607 2.07 -64.02 13.92
C ARG D 607 1.52 -64.91 12.80
N ALA D 608 0.72 -64.35 11.90
CA ALA D 608 0.18 -65.11 10.78
C ALA D 608 1.28 -65.84 9.99
N PHE D 609 2.49 -65.28 9.93
CA PHE D 609 3.68 -65.92 9.37
C PHE D 609 4.42 -66.76 10.42
N PHE D 610 4.70 -66.21 11.60
CA PHE D 610 5.57 -66.80 12.62
C PHE D 610 4.84 -67.81 13.54
N TYR D 611 4.09 -68.76 12.98
CA TYR D 611 3.35 -69.79 13.72
C TYR D 611 3.50 -71.17 13.06
N CYS D 612 3.76 -72.20 13.87
CA CYS D 612 3.81 -73.60 13.47
C CYS D 612 3.41 -74.51 14.64
N LYS D 613 2.10 -74.73 14.80
CA LYS D 613 1.51 -75.57 15.86
C LYS D 613 1.94 -75.18 17.29
N ALA D 614 2.13 -73.89 17.54
CA ALA D 614 2.43 -73.32 18.86
C ALA D 614 1.17 -73.23 19.76
N CYS D 615 0.42 -74.32 19.87
CA CYS D 615 -0.89 -74.40 20.50
C CYS D 615 -0.86 -74.02 21.98
N SER D 681 -34.65 -65.68 -24.38
CA SER D 681 -33.78 -65.08 -23.37
C SER D 681 -32.80 -64.10 -24.00
N ASN D 682 -33.30 -63.29 -24.94
CA ASN D 682 -32.57 -62.18 -25.56
C ASN D 682 -32.53 -60.92 -24.69
N VAL D 683 -33.12 -60.94 -23.49
CA VAL D 683 -33.14 -59.81 -22.55
C VAL D 683 -31.73 -59.51 -22.02
N LYS D 684 -31.22 -58.31 -22.29
CA LYS D 684 -29.98 -57.79 -21.70
C LYS D 684 -30.21 -57.33 -20.25
N LYS D 685 -30.12 -58.26 -19.30
CA LYS D 685 -30.25 -58.00 -17.85
C LYS D 685 -29.01 -57.34 -17.22
N TYR D 686 -27.84 -57.48 -17.84
CA TYR D 686 -26.55 -57.10 -17.24
C TYR D 686 -25.66 -56.32 -18.22
N ASP D 687 -24.59 -55.72 -17.70
CA ASP D 687 -23.49 -55.17 -18.49
C ASP D 687 -22.67 -56.28 -19.17
N SER D 688 -21.80 -55.89 -20.10
CA SER D 688 -20.90 -56.77 -20.84
C SER D 688 -19.99 -57.65 -19.97
N THR D 689 -19.67 -57.26 -18.73
CA THR D 689 -18.84 -58.05 -17.80
C THR D 689 -19.65 -58.94 -16.84
N GLY D 690 -20.97 -58.78 -16.79
CA GLY D 690 -21.83 -59.57 -15.90
C GLY D 690 -21.73 -59.16 -14.42
N MET D 691 -21.51 -57.87 -14.14
CA MET D 691 -21.31 -57.34 -12.78
C MET D 691 -22.28 -56.23 -12.35
N PHE D 692 -23.01 -55.60 -13.26
CA PHE D 692 -24.04 -54.60 -12.98
C PHE D 692 -25.34 -54.88 -13.74
N HIS D 693 -26.50 -54.58 -13.15
CA HIS D 693 -27.78 -54.57 -13.85
C HIS D 693 -27.80 -53.47 -14.92
N TRP D 694 -28.60 -53.63 -15.97
CA TRP D 694 -28.66 -52.73 -17.12
C TRP D 694 -30.07 -52.63 -17.71
N CYS D 695 -30.39 -51.52 -18.38
CA CYS D 695 -31.58 -51.36 -19.21
C CYS D 695 -31.35 -50.40 -20.39
N ALA D 696 -32.23 -50.44 -21.38
CA ALA D 696 -32.20 -49.53 -22.52
C ALA D 696 -32.29 -48.05 -22.07
N PRO D 697 -31.74 -47.10 -22.85
CA PRO D 697 -31.62 -45.71 -22.44
C PRO D 697 -32.98 -45.00 -22.37
N LYS D 698 -33.51 -44.83 -21.16
CA LYS D 698 -34.79 -44.18 -20.89
C LYS D 698 -34.73 -42.67 -21.20
N GLU D 699 -35.79 -42.11 -21.76
CA GLU D 699 -35.91 -40.67 -21.91
C GLU D 699 -36.11 -39.99 -20.54
N ILE D 700 -35.66 -38.74 -20.39
CA ILE D 700 -35.78 -37.99 -19.14
C ILE D 700 -37.24 -37.77 -18.72
N GLU D 701 -38.17 -37.54 -19.66
CA GLU D 701 -39.56 -37.32 -19.28
C GLU D 701 -40.24 -38.59 -18.80
N LYS D 702 -39.74 -39.76 -19.19
CA LYS D 702 -40.33 -41.01 -18.74
C LYS D 702 -40.21 -41.18 -17.23
N VAL D 703 -39.03 -40.84 -16.69
CA VAL D 703 -38.66 -41.03 -15.27
C VAL D 703 -38.99 -39.83 -14.36
N ILE D 704 -39.25 -38.64 -14.93
CA ILE D 704 -39.72 -37.49 -14.16
C ILE D 704 -41.11 -37.78 -13.55
N LEU D 705 -41.24 -37.49 -12.25
CA LEU D 705 -42.49 -37.47 -11.50
C LEU D 705 -42.95 -36.01 -11.26
N THR D 706 -44.11 -35.85 -10.64
CA THR D 706 -44.51 -34.65 -9.91
C THR D 706 -45.37 -35.04 -8.71
N ARG D 707 -45.89 -34.08 -7.95
CA ARG D 707 -46.52 -34.25 -6.64
C ARG D 707 -47.56 -35.37 -6.60
N SER D 708 -48.44 -35.42 -7.59
CA SER D 708 -49.49 -36.42 -7.72
C SER D 708 -48.94 -37.85 -7.77
N GLU D 709 -48.18 -38.18 -8.81
CA GLU D 709 -47.68 -39.53 -9.05
C GLU D 709 -46.65 -39.96 -8.00
N ALA D 710 -45.84 -39.04 -7.48
CA ALA D 710 -44.95 -39.33 -6.37
C ALA D 710 -45.74 -39.79 -5.14
N ALA D 711 -46.81 -39.09 -4.78
CA ALA D 711 -47.61 -39.41 -3.61
C ALA D 711 -48.38 -40.73 -3.74
N MET D 712 -48.93 -41.05 -4.91
CA MET D 712 -49.69 -42.29 -5.10
C MET D 712 -48.81 -43.51 -5.40
N THR D 713 -47.58 -43.32 -5.87
CA THR D 713 -46.61 -44.41 -6.05
C THR D 713 -46.03 -44.81 -4.70
N VAL D 714 -46.50 -45.93 -4.14
CA VAL D 714 -45.99 -46.39 -2.83
C VAL D 714 -44.52 -46.80 -2.94
N LEU D 715 -43.71 -46.24 -2.05
CA LEU D 715 -42.27 -46.48 -1.94
C LEU D 715 -41.92 -46.83 -0.50
N SER D 716 -41.07 -47.84 -0.32
CA SER D 716 -40.54 -48.29 0.97
C SER D 716 -39.21 -49.01 0.76
N GLY D 717 -38.29 -48.89 1.70
CA GLY D 717 -36.91 -49.40 1.59
C GLY D 717 -36.08 -48.78 0.46
N HIS D 718 -36.56 -47.69 -0.15
CA HIS D 718 -35.90 -46.96 -1.23
C HIS D 718 -34.73 -46.11 -0.73
N VAL D 719 -34.02 -45.47 -1.65
CA VAL D 719 -32.99 -44.47 -1.37
C VAL D 719 -33.47 -43.12 -1.91
N VAL D 720 -33.49 -42.11 -1.05
CA VAL D 720 -33.89 -40.74 -1.41
C VAL D 720 -32.64 -39.90 -1.50
N VAL D 721 -32.42 -39.22 -2.62
CA VAL D 721 -31.22 -38.41 -2.81
C VAL D 721 -31.59 -36.95 -3.02
N CYS D 722 -31.09 -36.11 -2.13
CA CYS D 722 -31.39 -34.69 -2.04
C CYS D 722 -30.21 -33.89 -2.60
N ILE D 723 -30.42 -33.19 -3.71
CA ILE D 723 -29.36 -32.48 -4.45
C ILE D 723 -29.65 -30.99 -4.50
N PHE D 724 -28.71 -30.17 -4.03
CA PHE D 724 -28.83 -28.72 -4.11
C PHE D 724 -28.08 -28.19 -5.33
N GLY D 725 -28.54 -28.61 -6.50
CA GLY D 725 -27.89 -28.25 -7.74
C GLY D 725 -28.19 -26.84 -8.19
N ASP D 726 -27.50 -26.42 -9.25
CA ASP D 726 -27.66 -25.10 -9.80
C ASP D 726 -27.16 -25.11 -11.24
N VAL D 727 -27.52 -24.11 -12.04
CA VAL D 727 -27.09 -24.06 -13.43
C VAL D 727 -25.59 -23.75 -13.55
N SER D 728 -25.01 -23.16 -12.51
CA SER D 728 -23.59 -22.81 -12.53
C SER D 728 -22.76 -23.71 -11.60
N SER D 729 -23.44 -24.60 -10.88
CA SER D 729 -22.79 -25.51 -9.97
C SER D 729 -21.99 -26.57 -10.72
N ALA D 730 -21.01 -27.14 -10.03
CA ALA D 730 -20.16 -28.17 -10.60
C ALA D 730 -20.92 -29.49 -10.69
N LEU D 731 -20.39 -30.44 -11.46
CA LEU D 731 -20.99 -31.76 -11.63
C LEU D 731 -20.55 -32.66 -10.49
N ILE D 732 -21.49 -33.21 -9.72
CA ILE D 732 -21.19 -34.14 -8.63
C ILE D 732 -20.77 -35.49 -9.17
N GLY D 733 -21.39 -36.02 -10.23
CA GLY D 733 -21.00 -37.33 -10.80
C GLY D 733 -21.76 -38.50 -10.17
N LEU D 734 -23.09 -38.40 -10.15
CA LEU D 734 -24.00 -39.31 -9.44
C LEU D 734 -23.90 -40.77 -9.92
N ARG D 735 -23.38 -41.02 -11.13
CA ARG D 735 -23.01 -42.36 -11.64
C ARG D 735 -22.33 -43.22 -10.59
N ASN D 736 -21.37 -42.65 -9.88
CA ASN D 736 -20.50 -43.39 -8.94
C ASN D 736 -21.23 -43.81 -7.67
N LEU D 737 -22.33 -43.13 -7.36
CA LEU D 737 -23.27 -43.43 -6.26
C LEU D 737 -24.31 -44.47 -6.68
N VAL D 738 -24.82 -44.36 -7.91
CA VAL D 738 -25.85 -45.28 -8.44
C VAL D 738 -25.28 -46.67 -8.70
N MET D 739 -24.10 -46.76 -9.31
CA MET D 739 -23.54 -48.04 -9.75
C MET D 739 -23.39 -49.08 -8.62
N PRO D 740 -22.85 -48.78 -7.43
CA PRO D 740 -22.80 -49.76 -6.35
C PRO D 740 -24.18 -50.32 -5.92
N LEU D 741 -25.23 -49.50 -5.88
CA LEU D 741 -26.59 -49.97 -5.66
C LEU D 741 -27.06 -50.87 -6.78
N ARG D 742 -26.67 -50.55 -8.01
CA ARG D 742 -27.07 -51.32 -9.19
C ARG D 742 -26.25 -52.59 -9.48
N ALA D 743 -25.28 -52.88 -8.61
CA ALA D 743 -24.44 -54.07 -8.79
C ALA D 743 -25.22 -55.40 -8.85
N SER D 744 -24.73 -56.38 -9.60
CA SER D 744 -25.46 -57.62 -9.92
C SER D 744 -25.41 -58.75 -8.89
N ASN D 745 -24.64 -58.66 -7.80
CA ASN D 745 -24.75 -59.64 -6.71
C ASN D 745 -25.95 -59.38 -5.77
N PHE D 746 -26.85 -58.47 -6.16
CA PHE D 746 -28.22 -58.34 -5.64
C PHE D 746 -29.21 -58.89 -6.66
N HIS D 747 -30.23 -59.62 -6.21
CA HIS D 747 -31.37 -60.01 -7.07
C HIS D 747 -32.20 -58.81 -7.49
N TYR D 748 -32.91 -58.89 -8.62
CA TYR D 748 -33.70 -57.76 -9.13
C TYR D 748 -34.82 -57.31 -8.17
N HIS D 749 -35.44 -58.25 -7.44
CA HIS D 749 -36.44 -57.91 -6.41
C HIS D 749 -35.81 -57.25 -5.18
N GLU D 750 -34.48 -57.31 -5.06
CA GLU D 750 -33.79 -56.71 -3.93
C GLU D 750 -33.20 -55.33 -4.24
N LEU D 751 -33.38 -54.85 -5.46
CA LEU D 751 -32.84 -53.55 -5.85
C LEU D 751 -33.67 -52.40 -5.24
N LYS D 752 -33.07 -51.64 -4.32
CA LYS D 752 -33.67 -50.46 -3.69
C LYS D 752 -33.92 -49.37 -4.74
N HIS D 753 -35.14 -48.87 -4.88
CA HIS D 753 -35.48 -47.79 -5.80
C HIS D 753 -34.72 -46.50 -5.46
N ILE D 754 -34.41 -45.64 -6.42
CA ILE D 754 -33.69 -44.38 -6.20
C ILE D 754 -34.54 -43.22 -6.71
N VAL D 755 -34.71 -42.16 -5.91
CA VAL D 755 -35.36 -40.93 -6.36
C VAL D 755 -34.53 -39.69 -6.04
N PHE D 756 -34.32 -38.82 -7.03
CA PHE D 756 -33.54 -37.60 -6.91
C PHE D 756 -34.45 -36.39 -6.81
N VAL D 757 -34.29 -35.59 -5.75
CA VAL D 757 -35.01 -34.33 -5.55
C VAL D 757 -34.01 -33.18 -5.74
N GLY D 758 -34.30 -32.21 -6.60
CA GLY D 758 -33.38 -31.10 -6.85
C GLY D 758 -33.77 -30.20 -8.03
N SER D 759 -32.91 -29.22 -8.37
CA SER D 759 -33.20 -28.28 -9.45
C SER D 759 -33.26 -29.02 -10.78
N ILE D 760 -34.34 -28.82 -11.54
CA ILE D 760 -34.50 -29.52 -12.82
C ILE D 760 -33.38 -29.14 -13.78
N GLU D 761 -32.85 -27.92 -13.71
CA GLU D 761 -31.74 -27.56 -14.57
C GLU D 761 -30.52 -28.45 -14.31
N TYR D 762 -30.17 -28.62 -13.04
CA TYR D 762 -29.04 -29.48 -12.71
C TYR D 762 -29.31 -30.94 -13.06
N LEU D 763 -30.53 -31.45 -12.85
CA LEU D 763 -30.82 -32.82 -13.29
C LEU D 763 -30.66 -32.95 -14.82
N LYS D 764 -31.12 -32.00 -15.63
CA LYS D 764 -30.89 -32.01 -17.08
C LYS D 764 -29.51 -31.51 -17.55
N ARG D 765 -28.57 -31.52 -16.60
CA ARG D 765 -27.17 -31.19 -16.85
C ARG D 765 -26.33 -32.40 -16.41
N GLU D 766 -27.01 -33.49 -16.01
CA GLU D 766 -26.35 -34.71 -15.55
C GLU D 766 -27.06 -36.00 -15.99
N TRP D 767 -28.35 -35.95 -16.33
CA TRP D 767 -29.14 -37.12 -16.73
C TRP D 767 -28.55 -37.91 -17.91
N GLU D 768 -27.79 -37.25 -18.77
CA GLU D 768 -27.05 -37.82 -19.89
C GLU D 768 -26.12 -39.00 -19.53
N THR D 769 -25.83 -39.23 -18.25
CA THR D 769 -25.07 -40.40 -17.78
C THR D 769 -25.83 -41.33 -16.81
N LEU D 770 -27.15 -41.15 -16.69
CA LEU D 770 -27.96 -41.98 -15.79
C LEU D 770 -29.16 -42.69 -16.43
N HIS D 771 -29.31 -42.60 -17.73
CA HIS D 771 -30.45 -43.22 -18.44
C HIS D 771 -30.41 -44.74 -18.68
N ASN D 772 -29.29 -45.43 -18.44
CA ASN D 772 -29.19 -46.89 -18.57
C ASN D 772 -29.41 -47.69 -17.25
N PHE D 773 -29.87 -47.00 -16.21
CA PHE D 773 -30.12 -47.64 -14.93
C PHE D 773 -31.61 -47.73 -14.66
N PRO D 774 -32.04 -48.83 -14.03
CA PRO D 774 -33.45 -49.04 -13.71
C PRO D 774 -33.82 -48.48 -12.34
N LYS D 775 -35.10 -48.56 -12.01
CA LYS D 775 -35.62 -48.09 -10.73
C LYS D 775 -35.23 -46.66 -10.31
N VAL D 776 -34.95 -45.80 -11.29
CA VAL D 776 -34.62 -44.40 -10.94
C VAL D 776 -35.78 -43.47 -11.24
N SER D 777 -35.87 -42.35 -10.52
CA SER D 777 -36.87 -41.29 -10.71
C SER D 777 -36.33 -39.91 -10.37
N ILE D 778 -36.86 -38.85 -11.00
CA ILE D 778 -36.54 -37.45 -10.70
C ILE D 778 -37.82 -36.76 -10.20
N LEU D 779 -37.73 -35.93 -9.15
CA LEU D 779 -38.80 -35.01 -8.77
C LEU D 779 -38.28 -33.56 -8.79
N PRO D 780 -38.74 -32.71 -9.72
CA PRO D 780 -38.23 -31.35 -9.88
C PRO D 780 -38.78 -30.38 -8.80
N GLY D 781 -38.18 -30.41 -7.61
CA GLY D 781 -38.60 -29.62 -6.47
C GLY D 781 -37.40 -29.10 -5.70
N THR D 782 -37.60 -28.90 -4.40
CA THR D 782 -36.58 -28.37 -3.51
C THR D 782 -36.33 -29.39 -2.40
N PRO D 783 -35.08 -29.77 -2.08
CA PRO D 783 -34.82 -30.70 -0.98
C PRO D 783 -35.29 -30.19 0.37
N LEU D 784 -35.54 -28.90 0.50
CA LEU D 784 -36.06 -28.32 1.73
C LEU D 784 -37.58 -28.21 1.72
N SER D 785 -38.28 -28.68 0.70
CA SER D 785 -39.74 -28.59 0.66
C SER D 785 -40.35 -29.76 1.42
N ARG D 786 -41.06 -29.45 2.49
CA ARG D 786 -41.73 -30.44 3.34
C ARG D 786 -42.75 -31.25 2.54
N ALA D 787 -43.46 -30.60 1.61
CA ALA D 787 -44.43 -31.27 0.76
C ALA D 787 -43.77 -32.34 -0.12
N ASP D 788 -42.65 -32.00 -0.76
CA ASP D 788 -41.89 -32.94 -1.59
C ASP D 788 -41.38 -34.11 -0.75
N LEU D 789 -40.82 -33.85 0.44
CA LEU D 789 -40.25 -34.94 1.24
C LEU D 789 -41.33 -35.86 1.82
N ARG D 790 -42.53 -35.32 2.00
CA ARG D 790 -43.66 -36.13 2.43
C ARG D 790 -44.18 -36.97 1.25
N ALA D 791 -44.23 -36.36 0.06
CA ALA D 791 -44.69 -37.05 -1.15
C ALA D 791 -43.77 -38.21 -1.56
N VAL D 792 -42.48 -38.10 -1.28
CA VAL D 792 -41.44 -39.11 -1.54
C VAL D 792 -41.36 -40.22 -0.47
N ASN D 793 -42.26 -40.25 0.52
CA ASN D 793 -42.27 -41.25 1.61
C ASN D 793 -40.95 -41.29 2.41
N ILE D 794 -40.38 -40.13 2.74
CA ILE D 794 -39.07 -40.04 3.40
C ILE D 794 -38.96 -40.91 4.67
N ASN D 795 -40.05 -41.09 5.40
CA ASN D 795 -40.12 -41.89 6.62
C ASN D 795 -39.97 -43.40 6.41
N LEU D 796 -40.12 -43.89 5.17
CA LEU D 796 -40.06 -45.32 4.83
C LEU D 796 -38.79 -45.72 4.06
N CYS D 797 -37.91 -44.77 3.72
CA CYS D 797 -36.68 -45.07 3.01
C CYS D 797 -35.69 -45.88 3.85
N ASP D 798 -34.77 -46.59 3.20
CA ASP D 798 -33.62 -47.22 3.86
C ASP D 798 -32.46 -46.25 4.04
N MET D 799 -32.39 -45.21 3.20
CA MET D 799 -31.46 -44.08 3.37
C MET D 799 -31.99 -42.81 2.71
N CYS D 800 -31.73 -41.68 3.36
CA CYS D 800 -31.71 -40.38 2.72
C CYS D 800 -30.26 -39.90 2.60
N VAL D 801 -29.86 -39.46 1.41
CA VAL D 801 -28.51 -38.98 1.10
C VAL D 801 -28.59 -37.51 0.74
N ILE D 802 -27.88 -36.63 1.46
CA ILE D 802 -27.89 -35.18 1.18
C ILE D 802 -26.54 -34.71 0.66
N LEU D 803 -26.51 -34.19 -0.56
CA LEU D 803 -25.33 -33.70 -1.26
C LEU D 803 -25.55 -32.28 -1.81
N SER D 804 -24.47 -31.51 -1.85
CA SER D 804 -24.46 -30.14 -2.33
C SER D 804 -23.37 -29.97 -3.38
N ALA D 805 -23.71 -29.25 -4.45
CA ALA D 805 -22.74 -28.96 -5.50
C ALA D 805 -22.10 -27.58 -5.32
N ASN D 806 -22.84 -26.65 -4.73
CA ASN D 806 -22.32 -25.31 -4.48
C ASN D 806 -21.46 -25.36 -3.23
N GLN D 807 -20.22 -25.81 -3.38
CA GLN D 807 -19.29 -25.96 -2.27
C GLN D 807 -17.98 -25.26 -2.56
N ASN D 808 -17.62 -25.17 -3.84
CA ASN D 808 -16.38 -24.55 -4.26
C ASN D 808 -16.57 -23.15 -4.83
N ASN D 809 -17.73 -22.88 -5.42
CA ASN D 809 -17.97 -21.58 -6.06
C ASN D 809 -17.91 -20.45 -5.05
N ILE D 810 -18.53 -20.64 -3.88
CA ILE D 810 -18.53 -19.64 -2.82
C ILE D 810 -17.35 -19.90 -1.90
N ASP D 811 -16.84 -18.84 -1.29
CA ASP D 811 -15.73 -18.92 -0.34
C ASP D 811 -16.12 -18.17 0.93
N ASP D 812 -16.84 -18.85 1.83
CA ASP D 812 -17.23 -18.27 3.10
C ASP D 812 -16.93 -19.17 4.30
N THR D 813 -16.80 -20.48 4.10
CA THR D 813 -16.51 -21.44 5.17
C THR D 813 -17.56 -21.41 6.27
N SER D 814 -18.69 -20.77 5.98
CA SER D 814 -19.80 -20.70 6.92
C SER D 814 -21.10 -21.16 6.26
N LEU D 815 -21.27 -20.81 4.99
CA LEU D 815 -22.46 -21.16 4.23
C LEU D 815 -22.25 -22.35 3.30
N GLN D 816 -21.09 -23.00 3.38
CA GLN D 816 -20.82 -24.14 2.52
C GLN D 816 -21.77 -25.29 2.80
N ASP D 817 -22.03 -25.57 4.08
CA ASP D 817 -22.89 -26.68 4.48
C ASP D 817 -24.21 -26.20 5.05
N LYS D 818 -24.56 -24.93 4.86
CA LYS D 818 -25.79 -24.39 5.41
C LYS D 818 -27.01 -25.12 4.87
N GLU D 819 -27.07 -25.36 3.56
CA GLU D 819 -28.21 -26.02 2.97
C GLU D 819 -28.35 -27.45 3.47
N CYS D 820 -27.24 -28.18 3.54
CA CYS D 820 -27.27 -29.55 4.02
C CYS D 820 -27.73 -29.62 5.48
N ILE D 821 -27.20 -28.71 6.31
CA ILE D 821 -27.60 -28.70 7.72
C ILE D 821 -29.08 -28.38 7.86
N LEU D 822 -29.56 -27.38 7.10
CA LEU D 822 -30.96 -27.01 7.17
C LEU D 822 -31.86 -28.15 6.72
N ALA D 823 -31.46 -28.85 5.65
CA ALA D 823 -32.25 -29.99 5.18
C ALA D 823 -32.29 -31.10 6.21
N SER D 824 -31.14 -31.39 6.84
CA SER D 824 -31.09 -32.43 7.86
C SER D 824 -31.99 -32.07 9.03
N LEU D 825 -31.94 -30.82 9.48
CA LEU D 825 -32.80 -30.39 10.58
C LEU D 825 -34.27 -30.43 10.21
N ASN D 826 -34.61 -30.03 8.98
CA ASN D 826 -36.00 -30.10 8.54
C ASN D 826 -36.49 -31.53 8.51
N ILE D 827 -35.69 -32.48 8.04
CA ILE D 827 -36.09 -33.90 8.04
C ILE D 827 -36.19 -34.43 9.46
N LYS D 828 -35.29 -34.03 10.38
CA LYS D 828 -35.37 -34.47 11.76
C LYS D 828 -36.47 -33.78 12.55
N SER D 829 -37.08 -32.73 12.00
CA SER D 829 -38.15 -32.01 12.70
C SER D 829 -39.50 -32.27 12.05
N MET D 830 -39.73 -33.50 11.61
CA MET D 830 -40.95 -33.87 10.91
C MET D 830 -41.79 -34.80 11.78
N GLN D 831 -43.10 -34.58 11.78
CA GLN D 831 -44.04 -35.40 12.53
C GLN D 831 -44.78 -36.33 11.57
N PHE D 832 -44.74 -37.63 11.82
CA PHE D 832 -45.43 -38.64 11.02
C PHE D 832 -46.43 -39.38 11.88
N ASP D 833 -47.57 -39.69 11.30
CA ASP D 833 -48.62 -40.42 11.99
C ASP D 833 -48.27 -41.91 12.11
N THR D 871 -44.63 -41.54 14.55
CA THR D 871 -43.21 -41.38 14.84
C THR D 871 -42.66 -40.01 14.39
N THR D 872 -41.61 -39.52 15.05
CA THR D 872 -40.92 -38.30 14.68
C THR D 872 -39.92 -38.57 13.56
N GLY D 873 -39.31 -37.50 13.07
CA GLY D 873 -38.36 -37.61 11.97
C GLY D 873 -36.93 -37.82 12.43
N VAL D 874 -36.73 -37.99 13.75
CA VAL D 874 -35.38 -38.21 14.27
C VAL D 874 -34.89 -39.63 14.04
N ASN D 875 -35.79 -40.59 13.88
CA ASN D 875 -35.40 -41.98 13.67
C ASN D 875 -35.10 -42.31 12.21
N ILE D 876 -35.32 -41.40 11.26
CA ILE D 876 -35.08 -41.65 9.83
C ILE D 876 -33.59 -41.92 9.57
N PRO D 877 -33.22 -42.90 8.70
CA PRO D 877 -31.83 -43.15 8.33
C PRO D 877 -31.35 -42.05 7.37
N ILE D 878 -30.34 -41.30 7.79
CA ILE D 878 -29.87 -40.09 7.10
C ILE D 878 -28.35 -40.09 7.02
N ILE D 879 -27.80 -39.72 5.86
CA ILE D 879 -26.39 -39.40 5.70
C ILE D 879 -26.24 -38.09 4.92
N THR D 880 -25.32 -37.25 5.36
CA THR D 880 -25.04 -35.97 4.71
C THR D 880 -23.54 -35.76 4.54
N GLU D 881 -23.18 -35.12 3.42
CA GLU D 881 -21.79 -34.83 3.12
C GLU D 881 -21.49 -33.36 3.45
N LEU D 882 -20.47 -33.14 4.27
CA LEU D 882 -20.08 -31.80 4.68
C LEU D 882 -18.74 -31.43 4.07
N VAL D 883 -18.59 -30.15 3.75
CA VAL D 883 -17.32 -29.65 3.25
C VAL D 883 -16.39 -29.26 4.38
N ASN D 884 -16.92 -28.67 5.46
CA ASN D 884 -16.14 -28.28 6.62
C ASN D 884 -16.42 -29.24 7.76
N ASP D 885 -15.34 -29.79 8.34
CA ASP D 885 -15.47 -30.71 9.45
C ASP D 885 -15.99 -30.04 10.71
N THR D 886 -15.78 -28.74 10.88
CA THR D 886 -16.26 -28.03 12.05
C THR D 886 -17.76 -27.79 12.02
N ASN D 887 -18.40 -27.95 10.87
CA ASN D 887 -19.85 -27.78 10.75
C ASN D 887 -20.62 -29.01 11.23
N VAL D 888 -19.91 -30.09 11.59
CA VAL D 888 -20.57 -31.31 12.03
C VAL D 888 -21.22 -31.16 13.39
N GLN D 889 -20.88 -30.11 14.15
CA GLN D 889 -21.45 -29.92 15.47
C GLN D 889 -22.91 -29.52 15.44
N PHE D 890 -23.40 -28.98 14.32
CA PHE D 890 -24.78 -28.57 14.19
C PHE D 890 -25.71 -29.69 13.76
N LEU D 891 -25.17 -30.87 13.44
CA LEU D 891 -26.01 -31.95 12.95
C LEU D 891 -26.84 -32.57 14.06
N ASP D 892 -26.29 -32.64 15.28
CA ASP D 892 -26.98 -33.23 16.41
C ASP D 892 -27.03 -32.24 17.56
N GLN D 893 -28.06 -32.39 18.40
CA GLN D 893 -28.27 -31.49 19.53
C GLN D 893 -28.00 -32.15 20.88
N ASP D 894 -28.21 -33.45 21.01
CA ASP D 894 -27.95 -34.13 22.28
C ASP D 894 -26.47 -34.30 22.55
N ASP D 895 -25.66 -34.39 21.50
CA ASP D 895 -24.22 -34.58 21.67
C ASP D 895 -23.56 -33.29 22.16
N ASP D 896 -22.40 -33.46 22.80
CA ASP D 896 -21.60 -32.33 23.24
C ASP D 896 -20.65 -31.90 22.13
N ASP D 897 -20.57 -30.59 21.91
CA ASP D 897 -19.83 -30.04 20.79
C ASP D 897 -18.56 -29.38 21.26
N ASP D 898 -17.48 -29.59 20.52
CA ASP D 898 -16.18 -28.99 20.81
C ASP D 898 -15.39 -28.87 19.53
N PRO D 899 -14.97 -27.65 19.16
CA PRO D 899 -14.17 -27.51 17.92
C PRO D 899 -12.87 -28.28 17.93
N ASP D 900 -12.27 -28.47 19.11
CA ASP D 900 -11.01 -29.21 19.18
C ASP D 900 -11.20 -30.69 18.89
N THR D 901 -12.38 -31.22 19.21
CA THR D 901 -12.66 -32.63 18.98
C THR D 901 -12.56 -32.96 17.50
N GLU D 902 -11.82 -34.02 17.16
CA GLU D 902 -11.64 -34.46 15.77
C GLU D 902 -12.93 -35.02 15.20
N LEU D 903 -13.07 -34.97 13.88
CA LEU D 903 -14.27 -35.42 13.19
C LEU D 903 -14.55 -36.89 13.43
N TYR D 904 -13.50 -37.71 13.43
CA TYR D 904 -13.67 -39.15 13.69
C TYR D 904 -14.22 -39.40 15.09
N LEU D 905 -13.93 -38.49 16.02
CA LEU D 905 -14.37 -38.60 17.40
C LEU D 905 -15.76 -38.01 17.63
N THR D 906 -16.21 -37.15 16.72
CA THR D 906 -17.53 -36.57 16.85
C THR D 906 -18.62 -37.63 16.78
N GLN D 907 -19.70 -37.39 17.53
CA GLN D 907 -20.80 -38.37 17.59
C GLN D 907 -21.50 -38.58 16.25
N PRO D 908 -21.87 -37.54 15.49
CA PRO D 908 -22.56 -37.82 14.21
C PRO D 908 -21.73 -38.65 13.25
N PHE D 909 -20.41 -38.50 13.21
CA PHE D 909 -19.55 -39.35 12.39
C PHE D 909 -19.42 -40.76 12.96
N ALA D 910 -19.23 -40.92 14.27
CA ALA D 910 -19.17 -42.23 14.91
C ALA D 910 -20.43 -43.07 14.68
N CYS D 911 -21.58 -42.41 14.50
CA CYS D 911 -22.85 -43.05 14.19
C CYS D 911 -23.07 -43.31 12.69
N GLY D 912 -22.19 -42.84 11.79
CA GLY D 912 -22.40 -42.96 10.35
C GLY D 912 -23.41 -41.99 9.74
N THR D 913 -23.72 -40.90 10.45
CA THR D 913 -24.65 -39.86 9.98
C THR D 913 -23.96 -38.79 9.14
N ALA D 914 -22.64 -38.59 9.26
CA ALA D 914 -21.96 -37.56 8.50
C ALA D 914 -20.73 -38.15 7.84
N PHE D 915 -20.34 -37.56 6.72
CA PHE D 915 -19.15 -37.99 6.00
C PHE D 915 -18.52 -36.77 5.36
N ALA D 916 -17.19 -36.67 5.46
CA ALA D 916 -16.43 -35.60 4.84
C ALA D 916 -15.26 -36.17 4.07
N VAL D 917 -14.87 -35.48 3.00
CA VAL D 917 -13.79 -35.94 2.14
C VAL D 917 -12.43 -35.88 2.83
N SER D 918 -12.34 -35.21 3.98
CA SER D 918 -11.07 -35.09 4.68
C SER D 918 -10.64 -36.38 5.37
N VAL D 919 -11.52 -37.35 5.58
CA VAL D 919 -11.17 -38.64 6.20
C VAL D 919 -10.45 -39.59 5.24
N LEU D 920 -10.44 -39.29 3.95
CA LEU D 920 -9.77 -40.09 2.92
C LEU D 920 -8.28 -39.75 2.76
N ASP D 921 -7.72 -38.82 3.54
CA ASP D 921 -6.34 -38.38 3.35
C ASP D 921 -5.32 -39.45 3.71
N SER D 922 -5.66 -40.38 4.58
CA SER D 922 -4.82 -41.52 4.92
C SER D 922 -4.71 -42.54 3.79
N LEU D 923 -5.55 -42.48 2.75
CA LEU D 923 -5.44 -43.40 1.62
C LEU D 923 -4.14 -43.21 0.84
N MET D 924 -3.55 -42.01 0.79
CA MET D 924 -2.21 -41.82 0.21
C MET D 924 -1.18 -42.72 0.87
N SER D 925 -1.08 -42.67 2.20
CA SER D 925 -0.13 -43.48 2.94
C SER D 925 -0.48 -44.96 2.86
N ALA D 926 -1.74 -45.34 3.03
CA ALA D 926 -2.15 -46.74 2.95
C ALA D 926 -1.83 -47.35 1.57
N THR D 927 -2.20 -46.64 0.51
CA THR D 927 -1.96 -47.09 -0.85
C THR D 927 -0.49 -47.35 -1.11
N TYR D 928 0.36 -46.41 -0.70
CA TYR D 928 1.80 -46.55 -0.93
C TYR D 928 2.38 -47.80 -0.27
N PHE D 929 2.15 -47.94 1.03
CA PHE D 929 2.68 -49.08 1.77
C PHE D 929 2.15 -50.43 1.29
N ASN D 930 0.87 -50.47 0.93
CA ASN D 930 0.25 -51.72 0.47
C ASN D 930 -0.53 -51.47 -0.83
N ASP D 931 0.07 -51.80 -1.98
CA ASP D 931 -0.48 -51.52 -3.30
C ASP D 931 -1.80 -52.25 -3.60
N ASN D 932 -2.07 -53.40 -2.97
CA ASN D 932 -3.35 -54.08 -3.13
C ASN D 932 -4.51 -53.43 -2.36
N ILE D 933 -4.26 -52.58 -1.36
CA ILE D 933 -5.35 -52.01 -0.55
C ILE D 933 -6.28 -51.13 -1.38
N LEU D 934 -5.75 -50.34 -2.31
CA LEU D 934 -6.61 -49.48 -3.13
C LEU D 934 -7.54 -50.31 -4.02
N THR D 935 -7.10 -51.45 -4.56
CA THR D 935 -8.00 -52.30 -5.33
C THR D 935 -8.97 -53.10 -4.47
N LEU D 936 -8.58 -53.55 -3.26
CA LEU D 936 -9.51 -54.22 -2.35
C LEU D 936 -10.65 -53.28 -1.95
N ILE D 937 -10.31 -52.03 -1.61
CA ILE D 937 -11.31 -51.01 -1.34
C ILE D 937 -12.16 -50.71 -2.56
N ARG D 938 -11.54 -50.47 -3.71
CA ARG D 938 -12.29 -50.20 -4.92
C ARG D 938 -13.31 -51.29 -5.30
N THR D 939 -12.89 -52.55 -5.23
CA THR D 939 -13.80 -53.66 -5.57
C THR D 939 -14.96 -53.75 -4.57
N LEU D 940 -14.67 -53.63 -3.27
CA LEU D 940 -15.68 -53.66 -2.20
C LEU D 940 -16.67 -52.48 -2.29
N VAL D 941 -16.21 -51.31 -2.75
CA VAL D 941 -16.95 -50.04 -2.67
C VAL D 941 -17.81 -49.74 -3.90
N THR D 942 -17.34 -50.10 -5.09
CA THR D 942 -18.11 -49.87 -6.31
C THR D 942 -18.80 -51.16 -6.80
N GLY D 943 -18.72 -52.22 -6.00
CA GLY D 943 -19.33 -53.51 -6.32
C GLY D 943 -18.67 -54.15 -7.54
N GLY D 944 -17.33 -54.19 -7.57
CA GLY D 944 -16.52 -54.72 -8.67
C GLY D 944 -16.26 -53.71 -9.79
N ALA D 945 -14.99 -53.50 -10.13
CA ALA D 945 -14.56 -52.77 -11.30
C ALA D 945 -13.28 -53.41 -11.85
N THR D 946 -13.43 -54.59 -12.45
CA THR D 946 -12.31 -55.36 -12.98
C THR D 946 -11.72 -54.69 -14.23
N PRO D 947 -10.47 -55.01 -14.63
CA PRO D 947 -9.79 -54.37 -15.77
C PRO D 947 -10.59 -54.33 -17.08
N GLU D 948 -11.45 -55.32 -17.32
CA GLU D 948 -12.34 -55.33 -18.48
C GLU D 948 -13.29 -54.13 -18.48
N LEU D 949 -13.95 -53.86 -17.35
CA LEU D 949 -14.88 -52.75 -17.23
C LEU D 949 -14.15 -51.41 -17.30
N GLU D 950 -12.95 -51.34 -16.72
CA GLU D 950 -12.10 -50.15 -16.77
C GLU D 950 -11.61 -49.84 -18.19
N ALA D 951 -11.38 -50.85 -19.03
CA ALA D 951 -11.14 -50.65 -20.46
C ALA D 951 -12.41 -50.18 -21.18
N LEU D 952 -13.56 -50.84 -20.99
CA LEU D 952 -14.81 -50.47 -21.65
C LEU D 952 -15.22 -49.02 -21.35
N ILE D 953 -15.18 -48.61 -20.08
CA ILE D 953 -15.54 -47.22 -19.72
C ILE D 953 -14.49 -46.21 -20.21
N ALA D 954 -13.23 -46.60 -20.41
CA ALA D 954 -12.22 -45.74 -21.01
C ALA D 954 -12.37 -45.57 -22.54
N GLU D 955 -12.82 -46.60 -23.26
CA GLU D 955 -13.04 -46.52 -24.72
C GLU D 955 -14.39 -45.88 -25.09
N GLU D 956 -15.49 -46.24 -24.41
CA GLU D 956 -16.86 -45.84 -24.82
C GLU D 956 -17.60 -44.92 -23.82
N ASN D 957 -17.17 -44.87 -22.55
CA ASN D 957 -17.64 -43.92 -21.53
C ASN D 957 -19.14 -44.07 -21.30
N ALA D 958 -19.65 -45.30 -21.37
CA ALA D 958 -20.98 -45.74 -20.94
C ALA D 958 -20.98 -47.25 -20.63
N LEU D 959 -21.85 -47.74 -19.75
CA LEU D 959 -22.08 -49.18 -19.59
C LEU D 959 -22.92 -49.69 -20.77
N ARG D 960 -22.41 -50.76 -21.39
CA ARG D 960 -23.09 -51.41 -22.51
C ARG D 960 -23.66 -52.75 -22.03
N GLY D 961 -24.90 -53.03 -22.41
CA GLY D 961 -25.58 -54.26 -22.00
C GLY D 961 -25.07 -55.49 -22.76
N GLY D 962 -24.94 -56.61 -22.05
CA GLY D 962 -24.48 -57.90 -22.58
C GLY D 962 -25.57 -58.97 -22.49
N TYR D 963 -25.59 -59.88 -23.47
CA TYR D 963 -26.43 -61.09 -23.39
C TYR D 963 -25.91 -62.04 -22.30
N SER D 964 -26.80 -62.82 -21.71
CA SER D 964 -26.44 -63.76 -20.63
C SER D 964 -25.46 -64.83 -21.11
N THR D 965 -24.41 -65.11 -20.34
CA THR D 965 -23.45 -66.17 -20.62
C THR D 965 -23.13 -66.92 -19.33
N PRO D 966 -22.59 -68.15 -19.40
CA PRO D 966 -22.14 -68.90 -18.23
C PRO D 966 -21.08 -68.17 -17.39
N GLN D 967 -20.14 -67.46 -18.04
CA GLN D 967 -19.16 -66.62 -17.34
C GLN D 967 -19.81 -65.42 -16.64
N THR D 968 -20.84 -64.81 -17.24
CA THR D 968 -21.65 -63.76 -16.60
C THR D 968 -22.34 -64.27 -15.34
N LEU D 969 -22.97 -65.45 -15.39
CA LEU D 969 -23.60 -66.05 -14.21
C LEU D 969 -22.59 -66.52 -13.15
N ALA D 970 -21.34 -66.85 -13.52
CA ALA D 970 -20.27 -67.11 -12.55
C ALA D 970 -19.79 -65.83 -11.86
N ASN D 971 -19.73 -64.70 -12.56
CA ASN D 971 -19.29 -63.39 -12.03
C ASN D 971 -20.23 -62.80 -10.95
N ARG D 972 -21.39 -63.41 -10.68
CA ARG D 972 -22.29 -63.00 -9.59
C ARG D 972 -21.94 -63.58 -8.21
N ASP D 973 -21.04 -64.55 -8.12
CA ASP D 973 -20.82 -65.33 -6.87
C ASP D 973 -20.19 -64.53 -5.70
N ARG D 974 -19.57 -63.37 -5.95
CA ARG D 974 -18.87 -62.56 -4.93
C ARG D 974 -19.75 -62.07 -3.77
N CYS D 975 -19.22 -62.12 -2.55
CA CYS D 975 -19.89 -61.65 -1.34
C CYS D 975 -20.46 -60.23 -1.45
N ARG D 976 -21.50 -59.98 -0.65
CA ARG D 976 -22.14 -58.68 -0.54
C ARG D 976 -22.22 -58.30 0.96
N VAL D 977 -21.90 -57.06 1.30
CA VAL D 977 -21.94 -56.59 2.70
C VAL D 977 -23.38 -56.51 3.19
N ALA D 978 -23.60 -56.83 4.47
CA ALA D 978 -24.94 -56.92 5.04
C ALA D 978 -24.99 -56.47 6.50
N GLN D 979 -26.18 -56.09 6.94
CA GLN D 979 -26.56 -56.16 8.35
C GLN D 979 -27.69 -57.17 8.52
N LEU D 980 -27.66 -57.86 9.65
CA LEU D 980 -28.71 -58.75 10.13
C LEU D 980 -29.04 -58.51 11.61
N ALA D 981 -30.29 -58.80 12.00
CA ALA D 981 -30.78 -58.57 13.36
C ALA D 981 -30.37 -59.69 14.34
N LEU D 982 -30.27 -59.33 15.63
CA LEU D 982 -29.96 -60.23 16.73
C LEU D 982 -31.20 -60.63 17.58
N LEU D 983 -32.37 -60.06 17.29
CA LEU D 983 -33.64 -60.35 17.98
C LEU D 983 -34.43 -61.53 17.40
N ASP D 984 -34.12 -62.02 16.20
CA ASP D 984 -34.78 -63.15 15.54
C ASP D 984 -33.85 -63.91 14.57
N GLY D 985 -34.29 -65.08 14.10
CA GLY D 985 -33.47 -65.97 13.27
C GLY D 985 -32.48 -66.82 14.08
N PRO D 986 -31.59 -67.57 13.40
CA PRO D 986 -30.81 -68.62 14.04
C PRO D 986 -29.76 -68.10 15.02
N PHE D 987 -29.38 -66.82 14.92
CA PHE D 987 -28.37 -66.17 15.76
C PHE D 987 -28.93 -65.66 17.09
N ALA D 988 -30.26 -65.60 17.24
CA ALA D 988 -30.92 -64.91 18.35
C ALA D 988 -30.77 -65.58 19.72
N ASP D 989 -30.25 -66.81 19.81
CA ASP D 989 -29.92 -67.44 21.10
C ASP D 989 -28.73 -66.75 21.80
N LEU D 990 -27.91 -65.98 21.07
CA LEU D 990 -27.00 -64.96 21.61
C LEU D 990 -27.80 -63.72 22.07
N GLY D 991 -28.61 -63.93 23.11
CA GLY D 991 -29.31 -62.86 23.82
C GLY D 991 -28.39 -62.05 24.74
N ASP D 992 -28.96 -61.51 25.81
CA ASP D 992 -28.24 -60.81 26.87
C ASP D 992 -27.11 -61.67 27.46
N GLY D 993 -25.91 -61.10 27.58
CA GLY D 993 -24.75 -61.73 28.21
C GLY D 993 -23.97 -62.71 27.32
N GLY D 994 -24.35 -62.88 26.05
CA GLY D 994 -23.58 -63.66 25.09
C GLY D 994 -22.19 -63.07 24.80
N CYS D 995 -21.25 -63.88 24.34
CA CYS D 995 -19.89 -63.44 24.00
C CYS D 995 -19.73 -63.28 22.48
N TYR D 996 -19.08 -62.20 22.04
CA TYR D 996 -18.85 -61.95 20.62
C TYR D 996 -18.06 -63.08 19.95
N GLY D 997 -17.12 -63.69 20.66
CA GLY D 997 -16.41 -64.88 20.21
C GLY D 997 -17.32 -66.06 19.91
N ASP D 998 -18.34 -66.32 20.74
CA ASP D 998 -19.34 -67.36 20.46
C ASP D 998 -20.08 -67.06 19.17
N LEU D 999 -20.53 -65.82 18.99
CA LEU D 999 -21.27 -65.39 17.80
C LEU D 999 -20.40 -65.49 16.54
N PHE D 1000 -19.18 -64.95 16.60
CA PHE D 1000 -18.22 -65.01 15.51
C PHE D 1000 -17.97 -66.47 15.11
N CYS D 1001 -17.72 -67.34 16.09
CA CYS D 1001 -17.49 -68.75 15.81
C CYS D 1001 -18.72 -69.41 15.17
N LYS D 1002 -19.92 -69.31 15.77
CA LYS D 1002 -21.09 -70.01 15.19
C LYS D 1002 -21.48 -69.48 13.82
N ALA D 1003 -21.40 -68.16 13.59
CA ALA D 1003 -21.66 -67.56 12.29
C ALA D 1003 -20.71 -68.11 11.22
N LEU D 1004 -19.42 -68.16 11.54
CA LEU D 1004 -18.38 -68.61 10.63
C LEU D 1004 -18.46 -70.10 10.34
N LYS D 1005 -18.61 -70.92 11.39
CA LYS D 1005 -18.71 -72.38 11.29
C LYS D 1005 -19.90 -72.84 10.45
N THR D 1006 -21.07 -72.21 10.62
CA THR D 1006 -22.34 -72.76 10.12
C THR D 1006 -22.94 -72.02 8.93
N TYR D 1007 -22.69 -70.71 8.79
CA TYR D 1007 -23.23 -69.90 7.69
C TYR D 1007 -22.14 -69.31 6.77
N ASN D 1008 -20.87 -69.68 6.94
CA ASN D 1008 -19.75 -69.20 6.13
C ASN D 1008 -19.69 -67.66 6.13
N MET D 1009 -20.02 -67.06 7.28
CA MET D 1009 -20.29 -65.64 7.47
C MET D 1009 -19.48 -65.11 8.67
N LEU D 1010 -18.83 -63.97 8.54
CA LEU D 1010 -18.04 -63.41 9.64
C LEU D 1010 -18.16 -61.91 9.70
N CYS D 1011 -18.07 -61.43 10.93
CA CYS D 1011 -18.42 -60.10 11.34
C CYS D 1011 -17.18 -59.32 11.77
N PHE D 1012 -17.04 -58.12 11.20
CA PHE D 1012 -15.98 -57.18 11.52
C PHE D 1012 -16.44 -56.09 12.48
N GLY D 1013 -17.70 -56.06 12.89
CA GLY D 1013 -18.16 -55.07 13.87
C GLY D 1013 -19.63 -55.15 14.29
N ILE D 1014 -19.92 -54.46 15.39
CA ILE D 1014 -21.22 -54.34 16.04
C ILE D 1014 -21.72 -52.89 15.86
N TYR D 1015 -22.96 -52.71 15.42
CA TYR D 1015 -23.59 -51.39 15.33
C TYR D 1015 -24.46 -51.11 16.59
N ARG D 1016 -23.76 -50.92 17.71
CA ARG D 1016 -24.40 -50.79 19.03
C ARG D 1016 -25.09 -49.47 19.40
N LEU D 1017 -26.27 -49.58 19.99
CA LEU D 1017 -27.01 -48.39 20.45
C LEU D 1017 -26.20 -47.56 21.45
N ARG D 1018 -26.15 -46.25 21.25
CA ARG D 1018 -25.37 -45.36 22.10
C ARG D 1018 -25.64 -45.49 23.60
N ASP D 1019 -26.90 -45.52 23.98
CA ASP D 1019 -27.34 -45.62 25.38
C ASP D 1019 -27.48 -47.05 25.88
N ALA D 1020 -27.20 -48.08 25.08
CA ALA D 1020 -27.35 -49.48 25.51
C ALA D 1020 -26.41 -49.89 26.65
N HIS D 1021 -25.31 -49.17 26.86
CA HIS D 1021 -24.40 -49.38 27.98
C HIS D 1021 -24.89 -48.75 29.30
N LEU D 1022 -25.91 -47.89 29.25
CA LEU D 1022 -26.51 -47.27 30.43
C LEU D 1022 -27.50 -48.23 31.12
N SER D 1023 -27.74 -48.00 32.41
CA SER D 1023 -28.74 -48.73 33.19
C SER D 1023 -30.18 -48.34 32.83
N THR D 1024 -30.44 -47.06 32.69
CA THR D 1024 -31.78 -46.50 32.46
C THR D 1024 -32.22 -46.64 31.01
N PRO D 1025 -33.47 -47.05 30.74
CA PRO D 1025 -34.02 -47.00 29.40
C PRO D 1025 -34.02 -45.58 28.82
N SER D 1026 -33.82 -45.47 27.51
CA SER D 1026 -33.83 -44.20 26.78
C SER D 1026 -34.52 -44.35 25.43
N GLN D 1027 -35.13 -43.29 24.94
CA GLN D 1027 -35.84 -43.29 23.66
C GLN D 1027 -34.92 -43.05 22.46
N CYS D 1028 -33.66 -42.70 22.69
CA CYS D 1028 -32.66 -42.49 21.66
C CYS D 1028 -32.40 -43.77 20.86
N THR D 1029 -32.49 -43.69 19.54
CA THR D 1029 -32.28 -44.82 18.60
C THR D 1029 -30.93 -44.76 17.89
N LYS D 1030 -30.02 -43.88 18.33
CA LYS D 1030 -28.76 -43.67 17.64
C LYS D 1030 -27.77 -44.76 18.04
N ARG D 1031 -27.11 -45.32 17.04
CA ARG D 1031 -26.10 -46.35 17.25
C ARG D 1031 -24.74 -45.85 16.79
N TYR D 1032 -23.73 -46.68 16.98
CA TYR D 1032 -22.35 -46.37 16.61
C TYR D 1032 -21.54 -47.63 16.32
N VAL D 1033 -20.49 -47.49 15.49
CA VAL D 1033 -19.72 -48.61 14.96
C VAL D 1033 -18.67 -49.05 15.97
N ILE D 1034 -18.75 -50.27 16.47
CA ILE D 1034 -17.67 -50.93 17.19
C ILE D 1034 -16.99 -51.89 16.22
N THR D 1035 -15.69 -51.74 16.02
CA THR D 1035 -14.88 -52.49 15.05
C THR D 1035 -14.11 -53.60 15.73
N ASN D 1036 -14.16 -54.80 15.18
CA ASN D 1036 -13.32 -55.95 15.52
C ASN D 1036 -13.17 -56.17 17.05
N PRO D 1037 -14.25 -56.29 17.83
CA PRO D 1037 -14.15 -56.38 19.27
C PRO D 1037 -13.56 -57.73 19.74
N PRO D 1038 -13.05 -57.80 20.98
CA PRO D 1038 -12.52 -59.03 21.56
C PRO D 1038 -13.49 -60.21 21.52
N TYR D 1039 -12.97 -61.44 21.55
CA TYR D 1039 -13.79 -62.66 21.73
C TYR D 1039 -14.62 -62.58 23.03
N GLU D 1040 -14.05 -62.01 24.09
CA GLU D 1040 -14.69 -61.83 25.41
C GLU D 1040 -15.74 -60.70 25.45
N PHE D 1041 -15.92 -59.92 24.38
CA PHE D 1041 -16.81 -58.77 24.36
C PHE D 1041 -18.29 -59.17 24.53
N GLU D 1042 -19.04 -58.38 25.28
CA GLU D 1042 -20.37 -58.75 25.78
C GLU D 1042 -21.50 -58.19 24.93
N LEU D 1043 -22.43 -59.07 24.54
CA LEU D 1043 -23.61 -58.73 23.74
C LEU D 1043 -24.81 -58.33 24.61
N VAL D 1044 -25.65 -57.48 24.03
CA VAL D 1044 -27.00 -57.13 24.50
C VAL D 1044 -27.98 -57.42 23.36
N PRO D 1045 -29.24 -57.79 23.64
CA PRO D 1045 -30.11 -58.36 22.62
C PRO D 1045 -30.51 -57.35 21.52
N THR D 1046 -30.62 -56.06 21.84
CA THR D 1046 -30.83 -55.02 20.83
C THR D 1046 -29.46 -54.66 20.28
N ASP D 1047 -29.06 -55.30 19.18
CA ASP D 1047 -27.80 -55.08 18.45
C ASP D 1047 -27.99 -55.38 16.96
N LEU D 1048 -27.11 -54.84 16.13
CA LEU D 1048 -26.95 -55.17 14.71
C LEU D 1048 -25.49 -55.50 14.43
N ILE D 1049 -25.23 -56.41 13.49
CA ILE D 1049 -23.88 -56.92 13.21
C ILE D 1049 -23.51 -56.65 11.75
N PHE D 1050 -22.36 -56.00 11.51
CA PHE D 1050 -21.80 -55.87 10.17
C PHE D 1050 -21.09 -57.17 9.77
N CYS D 1051 -21.40 -57.70 8.59
CA CYS D 1051 -20.77 -58.92 8.09
C CYS D 1051 -20.77 -59.00 6.56
N LEU D 1052 -19.93 -59.89 6.02
CA LEU D 1052 -19.95 -60.26 4.62
C LEU D 1052 -20.66 -61.62 4.47
N MET D 1053 -21.61 -61.68 3.55
CA MET D 1053 -22.50 -62.83 3.35
C MET D 1053 -22.41 -63.39 1.94
N GLN D 1054 -22.66 -64.69 1.84
CA GLN D 1054 -22.58 -65.47 0.61
C GLN D 1054 -23.69 -65.10 -0.40
N PHE D 1055 -23.51 -65.53 -1.64
CA PHE D 1055 -24.48 -65.38 -2.73
C PHE D 1055 -25.19 -66.71 -3.04
N ASP D 1056 -26.46 -66.63 -3.42
CA ASP D 1056 -27.24 -67.81 -3.74
C ASP D 1056 -27.65 -67.81 -5.21
N PHE E 1 16.96 12.51 10.35
CA PHE E 1 15.97 11.93 9.47
C PHE E 1 15.01 11.02 10.24
N ILE E 2 15.10 11.06 11.57
CA ILE E 2 14.26 10.23 12.44
C ILE E 2 14.28 8.76 12.02
N TRP E 3 13.47 8.39 11.03
CA TRP E 3 13.35 7.00 10.65
C TRP E 3 13.83 6.79 9.25
N THR E 4 14.75 5.86 9.14
CA THR E 4 15.33 5.54 7.84
C THR E 4 14.18 5.06 6.97
N SER E 5 13.84 5.86 5.96
CA SER E 5 12.74 5.54 5.05
C SER E 5 11.47 5.20 5.81
N GLY E 6 11.10 6.07 6.75
CA GLY E 6 9.92 5.88 7.57
C GLY E 6 9.83 4.49 8.17
N ARG E 7 10.91 4.06 8.81
CA ARG E 7 11.01 2.74 9.44
C ARG E 7 10.59 1.69 8.41
N THR E 8 11.35 1.67 7.32
CA THR E 8 11.16 0.79 6.16
C THR E 8 9.86 1.10 5.43
N SER E 9 9.17 2.15 5.88
CA SER E 9 7.90 2.60 5.29
C SER E 9 6.95 1.43 5.13
N SER E 10 6.92 0.58 6.15
CA SER E 10 6.09 -0.62 6.13
C SER E 10 5.96 -0.81 7.64
N SER E 11 6.29 0.25 8.37
CA SER E 11 6.25 0.24 9.83
C SER E 11 6.15 1.62 10.49
N TYR E 12 5.05 2.33 10.21
CA TYR E 12 4.82 3.66 10.81
C TYR E 12 3.34 4.04 10.77
N ARG E 33 -30.68 27.52 11.83
CA ARG E 33 -29.83 28.13 12.85
C ARG E 33 -28.68 28.91 12.21
N LYS E 34 -28.03 28.30 11.22
CA LYS E 34 -26.95 28.96 10.49
C LYS E 34 -27.50 30.12 9.65
N THR E 35 -27.84 31.21 10.34
CA THR E 35 -28.39 32.41 9.78
C THR E 35 -27.22 33.36 9.74
N VAL E 36 -26.22 33.11 10.59
CA VAL E 36 -25.04 33.96 10.50
C VAL E 36 -24.33 33.72 9.17
N THR E 37 -23.75 34.79 8.61
CA THR E 37 -23.05 34.68 7.34
C THR E 37 -21.58 34.28 7.50
N ALA E 38 -20.72 34.92 6.73
CA ALA E 38 -19.29 34.64 6.77
C ALA E 38 -18.60 35.03 8.09
N LEU E 39 -19.15 35.99 8.84
CA LEU E 39 -18.60 36.53 10.07
C LEU E 39 -18.31 35.46 11.13
N LYS E 40 -19.04 34.34 11.07
CA LYS E 40 -18.88 33.15 11.91
C LYS E 40 -17.44 32.64 11.95
N ALA E 41 -16.73 32.60 10.83
CA ALA E 41 -15.36 32.09 10.76
C ALA E 41 -14.35 32.99 11.45
N GLY E 42 -14.45 34.32 11.25
CA GLY E 42 -13.63 35.29 11.94
C GLY E 42 -13.88 35.27 13.45
N GLU E 43 -15.13 35.15 13.88
CA GLU E 43 -15.47 35.07 15.29
C GLU E 43 -14.99 33.76 15.94
N ASP E 44 -15.11 32.61 15.29
CA ASP E 44 -14.52 31.38 15.81
C ASP E 44 -12.99 31.45 15.90
N LYS E 45 -12.32 32.11 14.96
CA LYS E 45 -10.87 32.35 15.06
C LYS E 45 -10.54 33.28 16.21
N SER E 46 -11.36 34.28 16.47
CA SER E 46 -11.24 35.16 17.63
C SER E 46 -11.42 34.41 18.96
N ILE E 47 -12.36 33.47 19.07
CA ILE E 47 -12.47 32.58 20.25
C ILE E 47 -11.19 31.77 20.43
N ARG E 48 -10.68 31.17 19.36
CA ARG E 48 -9.45 30.40 19.41
C ARG E 48 -8.32 31.24 20.01
N LEU E 49 -8.07 32.40 19.42
CA LEU E 49 -7.03 33.32 19.91
C LEU E 49 -7.22 33.63 21.40
N GLY E 50 -8.40 34.06 21.82
CA GLY E 50 -8.66 34.41 23.21
C GLY E 50 -8.41 33.24 24.17
N LEU E 51 -8.81 32.02 23.78
CA LEU E 51 -8.49 30.81 24.54
C LEU E 51 -6.99 30.53 24.58
N PHE E 52 -6.29 30.62 23.45
CA PHE E 52 -4.85 30.43 23.42
C PHE E 52 -4.12 31.45 24.30
N LEU E 53 -4.55 32.70 24.38
CA LEU E 53 -3.97 33.70 25.28
C LEU E 53 -4.25 33.37 26.74
N ILE E 54 -5.44 32.88 27.07
CA ILE E 54 -5.74 32.37 28.41
C ILE E 54 -4.81 31.23 28.77
N ILE E 55 -4.58 30.27 27.87
CA ILE E 55 -3.72 29.14 28.19
C ILE E 55 -2.26 29.59 28.30
N SER E 56 -1.83 30.43 27.36
CA SER E 56 -0.48 30.95 27.35
C SER E 56 -0.21 31.65 28.66
N GLY E 57 -1.10 32.55 29.10
CA GLY E 57 -0.90 33.31 30.32
C GLY E 57 -0.78 32.42 31.55
N VAL E 58 -1.63 31.40 31.62
CA VAL E 58 -1.57 30.49 32.77
C VAL E 58 -0.32 29.63 32.71
N VAL E 59 0.04 29.12 31.53
CA VAL E 59 1.22 28.27 31.40
C VAL E 59 2.48 29.06 31.72
N SER E 60 2.58 30.28 31.17
CA SER E 60 3.75 31.10 31.43
C SER E 60 3.84 31.50 32.89
N LEU E 61 2.70 31.66 33.56
CA LEU E 61 2.71 31.95 34.99
C LEU E 61 3.35 30.80 35.77
N PHE E 62 2.99 29.56 35.42
CA PHE E 62 3.59 28.41 36.09
C PHE E 62 5.06 28.26 35.73
N ILE E 63 5.40 28.50 34.47
CA ILE E 63 6.79 28.37 34.04
C ILE E 63 7.68 29.38 34.76
N PHE E 64 7.22 30.64 34.82
CA PHE E 64 7.99 31.66 35.52
C PHE E 64 8.00 31.42 37.02
N GLY E 65 6.96 30.79 37.53
CA GLY E 65 6.85 30.50 38.95
C GLY E 65 7.85 29.46 39.41
N PHE E 66 8.15 28.50 38.54
CA PHE E 66 9.11 27.45 38.86
C PHE E 66 10.53 27.97 38.72
N CYS E 67 10.72 28.94 37.82
CA CYS E 67 12.04 29.52 37.59
C CYS E 67 12.39 30.52 38.67
N TRP E 68 11.42 31.28 39.17
CA TRP E 68 11.63 32.24 40.24
C TRP E 68 11.62 31.63 41.64
N LEU E 69 11.14 30.39 41.83
CA LEU E 69 10.95 29.79 43.15
C LEU E 69 12.24 29.76 43.98
N SER E 70 13.32 29.16 43.49
CA SER E 70 14.56 29.06 44.26
C SER E 70 15.22 30.42 44.50
N PRO E 71 15.41 31.32 43.49
CA PRO E 71 15.90 32.67 43.73
C PRO E 71 15.07 33.46 44.73
N ALA E 72 13.74 33.43 44.66
CA ALA E 72 12.87 34.16 45.56
C ALA E 72 12.94 33.63 47.00
N LEU E 73 13.02 32.32 47.22
CA LEU E 73 13.21 31.77 48.57
C LEU E 73 14.61 32.04 49.12
N GLN E 74 15.67 31.92 48.31
CA GLN E 74 17.03 32.27 48.74
C GLN E 74 17.16 33.75 49.10
N ASP E 75 16.30 34.59 48.53
CA ASP E 75 16.28 36.02 48.85
C ASP E 75 15.44 36.29 50.10
N LEU E 76 14.26 35.69 50.17
CA LEU E 76 13.35 35.84 51.32
C LEU E 76 13.97 35.36 52.63
N GLN E 77 14.72 34.26 52.57
CA GLN E 77 15.39 33.67 53.74
C GLN E 77 16.54 34.53 54.30
N ALA E 78 17.01 35.54 53.55
CA ALA E 78 18.01 36.49 54.04
C ALA E 78 17.35 37.69 54.72
N THR E 79 17.59 37.85 56.03
CA THR E 79 17.02 38.94 56.82
C THR E 79 17.85 40.22 56.74
N GLU E 80 17.17 41.37 56.87
CA GLU E 80 17.81 42.65 57.12
C GLU E 80 18.38 42.72 58.55
N ALA E 81 19.54 43.35 58.69
CA ALA E 81 20.23 43.53 59.96
C ALA E 81 20.89 44.92 60.04
N ASN E 82 21.30 45.31 61.25
CA ASN E 82 22.21 46.44 61.48
C ASN E 82 23.61 45.88 61.79
N CYS E 83 24.63 46.45 61.16
CA CYS E 83 26.02 46.01 61.20
C CYS E 83 26.96 47.13 61.65
N THR E 84 28.16 46.76 62.08
CA THR E 84 29.29 47.67 62.29
C THR E 84 30.59 46.90 62.07
N VAL E 85 31.56 47.51 61.40
CA VAL E 85 32.84 46.86 61.08
C VAL E 85 33.69 46.63 62.34
N LEU E 86 34.15 45.40 62.54
CA LEU E 86 35.11 45.00 63.58
C LEU E 86 36.54 45.39 63.18
N SER E 87 36.92 45.11 61.93
CA SER E 87 38.26 45.38 61.41
C SER E 87 38.29 45.41 59.87
N VAL E 88 39.34 46.03 59.32
CA VAL E 88 39.69 46.02 57.89
C VAL E 88 41.17 45.69 57.73
N GLN E 89 41.52 44.71 56.91
CA GLN E 89 42.90 44.22 56.79
C GLN E 89 43.17 43.57 55.43
N GLN E 90 44.44 43.40 55.06
CA GLN E 90 44.85 42.60 53.89
C GLN E 90 45.45 41.27 54.31
N ILE E 91 45.13 40.19 53.59
CA ILE E 91 45.68 38.84 53.85
C ILE E 91 47.00 38.56 53.13
N GLY E 92 47.57 39.56 52.45
CA GLY E 92 48.86 39.47 51.74
C GLY E 92 48.83 38.69 50.43
N GLU E 93 47.94 37.72 50.29
CA GLU E 93 47.70 36.98 49.05
C GLU E 93 47.08 37.85 47.94
N VAL E 94 47.23 37.43 46.67
CA VAL E 94 46.68 38.12 45.48
C VAL E 94 45.87 37.17 44.60
N PHE E 95 44.94 37.72 43.80
CA PHE E 95 44.05 36.97 42.92
C PHE E 95 43.93 37.59 41.52
N GLU E 96 43.53 36.79 40.53
CA GLU E 96 43.31 37.24 39.15
C GLU E 96 41.92 37.89 38.98
N CYS E 97 41.85 39.12 38.48
CA CYS E 97 40.68 39.59 37.73
C CYS E 97 40.96 39.50 36.23
N THR E 98 39.91 39.46 35.43
CA THR E 98 40.00 39.47 33.96
C THR E 98 39.67 40.87 33.44
N PHE E 99 40.50 41.43 32.58
CA PHE E 99 40.28 42.72 31.92
C PHE E 99 40.04 42.54 30.43
N THR E 100 39.19 43.39 29.86
CA THR E 100 38.58 43.18 28.54
C THR E 100 38.90 44.31 27.57
N CYS E 101 38.93 43.96 26.27
CA CYS E 101 39.29 44.90 25.19
C CYS E 101 38.69 44.72 23.77
N GLY E 102 37.37 44.57 23.63
CA GLY E 102 36.74 44.44 22.31
C GLY E 102 36.80 43.08 21.62
N ALA E 103 35.74 42.72 20.87
CA ALA E 103 35.60 41.40 20.19
C ALA E 103 35.90 40.39 21.28
N ASP E 104 36.89 39.51 21.12
CA ASP E 104 37.20 38.71 22.31
C ASP E 104 38.73 38.77 22.50
N CYS E 105 39.15 39.55 23.51
CA CYS E 105 40.52 40.05 23.67
C CYS E 105 41.20 39.75 25.02
N ARG E 106 40.44 39.25 26.00
CA ARG E 106 40.76 39.36 27.44
C ARG E 106 42.13 38.82 27.89
N GLY E 107 42.65 39.40 28.96
CA GLY E 107 43.79 38.91 29.74
C GLY E 107 43.54 39.03 31.25
N THR E 108 44.49 38.65 32.10
CA THR E 108 44.32 38.74 33.56
C THR E 108 45.36 39.63 34.26
N SER E 109 44.92 40.25 35.35
CA SER E 109 45.71 41.15 36.19
C SER E 109 45.46 40.83 37.65
N GLN E 110 46.48 40.97 38.49
CA GLN E 110 46.35 40.69 39.91
C GLN E 110 45.60 41.82 40.63
N TYR E 111 44.95 41.49 41.74
CA TYR E 111 44.51 42.43 42.77
C TYR E 111 44.86 41.90 44.17
N PRO E 112 45.22 42.78 45.12
CA PRO E 112 45.50 42.40 46.50
C PRO E 112 44.18 42.11 47.24
N CYS E 113 44.18 41.15 48.16
CA CYS E 113 42.94 40.81 48.87
C CYS E 113 42.80 41.53 50.21
N VAL E 114 41.72 42.29 50.34
CA VAL E 114 41.17 42.74 51.63
C VAL E 114 40.20 41.71 52.20
N GLN E 115 40.20 41.61 53.53
CA GLN E 115 39.12 41.01 54.28
C GLN E 115 38.56 42.03 55.27
N VAL E 116 37.25 41.98 55.48
CA VAL E 116 36.52 42.87 56.39
C VAL E 116 35.60 42.02 57.25
N TYR E 117 35.61 42.22 58.55
CA TYR E 117 34.81 41.44 59.48
C TYR E 117 33.84 42.33 60.22
N VAL E 118 32.64 41.82 60.53
CA VAL E 118 31.49 42.67 60.86
C VAL E 118 30.63 42.10 62.00
N ASN E 119 30.10 43.00 62.84
CA ASN E 119 29.12 42.69 63.88
C ASN E 119 27.75 42.32 63.28
N ASN E 120 27.06 41.34 63.85
CA ASN E 120 25.93 40.65 63.24
C ASN E 120 24.72 40.57 64.19
N SER E 121 23.50 40.73 63.66
CA SER E 121 22.26 40.88 64.43
C SER E 121 21.51 39.57 64.74
N GLU E 122 21.91 38.44 64.16
CA GLU E 122 21.23 37.13 64.32
C GLU E 122 22.11 36.11 65.05
N SER E 123 23.42 36.13 64.81
CA SER E 123 24.41 35.22 65.42
C SER E 123 25.33 35.91 66.45
N ASN E 124 25.35 37.25 66.48
CA ASN E 124 26.09 38.08 67.44
C ASN E 124 27.58 37.68 67.57
N SER E 125 28.17 37.28 66.44
CA SER E 125 29.48 36.65 66.30
C SER E 125 30.17 37.13 65.02
N ARG E 126 31.45 36.79 64.85
CA ARG E 126 32.23 37.09 63.63
C ARG E 126 31.53 36.57 62.37
N ALA E 127 31.50 37.41 61.34
CA ALA E 127 31.24 37.05 59.96
C ALA E 127 32.07 37.94 59.02
N LEU E 128 32.34 37.46 57.80
CA LEU E 128 33.13 38.14 56.76
C LEU E 128 32.20 38.88 55.81
N LEU E 129 32.47 40.17 55.60
CA LEU E 129 31.70 41.00 54.69
C LEU E 129 32.07 40.73 53.22
N HIS E 130 31.07 40.68 52.36
CA HIS E 130 31.13 40.47 50.93
C HIS E 130 30.21 41.45 50.26
N SER E 131 30.60 42.36 49.46
CA SER E 131 29.80 43.47 48.97
C SER E 131 28.45 43.04 48.35
N ASP E 132 28.43 42.00 47.53
CA ASP E 132 27.20 41.36 47.04
C ASP E 132 27.41 39.86 46.78
N GLU E 133 26.32 39.14 46.53
CA GLU E 133 26.36 37.68 46.36
C GLU E 133 27.22 37.24 45.16
N HIS E 134 27.31 38.06 44.11
CA HIS E 134 28.22 37.79 43.01
C HIS E 134 29.68 37.93 43.46
N GLN E 135 30.02 38.92 44.28
CA GLN E 135 31.35 39.01 44.86
C GLN E 135 31.65 37.79 45.76
N LEU E 136 30.71 37.42 46.64
CA LEU E 136 30.81 36.22 47.46
C LEU E 136 31.10 34.99 46.60
N LEU E 137 30.39 34.80 45.49
CA LEU E 137 30.55 33.61 44.66
C LEU E 137 31.75 33.68 43.70
N THR E 138 32.16 34.85 43.21
CA THR E 138 33.34 34.97 42.33
C THR E 138 34.67 34.82 43.09
N ASN E 139 34.71 35.22 44.37
CA ASN E 139 35.87 35.00 45.25
C ASN E 139 35.46 34.96 46.74
N PRO E 140 34.96 33.81 47.24
CA PRO E 140 34.50 33.67 48.62
C PRO E 140 35.61 33.79 49.66
N LYS E 141 36.87 33.63 49.24
CA LYS E 141 38.08 33.81 50.04
C LYS E 141 38.39 35.30 50.32
N CYS E 142 37.71 36.26 49.67
CA CYS E 142 38.05 37.68 49.71
C CYS E 142 36.82 38.62 49.82
N SER E 143 36.97 39.83 50.36
CA SER E 143 35.82 40.70 50.72
C SER E 143 35.35 41.70 49.63
N TYR E 144 36.24 42.06 48.73
CA TYR E 144 35.99 43.02 47.65
C TYR E 144 36.79 42.65 46.41
N ILE E 145 36.34 43.07 45.24
CA ILE E 145 37.05 42.92 43.97
C ILE E 145 36.98 44.24 43.18
N PRO E 146 38.10 44.79 42.67
CA PRO E 146 38.06 45.96 41.82
C PRO E 146 37.58 45.58 40.41
N PRO E 147 36.79 46.41 39.73
CA PRO E 147 36.64 46.31 38.29
C PRO E 147 38.03 46.42 37.65
N CYS E 148 38.41 45.35 36.95
CA CYS E 148 39.70 45.22 36.31
C CYS E 148 39.95 46.29 35.26
N LYS E 149 40.91 47.15 35.56
CA LYS E 149 41.30 48.25 34.70
C LYS E 149 42.77 48.18 34.27
N ARG E 150 43.04 47.22 33.39
CA ARG E 150 44.37 46.95 32.81
C ARG E 150 45.48 46.49 33.78
N GLU E 151 46.33 47.43 34.18
CA GLU E 151 47.48 47.13 35.03
C GLU E 151 47.26 46.97 36.54
N ASN E 152 48.05 46.08 37.12
CA ASN E 152 48.06 45.76 38.55
C ASN E 152 48.09 47.00 39.46
N GLN E 153 48.80 48.05 39.06
CA GLN E 153 48.93 49.27 39.86
C GLN E 153 47.57 49.93 40.10
N LYS E 154 46.70 49.96 39.09
CA LYS E 154 45.36 50.56 39.17
C LYS E 154 44.40 49.71 40.00
N ASN E 155 44.53 48.39 39.95
CA ASN E 155 43.79 47.49 40.83
C ASN E 155 44.18 47.70 42.30
N LEU E 156 45.48 47.72 42.60
CA LEU E 156 45.97 47.97 43.96
C LEU E 156 45.57 49.36 44.46
N GLU E 157 45.71 50.40 43.64
CA GLU E 157 45.25 51.76 43.96
C GLU E 157 43.75 51.78 44.29
N SER E 158 42.92 51.11 43.49
CA SER E 158 41.47 51.05 43.72
C SER E 158 41.10 50.23 44.95
N VAL E 159 41.83 49.16 45.28
CA VAL E 159 41.63 48.43 46.54
C VAL E 159 42.05 49.28 47.73
N MET E 160 43.22 49.93 47.69
CA MET E 160 43.66 50.85 48.75
C MET E 160 42.68 52.01 48.99
N ASN E 161 42.08 52.54 47.94
CA ASN E 161 41.05 53.58 48.01
C ASN E 161 39.79 53.08 48.74
N TRP E 162 39.26 51.90 48.36
CA TRP E 162 38.11 51.29 49.02
C TRP E 162 38.42 50.90 50.48
N GLN E 163 39.60 50.32 50.71
CA GLN E 163 40.09 49.92 52.02
C GLN E 163 40.14 51.11 52.98
N GLN E 164 40.74 52.23 52.58
CA GLN E 164 40.85 53.41 53.45
C GLN E 164 39.47 53.98 53.78
N TYR E 165 38.55 54.03 52.81
CA TYR E 165 37.16 54.45 53.02
C TYR E 165 36.37 53.50 53.94
N TRP E 166 36.73 52.23 54.02
CA TRP E 166 36.07 51.27 54.92
C TRP E 166 36.73 51.20 56.31
N LYS E 167 38.06 51.37 56.41
CA LYS E 167 38.82 51.24 57.67
C LYS E 167 38.44 52.28 58.72
N ASP E 168 38.11 53.51 58.34
CA ASP E 168 37.72 54.57 59.28
C ASP E 168 36.20 54.61 59.61
N GLU E 169 35.40 53.68 59.08
CA GLU E 169 33.94 53.61 59.29
C GLU E 169 33.54 52.98 60.66
N ILE E 170 34.37 53.13 61.69
CA ILE E 170 34.21 52.46 62.97
C ILE E 170 33.03 53.05 63.78
N GLY E 171 31.93 52.32 63.82
CA GLY E 171 30.76 52.74 64.56
C GLY E 171 30.26 54.11 64.16
N SER E 172 30.78 54.63 63.05
CA SER E 172 30.35 55.94 62.55
C SER E 172 28.85 55.94 62.35
N GLN E 173 28.34 54.88 61.73
CA GLN E 173 26.92 54.73 61.47
C GLN E 173 26.60 53.27 61.15
N PRO E 174 25.86 52.61 62.06
CA PRO E 174 25.48 51.20 61.88
C PRO E 174 24.78 50.99 60.54
N PHE E 175 25.55 50.70 59.50
CA PHE E 175 25.00 50.48 58.17
C PHE E 175 24.24 49.17 58.08
N THR E 176 23.11 49.21 57.40
CA THR E 176 22.28 48.00 57.21
C THR E 176 22.97 47.00 56.30
N CYS E 177 22.72 45.72 56.56
CA CYS E 177 23.39 44.58 55.94
C CYS E 177 22.43 43.39 55.85
N TYR E 178 22.70 42.44 54.96
CA TYR E 178 21.84 41.28 54.71
C TYR E 178 22.55 39.98 55.06
N PHE E 179 21.87 39.09 55.76
CA PHE E 179 22.44 37.87 56.33
C PHE E 179 21.47 36.70 56.27
N ASN E 180 21.99 35.47 56.26
CA ASN E 180 21.22 34.23 56.24
C ASN E 180 21.99 33.12 56.98
N GLN E 181 21.64 32.86 58.23
CA GLN E 181 22.34 31.86 59.06
C GLN E 181 22.28 30.43 58.52
N HIS E 182 21.42 30.14 57.53
CA HIS E 182 21.26 28.79 56.98
C HIS E 182 22.12 28.49 55.74
N GLN E 183 22.42 29.50 54.90
CA GLN E 183 23.26 29.33 53.70
C GLN E 183 24.39 30.37 53.52
N ARG E 184 24.47 31.41 54.34
CA ARG E 184 25.65 32.29 54.39
C ARG E 184 26.15 32.33 55.84
N PRO E 185 26.55 31.18 56.40
CA PRO E 185 26.59 30.95 57.85
C PRO E 185 27.54 31.88 58.61
N ASP E 186 28.60 32.37 57.96
CA ASP E 186 29.53 33.36 58.48
C ASP E 186 29.94 34.39 57.40
N ASP E 187 29.03 34.68 56.47
CA ASP E 187 29.20 35.63 55.37
C ASP E 187 28.07 36.68 55.35
N VAL E 188 28.37 37.95 55.07
CA VAL E 188 27.40 39.06 55.14
C VAL E 188 27.45 39.91 53.87
N LEU E 189 26.30 40.40 53.42
CA LEU E 189 26.16 41.18 52.17
C LEU E 189 25.72 42.62 52.40
N LEU E 190 26.18 43.55 51.56
CA LEU E 190 25.75 44.96 51.61
C LEU E 190 24.50 45.25 50.76
N HIS E 191 24.07 44.33 49.90
CA HIS E 191 22.99 44.54 48.93
C HIS E 191 22.09 43.32 48.74
N ARG E 192 20.82 43.53 48.40
CA ARG E 192 19.97 42.52 47.78
C ARG E 192 20.38 42.33 46.31
N THR E 193 20.57 41.08 45.89
CA THR E 193 20.88 40.70 44.48
C THR E 193 19.65 40.33 43.65
N HIS E 194 18.46 40.45 44.23
CA HIS E 194 17.18 40.11 43.64
C HIS E 194 16.39 41.38 43.31
N ASP E 195 16.30 41.79 42.04
CA ASP E 195 15.58 43.00 41.66
C ASP E 195 14.07 42.76 41.69
N GLU E 196 13.35 43.42 42.60
CA GLU E 196 11.90 43.28 42.73
C GLU E 196 11.17 43.67 41.44
N ILE E 197 11.66 44.68 40.72
CA ILE E 197 11.04 45.15 39.48
C ILE E 197 11.06 44.09 38.40
N VAL E 198 12.17 43.38 38.22
CA VAL E 198 12.28 42.33 37.22
C VAL E 198 11.33 41.19 37.52
N LEU E 199 11.22 40.78 38.80
CA LEU E 199 10.23 39.80 39.22
C LEU E 199 8.81 40.30 38.97
N LEU E 200 8.50 41.55 39.32
CA LEU E 200 7.16 42.12 39.12
C LEU E 200 6.76 42.04 37.66
N HIS E 201 7.62 42.44 36.73
CA HIS E 201 7.33 42.34 35.30
C HIS E 201 7.16 40.91 34.83
N CYS E 202 7.92 39.95 35.37
CA CYS E 202 7.80 38.54 34.99
C CYS E 202 6.45 37.93 35.38
N PHE E 203 5.76 38.43 36.41
CA PHE E 203 4.43 37.94 36.79
C PHE E 203 3.29 38.83 36.31
N LEU E 204 3.53 40.10 36.02
CA LEU E 204 2.52 41.04 35.56
C LEU E 204 2.10 40.78 34.11
N TRP E 205 3.05 40.67 33.19
CA TRP E 205 2.71 40.55 31.77
C TRP E 205 2.05 39.23 31.38
N PRO E 206 2.37 38.10 32.01
CA PRO E 206 1.53 36.90 31.82
C PRO E 206 0.11 37.08 32.34
N LEU E 207 -0.07 37.83 33.43
CA LEU E 207 -1.42 38.14 33.90
C LEU E 207 -2.14 39.03 32.90
N VAL E 208 -1.44 39.99 32.31
CA VAL E 208 -2.06 40.85 31.29
C VAL E 208 -2.49 40.02 30.08
N THR E 209 -1.68 39.05 29.69
CA THR E 209 -1.98 38.12 28.59
C THR E 209 -3.26 37.36 28.87
N PHE E 210 -3.42 36.88 30.10
CA PHE E 210 -4.62 36.16 30.54
C PHE E 210 -5.86 37.06 30.54
N VAL E 211 -5.78 38.27 31.08
CA VAL E 211 -6.91 39.21 31.09
C VAL E 211 -7.33 39.61 29.69
N VAL E 212 -6.38 39.90 28.80
CA VAL E 212 -6.67 40.21 27.39
C VAL E 212 -7.33 39.03 26.70
N GLY E 213 -6.88 37.81 26.96
CA GLY E 213 -7.48 36.60 26.42
C GLY E 213 -8.93 36.41 26.86
N VAL E 214 -9.26 36.73 28.12
CA VAL E 214 -10.64 36.70 28.62
C VAL E 214 -11.50 37.75 27.95
N LEU E 215 -11.03 38.99 27.83
CA LEU E 215 -11.81 40.04 27.21
C LEU E 215 -12.09 39.76 25.73
N ILE E 216 -11.15 39.16 25.00
CA ILE E 216 -11.35 38.76 23.60
C ILE E 216 -12.44 37.71 23.49
N VAL E 217 -12.44 36.67 24.34
CA VAL E 217 -13.53 35.69 24.36
C VAL E 217 -14.86 36.37 24.69
N VAL E 218 -14.90 37.22 25.70
CA VAL E 218 -16.13 37.87 26.14
C VAL E 218 -16.72 38.76 25.07
N LEU E 219 -15.93 39.63 24.44
CA LEU E 219 -16.43 40.49 23.37
C LEU E 219 -16.83 39.68 22.15
N THR E 220 -16.15 38.58 21.84
CA THR E 220 -16.53 37.73 20.71
C THR E 220 -17.89 37.06 20.94
N ILE E 221 -18.15 36.52 22.14
CA ILE E 221 -19.45 35.94 22.49
C ILE E 221 -20.54 37.00 22.60
N CYS E 222 -20.23 38.19 23.12
CA CYS E 222 -21.15 39.31 23.16
C CYS E 222 -21.57 39.75 21.75
N ALA E 223 -20.61 39.91 20.82
CA ALA E 223 -20.91 40.22 19.42
C ALA E 223 -21.71 39.11 18.73
N LYS E 224 -21.29 37.85 18.88
CA LYS E 224 -21.95 36.68 18.29
C LYS E 224 -23.42 36.56 18.72
N SER E 225 -23.71 36.70 20.01
CA SER E 225 -25.08 36.62 20.53
C SER E 225 -25.95 37.85 20.18
N LEU E 226 -25.39 39.07 20.16
CA LEU E 226 -26.12 40.24 19.69
C LEU E 226 -26.43 40.20 18.18
N ALA E 227 -25.59 39.58 17.35
CA ALA E 227 -25.90 39.38 15.94
C ALA E 227 -27.18 38.57 15.73
N VAL E 228 -27.42 37.54 16.54
CA VAL E 228 -28.67 36.75 16.50
C VAL E 228 -29.88 37.59 16.89
N LYS E 229 -29.78 38.43 17.93
CA LYS E 229 -30.88 39.32 18.34
C LYS E 229 -31.19 40.37 17.26
N ALA E 230 -30.17 40.98 16.68
CA ALA E 230 -30.33 41.93 15.57
C ALA E 230 -30.85 41.27 14.28
N GLU E 231 -30.59 39.98 14.06
CA GLU E 231 -31.19 39.19 12.98
C GLU E 231 -32.68 38.92 13.24
N ALA E 232 -33.02 38.38 14.42
CA ALA E 232 -34.40 38.11 14.78
C ALA E 232 -35.28 39.37 14.85
N MET E 233 -34.64 40.52 15.04
CA MET E 233 -35.36 41.78 15.09
C MET E 233 -35.94 42.16 13.72
N LYS E 234 -35.30 41.70 12.65
CA LYS E 234 -35.75 41.99 11.30
C LYS E 234 -36.81 40.99 10.83
N ARG F 33 -14.06 -27.79 30.30
CA ARG F 33 -12.94 -27.48 31.18
C ARG F 33 -13.05 -26.07 31.74
N LYS F 34 -13.35 -25.11 30.87
CA LYS F 34 -13.54 -23.72 31.29
C LYS F 34 -14.80 -23.59 32.16
N THR F 35 -14.68 -24.05 33.40
CA THR F 35 -15.73 -24.05 34.39
C THR F 35 -15.38 -22.89 35.29
N VAL F 36 -14.09 -22.51 35.29
CA VAL F 36 -13.75 -21.33 36.07
C VAL F 36 -14.41 -20.09 35.46
N THR F 37 -14.81 -19.16 36.31
CA THR F 37 -15.45 -17.93 35.84
C THR F 37 -14.45 -16.83 35.51
N ALA F 38 -14.78 -15.61 35.90
CA ALA F 38 -13.92 -14.46 35.64
C ALA F 38 -12.59 -14.48 36.39
N LEU F 39 -12.50 -15.17 37.52
CA LEU F 39 -11.34 -15.25 38.40
C LEU F 39 -10.07 -15.70 37.69
N LYS F 40 -10.22 -16.46 36.60
CA LYS F 40 -9.17 -16.94 35.70
C LYS F 40 -8.25 -15.81 35.21
N ALA F 41 -8.78 -14.65 34.86
CA ALA F 41 -7.99 -13.53 34.34
C ALA F 41 -7.11 -12.88 35.41
N GLY F 42 -7.66 -12.66 36.61
CA GLY F 42 -6.89 -12.16 37.75
C GLY F 42 -5.80 -13.14 38.17
N GLU F 43 -6.08 -14.43 38.18
CA GLU F 43 -5.08 -15.45 38.51
C GLU F 43 -3.99 -15.56 37.44
N ASP F 44 -4.30 -15.51 36.15
CA ASP F 44 -3.25 -15.47 35.13
C ASP F 44 -2.40 -14.19 35.21
N LYS F 45 -2.98 -13.05 35.58
CA LYS F 45 -2.19 -11.83 35.83
C LYS F 45 -1.29 -11.99 37.06
N SER F 46 -1.78 -12.67 38.10
CA SER F 46 -0.97 -13.01 39.27
C SER F 46 0.20 -13.96 38.94
N ILE F 47 0.02 -14.95 38.07
CA ILE F 47 1.13 -15.78 37.56
C ILE F 47 2.16 -14.91 36.83
N ARG F 48 1.70 -14.03 35.96
CA ARG F 48 2.59 -13.13 35.23
C ARG F 48 3.47 -12.34 36.21
N LEU F 49 2.83 -11.65 37.15
CA LEU F 49 3.55 -10.87 38.16
C LEU F 49 4.59 -11.73 38.89
N GLY F 50 4.20 -12.88 39.43
CA GLY F 50 5.11 -13.75 40.16
C GLY F 50 6.31 -14.20 39.31
N LEU F 51 6.08 -14.54 38.04
CA LEU F 51 7.16 -14.84 37.11
C LEU F 51 8.06 -13.62 36.85
N PHE F 52 7.48 -12.44 36.61
CA PHE F 52 8.26 -11.22 36.42
C PHE F 52 9.12 -10.89 37.64
N LEU F 53 8.64 -11.11 38.86
CA LEU F 53 9.44 -10.91 40.07
C LEU F 53 10.56 -11.95 40.18
N ILE F 54 10.32 -13.20 39.81
CA ILE F 54 11.37 -14.20 39.72
C ILE F 54 12.45 -13.77 38.73
N ILE F 55 12.07 -13.27 37.55
CA ILE F 55 13.06 -12.88 36.56
C ILE F 55 13.80 -11.62 37.01
N SER F 56 13.06 -10.64 37.55
CA SER F 56 13.63 -9.42 38.04
C SER F 56 14.67 -9.74 39.09
N GLY F 57 14.34 -10.57 40.08
CA GLY F 57 15.26 -10.90 41.16
C GLY F 57 16.53 -11.56 40.67
N VAL F 58 16.40 -12.48 39.70
CA VAL F 58 17.59 -13.14 39.17
C VAL F 58 18.42 -12.18 38.33
N VAL F 59 17.76 -11.37 37.50
CA VAL F 59 18.48 -10.43 36.65
C VAL F 59 19.21 -9.39 37.49
N SER F 60 18.52 -8.84 38.50
CA SER F 60 19.15 -7.85 39.36
C SER F 60 20.29 -8.46 40.17
N LEU F 61 20.18 -9.74 40.52
CA LEU F 61 21.29 -10.40 41.20
C LEU F 61 22.54 -10.44 40.33
N PHE F 62 22.37 -10.75 39.04
CA PHE F 62 23.52 -10.76 38.14
C PHE F 62 24.03 -9.35 37.88
N ILE F 63 23.13 -8.38 37.75
CA ILE F 63 23.54 -7.00 37.50
C ILE F 63 24.35 -6.46 38.68
N PHE F 64 23.86 -6.69 39.89
CA PHE F 64 24.58 -6.22 41.07
C PHE F 64 25.86 -7.02 41.28
N GLY F 65 25.89 -8.26 40.83
CA GLY F 65 27.05 -9.11 40.95
C GLY F 65 28.21 -8.63 40.10
N PHE F 66 27.89 -8.11 38.93
CA PHE F 66 28.92 -7.61 38.02
C PHE F 66 29.43 -6.25 38.47
N CYS F 67 28.55 -5.48 39.12
CA CYS F 67 28.91 -4.16 39.61
C CYS F 67 29.73 -4.25 40.89
N TRP F 68 29.44 -5.21 41.77
CA TRP F 68 30.19 -5.43 43.00
C TRP F 68 31.48 -6.23 42.81
N LEU F 69 31.67 -6.93 41.69
CA LEU F 69 32.80 -7.84 41.49
C LEU F 69 34.16 -7.17 41.72
N SER F 70 34.48 -6.10 40.98
CA SER F 70 35.79 -5.45 41.11
C SER F 70 35.99 -4.80 42.49
N PRO F 71 35.06 -3.99 43.04
CA PRO F 71 35.17 -3.49 44.41
C PRO F 71 35.36 -4.58 45.46
N ALA F 72 34.60 -5.68 45.41
CA ALA F 72 34.71 -6.76 46.37
C ALA F 72 36.04 -7.51 46.28
N LEU F 73 36.59 -7.75 45.08
CA LEU F 73 37.91 -8.35 44.94
C LEU F 73 39.04 -7.39 45.36
N GLN F 74 38.96 -6.11 45.02
CA GLN F 74 39.94 -5.12 45.47
C GLN F 74 39.94 -4.96 47.00
N ASP F 75 38.82 -5.28 47.64
CA ASP F 75 38.71 -5.22 49.09
C ASP F 75 39.23 -6.53 49.72
N LEU F 76 38.81 -7.66 49.17
CA LEU F 76 39.22 -8.99 49.64
C LEU F 76 40.73 -9.20 49.56
N GLN F 77 41.36 -8.70 48.49
CA GLN F 77 42.80 -8.82 48.26
C GLN F 77 43.65 -7.98 49.25
N ALA F 78 43.05 -7.05 50.00
CA ALA F 78 43.74 -6.31 51.04
C ALA F 78 43.65 -7.02 52.40
N THR F 79 44.79 -7.45 52.93
CA THR F 79 44.88 -8.18 54.21
C THR F 79 44.93 -7.23 55.40
N GLU F 80 44.40 -7.69 56.53
CA GLU F 80 44.63 -7.08 57.84
C GLU F 80 46.07 -7.30 58.31
N ALA F 81 46.65 -6.30 58.96
CA ALA F 81 48.00 -6.32 59.50
C ALA F 81 48.07 -5.58 60.85
N ASN F 82 49.17 -5.78 61.57
CA ASN F 82 49.57 -4.96 62.72
C ASN F 82 50.69 -4.01 62.27
N CYS F 83 50.57 -2.73 62.64
CA CYS F 83 51.44 -1.64 62.22
C CYS F 83 52.04 -0.89 63.42
N THR F 84 53.11 -0.15 63.19
CA THR F 84 53.65 0.85 64.12
C THR F 84 54.34 1.95 63.31
N VAL F 85 54.17 3.20 63.70
CA VAL F 85 54.74 4.35 62.98
C VAL F 85 56.26 4.40 63.13
N LEU F 86 56.96 4.50 62.01
CA LEU F 86 58.41 4.73 61.94
C LEU F 86 58.75 6.21 62.18
N SER F 87 58.01 7.12 61.55
CA SER F 87 58.22 8.57 61.67
C SER F 87 56.98 9.37 61.24
N VAL F 88 56.93 10.63 61.67
CA VAL F 88 55.95 11.65 61.25
C VAL F 88 56.69 12.94 60.89
N GLN F 89 56.45 13.50 59.71
CA GLN F 89 57.20 14.65 59.20
C GLN F 89 56.39 15.47 58.19
N GLN F 90 56.80 16.71 57.92
CA GLN F 90 56.25 17.52 56.81
C GLN F 90 57.25 17.61 55.65
N ILE F 91 56.76 17.55 54.41
CA ILE F 91 57.59 17.67 53.20
C ILE F 91 57.78 19.11 52.72
N GLY F 92 57.27 20.10 53.48
CA GLY F 92 57.39 21.53 53.19
C GLY F 92 56.51 22.05 52.05
N GLU F 93 56.16 21.21 51.09
CA GLU F 93 55.20 21.52 50.02
C GLU F 93 53.76 21.68 50.53
N VAL F 94 52.91 22.39 49.77
CA VAL F 94 51.49 22.63 50.08
C VAL F 94 50.57 22.24 48.92
N PHE F 95 49.30 21.94 49.22
CA PHE F 95 48.29 21.51 48.24
C PHE F 95 46.94 22.20 48.44
N GLU F 96 46.12 22.23 47.39
CA GLU F 96 44.77 22.81 47.41
C GLU F 96 43.74 21.82 47.98
N CYS F 97 43.00 22.20 49.02
CA CYS F 97 41.65 21.66 49.25
C CYS F 97 40.60 22.65 48.74
N THR F 98 39.41 22.15 48.47
CA THR F 98 38.26 22.96 48.06
C THR F 98 37.32 23.15 49.24
N PHE F 99 36.92 24.39 49.52
CA PHE F 99 35.95 24.73 50.58
C PHE F 99 34.65 25.24 49.96
N THR F 100 33.53 24.95 50.60
CA THR F 100 32.18 25.05 50.03
C THR F 100 31.29 26.00 50.83
N CYS F 101 30.33 26.63 50.12
CA CYS F 101 29.41 27.62 50.72
C CYS F 101 27.99 27.79 50.13
N GLY F 102 27.21 26.72 49.94
CA GLY F 102 25.84 26.83 49.43
C GLY F 102 25.64 27.02 47.93
N ALA F 103 24.57 26.44 47.36
CA ALA F 103 24.27 26.46 45.91
C ALA F 103 25.55 26.00 45.26
N ASP F 104 26.16 26.80 44.36
CA ASP F 104 27.49 26.34 43.95
C ASP F 104 28.44 27.55 44.06
N CYS F 105 29.30 27.52 45.09
CA CYS F 105 30.01 28.69 45.62
C CYS F 105 31.54 28.54 45.72
N ARG F 106 32.07 27.32 45.53
CA ARG F 106 33.37 26.89 46.05
C ARG F 106 34.60 27.73 45.66
N GLY F 107 35.60 27.72 46.54
CA GLY F 107 36.96 28.22 46.28
C GLY F 107 38.02 27.27 46.84
N THR F 108 39.31 27.59 46.72
CA THR F 108 40.40 26.73 47.23
C THR F 108 41.28 27.39 48.27
N SER F 109 41.79 26.58 49.19
CA SER F 109 42.67 26.95 50.29
C SER F 109 43.81 25.95 50.41
N GLN F 110 44.99 26.42 50.78
CA GLN F 110 46.15 25.55 50.93
C GLN F 110 46.06 24.72 52.22
N TYR F 111 46.70 23.55 52.22
CA TYR F 111 47.07 22.81 53.43
C TYR F 111 48.53 22.32 53.33
N PRO F 112 49.28 22.29 54.44
CA PRO F 112 50.63 21.76 54.48
C PRO F 112 50.62 20.23 54.42
N CYS F 113 51.59 19.61 53.77
CA CYS F 113 51.61 18.15 53.64
C CYS F 113 52.45 17.46 54.72
N VAL F 114 51.79 16.60 55.49
CA VAL F 114 52.44 15.56 56.30
C VAL F 114 52.66 14.29 55.49
N GLN F 115 53.76 13.60 55.77
CA GLN F 115 53.95 12.21 55.41
C GLN F 115 54.20 11.39 56.67
N VAL F 116 53.70 10.16 56.69
CA VAL F 116 53.84 9.23 57.81
C VAL F 116 54.26 7.89 57.25
N TYR F 117 55.28 7.27 57.81
CA TYR F 117 55.80 5.99 57.33
C TYR F 117 55.67 4.93 58.41
N VAL F 118 55.42 3.68 58.01
CA VAL F 118 54.87 2.67 58.92
C VAL F 118 55.48 1.28 58.71
N ASN F 119 55.67 0.54 59.81
CA ASN F 119 56.08 -0.87 59.82
C ASN F 119 54.96 -1.79 59.30
N ASN F 120 55.31 -2.81 58.51
CA ASN F 120 54.38 -3.57 57.68
C ASN F 120 54.53 -5.10 57.89
N SER F 121 53.42 -5.83 57.89
CA SER F 121 53.36 -7.26 58.25
C SER F 121 53.54 -8.25 57.09
N GLU F 122 53.55 -7.79 55.84
CA GLU F 122 53.63 -8.65 54.64
C GLU F 122 54.95 -8.43 53.87
N SER F 123 55.44 -7.20 53.81
CA SER F 123 56.69 -6.79 53.12
C SER F 123 57.84 -6.42 54.08
N ASN F 124 57.54 -6.21 55.37
CA ASN F 124 58.51 -5.94 56.45
C ASN F 124 59.50 -4.81 56.09
N SER F 125 58.99 -3.80 55.39
CA SER F 125 59.72 -2.71 54.73
C SER F 125 58.92 -1.41 54.83
N ARG F 126 59.54 -0.28 54.45
CA ARG F 126 58.89 1.04 54.38
C ARG F 126 57.63 1.00 53.52
N ALA F 127 56.57 1.62 54.04
CA ALA F 127 55.38 2.03 53.29
C ALA F 127 54.84 3.36 53.86
N LEU F 128 54.11 4.13 53.04
CA LEU F 128 53.51 5.42 53.39
C LEU F 128 52.06 5.23 53.83
N LEU F 129 51.72 5.76 55.00
CA LEU F 129 50.37 5.69 55.53
C LEU F 129 49.44 6.71 54.84
N HIS F 130 48.21 6.29 54.54
CA HIS F 130 47.15 7.03 53.94
C HIS F 130 45.87 6.73 54.68
N SER F 131 45.20 7.61 55.32
CA SER F 131 44.11 7.34 56.24
C SER F 131 43.01 6.45 55.64
N ASP F 132 42.58 6.69 54.42
CA ASP F 132 41.70 5.79 53.67
C ASP F 132 41.96 5.86 52.16
N GLU F 133 41.37 4.95 51.39
CA GLU F 133 41.59 4.85 49.94
C GLU F 133 41.18 6.12 49.18
N HIS F 134 40.18 6.84 49.65
CA HIS F 134 39.82 8.13 49.08
C HIS F 134 40.92 9.17 49.34
N GLN F 135 41.53 9.19 50.53
CA GLN F 135 42.69 10.05 50.77
C GLN F 135 43.87 9.67 49.88
N LEU F 136 44.17 8.36 49.78
CA LEU F 136 45.20 7.85 48.86
C LEU F 136 44.96 8.34 47.43
N LEU F 137 43.72 8.28 46.94
CA LEU F 137 43.42 8.64 45.56
C LEU F 137 43.26 10.15 45.33
N THR F 138 42.78 10.93 46.32
CA THR F 138 42.66 12.40 46.18
C THR F 138 44.01 13.11 46.26
N ASN F 139 44.98 12.57 47.01
CA ASN F 139 46.35 13.08 47.06
C ASN F 139 47.37 11.97 47.44
N PRO F 140 47.79 11.12 46.48
CA PRO F 140 48.70 10.01 46.76
C PRO F 140 50.11 10.45 47.17
N LYS F 141 50.47 11.70 46.89
CA LYS F 141 51.71 12.36 47.30
C LYS F 141 51.74 12.71 48.81
N CYS F 142 50.62 12.61 49.53
CA CYS F 142 50.48 13.09 50.91
C CYS F 142 49.69 12.14 51.83
N SER F 143 49.91 12.17 53.15
CA SER F 143 49.39 11.15 54.10
C SER F 143 48.02 11.45 54.73
N TYR F 144 47.65 12.73 54.82
CA TYR F 144 46.41 13.20 55.42
C TYR F 144 45.92 14.45 54.70
N ILE F 145 44.62 14.72 54.77
CA ILE F 145 44.00 15.95 54.26
C ILE F 145 43.00 16.49 55.29
N PRO F 146 43.04 17.78 55.66
CA PRO F 146 42.04 18.35 56.54
C PRO F 146 40.74 18.59 55.76
N PRO F 147 39.56 18.39 56.37
CA PRO F 147 38.32 18.98 55.87
C PRO F 147 38.51 20.51 55.78
N CYS F 148 38.41 21.01 54.55
CA CYS F 148 38.61 22.42 54.23
C CYS F 148 37.61 23.32 54.94
N LYS F 149 38.15 24.12 55.87
CA LYS F 149 37.38 25.06 56.66
C LYS F 149 37.84 26.50 56.47
N ARG F 150 37.49 27.03 55.30
CA ARG F 150 37.79 28.40 54.86
C ARG F 150 39.27 28.79 54.71
N GLU F 151 39.81 29.47 55.72
CA GLU F 151 41.19 29.96 55.67
C GLU F 151 42.34 28.99 55.96
N ASN F 152 43.45 29.23 55.27
CA ASN F 152 44.70 28.47 55.38
C ASN F 152 45.14 28.22 56.83
N GLN F 153 44.94 29.20 57.72
CA GLN F 153 45.36 29.09 59.12
C GLN F 153 44.67 27.92 59.82
N LYS F 154 43.38 27.69 59.56
CA LYS F 154 42.60 26.61 60.17
C LYS F 154 42.97 25.24 59.60
N ASN F 155 43.33 25.18 58.31
CA ASN F 155 43.88 23.96 57.71
C ASN F 155 45.22 23.59 58.34
N LEU F 156 46.15 24.54 58.45
CA LEU F 156 47.46 24.31 59.08
C LEU F 156 47.32 23.93 60.55
N GLU F 157 46.45 24.62 61.31
CA GLU F 157 46.14 24.28 62.70
C GLU F 157 45.61 22.84 62.81
N SER F 158 44.69 22.44 61.94
CA SER F 158 44.13 21.08 61.96
C SER F 158 45.14 20.01 61.53
N VAL F 159 46.05 20.31 60.60
CA VAL F 159 47.16 19.39 60.26
C VAL F 159 48.13 19.27 61.42
N MET F 160 48.56 20.39 62.04
CA MET F 160 49.42 20.37 63.22
C MET F 160 48.83 19.59 64.40
N ASN F 161 47.51 19.70 64.60
CA ASN F 161 46.77 18.95 65.61
C ASN F 161 46.82 17.43 65.36
N TRP F 162 46.53 17.00 64.13
CA TRP F 162 46.62 15.59 63.72
C TRP F 162 48.06 15.07 63.77
N GLN F 163 49.01 15.86 63.28
CA GLN F 163 50.44 15.55 63.28
C GLN F 163 50.95 15.29 64.69
N GLN F 164 50.67 16.17 65.65
CA GLN F 164 51.13 16.02 67.03
C GLN F 164 50.54 14.76 67.69
N TYR F 165 49.25 14.48 67.44
CA TYR F 165 48.59 13.25 67.91
C TYR F 165 49.16 11.97 67.27
N TRP F 166 49.73 12.04 66.07
CA TRP F 166 50.35 10.87 65.43
C TRP F 166 51.84 10.73 65.76
N LYS F 167 52.58 11.83 65.95
CA LYS F 167 54.03 11.83 66.19
C LYS F 167 54.44 11.13 67.50
N ASP F 168 53.64 11.23 68.55
CA ASP F 168 53.95 10.59 69.84
C ASP F 168 53.41 9.15 69.98
N GLU F 169 52.78 8.58 68.94
CA GLU F 169 52.20 7.22 68.92
C GLU F 169 53.25 6.09 68.73
N ILE F 170 54.50 6.32 69.17
CA ILE F 170 55.63 5.42 68.90
C ILE F 170 55.51 4.11 69.70
N GLY F 171 55.15 3.04 69.01
CA GLY F 171 55.02 1.73 69.63
C GLY F 171 54.09 1.72 70.83
N SER F 172 53.33 2.80 71.00
CA SER F 172 52.39 2.89 72.11
C SER F 172 51.43 1.71 72.06
N GLN F 173 50.92 1.44 70.87
CA GLN F 173 50.00 0.34 70.64
C GLN F 173 49.93 0.00 69.16
N PRO F 174 50.44 -1.19 68.79
CA PRO F 174 50.43 -1.63 67.39
C PRO F 174 49.04 -1.59 66.80
N PHE F 175 48.66 -0.46 66.22
CA PHE F 175 47.34 -0.29 65.63
C PHE F 175 47.19 -1.08 64.34
N THR F 176 46.03 -1.71 64.18
CA THR F 176 45.74 -2.49 62.98
C THR F 176 45.61 -1.61 61.75
N CYS F 177 46.01 -2.14 60.60
CA CYS F 177 46.14 -1.44 59.33
C CYS F 177 45.84 -2.41 58.17
N TYR F 178 45.49 -1.87 57.00
CA TYR F 178 45.13 -2.65 55.82
C TYR F 178 46.11 -2.42 54.67
N PHE F 179 46.54 -3.50 54.03
CA PHE F 179 47.60 -3.47 53.04
C PHE F 179 47.33 -4.46 51.89
N ASN F 180 47.90 -4.19 50.71
CA ASN F 180 47.78 -5.02 49.51
C ASN F 180 49.06 -4.92 48.68
N GLN F 181 49.95 -5.89 48.78
CA GLN F 181 51.24 -5.87 48.07
C GLN F 181 51.12 -5.87 46.53
N HIS F 182 49.93 -6.14 45.97
CA HIS F 182 49.73 -6.21 44.52
C HIS F 182 49.25 -4.89 43.88
N GLN F 183 48.49 -4.07 44.60
CA GLN F 183 47.98 -2.77 44.09
C GLN F 183 48.18 -1.56 45.02
N ARG F 184 48.63 -1.74 46.26
CA ARG F 184 49.08 -0.63 47.12
C ARG F 184 50.51 -0.93 47.58
N PRO F 185 51.47 -1.06 46.64
CA PRO F 185 52.71 -1.79 46.84
C PRO F 185 53.61 -1.21 47.94
N ASP F 186 53.52 0.08 48.23
CA ASP F 186 54.19 0.77 49.33
C ASP F 186 53.27 1.82 49.99
N ASP F 187 51.96 1.56 50.01
CA ASP F 187 50.93 2.41 50.59
C ASP F 187 50.06 1.62 51.59
N VAL F 188 49.67 2.21 52.72
CA VAL F 188 48.95 1.52 53.82
C VAL F 188 47.73 2.33 54.25
N LEU F 189 46.63 1.66 54.60
CA LEU F 189 45.35 2.29 54.98
C LEU F 189 44.97 2.02 56.42
N LEU F 190 44.29 2.98 57.08
CA LEU F 190 43.75 2.81 58.44
C LEU F 190 42.34 2.21 58.48
N HIS F 191 41.63 2.14 57.34
CA HIS F 191 40.22 1.74 57.27
C HIS F 191 39.90 0.89 56.05
N ARG F 192 38.90 0.01 56.15
CA ARG F 192 38.19 -0.55 54.99
C ARG F 192 37.26 0.50 54.39
N THR F 193 37.32 0.69 53.08
CA THR F 193 36.44 1.61 52.31
C THR F 193 35.21 0.92 51.71
N HIS F 194 35.02 -0.37 51.99
CA HIS F 194 33.94 -1.21 51.49
C HIS F 194 32.94 -1.52 52.63
N ASP F 195 31.77 -0.89 52.65
CA ASP F 195 30.78 -1.13 53.70
C ASP F 195 30.07 -2.46 53.47
N GLU F 196 30.27 -3.42 54.37
CA GLU F 196 29.64 -4.75 54.29
C GLU F 196 28.13 -4.66 54.28
N ILE F 197 27.54 -3.73 55.03
CA ILE F 197 26.10 -3.55 55.12
C ILE F 197 25.48 -3.16 53.79
N VAL F 198 26.10 -2.24 53.07
CA VAL F 198 25.60 -1.78 51.77
C VAL F 198 25.63 -2.93 50.77
N LEU F 199 26.71 -3.72 50.76
CA LEU F 199 26.77 -4.93 49.93
C LEU F 199 25.69 -5.95 50.34
N LEU F 200 25.50 -6.19 51.64
CA LEU F 200 24.50 -7.12 52.13
C LEU F 200 23.11 -6.75 51.62
N HIS F 201 22.71 -5.49 51.74
CA HIS F 201 21.42 -5.04 51.24
C HIS F 201 21.30 -5.16 49.72
N CYS F 202 22.38 -4.93 48.96
CA CYS F 202 22.35 -5.06 47.51
C CYS F 202 22.11 -6.50 47.04
N PHE F 203 22.46 -7.53 47.81
CA PHE F 203 22.19 -8.93 47.46
C PHE F 203 20.98 -9.51 48.19
N LEU F 204 20.55 -8.97 49.31
CA LEU F 204 19.41 -9.46 50.08
C LEU F 204 18.09 -9.12 49.40
N TRP F 205 17.86 -7.86 49.03
CA TRP F 205 16.56 -7.46 48.50
C TRP F 205 16.21 -8.03 47.13
N PRO F 206 17.17 -8.25 46.22
CA PRO F 206 16.87 -9.06 45.03
C PRO F 206 16.51 -10.49 45.35
N LEU F 207 17.12 -11.08 46.38
CA LEU F 207 16.71 -12.41 46.82
C LEU F 207 15.29 -12.39 47.38
N VAL F 208 14.93 -11.34 48.12
CA VAL F 208 13.58 -11.22 48.65
C VAL F 208 12.57 -11.11 47.51
N THR F 209 12.92 -10.37 46.47
CA THR F 209 12.10 -10.21 45.27
C THR F 209 11.83 -11.56 44.61
N PHE F 210 12.87 -12.39 44.52
CA PHE F 210 12.76 -13.74 43.97
C PHE F 210 11.90 -14.66 44.82
N VAL F 211 12.08 -14.67 46.13
CA VAL F 211 11.26 -15.50 47.04
C VAL F 211 9.80 -15.08 47.01
N VAL F 212 9.50 -13.79 47.03
CA VAL F 212 8.13 -13.27 46.93
C VAL F 212 7.51 -13.67 45.59
N GLY F 213 8.27 -13.60 44.50
CA GLY F 213 7.80 -14.03 43.19
C GLY F 213 7.44 -15.51 43.14
N VAL F 214 8.21 -16.38 43.80
CA VAL F 214 7.90 -17.81 43.92
C VAL F 214 6.65 -18.05 44.74
N LEU F 215 6.50 -17.39 45.89
CA LEU F 215 5.31 -17.57 46.71
C LEU F 215 4.04 -17.11 46.02
N ILE F 216 4.08 -16.03 45.24
CA ILE F 216 2.94 -15.56 44.45
C ILE F 216 2.54 -16.60 43.41
N VAL F 217 3.48 -17.18 42.67
CA VAL F 217 3.17 -18.28 41.73
C VAL F 217 2.57 -19.46 42.48
N VAL F 218 3.16 -19.88 43.59
CA VAL F 218 2.70 -21.04 44.34
C VAL F 218 1.30 -20.86 44.89
N LEU F 219 1.00 -19.75 45.53
CA LEU F 219 -0.35 -19.49 46.03
C LEU F 219 -1.36 -19.35 44.90
N THR F 220 -0.97 -18.78 43.76
CA THR F 220 -1.89 -18.67 42.62
C THR F 220 -2.24 -20.04 42.06
N ILE F 221 -1.28 -20.94 41.89
CA ILE F 221 -1.53 -22.32 41.43
C ILE F 221 -2.29 -23.14 42.49
N CYS F 222 -1.99 -22.96 43.77
CA CYS F 222 -2.72 -23.59 44.86
C CYS F 222 -4.20 -23.15 44.88
N ALA F 223 -4.49 -21.85 44.75
CA ALA F 223 -5.86 -21.35 44.64
C ALA F 223 -6.57 -21.86 43.38
N LYS F 224 -5.92 -21.77 42.21
CA LYS F 224 -6.46 -22.22 40.93
C LYS F 224 -6.85 -23.70 40.95
N SER F 225 -5.99 -24.58 41.45
CA SER F 225 -6.28 -26.02 41.53
C SER F 225 -7.31 -26.39 42.60
N LEU F 226 -7.33 -25.71 43.76
CA LEU F 226 -8.39 -25.92 44.75
C LEU F 226 -9.77 -25.42 44.27
N ALA F 227 -9.85 -24.39 43.44
CA ALA F 227 -11.12 -23.97 42.84
C ALA F 227 -11.77 -25.08 42.01
N VAL F 228 -10.98 -25.85 41.25
CA VAL F 228 -11.46 -27.01 40.48
C VAL F 228 -11.99 -28.11 41.41
N LYS F 229 -11.30 -28.42 42.51
CA LYS F 229 -11.77 -29.42 43.48
C LYS F 229 -13.07 -28.98 44.18
N ALA F 230 -13.16 -27.73 44.59
CA ALA F 230 -14.37 -27.16 45.17
C ALA F 230 -15.53 -27.05 44.17
N GLU F 231 -15.26 -26.92 42.87
CA GLU F 231 -16.27 -27.00 41.81
C GLU F 231 -16.77 -28.44 41.63
N ALA F 232 -15.87 -29.40 41.45
CA ALA F 232 -16.22 -30.81 41.30
C ALA F 232 -16.94 -31.39 42.54
N MET F 233 -16.73 -30.77 43.69
CA MET F 233 -17.38 -31.21 44.91
C MET F 233 -18.89 -30.96 44.87
N LYS F 234 -19.31 -29.94 44.12
CA LYS F 234 -20.72 -29.60 44.01
C LYS F 234 -21.41 -30.43 42.92
N ARG G 33 23.70 -31.35 -17.18
CA ARG G 33 24.93 -30.82 -16.63
C ARG G 33 24.96 -30.97 -15.11
N LYS G 34 23.85 -30.60 -14.46
CA LYS G 34 23.73 -30.75 -13.00
C LYS G 34 23.70 -32.24 -12.61
N THR G 35 24.87 -32.85 -12.68
CA THR G 35 25.10 -34.25 -12.37
C THR G 35 25.71 -34.22 -11.00
N VAL G 36 26.32 -33.08 -10.63
CA VAL G 36 26.82 -33.01 -9.28
C VAL G 36 25.66 -33.04 -8.28
N THR G 37 25.89 -33.66 -7.13
CA THR G 37 24.85 -33.75 -6.11
C THR G 37 24.84 -32.56 -5.16
N ALA G 38 24.66 -32.83 -3.88
CA ALA G 38 24.63 -31.79 -2.86
C ALA G 38 25.96 -31.06 -2.66
N LEU G 39 27.09 -31.69 -2.96
CA LEU G 39 28.44 -31.18 -2.76
C LEU G 39 28.67 -29.81 -3.43
N LYS G 40 27.92 -29.51 -4.47
CA LYS G 40 27.89 -28.24 -5.20
C LYS G 40 27.72 -27.02 -4.28
N ALA G 41 26.85 -27.10 -3.28
CA ALA G 41 26.58 -25.98 -2.38
C ALA G 41 27.75 -25.69 -1.42
N GLY G 42 28.35 -26.73 -0.85
CA GLY G 42 29.55 -26.60 -0.04
C GLY G 42 30.73 -26.06 -0.83
N GLU G 43 30.91 -26.50 -2.07
CA GLU G 43 31.98 -26.01 -2.93
C GLU G 43 31.75 -24.56 -3.36
N ASP G 44 30.54 -24.14 -3.71
CA ASP G 44 30.28 -22.73 -3.99
C ASP G 44 30.49 -21.84 -2.75
N LYS G 45 30.16 -22.34 -1.54
CA LYS G 45 30.48 -21.61 -0.31
C LYS G 45 31.99 -21.51 -0.08
N SER G 46 32.74 -22.55 -0.41
CA SER G 46 34.20 -22.55 -0.38
C SER G 46 34.81 -21.55 -1.38
N ILE G 47 34.27 -21.43 -2.60
CA ILE G 47 34.69 -20.36 -3.54
C ILE G 47 34.44 -18.98 -2.93
N ARG G 48 33.26 -18.77 -2.35
CA ARG G 48 32.93 -17.49 -1.72
C ARG G 48 33.98 -17.12 -0.67
N LEU G 49 34.22 -18.03 0.27
CA LEU G 49 35.22 -17.83 1.31
C LEU G 49 36.59 -17.48 0.72
N GLY G 50 37.10 -18.28 -0.21
CA GLY G 50 38.41 -18.04 -0.81
C GLY G 50 38.49 -16.66 -1.50
N LEU G 51 37.45 -16.26 -2.21
CA LEU G 51 37.36 -14.91 -2.78
C LEU G 51 37.33 -13.82 -1.70
N PHE G 52 36.51 -13.99 -0.66
CA PHE G 52 36.47 -13.03 0.44
C PHE G 52 37.83 -12.89 1.13
N LEU G 53 38.61 -13.95 1.30
CA LEU G 53 39.97 -13.89 1.86
C LEU G 53 40.92 -13.17 0.91
N ILE G 54 40.81 -13.39 -0.40
CA ILE G 54 41.57 -12.62 -1.39
C ILE G 54 41.25 -11.13 -1.26
N ILE G 55 39.98 -10.76 -1.15
CA ILE G 55 39.62 -9.35 -1.08
C ILE G 55 40.06 -8.75 0.25
N SER G 56 39.84 -9.49 1.34
CA SER G 56 40.23 -9.06 2.67
C SER G 56 41.72 -8.79 2.67
N GLY G 57 42.55 -9.71 2.18
CA GLY G 57 43.98 -9.56 2.20
C GLY G 57 44.45 -8.35 1.42
N VAL G 58 43.86 -8.11 0.26
CA VAL G 58 44.24 -6.95 -0.55
C VAL G 58 43.77 -5.66 0.12
N VAL G 59 42.54 -5.64 0.64
CA VAL G 59 42.01 -4.44 1.27
C VAL G 59 42.82 -4.09 2.52
N SER G 60 43.11 -5.10 3.35
CA SER G 60 43.88 -4.85 4.56
C SER G 60 45.31 -4.42 4.23
N LEU G 61 45.85 -4.90 3.11
CA LEU G 61 47.18 -4.43 2.69
C LEU G 61 47.17 -2.95 2.39
N PHE G 62 46.13 -2.47 1.70
CA PHE G 62 46.02 -1.04 1.41
C PHE G 62 45.74 -0.23 2.68
N ILE G 63 44.90 -0.76 3.56
CA ILE G 63 44.57 -0.06 4.79
C ILE G 63 45.81 0.10 5.66
N PHE G 64 46.56 -0.98 5.83
CA PHE G 64 47.79 -0.92 6.62
C PHE G 64 48.86 -0.06 5.95
N GLY G 65 48.82 -0.03 4.61
CA GLY G 65 49.78 0.74 3.84
C GLY G 65 49.60 2.23 4.03
N PHE G 66 48.35 2.67 4.18
CA PHE G 66 48.05 4.09 4.37
C PHE G 66 48.35 4.50 5.81
N CYS G 67 48.20 3.56 6.73
CA CYS G 67 48.44 3.83 8.15
C CYS G 67 49.94 3.84 8.45
N TRP G 68 50.72 2.98 7.79
CA TRP G 68 52.17 2.94 7.96
C TRP G 68 52.93 3.99 7.15
N LEU G 69 52.32 4.61 6.14
CA LEU G 69 53.01 5.51 5.21
C LEU G 69 53.75 6.65 5.91
N SER G 70 53.07 7.47 6.71
CA SER G 70 53.71 8.61 7.37
C SER G 70 54.75 8.17 8.41
N PRO G 71 54.48 7.24 9.35
CA PRO G 71 55.51 6.71 10.24
C PRO G 71 56.73 6.14 9.52
N ALA G 72 56.56 5.35 8.46
CA ALA G 72 57.66 4.76 7.73
C ALA G 72 58.51 5.80 6.99
N LEU G 73 57.91 6.84 6.39
CA LEU G 73 58.67 7.93 5.77
C LEU G 73 59.37 8.81 6.81
N GLN G 74 58.73 9.13 7.93
CA GLN G 74 59.37 9.89 9.01
C GLN G 74 60.56 9.13 9.64
N ASP G 75 60.53 7.81 9.52
CA ASP G 75 61.62 6.98 10.02
C ASP G 75 62.75 6.86 8.97
N LEU G 76 62.36 6.61 7.72
CA LEU G 76 63.31 6.49 6.60
C LEU G 76 64.11 7.77 6.38
N GLN G 77 63.47 8.93 6.52
CA GLN G 77 64.10 10.23 6.34
C GLN G 77 65.14 10.57 7.43
N ALA G 78 65.17 9.84 8.56
CA ALA G 78 66.19 10.00 9.58
C ALA G 78 67.41 9.11 9.31
N THR G 79 68.57 9.72 9.06
CA THR G 79 69.82 9.02 8.76
C THR G 79 70.56 8.59 10.03
N GLU G 80 71.30 7.49 9.93
CA GLU G 80 72.31 7.10 10.93
C GLU G 80 73.52 8.03 10.86
N ALA G 81 74.11 8.34 12.01
CA ALA G 81 75.27 9.20 12.15
C ALA G 81 76.20 8.68 13.26
N ASN G 82 77.44 9.20 13.29
CA ASN G 82 78.34 9.08 14.42
C ASN G 82 78.36 10.41 15.20
N CYS G 83 78.26 10.32 16.52
CA CYS G 83 78.12 11.46 17.43
C CYS G 83 79.21 11.45 18.51
N THR G 84 79.42 12.60 19.15
CA THR G 84 80.21 12.74 20.38
C THR G 84 79.66 13.92 21.18
N VAL G 85 79.55 13.79 22.49
CA VAL G 85 78.99 14.83 23.36
C VAL G 85 79.93 16.03 23.46
N LEU G 86 79.38 17.23 23.21
CA LEU G 86 80.05 18.51 23.41
C LEU G 86 80.06 18.92 24.89
N SER G 87 78.91 18.77 25.57
CA SER G 87 78.75 19.13 26.99
C SER G 87 77.53 18.44 27.61
N VAL G 88 77.53 18.39 28.95
CA VAL G 88 76.40 17.96 29.78
C VAL G 88 76.18 18.97 30.91
N GLN G 89 74.96 19.47 31.08
CA GLN G 89 74.67 20.56 32.02
C GLN G 89 73.21 20.53 32.50
N GLN G 90 72.90 21.23 33.60
CA GLN G 90 71.51 21.47 34.03
C GLN G 90 71.10 22.93 33.76
N ILE G 91 69.86 23.14 33.32
CA ILE G 91 69.31 24.50 33.07
C ILE G 91 68.66 25.13 34.30
N GLY G 92 68.73 24.48 35.47
CA GLY G 92 68.20 24.97 36.75
C GLY G 92 66.68 24.90 36.89
N GLU G 93 65.94 24.97 35.80
CA GLU G 93 64.49 24.78 35.76
C GLU G 93 64.07 23.32 36.08
N VAL G 94 62.82 23.12 36.52
CA VAL G 94 62.24 21.81 36.84
C VAL G 94 60.90 21.57 36.12
N PHE G 95 60.53 20.30 35.92
CA PHE G 95 59.31 19.89 35.21
C PHE G 95 58.55 18.78 35.93
N GLU G 96 57.27 18.63 35.65
CA GLU G 96 56.40 17.58 36.21
C GLU G 96 56.55 16.27 35.44
N CYS G 97 56.88 15.16 36.11
CA CYS G 97 56.47 13.83 35.67
C CYS G 97 55.24 13.37 36.45
N THR G 98 54.49 12.42 35.89
CA THR G 98 53.34 11.81 36.54
C THR G 98 53.72 10.43 37.10
N PHE G 99 53.42 10.16 38.35
CA PHE G 99 53.65 8.86 39.00
C PHE G 99 52.32 8.17 39.31
N THR G 100 52.29 6.85 39.22
CA THR G 100 51.08 6.03 39.14
C THR G 100 50.99 5.02 40.29
N CYS G 101 49.74 4.69 40.67
CA CYS G 101 49.46 3.78 41.79
C CYS G 101 48.18 2.91 41.79
N GLY G 102 47.88 2.18 40.70
CA GLY G 102 46.70 1.31 40.66
C GLY G 102 45.34 1.95 40.38
N ALA G 103 44.45 1.24 39.65
CA ALA G 103 43.13 1.75 39.24
C ALA G 103 43.42 3.10 38.60
N ASP G 104 42.84 4.19 39.08
CA ASP G 104 43.33 5.45 38.51
C ASP G 104 43.63 6.39 39.70
N CYS G 105 44.93 6.57 39.98
CA CYS G 105 45.44 7.09 41.26
C CYS G 105 46.40 8.30 41.14
N ARG G 106 46.84 8.64 39.93
CA ARG G 106 48.08 9.39 39.68
C ARG G 106 48.21 10.76 40.35
N GLY G 107 49.45 11.16 40.61
CA GLY G 107 49.87 12.51 41.01
C GLY G 107 51.13 12.95 40.27
N THR G 108 51.66 14.15 40.55
CA THR G 108 52.87 14.64 39.88
C THR G 108 54.03 14.97 40.84
N SER G 109 55.23 14.78 40.33
CA SER G 109 56.50 15.01 41.03
C SER G 109 57.47 15.74 40.11
N GLN G 110 58.29 16.62 40.66
CA GLN G 110 59.26 17.37 39.88
C GLN G 110 60.46 16.49 39.49
N TYR G 111 61.11 16.82 38.38
CA TYR G 111 62.46 16.40 38.04
C TYR G 111 63.30 17.59 37.54
N PRO G 112 64.60 17.64 37.85
CA PRO G 112 65.50 18.67 37.36
C PRO G 112 65.85 18.43 35.89
N CYS G 113 66.01 19.49 35.09
CA CYS G 113 66.29 19.32 33.67
C CYS G 113 67.78 19.36 33.34
N VAL G 114 68.27 18.26 32.75
CA VAL G 114 69.53 18.22 32.01
C VAL G 114 69.32 18.60 30.55
N GLN G 115 70.31 19.27 29.98
CA GLN G 115 70.50 19.38 28.54
C GLN G 115 71.86 18.81 28.16
N VAL G 116 71.91 18.18 26.98
CA VAL G 116 73.12 17.56 26.43
C VAL G 116 73.24 17.98 24.98
N TYR G 117 74.40 18.45 24.57
CA TYR G 117 74.63 18.91 23.21
C TYR G 117 75.69 18.07 22.52
N VAL G 118 75.56 17.86 21.21
CA VAL G 118 76.24 16.76 20.52
C VAL G 118 76.77 17.15 19.14
N ASN G 119 77.93 16.61 18.77
CA ASN G 119 78.53 16.72 17.43
C ASN G 119 77.73 15.89 16.40
N ASN G 120 77.56 16.42 15.19
CA ASN G 120 76.58 15.95 14.21
C ASN G 120 77.22 15.72 12.81
N SER G 121 76.81 14.66 12.11
CA SER G 121 77.42 14.18 10.88
C SER G 121 76.86 14.78 9.57
N GLU G 122 75.74 15.51 9.63
CA GLU G 122 75.05 16.06 8.44
C GLU G 122 75.08 17.60 8.42
N SER G 123 74.99 18.24 9.58
CA SER G 123 75.01 19.72 9.75
C SER G 123 76.31 20.25 10.38
N ASN G 124 77.13 19.36 10.99
CA ASN G 124 78.44 19.66 11.58
C ASN G 124 78.41 20.86 12.54
N SER G 125 77.32 20.97 13.29
CA SER G 125 76.91 22.10 14.12
C SER G 125 76.21 21.61 15.39
N ARG G 126 75.96 22.51 16.35
CA ARG G 126 75.22 22.20 17.59
C ARG G 126 73.85 21.59 17.29
N ALA G 127 73.52 20.54 18.04
CA ALA G 127 72.18 20.00 18.21
C ALA G 127 72.00 19.47 19.65
N LEU G 128 70.76 19.40 20.12
CA LEU G 128 70.38 18.94 21.46
C LEU G 128 70.00 17.46 21.42
N LEU G 129 70.60 16.65 22.28
CA LEU G 129 70.31 15.23 22.37
C LEU G 129 69.01 14.98 23.13
N HIS G 130 68.20 14.04 22.64
CA HIS G 130 66.94 13.58 23.16
C HIS G 130 66.93 12.07 23.11
N SER G 131 66.85 11.32 24.14
CA SER G 131 67.05 9.88 24.16
C SER G 131 66.21 9.12 23.14
N ASP G 132 64.93 9.44 22.98
CA ASP G 132 64.09 8.94 21.90
C ASP G 132 63.00 9.95 21.51
N GLU G 133 62.30 9.69 20.40
CA GLU G 133 61.29 10.62 19.87
C GLU G 133 60.14 10.89 20.84
N HIS G 134 59.78 9.91 21.68
CA HIS G 134 58.80 10.12 22.74
C HIS G 134 59.34 11.09 23.80
N GLN G 135 60.61 10.99 24.19
CA GLN G 135 61.22 11.97 25.08
C GLN G 135 61.25 13.37 24.44
N LEU G 136 61.67 13.46 23.17
CA LEU G 136 61.62 14.71 22.40
C LEU G 136 60.22 15.32 22.43
N LEU G 137 59.17 14.53 22.22
CA LEU G 137 57.81 15.05 22.14
C LEU G 137 57.16 15.28 23.52
N THR G 138 57.49 14.50 24.55
CA THR G 138 56.93 14.72 25.91
C THR G 138 57.55 15.93 26.61
N ASN G 139 58.81 16.26 26.33
CA ASN G 139 59.47 17.48 26.83
C ASN G 139 60.60 17.95 25.89
N PRO G 140 60.29 18.65 24.78
CA PRO G 140 61.29 19.09 23.81
C PRO G 140 62.27 20.13 24.35
N LYS G 141 61.92 20.78 25.45
CA LYS G 141 62.76 21.73 26.21
C LYS G 141 63.88 21.03 27.00
N CYS G 142 63.88 19.70 27.13
CA CYS G 142 64.79 18.95 28.01
C CYS G 142 65.34 17.65 27.39
N SER G 143 66.51 17.15 27.82
CA SER G 143 67.23 16.06 27.14
C SER G 143 66.92 14.63 27.61
N TYR G 144 66.47 14.50 28.86
CA TYR G 144 66.16 13.21 29.49
C TYR G 144 64.98 13.38 30.46
N ILE G 145 64.27 12.30 30.75
CA ILE G 145 63.21 12.25 31.75
C ILE G 145 63.35 10.97 32.59
N PRO G 146 63.35 11.03 33.93
CA PRO G 146 63.35 9.82 34.74
C PRO G 146 61.97 9.17 34.73
N PRO G 147 61.86 7.83 34.73
CA PRO G 147 60.63 7.16 35.14
C PRO G 147 60.27 7.62 36.56
N CYS G 148 59.11 8.25 36.67
CA CYS G 148 58.60 8.81 37.91
C CYS G 148 58.40 7.76 38.99
N LYS G 149 59.23 7.87 40.03
CA LYS G 149 59.21 6.96 41.17
C LYS G 149 58.92 7.69 42.49
N ARG G 150 57.66 8.10 42.63
CA ARG G 150 57.13 8.80 43.80
C ARG G 150 57.72 10.18 44.13
N GLU G 151 58.66 10.22 45.07
CA GLU G 151 59.23 11.49 45.53
C GLU G 151 60.33 12.14 44.69
N ASN G 152 60.32 13.47 44.71
CA ASN G 152 61.29 14.33 44.02
C ASN G 152 62.75 13.92 44.22
N GLN G 153 63.10 13.44 45.43
CA GLN G 153 64.47 13.05 45.75
C GLN G 153 64.97 11.92 44.85
N LYS G 154 64.11 10.94 44.56
CA LYS G 154 64.45 9.79 43.71
C LYS G 154 64.54 10.17 42.24
N ASN G 155 63.73 11.13 41.78
CA ASN G 155 63.85 11.69 40.43
C ASN G 155 65.19 12.43 40.28
N LEU G 156 65.53 13.32 41.21
CA LEU G 156 66.80 14.05 41.18
C LEU G 156 68.00 13.10 41.28
N GLU G 157 67.96 12.11 42.16
CA GLU G 157 68.99 11.07 42.26
C GLU G 157 69.16 10.32 40.93
N SER G 158 68.07 9.92 40.28
CA SER G 158 68.12 9.23 38.99
C SER G 158 68.60 10.12 37.84
N VAL G 159 68.28 11.42 37.84
CA VAL G 159 68.84 12.36 36.86
C VAL G 159 70.33 12.57 37.10
N MET G 160 70.77 12.79 38.35
CA MET G 160 72.19 12.90 38.69
C MET G 160 73.01 11.66 38.32
N ASN G 161 72.43 10.47 38.48
CA ASN G 161 73.03 9.20 38.07
C ASN G 161 73.24 9.12 36.55
N TRP G 162 72.20 9.44 35.76
CA TRP G 162 72.29 9.49 34.29
C TRP G 162 73.26 10.59 33.81
N GLN G 163 73.17 11.77 34.42
CA GLN G 163 74.03 12.92 34.12
C GLN G 163 75.51 12.58 34.31
N GLN G 164 75.89 11.99 35.45
CA GLN G 164 77.29 11.64 35.71
C GLN G 164 77.80 10.59 34.71
N TYR G 165 76.99 9.59 34.37
CA TYR G 165 77.31 8.59 33.35
C TYR G 165 77.43 9.18 31.93
N TRP G 166 76.77 10.29 31.63
CA TRP G 166 76.89 10.96 30.33
C TRP G 166 78.00 12.01 30.29
N LYS G 167 78.28 12.72 31.40
CA LYS G 167 79.26 13.81 31.46
C LYS G 167 80.69 13.36 31.20
N ASP G 168 81.09 12.17 31.61
CA ASP G 168 82.44 11.65 31.40
C ASP G 168 82.63 10.88 30.07
N GLU G 169 81.61 10.80 29.21
CA GLU G 169 81.62 10.10 27.92
C GLU G 169 82.33 10.89 26.78
N ILE G 170 83.30 11.75 27.12
CA ILE G 170 83.93 12.70 26.19
C ILE G 170 84.84 11.96 25.19
N GLY G 171 84.36 11.84 23.96
CA GLY G 171 85.12 11.18 22.90
C GLY G 171 85.59 9.78 23.25
N SER G 172 85.03 9.24 24.34
CA SER G 172 85.39 7.89 24.76
C SER G 172 85.12 6.92 23.63
N GLN G 173 83.97 7.06 23.00
CA GLN G 173 83.57 6.21 21.88
C GLN G 173 82.43 6.86 21.11
N PRO G 174 82.71 7.30 19.86
CA PRO G 174 81.71 7.94 19.01
C PRO G 174 80.47 7.08 18.88
N PHE G 175 79.51 7.26 19.78
CA PHE G 175 78.27 6.48 19.76
C PHE G 175 77.37 6.89 18.61
N THR G 176 76.77 5.89 17.97
CA THR G 176 75.85 6.14 16.85
C THR G 176 74.57 6.81 17.33
N CYS G 177 74.01 7.65 16.46
CA CYS G 177 72.88 8.54 16.74
C CYS G 177 72.03 8.73 15.47
N TYR G 178 70.77 9.13 15.62
CA TYR G 178 69.84 9.30 14.52
C TYR G 178 69.38 10.75 14.40
N PHE G 179 69.38 11.26 13.16
CA PHE G 179 69.16 12.68 12.88
C PHE G 179 68.35 12.88 11.60
N ASN G 180 67.64 14.01 11.49
CA ASN G 180 66.83 14.39 10.33
C ASN G 180 66.84 15.91 10.18
N GLN G 181 67.66 16.46 9.28
CA GLN G 181 67.78 17.90 9.09
C GLN G 181 66.49 18.60 8.62
N HIS G 182 65.46 17.85 8.19
CA HIS G 182 64.22 18.41 7.68
C HIS G 182 63.11 18.57 8.74
N GLN G 183 63.04 17.69 9.75
CA GLN G 183 62.03 17.75 10.83
C GLN G 183 62.58 17.63 12.26
N ARG G 184 63.87 17.34 12.46
CA ARG G 184 64.50 17.46 13.78
C ARG G 184 65.73 18.36 13.64
N PRO G 185 65.53 19.64 13.23
CA PRO G 185 66.56 20.46 12.60
C PRO G 185 67.78 20.74 13.48
N ASP G 186 67.62 20.73 14.80
CA ASP G 186 68.69 20.84 15.79
C ASP G 186 68.46 19.90 17.00
N ASP G 187 67.81 18.75 16.75
CA ASP G 187 67.50 17.71 17.73
C ASP G 187 68.04 16.33 17.29
N VAL G 188 68.58 15.53 18.20
CA VAL G 188 69.24 14.24 17.88
C VAL G 188 68.72 13.13 18.78
N LEU G 189 68.57 11.91 18.24
CA LEU G 189 68.01 10.76 18.97
C LEU G 189 69.03 9.62 19.15
N LEU G 190 68.95 8.89 20.26
CA LEU G 190 69.78 7.70 20.52
C LEU G 190 69.20 6.39 19.97
N HIS G 191 67.92 6.38 19.56
CA HIS G 191 67.20 5.16 19.15
C HIS G 191 66.25 5.39 17.96
N ARG G 192 66.03 4.34 17.16
CA ARG G 192 64.86 4.26 16.27
C ARG G 192 63.61 3.96 17.09
N THR G 193 62.54 4.71 16.87
CA THR G 193 61.22 4.54 17.50
C THR G 193 60.24 3.69 16.67
N HIS G 194 60.70 3.17 15.53
CA HIS G 194 59.93 2.39 14.58
C HIS G 194 60.37 0.91 14.63
N ASP G 195 59.59 0.02 15.23
CA ASP G 195 59.95 -1.39 15.33
C ASP G 195 59.72 -2.10 13.99
N GLU G 196 60.80 -2.55 13.35
CA GLU G 196 60.73 -3.24 12.06
C GLU G 196 59.87 -4.50 12.14
N ILE G 197 59.92 -5.23 13.26
CA ILE G 197 59.17 -6.47 13.46
C ILE G 197 57.66 -6.22 13.43
N VAL G 198 57.18 -5.18 14.09
CA VAL G 198 55.77 -4.85 14.11
C VAL G 198 55.27 -4.49 12.72
N LEU G 199 56.05 -3.71 11.95
CA LEU G 199 55.73 -3.44 10.55
C LEU G 199 55.73 -4.73 9.72
N LEU G 200 56.73 -5.60 9.89
CA LEU G 200 56.82 -6.85 9.13
C LEU G 200 55.56 -7.69 9.34
N HIS G 201 55.11 -7.87 10.58
CA HIS G 201 53.90 -8.62 10.86
C HIS G 201 52.65 -7.96 10.27
N CYS G 202 52.57 -6.62 10.26
CA CYS G 202 51.44 -5.92 9.69
C CYS G 202 51.28 -6.12 8.18
N PHE G 203 52.36 -6.39 7.44
CA PHE G 203 52.28 -6.67 6.00
C PHE G 203 52.35 -8.15 5.66
N LEU G 204 52.89 -9.01 6.52
CA LEU G 204 53.01 -10.44 6.30
C LEU G 204 51.67 -11.15 6.41
N TRP G 205 50.92 -10.94 7.50
CA TRP G 205 49.69 -11.70 7.73
C TRP G 205 48.55 -11.36 6.76
N PRO G 206 48.40 -10.12 6.27
CA PRO G 206 47.48 -9.89 5.14
C PRO G 206 47.92 -10.61 3.87
N LEU G 207 49.22 -10.72 3.63
CA LEU G 207 49.69 -11.52 2.50
C LEU G 207 49.37 -12.99 2.68
N VAL G 208 49.49 -13.50 3.91
CA VAL G 208 49.15 -14.89 4.18
C VAL G 208 47.67 -15.14 3.94
N THR G 209 46.83 -14.17 4.33
CA THR G 209 45.38 -14.23 4.11
C THR G 209 45.06 -14.33 2.63
N PHE G 210 45.76 -13.55 1.80
CA PHE G 210 45.60 -13.57 0.36
C PHE G 210 46.05 -14.90 -0.26
N VAL G 211 47.20 -15.43 0.13
CA VAL G 211 47.70 -16.71 -0.38
C VAL G 211 46.77 -17.85 0.01
N VAL G 212 46.30 -17.91 1.25
CA VAL G 212 45.34 -18.92 1.71
C VAL G 212 44.04 -18.81 0.92
N GLY G 213 43.55 -17.61 0.65
CA GLY G 213 42.37 -17.39 -0.16
C GLY G 213 42.51 -17.91 -1.58
N VAL G 214 43.67 -17.74 -2.21
CA VAL G 214 43.97 -18.31 -3.53
C VAL G 214 44.00 -19.83 -3.50
N LEU G 215 44.67 -20.43 -2.53
CA LEU G 215 44.74 -21.89 -2.45
C LEU G 215 43.37 -22.52 -2.23
N ILE G 216 42.49 -21.89 -1.44
CA ILE G 216 41.11 -22.38 -1.23
C ILE G 216 40.33 -22.35 -2.53
N VAL G 217 40.40 -21.27 -3.32
CA VAL G 217 39.76 -21.23 -4.65
C VAL G 217 40.32 -22.32 -5.54
N VAL G 218 41.65 -22.46 -5.60
CA VAL G 218 42.31 -23.42 -6.49
C VAL G 218 41.93 -24.86 -6.15
N LEU G 219 42.00 -25.26 -4.89
CA LEU G 219 41.61 -26.61 -4.49
C LEU G 219 40.12 -26.84 -4.70
N THR G 220 39.27 -25.84 -4.50
CA THR G 220 37.83 -26.00 -4.74
C THR G 220 37.54 -26.23 -6.22
N ILE G 221 38.15 -25.48 -7.14
CA ILE G 221 38.01 -25.69 -8.58
C ILE G 221 38.65 -27.01 -9.05
N CYS G 222 39.79 -27.39 -8.48
CA CYS G 222 40.42 -28.66 -8.75
C CYS G 222 39.52 -29.84 -8.33
N ALA G 223 38.94 -29.81 -7.13
CA ALA G 223 37.98 -30.82 -6.69
C ALA G 223 36.71 -30.84 -7.55
N LYS G 224 36.10 -29.68 -7.82
CA LYS G 224 34.89 -29.54 -8.64
C LYS G 224 35.08 -30.13 -10.05
N SER G 225 36.18 -29.81 -10.73
CA SER G 225 36.45 -30.33 -12.07
C SER G 225 36.84 -31.82 -12.10
N LEU G 226 37.58 -32.32 -11.10
CA LEU G 226 37.86 -33.76 -11.00
C LEU G 226 36.59 -34.59 -10.68
N ALA G 227 35.62 -34.05 -9.94
CA ALA G 227 34.35 -34.73 -9.71
C ALA G 227 33.61 -35.03 -11.04
N VAL G 228 33.63 -34.11 -12.00
CA VAL G 228 33.05 -34.32 -13.35
C VAL G 228 33.79 -35.42 -14.10
N LYS G 229 35.12 -35.46 -14.07
CA LYS G 229 35.89 -36.53 -14.72
C LYS G 229 35.63 -37.90 -14.10
N ALA G 230 35.60 -37.98 -12.77
CA ALA G 230 35.26 -39.20 -12.05
C ALA G 230 33.80 -39.64 -12.24
N GLU G 231 32.87 -38.72 -12.52
CA GLU G 231 31.49 -39.03 -12.92
C GLU G 231 31.45 -39.60 -14.35
N ALA G 232 32.04 -38.91 -15.32
CA ALA G 232 32.09 -39.35 -16.71
C ALA G 232 32.83 -40.70 -16.89
N MET G 233 33.71 -41.02 -15.94
CA MET G 233 34.45 -42.28 -15.99
C MET G 233 33.53 -43.47 -15.76
N LYS G 234 32.44 -43.27 -15.02
CA LYS G 234 31.50 -44.34 -14.73
C LYS G 234 30.47 -44.49 -15.85
N ARG H 33 6.75 23.83 -34.92
CA ARG H 33 7.72 24.68 -34.23
C ARG H 33 9.00 23.91 -33.92
N LYS H 34 8.85 22.70 -33.39
CA LYS H 34 10.00 21.84 -33.10
C LYS H 34 10.69 21.40 -34.40
N THR H 35 11.41 22.32 -35.01
CA THR H 35 12.13 22.15 -36.24
C THR H 35 13.55 21.98 -35.79
N VAL H 36 13.89 22.48 -34.60
CA VAL H 36 15.24 22.23 -34.12
C VAL H 36 15.43 20.75 -33.85
N THR H 37 16.64 20.26 -34.10
CA THR H 37 16.94 18.84 -33.89
C THR H 37 17.40 18.55 -32.45
N ALA H 38 18.41 17.70 -32.34
CA ALA H 38 18.94 17.32 -31.04
C ALA H 38 19.63 18.45 -30.28
N LEU H 39 20.14 19.47 -30.97
CA LEU H 39 20.88 20.60 -30.42
C LEU H 39 20.13 21.35 -29.31
N LYS H 40 18.79 21.27 -29.34
CA LYS H 40 17.87 21.82 -28.33
C LYS H 40 18.21 21.39 -26.90
N ALA H 41 18.57 20.14 -26.69
CA ALA H 41 18.88 19.63 -25.34
C ALA H 41 20.19 20.18 -24.78
N GLY H 42 21.24 20.24 -25.59
CA GLY H 42 22.50 20.86 -25.22
C GLY H 42 22.34 22.35 -24.93
N GLU H 43 21.56 23.06 -25.74
CA GLU H 43 21.29 24.48 -25.52
C GLU H 43 20.46 24.74 -24.26
N ASP H 44 19.43 23.95 -23.98
CA ASP H 44 18.70 24.08 -22.70
C ASP H 44 19.58 23.76 -21.49
N LYS H 45 20.51 22.81 -21.60
CA LYS H 45 21.50 22.57 -20.53
C LYS H 45 22.45 23.75 -20.36
N SER H 46 22.85 24.39 -21.47
CA SER H 46 23.64 25.61 -21.43
C SER H 46 22.91 26.80 -20.78
N ILE H 47 21.60 26.97 -21.03
CA ILE H 47 20.79 27.95 -20.29
C ILE H 47 20.79 27.66 -18.79
N ARG H 48 20.58 26.40 -18.42
CA ARG H 48 20.59 26.00 -17.02
C ARG H 48 21.90 26.42 -16.36
N LEU H 49 23.02 25.99 -16.94
CA LEU H 49 24.35 26.36 -16.42
C LEU H 49 24.51 27.87 -16.26
N GLY H 50 24.22 28.65 -17.30
CA GLY H 50 24.36 30.10 -17.24
C GLY H 50 23.50 30.74 -16.14
N LEU H 51 22.27 30.27 -15.96
CA LEU H 51 21.42 30.68 -14.85
C LEU H 51 21.99 30.28 -13.50
N PHE H 52 22.45 29.04 -13.34
CA PHE H 52 23.07 28.60 -12.10
C PHE H 52 24.31 29.43 -11.75
N LEU H 53 25.13 29.83 -12.71
CA LEU H 53 26.28 30.72 -12.47
C LEU H 53 25.84 32.12 -12.08
N ILE H 54 24.78 32.66 -12.67
CA ILE H 54 24.19 33.91 -12.23
C ILE H 54 23.73 33.81 -10.78
N ILE H 55 23.05 32.74 -10.40
CA ILE H 55 22.56 32.61 -9.03
C ILE H 55 23.72 32.40 -8.06
N SER H 56 24.67 31.55 -8.44
CA SER H 56 25.85 31.28 -7.63
C SER H 56 26.56 32.58 -7.36
N GLY H 57 26.84 33.39 -8.39
CA GLY H 57 27.58 34.63 -8.23
C GLY H 57 26.88 35.60 -7.30
N VAL H 58 25.56 35.72 -7.43
CA VAL H 58 24.81 36.62 -6.56
C VAL H 58 24.77 36.10 -5.14
N VAL H 59 24.54 34.79 -4.97
CA VAL H 59 24.47 34.21 -3.62
C VAL H 59 25.81 34.32 -2.93
N SER H 60 26.90 33.99 -3.63
CA SER H 60 28.22 34.08 -3.04
C SER H 60 28.59 35.51 -2.71
N LEU H 61 28.10 36.47 -3.50
CA LEU H 61 28.34 37.87 -3.17
C LEU H 61 27.71 38.25 -1.84
N PHE H 62 26.48 37.79 -1.60
CA PHE H 62 25.83 38.07 -0.33
C PHE H 62 26.50 37.32 0.82
N ILE H 63 26.90 36.06 0.57
CA ILE H 63 27.55 35.28 1.62
C ILE H 63 28.86 35.91 2.03
N PHE H 64 29.68 36.31 1.04
CA PHE H 64 30.95 36.95 1.37
C PHE H 64 30.74 38.33 1.97
N GLY H 65 29.64 38.98 1.62
CA GLY H 65 29.32 40.30 2.12
C GLY H 65 29.00 40.29 3.61
N PHE H 66 28.34 39.22 4.05
CA PHE H 66 27.98 39.09 5.45
C PHE H 66 29.19 38.67 6.29
N CYS H 67 30.10 37.93 5.67
CA CYS H 67 31.31 37.48 6.34
C CYS H 67 32.33 38.59 6.45
N TRP H 68 32.45 39.46 5.44
CA TRP H 68 33.37 40.59 5.46
C TRP H 68 32.84 41.81 6.21
N LEU H 69 31.53 41.90 6.51
CA LEU H 69 30.92 43.09 7.09
C LEU H 69 31.58 43.55 8.39
N SER H 70 31.65 42.68 9.41
CA SER H 70 32.24 43.07 10.70
C SER H 70 33.74 43.37 10.60
N PRO H 71 34.60 42.52 9.99
CA PRO H 71 36.00 42.86 9.75
C PRO H 71 36.22 44.17 9.00
N ALA H 72 35.46 44.43 7.93
CA ALA H 72 35.60 45.65 7.15
C ALA H 72 35.19 46.90 7.93
N LEU H 73 34.12 46.86 8.74
CA LEU H 73 33.75 47.99 9.59
C LEU H 73 34.73 48.19 10.76
N GLN H 74 35.21 47.13 11.40
CA GLN H 74 36.23 47.24 12.44
C GLN H 74 37.56 47.82 11.90
N ASP H 75 37.80 47.65 10.61
CA ASP H 75 38.98 48.20 9.97
C ASP H 75 38.75 49.66 9.55
N LEU H 76 37.61 49.93 8.93
CA LEU H 76 37.24 51.28 8.48
C LEU H 76 37.15 52.28 9.65
N GLN H 77 36.64 51.84 10.79
CA GLN H 77 36.49 52.66 11.99
C GLN H 77 37.83 53.05 12.65
N ALA H 78 38.94 52.39 12.28
CA ALA H 78 40.27 52.77 12.74
C ALA H 78 40.92 53.79 11.82
N THR H 79 41.19 55.00 12.33
CA THR H 79 41.78 56.10 11.58
C THR H 79 43.31 56.03 11.56
N GLU H 80 43.90 56.53 10.48
CA GLU H 80 45.34 56.83 10.42
C GLU H 80 45.68 58.04 11.28
N ALA H 81 46.84 57.99 11.93
CA ALA H 81 47.35 59.05 12.80
C ALA H 81 48.88 59.19 12.64
N ASN H 82 49.42 60.31 13.15
CA ASN H 82 50.86 60.49 13.37
C ASN H 82 51.14 60.31 14.87
N CYS H 83 52.18 59.55 15.20
CA CYS H 83 52.56 59.14 16.54
C CYS H 83 54.01 59.53 16.87
N THR H 84 54.34 59.55 18.16
CA THR H 84 55.72 59.62 18.66
C THR H 84 55.77 58.94 20.02
N VAL H 85 56.81 58.15 20.29
CA VAL H 85 56.95 57.41 21.53
C VAL H 85 57.22 58.34 22.72
N LEU H 86 56.42 58.18 23.78
CA LEU H 86 56.60 58.85 25.08
C LEU H 86 57.70 58.17 25.90
N SER H 87 57.68 56.83 25.96
CA SER H 87 58.65 56.04 26.72
C SER H 87 58.69 54.58 26.26
N VAL H 88 59.78 53.89 26.60
CA VAL H 88 59.97 52.43 26.43
C VAL H 88 60.50 51.84 27.74
N GLN H 89 59.87 50.80 28.26
CA GLN H 89 60.21 50.24 29.58
C GLN H 89 59.82 48.76 29.70
N GLN H 90 60.37 48.04 30.68
CA GLN H 90 59.92 46.70 31.04
C GLN H 90 59.11 46.70 32.34
N ILE H 91 58.05 45.90 32.41
CA ILE H 91 57.21 45.77 33.62
C ILE H 91 57.69 44.70 34.60
N GLY H 92 58.84 44.07 34.32
CA GLY H 92 59.47 43.05 35.18
C GLY H 92 58.81 41.68 35.14
N GLU H 93 57.52 41.60 34.88
CA GLU H 93 56.77 40.37 34.68
C GLU H 93 57.17 39.62 33.39
N VAL H 94 56.91 38.31 33.33
CA VAL H 94 57.21 37.45 32.15
C VAL H 94 55.98 36.65 31.71
N PHE H 95 55.94 36.23 30.43
CA PHE H 95 54.83 35.49 29.83
C PHE H 95 55.30 34.31 28.97
N GLU H 96 54.43 33.34 28.75
CA GLU H 96 54.69 32.17 27.91
C GLU H 96 54.49 32.48 26.41
N CYS H 97 55.49 32.24 25.57
CA CYS H 97 55.25 31.91 24.16
C CYS H 97 55.36 30.40 23.96
N THR H 98 54.75 29.91 22.88
CA THR H 98 54.83 28.49 22.49
C THR H 98 55.82 28.34 21.34
N PHE H 99 56.75 27.40 21.45
CA PHE H 99 57.73 27.07 20.41
C PHE H 99 57.45 25.67 19.84
N THR H 100 57.71 25.50 18.55
CA THR H 100 57.22 24.38 17.75
C THR H 100 58.35 23.57 17.13
N CYS H 101 58.09 22.26 16.91
CA CYS H 101 59.08 21.32 16.38
C CYS H 101 58.62 20.09 15.54
N GLY H 102 57.78 20.28 14.53
CA GLY H 102 57.34 19.16 13.67
C GLY H 102 56.23 18.25 14.20
N ALA H 103 55.35 17.76 13.30
CA ALA H 103 54.18 16.91 13.65
C ALA H 103 53.47 17.69 14.74
N ASP H 104 53.27 17.13 15.93
CA ASP H 104 52.77 18.04 16.97
C ASP H 104 53.64 17.83 18.22
N CYS H 105 54.51 18.80 18.48
CA CYS H 105 55.68 18.69 19.37
C CYS H 105 55.78 19.75 20.48
N ARG H 106 54.94 20.78 20.45
CA ARG H 106 55.19 22.08 21.10
C ARG H 106 55.47 22.06 22.61
N GLY H 107 56.23 23.04 23.06
CA GLY H 107 56.43 23.40 24.48
C GLY H 107 56.39 24.92 24.69
N THR H 108 56.58 25.41 25.92
CA THR H 108 56.55 26.86 26.20
C THR H 108 57.85 27.41 26.79
N SER H 109 58.13 28.66 26.46
CA SER H 109 59.30 29.42 26.91
C SER H 109 58.89 30.81 27.33
N GLN H 110 59.55 31.36 28.34
CA GLN H 110 59.24 32.71 28.82
C GLN H 110 59.77 33.78 27.87
N TYR H 111 59.13 34.94 27.86
CA TYR H 111 59.68 36.19 27.36
C TYR H 111 59.41 37.34 28.35
N PRO H 112 60.34 38.30 28.49
CA PRO H 112 60.15 39.47 29.34
C PRO H 112 59.20 40.47 28.66
N CYS H 113 58.38 41.17 29.44
CA CYS H 113 57.43 42.11 28.85
C CYS H 113 57.93 43.55 28.80
N VAL H 114 58.00 44.09 27.58
CA VAL H 114 58.08 45.53 27.32
C VAL H 114 56.68 46.15 27.24
N GLN H 115 56.58 47.39 27.72
CA GLN H 115 55.48 48.28 27.40
C GLN H 115 56.03 49.55 26.74
N VAL H 116 55.27 50.08 25.79
CA VAL H 116 55.64 51.29 25.04
C VAL H 116 54.41 52.19 25.01
N TYR H 117 54.57 53.46 25.33
CA TYR H 117 53.46 54.41 25.37
C TYR H 117 53.69 55.53 24.37
N VAL H 118 52.61 56.04 23.77
CA VAL H 118 52.71 56.80 22.51
C VAL H 118 51.75 58.01 22.48
N ASN H 119 52.21 59.11 21.86
CA ASN H 119 51.41 60.30 21.57
C ASN H 119 50.38 60.02 20.46
N ASN H 120 49.17 60.57 20.61
CA ASN H 120 47.98 60.17 19.86
C ASN H 120 47.25 61.38 19.23
N SER H 121 46.73 61.21 18.00
CA SER H 121 46.18 62.30 17.18
C SER H 121 44.68 62.56 17.35
N GLU H 122 43.94 61.70 18.06
CA GLU H 122 42.48 61.79 18.23
C GLU H 122 42.08 62.08 19.68
N SER H 123 42.81 61.51 20.65
CA SER H 123 42.58 61.67 22.10
C SER H 123 43.65 62.53 22.81
N ASN H 124 44.79 62.79 22.15
CA ASN H 124 45.89 63.65 22.62
C ASN H 124 46.33 63.32 24.05
N SER H 125 46.34 62.03 24.37
CA SER H 125 46.51 61.44 25.71
C SER H 125 47.30 60.13 25.61
N ARG H 126 47.70 59.57 26.75
CA ARG H 126 48.39 58.27 26.83
C ARG H 126 47.58 57.16 26.14
N ALA H 127 48.29 56.34 25.37
CA ALA H 127 47.85 55.03 24.90
C ALA H 127 49.05 54.07 24.81
N LEU H 128 48.80 52.76 24.90
CA LEU H 128 49.80 51.69 24.86
C LEU H 128 49.94 51.16 23.43
N LEU H 129 51.17 51.11 22.92
CA LEU H 129 51.46 50.60 21.59
C LEU H 129 51.45 49.06 21.57
N HIS H 130 50.87 48.49 20.52
CA HIS H 130 50.73 47.09 20.24
C HIS H 130 51.07 46.87 18.78
N SER H 131 52.06 46.17 18.37
CA SER H 131 52.55 46.11 17.01
C SER H 131 51.46 45.80 15.97
N ASP H 132 50.59 44.84 16.22
CA ASP H 132 49.40 44.58 15.42
C ASP H 132 48.25 44.01 16.26
N GLU H 133 47.05 43.94 15.68
CA GLU H 133 45.85 43.50 16.40
C GLU H 133 45.96 42.06 16.93
N HIS H 134 46.69 41.19 16.25
CA HIS H 134 46.97 39.86 16.78
C HIS H 134 47.87 39.92 18.01
N GLN H 135 48.88 40.80 18.04
CA GLN H 135 49.67 41.01 19.24
C GLN H 135 48.81 41.58 20.38
N LEU H 136 47.98 42.58 20.10
CA LEU H 136 47.02 43.13 21.06
C LEU H 136 46.14 42.02 21.64
N LEU H 137 45.62 41.11 20.82
CA LEU H 137 44.70 40.08 21.29
C LEU H 137 45.41 38.87 21.92
N THR H 138 46.62 38.50 21.49
CA THR H 138 47.36 37.38 22.10
C THR H 138 47.96 37.74 23.47
N ASN H 139 48.32 39.00 23.70
CA ASN H 139 48.75 39.49 25.02
C ASN H 139 48.47 41.00 25.18
N PRO H 140 47.23 41.41 25.53
CA PRO H 140 46.86 42.82 25.66
C PRO H 140 47.55 43.54 26.82
N LYS H 141 48.09 42.78 27.77
CA LYS H 141 48.90 43.25 28.90
C LYS H 141 50.32 43.70 28.48
N CYS H 142 50.76 43.42 27.25
CA CYS H 142 52.14 43.63 26.80
C CYS H 142 52.26 44.22 25.37
N SER H 143 53.35 44.92 25.04
CA SER H 143 53.47 45.71 23.80
C SER H 143 54.06 44.98 22.57
N TYR H 144 54.86 43.95 22.81
CA TYR H 144 55.54 43.16 21.78
C TYR H 144 55.66 41.71 22.22
N ILE H 145 55.79 40.79 21.27
CA ILE H 145 56.06 39.37 21.53
C ILE H 145 57.13 38.87 20.55
N PRO H 146 58.20 38.20 21.01
CA PRO H 146 59.18 37.61 20.10
C PRO H 146 58.60 36.34 19.46
N PRO H 147 58.88 36.03 18.19
CA PRO H 147 58.74 34.68 17.67
C PRO H 147 59.57 33.72 18.52
N CYS H 148 58.89 32.79 19.15
CA CYS H 148 59.49 31.81 20.06
C CYS H 148 60.52 30.93 19.37
N LYS H 149 61.77 31.13 19.80
CA LYS H 149 62.92 30.40 19.28
C LYS H 149 63.64 29.60 20.36
N ARG H 150 62.99 28.52 20.79
CA ARG H 150 63.48 27.58 21.81
C ARG H 150 63.70 28.12 23.22
N GLU H 151 64.95 28.46 23.55
CA GLU H 151 65.30 28.91 24.90
C GLU H 151 65.04 30.37 25.27
N ASN H 152 64.70 30.55 26.55
CA ASN H 152 64.43 31.85 27.17
C ASN H 152 65.47 32.93 26.85
N GLN H 153 66.76 32.55 26.75
CA GLN H 153 67.84 33.48 26.48
C GLN H 153 67.67 34.19 25.13
N LYS H 154 67.23 33.46 24.10
CA LYS H 154 67.02 34.00 22.75
C LYS H 154 65.76 34.88 22.68
N ASN H 155 64.73 34.56 23.45
CA ASN H 155 63.57 35.45 23.59
C ASN H 155 63.95 36.76 24.25
N LEU H 156 64.67 36.72 25.38
CA LEU H 156 65.12 37.93 26.08
C LEU H 156 66.08 38.75 25.21
N GLU H 157 67.03 38.12 24.52
CA GLU H 157 67.91 38.78 23.56
C GLU H 157 67.12 39.49 22.46
N SER H 158 66.12 38.83 21.88
CA SER H 158 65.29 39.42 20.82
C SER H 158 64.38 40.55 21.33
N VAL H 159 63.88 40.47 22.58
CA VAL H 159 63.14 41.59 23.19
C VAL H 159 64.08 42.76 23.46
N MET H 160 65.25 42.54 24.05
CA MET H 160 66.25 43.59 24.26
C MET H 160 66.70 44.27 22.97
N ASN H 161 66.84 43.52 21.87
CA ASN H 161 67.14 44.04 20.55
C ASN H 161 66.05 44.97 20.02
N TRP H 162 64.77 44.54 20.08
CA TRP H 162 63.63 45.37 19.69
C TRP H 162 63.46 46.59 20.59
N GLN H 163 63.60 46.40 21.91
CA GLN H 163 63.52 47.45 22.92
C GLN H 163 64.54 48.57 22.65
N GLN H 164 65.81 48.22 22.44
CA GLN H 164 66.85 49.22 22.18
C GLN H 164 66.59 50.00 20.89
N TYR H 165 66.14 49.32 19.83
CA TYR H 165 65.74 49.96 18.57
C TYR H 165 64.51 50.88 18.70
N TRP H 166 63.63 50.64 19.68
CA TRP H 166 62.47 51.50 19.92
C TRP H 166 62.75 52.63 20.93
N LYS H 167 63.61 52.41 21.93
CA LYS H 167 63.91 53.38 23.00
C LYS H 167 64.57 54.67 22.50
N ASP H 168 65.43 54.60 21.48
CA ASP H 168 66.10 55.78 20.93
C ASP H 168 65.32 56.49 19.80
N GLU H 169 64.10 56.05 19.47
CA GLU H 169 63.24 56.60 18.40
C GLU H 169 62.49 57.90 18.83
N ILE H 170 63.06 58.68 19.75
CA ILE H 170 62.40 59.83 20.37
C ILE H 170 62.26 61.01 19.37
N GLY H 171 61.04 61.21 18.88
CA GLY H 171 60.76 62.28 17.95
C GLY H 171 61.64 62.28 16.73
N SER H 172 62.36 61.18 16.52
CA SER H 172 63.24 61.05 15.37
C SER H 172 62.44 61.25 14.09
N GLN H 173 61.27 60.61 14.04
CA GLN H 173 60.38 60.70 12.90
C GLN H 173 58.98 60.23 13.28
N PRO H 174 58.01 61.17 13.32
CA PRO H 174 56.63 60.85 13.67
C PRO H 174 56.08 59.73 12.80
N PHE H 175 56.26 58.48 13.25
CA PHE H 175 55.80 57.33 12.49
C PHE H 175 54.28 57.20 12.54
N THR H 176 53.70 56.87 11.38
CA THR H 176 52.25 56.69 11.27
C THR H 176 51.78 55.47 12.06
N CYS H 177 50.57 55.55 12.60
CA CYS H 177 49.98 54.59 13.52
C CYS H 177 48.45 54.56 13.32
N TYR H 178 47.81 53.47 13.75
CA TYR H 178 46.37 53.25 13.57
C TYR H 178 45.67 53.16 14.92
N PHE H 179 44.53 53.85 15.04
CA PHE H 179 43.82 54.03 16.31
C PHE H 179 42.30 54.02 16.12
N ASN H 180 41.55 53.65 17.15
CA ASN H 180 40.09 53.61 17.16
C ASN H 180 39.58 53.93 18.57
N GLN H 181 39.14 55.16 18.82
CA GLN H 181 38.68 55.58 20.15
C GLN H 181 37.44 54.83 20.66
N HIS H 182 36.74 54.07 19.82
CA HIS H 182 35.53 53.34 20.19
C HIS H 182 35.76 51.90 20.66
N GLN H 183 36.76 51.20 20.11
CA GLN H 183 37.10 49.80 20.50
C GLN H 183 38.57 49.53 20.81
N ARG H 184 39.49 50.47 20.60
CA ARG H 184 40.87 50.36 21.11
C ARG H 184 41.17 51.62 21.94
N PRO H 185 40.40 51.84 23.03
CA PRO H 185 40.22 53.16 23.64
C PRO H 185 41.51 53.80 24.16
N ASP H 186 42.49 52.99 24.55
CA ASP H 186 43.83 53.42 24.96
C ASP H 186 44.92 52.47 24.42
N ASP H 187 44.69 51.87 23.25
CA ASP H 187 45.59 50.94 22.55
C ASP H 187 45.86 51.41 21.10
N VAL H 188 47.10 51.29 20.61
CA VAL H 188 47.50 51.81 19.29
C VAL H 188 48.25 50.74 18.50
N LEU H 189 48.05 50.70 17.18
CA LEU H 189 48.63 49.68 16.29
C LEU H 189 49.61 50.28 15.27
N LEU H 190 50.65 49.53 14.89
CA LEU H 190 51.61 49.92 13.85
C LEU H 190 51.18 49.50 12.43
N HIS H 191 50.18 48.63 12.28
CA HIS H 191 49.78 48.03 11.00
C HIS H 191 48.27 47.87 10.86
N ARG H 192 47.76 47.92 9.62
CA ARG H 192 46.45 47.37 9.26
C ARG H 192 46.53 45.84 9.22
N THR H 193 45.59 45.16 9.88
CA THR H 193 45.45 43.69 9.88
C THR H 193 44.48 43.16 8.83
N HIS H 194 43.93 44.04 7.98
CA HIS H 194 42.95 43.74 6.94
C HIS H 194 43.61 43.86 5.56
N ASP H 195 43.91 42.75 4.89
CA ASP H 195 44.54 42.80 3.57
C ASP H 195 43.52 43.17 2.49
N GLU H 196 43.68 44.34 1.88
CA GLU H 196 42.78 44.83 0.82
C GLU H 196 42.72 43.86 -0.36
N ILE H 197 43.84 43.23 -0.72
CA ILE H 197 43.91 42.29 -1.83
C ILE H 197 43.04 41.08 -1.62
N VAL H 198 43.05 40.49 -0.43
CA VAL H 198 42.23 39.32 -0.12
C VAL H 198 40.75 39.67 -0.20
N LEU H 199 40.35 40.83 0.32
CA LEU H 199 38.97 41.31 0.17
C LEU H 199 38.63 41.54 -1.31
N LEU H 200 39.51 42.17 -2.09
CA LEU H 200 39.28 42.43 -3.51
C LEU H 200 38.99 41.12 -4.25
N HIS H 201 39.81 40.09 -4.06
CA HIS H 201 39.58 38.80 -4.70
C HIS H 201 38.27 38.14 -4.25
N CYS H 202 37.89 38.29 -2.97
CA CYS H 202 36.64 37.72 -2.47
C CYS H 202 35.39 38.32 -3.12
N PHE H 203 35.43 39.57 -3.60
CA PHE H 203 34.30 40.19 -4.30
C PHE H 203 34.44 40.19 -5.81
N LEU H 204 35.64 40.08 -6.37
CA LEU H 204 35.88 40.07 -7.80
C LEU H 204 35.45 38.77 -8.45
N TRP H 205 35.88 37.62 -7.93
CA TRP H 205 35.60 36.34 -8.59
C TRP H 205 34.14 35.91 -8.56
N PRO H 206 33.35 36.22 -7.53
CA PRO H 206 31.88 36.06 -7.65
C PRO H 206 31.27 36.95 -8.71
N LEU H 207 31.80 38.16 -8.89
CA LEU H 207 31.33 39.01 -9.98
C LEU H 207 31.69 38.42 -11.34
N VAL H 208 32.88 37.83 -11.45
CA VAL H 208 33.28 37.18 -12.71
C VAL H 208 32.36 36.01 -13.01
N THR H 209 31.98 35.24 -11.98
CA THR H 209 31.06 34.12 -12.10
C THR H 209 29.72 34.58 -12.65
N PHE H 210 29.22 35.71 -12.14
CA PHE H 210 27.97 36.30 -12.60
C PHE H 210 28.05 36.79 -14.04
N VAL H 211 29.11 37.50 -14.43
CA VAL H 211 29.28 37.97 -15.81
C VAL H 211 29.40 36.82 -16.79
N VAL H 212 30.17 35.78 -16.46
CA VAL H 212 30.29 34.57 -17.30
C VAL H 212 28.94 33.88 -17.45
N GLY H 213 28.15 33.79 -16.37
CA GLY H 213 26.81 33.23 -16.41
C GLY H 213 25.88 34.00 -17.33
N VAL H 214 25.94 35.32 -17.36
CA VAL H 214 25.17 36.16 -18.29
C VAL H 214 25.60 35.93 -19.73
N LEU H 215 26.89 35.92 -20.01
CA LEU H 215 27.36 35.71 -21.38
C LEU H 215 27.00 34.33 -21.92
N ILE H 216 27.00 33.29 -21.10
CA ILE H 216 26.57 31.94 -21.50
C ILE H 216 25.09 31.93 -21.86
N VAL H 217 24.22 32.56 -21.07
CA VAL H 217 22.79 32.69 -21.43
C VAL H 217 22.65 33.47 -22.74
N VAL H 218 23.34 34.60 -22.88
CA VAL H 218 23.21 35.44 -24.06
C VAL H 218 23.66 34.74 -25.33
N LEU H 219 24.82 34.09 -25.34
CA LEU H 219 25.28 33.35 -26.50
C LEU H 219 24.39 32.15 -26.81
N THR H 220 23.83 31.50 -25.80
CA THR H 220 22.92 30.37 -26.03
C THR H 220 21.62 30.83 -26.69
N ILE H 221 21.03 31.93 -26.24
CA ILE H 221 19.83 32.51 -26.88
C ILE H 221 20.13 33.09 -28.27
N CYS H 222 21.30 33.70 -28.46
CA CYS H 222 21.74 34.18 -29.75
C CYS H 222 21.90 33.02 -30.76
N ALA H 223 22.55 31.92 -30.36
CA ALA H 223 22.67 30.73 -31.20
C ALA H 223 21.29 30.08 -31.49
N LYS H 224 20.46 29.89 -30.46
CA LYS H 224 19.12 29.30 -30.59
C LYS H 224 18.23 30.07 -31.56
N SER H 225 18.18 31.40 -31.47
CA SER H 225 17.37 32.23 -32.36
C SER H 225 17.94 32.35 -33.78
N LEU H 226 19.27 32.40 -33.96
CA LEU H 226 19.86 32.34 -35.30
C LEU H 226 19.66 30.99 -35.99
N ALA H 227 19.62 29.87 -35.27
CA ALA H 227 19.29 28.58 -35.86
C ALA H 227 17.91 28.57 -36.55
N VAL H 228 16.91 29.22 -35.95
CA VAL H 228 15.57 29.37 -36.55
C VAL H 228 15.62 30.21 -37.83
N LYS H 229 16.37 31.32 -37.85
CA LYS H 229 16.52 32.14 -39.06
C LYS H 229 17.24 31.39 -40.18
N ALA H 230 18.32 30.68 -39.86
CA ALA H 230 19.04 29.84 -40.81
C ALA H 230 18.21 28.63 -41.30
N GLU H 231 17.27 28.13 -40.51
CA GLU H 231 16.29 27.11 -40.94
C GLU H 231 15.26 27.70 -41.90
N ALA H 232 14.61 28.81 -41.53
CA ALA H 232 13.63 29.48 -42.37
C ALA H 232 14.23 30.00 -43.70
N MET H 233 15.54 30.21 -43.72
CA MET H 233 16.20 30.66 -44.93
C MET H 233 16.21 29.59 -46.02
N LYS H 234 16.19 28.33 -45.60
CA LYS H 234 16.20 27.20 -46.54
C LYS H 234 14.79 26.87 -47.02
MG MG I . 23.83 6.56 -32.96
CA CA J . 22.94 -18.84 -42.22
CA CA K . 10.03 -34.75 -23.74
N POV L . -1.38 20.33 3.82
P POV L . -0.14 23.55 5.19
C1 POV L . 1.01 25.92 5.37
C2 POV L . 0.48 26.85 6.46
C3 POV L . -0.27 28.02 5.82
C210 POV L . 8.37 30.58 15.73
C11 POV L . 0.78 21.49 3.83
O11 POV L . 0.96 24.57 5.81
C211 POV L . 7.60 31.47 16.66
C12 POV L . 0.07 20.14 3.90
O12 POV L . 0.68 22.17 5.08
C212 POV L . 8.23 31.46 18.04
C13 POV L . -2.00 20.68 2.52
O13 POV L . -1.24 23.38 6.21
C213 POV L . 7.86 32.71 18.83
C14 POV L . -2.24 19.91 4.94
O14 POV L . -0.48 24.02 3.80
C15 POV L . -1.45 18.93 3.36
C21 POV L . 2.06 26.40 8.21
O21 POV L . 1.57 27.35 7.23
C22 POV L . 3.18 26.80 9.14
O22 POV L . 1.56 25.29 8.28
C23 POV L . 2.85 28.12 9.81
C24 POV L . 3.50 28.21 11.19
C25 POV L . 4.77 29.04 11.14
C26 POV L . 5.57 28.88 12.43
C27 POV L . 6.02 30.25 12.97
C28 POV L . 6.27 30.18 14.46
C29 POV L . 7.75 29.97 14.71
C31 POV L . -2.32 27.38 4.58
O31 POV L . -1.67 27.76 5.81
C32 POV L . -3.69 27.95 4.23
O32 POV L . -1.77 26.60 3.82
C33 POV L . -3.62 29.47 4.27
C34 POV L . -4.13 30.07 2.96
C1 CLR M . -18.73 44.65 9.64
C2 CLR M . -19.35 43.51 8.83
C3 CLR M . -19.98 44.04 7.55
C4 CLR M . -18.90 44.67 6.68
C5 CLR M . -18.14 45.71 7.49
C6 CLR M . -17.93 46.91 6.91
C7 CLR M . -17.16 48.02 7.57
C8 CLR M . -16.37 47.51 8.75
C9 CLR M . -17.21 46.60 9.63
C10 CLR M . -17.63 45.35 8.85
C11 CLR M . -16.54 46.22 10.96
C12 CLR M . -15.88 47.41 11.69
C13 CLR M . -14.99 48.18 10.72
C14 CLR M . -15.87 48.67 9.59
C15 CLR M . -15.04 49.73 8.88
C16 CLR M . -14.10 50.28 9.97
C17 CLR M . -14.39 49.47 11.23
C18 CLR M . -13.91 47.27 10.18
C19 CLR M . -16.47 44.39 8.66
C20 CLR M . -13.20 49.24 12.19
C21 CLR M . -13.53 49.83 13.56
C22 CLR M . -11.87 49.79 11.71
C23 CLR M . -10.72 49.01 12.31
C24 CLR M . -9.79 49.92 13.08
C25 CLR M . -8.33 49.48 12.90
C26 CLR M . -7.87 49.74 11.48
C27 CLR M . -7.43 50.16 13.92
O1 CLR M . -20.60 42.96 6.84
C1 CLR N . 7.65 58.75 23.74
C2 CLR N . 9.01 59.26 24.19
C3 CLR N . 9.18 59.11 25.70
C4 CLR N . 8.96 57.65 26.11
C5 CLR N . 7.73 57.06 25.45
C6 CLR N . 6.85 56.39 26.20
C7 CLR N . 5.63 55.71 25.63
C8 CLR N . 5.78 55.47 24.13
C9 CLR N . 6.23 56.74 23.43
C10 CLR N . 7.58 57.25 23.96
C11 CLR N . 6.29 56.56 21.91
C12 CLR N . 4.95 56.07 21.35
C13 CLR N . 4.59 54.77 22.05
C14 CLR N . 4.46 55.04 23.53
C15 CLR N . 3.81 53.78 24.08
C16 CLR N . 2.92 53.29 22.94
C17 CLR N . 3.24 54.17 21.73
C18 CLR N . 5.68 53.74 21.79
C19 CLR N . 8.73 56.56 23.26
C20 CLR N . 3.16 53.37 20.42
C21 CLR N . 3.69 54.18 19.24
C22 CLR N . 1.73 52.94 20.19
C23 CLR N . 1.44 52.71 18.70
C24 CLR N . 0.87 53.98 18.08
C25 CLR N . -0.57 53.78 17.60
C26 CLR N . -1.05 55.01 16.84
C27 CLR N . -0.69 52.53 16.73
O1 CLR N . 10.49 59.52 26.07
K K O . 26.82 14.79 20.35
K K P . 24.32 13.37 18.40
K K Q . 19.60 10.86 14.81
P POV R . 32.46 35.50 15.30
C1 POV R . 30.85 33.74 14.17
C2 POV R . 30.29 33.46 12.78
C3 POV R . 30.07 31.96 12.60
C210 POV R . 22.87 33.04 2.97
C310 POV R . 20.61 29.44 3.94
C11 POV R . 32.76 38.01 16.03
O11 POV R . 31.37 35.07 14.21
C211 POV R . 21.78 33.86 2.33
C311 POV R . 19.30 30.22 3.84
C12 POV R . 33.11 38.64 14.69
O12 POV R . 31.89 36.91 15.83
C212 POV R . 22.34 34.68 1.18
C312 POV R . 19.54 31.72 3.96
O13 POV R . 33.77 35.73 14.60
C213 POV R . 21.28 35.60 0.58
C313 POV R . 18.57 32.52 3.10
O14 POV R . 32.38 34.50 16.44
C214 POV R . 20.86 35.13 -0.81
C215 POV R . 19.95 36.14 -1.49
C21 POV R . 30.57 34.75 10.79
O21 POV R . 31.22 33.96 11.83
C22 POV R . 30.30 34.09 9.46
O22 POV R . 30.27 35.91 11.01
C23 POV R . 28.86 34.23 9.02
C24 POV R . 28.55 33.57 7.68
C25 POV R . 27.43 34.17 6.85
C26 POV R . 26.47 33.10 6.35
C27 POV R . 25.66 33.66 5.19
C28 POV R . 24.57 32.69 4.72
C29 POV R . 23.48 33.50 4.06
C31 POV R . 28.82 30.37 11.13
O31 POV R . 29.27 31.71 11.45
C32 POV R . 28.33 30.04 9.73
O32 POV R . 28.85 29.52 11.99
C33 POV R . 27.17 29.06 9.81
C34 POV R . 26.60 28.77 8.41
C35 POV R . 25.18 29.29 8.26
C36 POV R . 24.48 28.66 7.06
C37 POV R . 23.48 29.64 6.44
C38 POV R . 22.62 28.95 5.38
C39 POV R . 21.22 29.55 5.34
N POV S . 25.84 48.71 9.63
P POV S . 26.68 52.36 7.18
C1 POV S . 26.26 51.66 4.64
C2 POV S . 25.79 50.18 4.74
C3 POV S . 27.01 49.25 4.94
C210 POV S . 17.79 43.38 -1.84
C11 POV S . 25.03 51.04 8.68
O11 POV S . 27.19 51.95 5.71
C211 POV S . 16.45 44.00 -2.17
C12 POV S . 24.68 49.62 9.18
O12 POV S . 26.01 50.98 7.64
C212 POV S . 16.47 44.84 -3.46
C13 POV S . 26.56 48.14 8.42
O13 POV S . 27.81 52.73 8.07
C213 POV S . 15.12 45.55 -3.71
C14 POV S . 25.28 47.56 10.46
O14 POV S . 25.71 53.48 7.10
C15 POV S . 26.83 49.50 10.50
C21 POV S . 23.88 50.33 3.20
O21 POV S . 25.07 49.76 3.54
C22 POV S . 23.17 49.56 2.09
O22 POV S . 23.41 51.32 3.73
C23 POV S . 22.94 48.08 2.47
C24 POV S . 21.93 47.38 1.55
C25 POV S . 20.45 47.53 2.02
C26 POV S . 19.43 47.18 0.93
C27 POV S . 19.40 45.69 0.54
C28 POV S . 18.89 45.49 -0.90
C29 POV S . 18.84 44.03 -1.31
C31 POV S . 26.78 47.25 3.60
O31 POV S . 26.64 47.86 4.80
C32 POV S . 26.42 45.77 3.68
O32 POV S . 27.21 47.79 2.59
C33 POV S . 27.22 44.90 2.68
C34 POV S . 27.05 43.39 2.89
C35 POV S . 25.96 42.73 2.01
C36 POV S . 24.56 43.33 2.23
N POV T . 6.06 27.24 -18.49
P POV T . 5.36 25.85 -14.00
C1 POV T . 7.94 26.03 -13.61
C2 POV T . 8.97 27.08 -13.22
C3 POV T . 10.08 26.55 -12.34
C310 POV T . 11.43 30.82 -2.36
C11 POV T . 4.64 26.62 -16.40
O11 POV T . 6.65 26.48 -13.25
C311 POV T . 12.74 30.37 -1.76
C12 POV T . 5.64 26.22 -17.47
O12 POV T . 5.26 26.99 -15.20
C312 POV T . 13.28 31.33 -0.71
C13 POV T . 6.18 28.60 -17.87
O13 POV T . 5.81 24.55 -14.61
C313 POV T . 13.93 32.58 -1.29
C14 POV T . 7.39 26.83 -18.99
O14 POV T . 4.13 25.91 -13.16
C314 POV T . 14.72 33.37 -0.26
C15 POV T . 5.13 27.32 -19.64
C21 POV T . 8.96 29.38 -12.68
O21 POV T . 8.39 28.19 -12.53
C22 POV T . 9.18 30.05 -11.36
O22 POV T . 9.23 29.86 -13.75
C23 POV T . 10.13 31.22 -11.39
C24 POV T . 10.53 31.69 -10.01
C25 POV T . 11.28 33.01 -10.00
C26 POV T . 11.79 33.43 -8.64
C27 POV T . 12.44 34.79 -8.61
C31 POV T . 9.44 26.26 -10.08
O31 POV T . 9.52 25.75 -11.30
C32 POV T . 10.14 25.38 -9.08
O32 POV T . 8.89 27.29 -9.82
C33 POV T . 11.61 25.67 -8.88
C34 POV T . 11.86 26.40 -7.58
C35 POV T . 11.38 27.84 -7.54
C36 POV T . 11.78 28.55 -6.26
C37 POV T . 11.37 30.01 -6.19
C38 POV T . 11.76 30.67 -4.88
C39 POV T . 11.05 30.11 -3.65
P POV U . 20.39 25.57 38.48
C1 POV U . 19.08 24.51 36.46
C2 POV U . 17.74 24.68 35.78
C3 POV U . 17.86 24.35 34.29
C210 POV U . 5.99 23.27 32.36
C310 POV U . 6.51 20.28 29.23
C11 POV U . 20.49 25.87 41.10
O11 POV U . 19.04 25.13 37.74
C211 POV U . 4.68 22.81 32.94
C311 POV U . 5.53 19.35 29.94
C12 POV U . 19.42 26.95 41.29
O12 POV U . 20.15 25.06 39.98
C212 POV U . 3.83 24.00 33.38
C312 POV U . 5.37 19.73 31.41
O13 POV U . 20.45 27.08 38.50
C213 POV U . 2.56 23.55 34.07
C313 POV U . 3.96 19.48 31.89
O14 POV U . 21.52 24.78 37.89
C214 POV U . 1.33 23.81 33.19
C215 POV U . 0.04 23.55 33.95
C21 POV U . 15.94 26.14 36.39
O21 POV U . 17.32 26.03 35.95
C22 POV U . 14.90 26.47 35.35
O22 POV U . 15.66 25.96 37.56
C23 POV U . 13.74 25.49 35.35
C24 POV U . 12.67 25.80 34.32
C25 POV U . 11.25 25.36 34.63
C26 POV U . 10.61 24.63 33.45
C27 POV U . 9.10 24.61 33.63
C28 POV U . 8.39 23.77 32.58
C29 POV U . 7.07 23.31 33.13
C31 POV U . 16.42 23.77 32.32
O31 POV U . 16.57 24.21 33.70
C32 POV U . 15.13 24.00 31.58
O32 POV U . 17.36 23.22 31.77
C33 POV U . 14.83 22.83 30.66
C34 POV U . 13.48 23.01 29.97
C35 POV U . 12.46 21.96 30.42
C36 POV U . 11.28 21.87 29.45
C37 POV U . 10.00 21.49 30.18
C38 POV U . 8.87 21.19 29.21
C39 POV U . 7.94 20.11 29.76
MG MG V . -15.63 37.95 -3.83
CA CA W . -16.60 38.02 -31.14
CA CA X . -4.81 14.93 -40.36
N POV Y . -2.88 0.23 20.51
P POV Y . -1.94 1.11 24.00
C1 POV Y . -1.82 2.38 26.31
C2 POV Y . -1.46 1.52 27.52
C3 POV Y . -2.66 1.40 28.44
C210 POV Y . 9.25 4.13 33.91
C11 POV Y . -2.02 2.24 21.62
O11 POV Y . -1.14 1.88 25.15
C211 POV Y . 9.36 3.16 35.06
C12 POV Y . -1.98 1.39 20.36
O12 POV Y . -1.25 1.63 22.65
C212 POV Y . 10.81 3.00 35.46
C13 POV Y . -4.34 0.41 20.44
O13 POV Y . -1.66 -0.37 24.14
C213 POV Y . 10.92 2.48 36.89
C14 POV Y . -2.31 -1.13 20.46
O14 POV Y . -3.37 1.61 24.02
C15 POV Y . -2.91 0.18 19.04
C21 POV Y . 0.92 1.90 27.64
O21 POV Y . -0.39 2.14 28.24
C22 POV Y . 2.15 2.46 28.30
O22 POV Y . 1.00 1.27 26.61
C23 POV Y . 2.18 2.05 29.77
C24 POV Y . 3.61 1.91 30.27
C25 POV Y . 4.03 3.15 31.05
C26 POV Y . 5.54 3.15 31.29
C27 POV Y . 5.85 3.48 32.75
C28 POV Y . 7.22 2.94 33.14
C29 POV Y . 8.26 4.02 33.02
C31 POV Y . -4.60 0.18 27.45
O31 POV Y . -3.34 0.17 28.19
C32 POV Y . -5.74 -0.70 27.89
O32 POV Y . -4.70 0.91 26.48
C33 POV Y . -6.07 -0.43 29.35
C34 POV Y . -7.55 -0.09 29.52
C1 CLR Z . -30.03 0.49 49.26
C2 CLR Z . -31.36 1.13 48.85
C3 CLR Z . -31.77 0.72 47.44
C4 CLR Z . -30.60 0.79 46.46
C5 CLR Z . -29.43 1.49 47.09
C6 CLR Z . -28.90 2.59 46.51
C7 CLR Z . -27.48 3.04 46.78
C8 CLR Z . -26.98 2.57 48.14
C9 CLR Z . -28.11 2.11 49.06
C10 CLR Z . -28.88 0.97 48.38
C11 CLR Z . -27.64 1.72 50.46
C12 CLR Z . -26.70 2.75 51.09
C13 CLR Z . -25.59 3.06 50.10
C14 CLR Z . -26.23 3.67 48.87
C15 CLR Z . -25.10 4.36 48.13
C16 CLR Z . -24.12 4.78 49.23
C17 CLR Z . -24.56 4.10 50.52
C18 CLR Z . -24.88 1.77 49.72
C19 CLR Z . -27.92 -0.18 48.09
C20 CLR Z . -23.39 3.47 51.26
C21 CLR Z . -22.86 4.40 52.34
C22 CLR Z . -22.28 3.10 50.29
C23 CLR Z . -20.91 3.42 50.87
C24 CLR Z . -20.63 2.56 52.10
C25 CLR Z . -19.29 1.84 51.96
C26 CLR Z . -18.13 2.77 52.28
C27 CLR Z . -19.25 0.59 52.83
O1 CLR Z . -32.29 -0.61 47.46
C1 CLR AA . -13.73 -13.64 45.40
C2 CLR AA . -14.47 -14.24 44.21
C3 CLR AA . -15.92 -13.79 44.17
C4 CLR AA . -15.98 -12.27 44.14
C5 CLR AA . -15.22 -11.66 45.30
C6 CLR AA . -15.85 -10.85 46.14
C7 CLR AA . -15.23 -10.21 47.34
C8 CLR AA . -13.72 -10.28 47.31
C9 CLR AA . -13.24 -11.67 46.87
C10 CLR AA . -13.78 -12.10 45.47
C11 CLR AA . -11.72 -11.79 46.99
C12 CLR AA . -11.16 -11.38 48.36
C13 CLR AA . -11.62 -9.98 48.78
C14 CLR AA . -13.15 -9.99 48.69
C15 CLR AA . -13.59 -8.71 49.40
C16 CLR AA . -12.56 -8.57 50.54
C17 CLR AA . -11.44 -9.61 50.28
C18 CLR AA . -10.99 -8.93 47.88
C19 CLR AA . -12.95 -11.52 44.33
C20 CLR AA . -10.07 -9.15 50.81
C21 CLR AA . -9.72 -9.78 52.15
C22 CLR AA . -10.00 -7.63 50.91
C23 CLR AA . -8.72 -6.98 50.37
C24 CLR AA . -7.70 -6.73 51.47
C25 CLR AA . -6.72 -5.58 51.18
C26 CLR AA . -7.49 -4.31 50.87
C27 CLR AA . -5.75 -5.35 52.33
O1 CLR AA . -16.53 -14.36 43.04
C1 CLR BA . 7.62 4.74 62.49
C2 CLR BA . 8.54 5.77 63.15
C3 CLR BA . 9.88 5.15 63.53
C4 CLR BA . 10.58 4.66 62.28
C5 CLR BA . 9.66 3.73 61.53
C6 CLR BA . 10.07 2.51 61.15
C7 CLR BA . 9.60 1.90 59.85
C8 CLR BA . 8.19 2.34 59.52
C9 CLR BA . 7.48 2.97 60.72
C10 CLR BA . 8.26 4.18 61.23
C11 CLR BA . 6.02 3.33 60.43
C12 CLR BA . 5.23 2.19 59.78
C13 CLR BA . 6.01 1.70 58.58
C14 CLR BA . 7.34 1.18 59.06
C15 CLR BA . 7.87 0.34 57.90
C16 CLR BA . 6.61 -0.19 57.20
C17 CLR BA . 5.41 0.54 57.81
C18 CLR BA . 6.25 2.88 57.63
C19 CLR BA . 8.30 5.25 60.14
C20 CLR BA . 4.42 0.99 56.75
C21 CLR BA . 3.52 2.10 57.27
C22 CLR BA . 3.59 -0.19 56.25
C23 CLR BA . 2.30 0.30 55.60
C24 CLR BA . 1.16 0.31 56.62
C25 CLR BA . -0.03 -0.50 56.12
C26 CLR BA . -1.32 0.30 56.23
C27 CLR BA . 0.18 -1.00 54.70
O1 CLR BA . 10.69 6.14 64.18
N POV CA . 8.88 24.96 49.32
P POV CA . 6.39 27.50 52.05
C1 POV CA . 4.31 28.30 50.61
C2 POV CA . 4.51 27.61 49.22
C3 POV CA . 5.56 28.41 48.40
C210 POV CA . -3.27 23.07 40.74
C11 POV CA . 7.08 25.12 51.26
O11 POV CA . 5.58 28.61 51.21
C211 POV CA . -4.41 22.19 41.22
C12 POV CA . 7.65 24.35 50.04
O12 POV CA . 6.76 26.47 50.88
C212 POV CA . -5.66 23.00 41.63
C13 POV CA . 8.42 26.10 48.41
O13 POV CA . 7.60 28.07 52.67
C213 POV CA . -6.76 22.09 42.23
C14 POV CA . 9.55 23.89 48.48
O14 POV CA . 5.52 26.90 53.09
C15 POV CA . 9.88 25.49 50.34
C21 POV CA . 2.22 26.81 48.89
O21 POV CA . 3.28 27.56 48.47
C22 POV CA . 1.15 26.64 47.82
O22 POV CA . 2.14 26.30 49.99
C23 POV CA . 1.72 26.02 46.53
C24 POV CA . 0.62 25.50 45.57
C25 POV CA . 0.18 24.05 45.88
C26 POV CA . -1.16 23.67 45.21
C27 POV CA . -1.10 23.59 43.66
C28 POV CA . -2.48 23.86 43.03
C29 POV CA . -2.45 23.79 41.51
C31 POV CA . 4.88 28.58 46.09
O31 POV CA . 5.61 27.94 47.04
C32 POV CA . 5.14 27.99 44.70
O32 POV CA . 4.17 29.53 46.29
C33 POV CA . 4.98 29.03 43.58
C34 POV CA . 5.45 28.53 42.19
C35 POV CA . 4.34 27.94 41.30
C36 POV CA . 3.62 26.75 41.93
N POV DA . -18.74 18.91 20.28
P POV DA . -15.12 15.83 20.31
C1 POV DA . -13.49 17.84 20.61
C2 POV DA . -12.89 18.70 21.72
C3 POV DA . -11.45 19.10 21.49
C310 POV DA . -3.80 15.90 28.61
C11 POV DA . -17.64 16.55 20.32
O11 POV DA . -13.99 16.65 21.14
C311 POV DA . -2.50 16.65 28.37
C12 POV DA . -17.87 17.88 19.61
O12 POV DA . -16.44 16.53 21.03
C312 POV DA . -1.62 16.73 29.61
C13 POV DA . -18.52 18.93 21.75
O13 POV DA . -15.04 16.32 18.90
C313 POV DA . -2.06 17.76 30.62
C14 POV DA . -18.33 20.23 19.73
O14 POV DA . -15.11 14.37 20.64
C314 POV DA . -1.02 18.05 31.69
C15 POV DA . -20.18 18.71 19.99
C21 POV DA . -13.06 18.78 24.08
O21 POV DA . -12.93 18.03 22.99
C22 POV DA . -12.04 18.41 25.13
O22 POV DA . -13.90 19.63 24.21
C23 POV DA . -11.89 19.42 26.24
C24 POV DA . -10.68 19.14 27.11
C25 POV DA . -10.62 19.99 28.36
C26 POV DA . -9.36 19.79 29.17
C27 POV DA . -9.34 20.56 30.48
C31 POV DA . -9.89 17.38 21.91
O31 POV DA . -10.71 17.98 21.05
C32 POV DA . -8.50 17.32 21.37
O32 POV DA . -10.26 16.94 22.97
C33 POV DA . -7.63 18.51 21.71
C34 POV DA . -6.63 18.18 22.81
C35 POV DA . -7.23 18.00 24.19
C36 POV DA . -6.17 17.80 25.26
C37 POV DA . -6.71 17.65 26.68
C38 POV DA . -5.62 17.42 27.70
C39 POV DA . -4.85 16.12 27.54
P POV EA . 35.26 1.94 36.11
C1 POV EA . 33.21 1.68 34.47
C2 POV EA . 31.88 0.91 34.43
C3 POV EA . 30.85 1.73 33.66
C210 POV EA . 23.25 -7.53 32.04
C310 POV EA . 21.78 -5.98 28.24
C11 POV EA . 37.34 0.75 37.20
O11 POV EA . 34.05 1.09 35.46
C211 POV EA . 23.14 -9.01 31.79
C311 POV EA . 22.07 -7.33 27.58
C12 POV EA . 36.65 -0.09 38.28
O12 POV EA . 36.47 0.89 36.07
C212 POV EA . 22.73 -9.75 33.06
C312 POV EA . 23.07 -8.15 28.39
O13 POV EA . 34.91 2.23 37.54
C213 POV EA . 22.73 -11.26 32.84
C313 POV EA . 22.77 -9.64 28.29
O14 POV EA . 35.59 3.08 35.17
C214 POV EA . 21.30 -11.80 32.82
C215 POV EA . 21.30 -13.32 32.80
C21 POV EA . 31.05 -0.68 36.01
O21 POV EA . 31.46 0.70 35.77
C22 POV EA . 29.58 -0.98 36.01
O22 POV EA . 31.89 -1.54 36.19
C23 POV EA . 29.22 -2.12 35.07
C24 POV EA . 27.72 -2.45 35.05
C25 POV EA . 27.34 -3.89 34.73
C26 POV EA . 26.24 -3.94 33.67
C27 POV EA . 25.59 -5.32 33.71
C28 POV EA . 24.58 -5.51 32.60
C29 POV EA . 24.44 -7.00 32.33
C31 POV EA . 28.65 1.41 32.51
O31 POV EA . 29.72 0.90 33.35
C32 POV EA . 27.30 0.72 32.50
O32 POV EA . 28.83 2.39 31.82
C33 POV EA . 26.70 0.74 31.10
C34 POV EA . 25.38 -0.02 31.06
C35 POV EA . 25.46 -1.27 30.21
C36 POV EA . 24.09 -1.80 29.82
C37 POV EA . 24.09 -3.31 29.68
C38 POV EA . 22.78 -3.84 29.09
C39 POV EA . 23.01 -5.08 28.24
K K FA . 22.47 12.34 17.01
MG MG GA . -21.24 -5.09 34.97
CA CA HA . -43.77 7.94 26.68
CA CA IA . -38.96 18.83 1.88
N POV JA . 14.93 -12.78 6.48
P POV JA . 18.02 -13.62 8.39
C1 POV JA . 19.62 -14.47 10.30
C2 POV JA . 21.01 -14.92 9.86
C3 POV JA . 21.14 -16.43 10.03
C210 POV JA . 31.19 -8.67 14.30
C11 POV JA . 15.77 -12.29 8.74
O11 POV JA . 19.18 -13.39 9.48
C211 POV JA . 32.42 -9.32 13.72
C12 POV JA . 15.00 -11.76 7.55
O12 POV JA . 17.16 -12.25 8.48
C212 POV JA . 33.57 -8.32 13.69
C13 POV JA . 14.06 -13.96 6.64
O13 POV JA . 18.66 -13.68 7.03
C213 POV JA . 34.91 -9.04 13.64
C14 POV JA . 15.54 -12.50 5.17
O14 POV JA . 17.15 -14.75 8.87
C15 POV JA . 13.75 -12.07 5.99
C21 POV JA . 22.27 -12.91 10.26
O21 POV JA . 22.00 -14.28 10.68
C22 POV JA . 23.32 -12.11 10.99
O22 POV JA . 21.64 -12.42 9.33
C23 POV JA . 24.62 -12.90 11.04
C24 POV JA . 25.83 -11.96 11.08
C25 POV JA . 26.35 -11.80 12.49
C26 POV JA . 27.35 -10.65 12.57
C27 POV JA . 28.61 -11.06 13.33
C28 POV JA . 29.80 -10.20 12.93
C29 POV JA . 29.97 -9.08 13.92
C31 POV JA . 19.63 -17.76 8.57
O31 POV JA . 20.89 -17.07 8.78
C32 POV JA . 19.60 -19.09 7.85
O32 POV JA . 18.60 -17.25 8.96
C33 POV JA . 20.53 -20.07 8.56
C34 POV JA . 19.79 -21.35 8.93
C1 CLR KA . 24.90 -49.62 15.14
C2 CLR KA . 23.98 -50.19 14.06
C3 CLR KA . 22.60 -50.50 14.63
C4 CLR KA . 21.95 -49.21 15.08
C5 CLR KA . 22.87 -48.51 16.06
C6 CLR KA . 22.39 -48.05 17.22
C7 CLR KA . 22.96 -46.82 17.88
C8 CLR KA . 24.47 -46.74 17.68
C9 CLR KA . 25.03 -48.01 17.05
C10 CLR KA . 24.33 -48.34 15.74
C11 CLR KA . 26.55 -47.96 16.89
C12 CLR KA . 27.29 -47.54 18.17
C13 CLR KA . 26.65 -46.27 18.69
C14 CLR KA . 25.21 -46.54 18.99
C15 CLR KA . 24.76 -45.41 19.90
C16 CLR KA . 26.02 -45.01 20.66
C17 CLR KA . 27.20 -45.72 19.99
C18 CLR KA . 26.76 -45.19 17.62
C19 CLR KA . 24.49 -47.18 14.77
C20 CLR KA . 28.39 -44.79 19.78
C21 CLR KA . 29.71 -45.58 19.81
C22 CLR KA . 28.40 -43.67 20.81
C23 CLR KA . 28.83 -42.36 20.17
C24 CLR KA . 29.41 -42.57 18.78
C25 CLR KA . 30.81 -42.00 18.68
C26 CLR KA . 31.60 -42.25 19.95
C27 CLR KA . 31.55 -42.55 17.46
O1 CLR KA . 21.80 -51.13 13.62
C1 CLR LA . 32.81 -36.85 0.90
C2 CLR LA . 31.61 -36.96 -0.03
C3 CLR LA . 30.70 -38.09 0.38
C4 CLR LA . 30.24 -37.88 1.82
C5 CLR LA . 31.42 -37.73 2.76
C6 CLR LA . 31.55 -38.56 3.79
C7 CLR LA . 32.69 -38.55 4.75
C8 CLR LA . 33.49 -37.26 4.69
C9 CLR LA . 33.74 -36.86 3.22
C10 CLR LA . 32.45 -36.67 2.39
C11 CLR LA . 34.68 -35.65 3.14
C12 CLR LA . 35.98 -35.80 3.95
C13 CLR LA . 35.71 -36.18 5.41
C14 CLR LA . 34.83 -37.43 5.38
C15 CLR LA . 34.83 -37.94 6.82
C16 CLR LA . 36.26 -37.64 7.29
C17 CLR LA . 36.92 -36.72 6.22
C18 CLR LA . 35.05 -35.01 6.14
C19 CLR LA . 31.82 -35.29 2.59
C20 CLR LA . 37.95 -35.75 6.82
C21 CLR LA . 39.39 -36.25 6.63
C22 CLR LA . 37.68 -35.50 8.31
C23 CLR LA . 37.76 -34.04 8.76
C24 CLR LA . 39.13 -33.69 9.34
C25 CLR LA . 39.11 -32.53 10.33
C26 CLR LA . 38.12 -32.82 11.46
C27 CLR LA . 40.50 -32.25 10.92
O1 CLR LA . 29.60 -38.14 -0.51
C1 CLR MA . 53.20 -24.44 23.61
C2 CLR MA . 53.95 -23.83 24.79
C3 CLR MA . 55.14 -22.99 24.33
C4 CLR MA . 54.63 -21.83 23.47
C5 CLR MA . 53.77 -22.40 22.36
C6 CLR MA . 54.00 -22.05 21.09
C7 CLR MA . 52.86 -21.88 20.11
C8 CLR MA . 51.72 -22.85 20.42
C9 CLR MA . 52.16 -23.95 21.39
C10 CLR MA . 52.66 -23.35 22.69
C11 CLR MA . 51.05 -24.98 21.65
C12 CLR MA . 50.41 -25.51 20.36
C13 CLR MA . 49.97 -24.31 19.53
C14 CLR MA . 51.19 -23.52 19.17
C15 CLR MA . 50.77 -22.63 18.02
C16 CLR MA . 49.67 -23.42 17.31
C17 CLR MA . 49.33 -24.62 18.18
C18 CLR MA . 49.03 -23.45 20.36
C19 CLR MA . 51.53 -22.59 23.38
C20 CLR MA . 47.83 -24.85 18.30
C21 CLR MA . 47.50 -25.69 19.51
C22 CLR MA . 47.30 -25.50 17.02
C23 CLR MA . 45.97 -26.18 17.29
C24 CLR MA . 46.17 -27.65 17.61
C25 CLR MA . 45.34 -28.54 16.68
C26 CLR MA . 44.53 -29.56 17.48
C27 CLR MA . 44.45 -27.72 15.77
O1 CLR MA . 55.84 -22.47 25.47
N POV NA . 38.02 -13.40 38.84
P POV NA . 38.24 -16.48 42.09
C1 POV NA . 35.76 -17.38 42.42
C2 POV NA . 34.93 -16.61 41.35
C3 POV NA . 34.62 -15.18 41.85
C210 POV NA . 25.12 -19.64 34.43
C11 POV NA . 38.58 -15.89 39.59
O11 POV NA . 36.84 -16.56 42.89
C211 POV NA . 25.14 -21.00 33.73
C12 POV NA . 38.11 -14.90 38.48
O12 POV NA . 37.76 -15.73 40.76
C212 POV NA . 24.59 -22.12 34.62
C13 POV NA . 36.75 -13.13 39.64
O13 POV NA . 39.25 -15.68 42.82
C213 POV NA . 24.72 -23.50 33.95
C14 POV NA . 37.97 -12.58 37.56
O14 POV NA . 38.78 -17.83 41.84
C15 POV NA . 39.24 -12.97 39.66
C21 POV NA . 33.66 -18.53 40.48
O21 POV NA . 33.67 -17.29 41.06
C22 POV NA . 32.27 -18.91 39.99
O22 POV NA . 34.64 -19.22 40.33
C23 POV NA . 31.69 -17.88 38.99
C24 POV NA . 30.46 -18.41 38.21
C25 POV NA . 30.85 -19.17 36.92
C26 POV NA . 29.70 -20.02 36.35
C27 POV NA . 28.50 -19.20 35.82
C28 POV NA . 27.20 -20.00 35.87
C29 POV NA . 26.01 -19.22 35.34
C31 POV NA . 32.35 -14.56 41.29
O31 POV NA . 33.68 -14.51 40.98
C32 POV NA . 31.53 -13.73 40.31
O32 POV NA . 31.89 -15.11 42.27
C33 POV NA . 30.26 -13.12 40.95
C34 POV NA . 29.53 -12.11 40.06
C35 POV NA . 28.37 -12.70 39.23
C36 POV NA . 28.81 -13.82 38.28
N POV OA . 1.47 -23.04 24.21
P POV OA . 4.22 -20.51 21.29
C1 POV OA . 4.81 -18.94 23.30
C2 POV OA . 5.81 -18.86 24.45
C3 POV OA . 6.28 -17.47 24.76
C310 POV OA . 16.92 -15.12 23.89
C11 POV OA . 2.70 -22.51 21.98
O11 POV OA . 5.28 -19.83 22.31
C311 POV OA . 17.22 -13.77 24.52
C12 POV OA . 1.67 -22.14 23.02
O12 POV OA . 3.92 -21.86 22.18
C312 POV OA . 18.67 -13.63 24.98
C13 POV OA . 2.77 -23.61 24.68
O13 POV OA . 3.01 -19.63 21.32
C313 POV OA . 18.98 -14.35 26.27
C14 POV OA . 0.90 -22.20 25.29
O14 POV OA . 4.87 -20.89 19.99
C314 POV OA . 20.32 -13.97 26.88
C15 POV OA . 0.51 -24.15 23.93
C21 POV OA . 7.60 -20.19 25.24
O21 POV OA . 6.98 -19.65 24.20
C22 POV OA . 9.07 -19.91 25.21
O22 POV OA . 7.03 -20.82 26.09
C23 POV OA . 9.79 -20.18 26.52
C24 POV OA . 11.21 -19.65 26.50
C25 POV OA . 12.03 -20.08 27.70
C26 POV OA . 13.41 -19.47 27.76
C27 POV OA . 14.27 -19.99 28.90
C31 POV OA . 7.89 -16.63 23.25
O31 POV OA . 6.61 -16.79 23.56
C32 POV OA . 8.22 -15.19 23.03
O32 POV OA . 8.67 -17.55 23.16
C33 POV OA . 8.65 -14.44 24.26
C34 POV OA . 10.15 -14.20 24.29
C35 POV OA . 10.99 -15.43 24.53
C36 POV OA . 12.47 -15.11 24.67
C37 POV OA . 13.36 -16.31 24.96
C38 POV OA . 14.83 -15.95 25.06
C39 POV OA . 15.45 -15.43 23.76
MG MG PA . 18.16 -36.54 5.81
CA CA QA . -3.88 -49.24 15.74
CA CA RA . -24.14 -30.82 18.44
N POV SA . 16.43 7.18 -10.46
P POV SA . 19.82 8.69 -10.68
C1 POV SA . 22.44 8.94 -10.92
C2 POV SA . 22.94 10.25 -11.48
C3 POV SA . 23.53 10.03 -12.87
C210 POV SA . 30.31 17.68 -4.21
C11 POV SA . 18.56 6.82 -9.31
O11 POV SA . 21.26 9.15 -10.13
C211 POV SA . 30.67 18.91 -5.02
C12 POV SA . 17.04 6.87 -9.16
O12 POV SA . 19.08 8.15 -9.36
C212 POV SA . 31.00 20.06 -4.08
C13 POV SA . 16.39 6.16 -11.53
O13 POV SA . 19.08 9.91 -11.17
C213 POV SA . 31.85 21.11 -4.78
C14 POV SA . 15.62 8.41 -10.60
O14 POV SA . 20.03 7.52 -11.61
C15 POV SA . 15.21 6.54 -9.94
C21 POV SA . 23.41 11.46 -9.45
O21 POV SA . 23.94 10.80 -10.63
C22 POV SA . 24.35 12.12 -8.47
O22 POV SA . 22.20 11.48 -9.26
C23 POV SA . 25.29 13.06 -9.20
C24 POV SA . 25.71 14.22 -8.32
C25 POV SA . 27.09 13.98 -7.73
C26 POV SA . 27.39 14.98 -6.61
C27 POV SA . 28.77 15.59 -6.78
C28 POV SA . 28.85 16.95 -6.09
C29 POV SA . 29.47 16.77 -4.72
C31 POV SA . 21.89 9.27 -14.58
O31 POV SA . 22.56 10.35 -13.86
C32 POV SA . 21.65 9.39 -16.06
O32 POV SA . 21.53 8.29 -13.95
C33 POV SA . 22.97 9.65 -16.79
C34 POV SA . 23.21 8.61 -17.88
C1 CLR TA . 37.52 4.58 -42.88
C2 CLR TA . 36.21 4.24 -43.57
C3 CLR TA . 35.92 2.75 -43.52
C4 CLR TA . 35.80 2.30 -42.06
C5 CLR TA . 37.01 2.76 -41.30
C6 CLR TA . 37.71 1.89 -40.54
C7 CLR TA . 38.34 2.33 -39.24
C8 CLR TA . 38.80 3.78 -39.33
C9 CLR TA . 38.85 4.29 -40.77
C10 CLR TA . 37.47 4.19 -41.41
C11 CLR TA . 39.40 5.71 -40.88
C12 CLR TA . 40.72 5.91 -40.12
C13 CLR TA . 40.51 5.44 -38.70
C14 CLR TA . 40.19 3.96 -38.73
C15 CLR TA . 40.42 3.46 -37.32
C16 CLR TA . 41.52 4.39 -36.77
C17 CLR TA . 41.70 5.52 -37.77
C18 CLR TA . 39.33 6.19 -38.08
C19 CLR TA . 36.48 5.07 -40.65
C20 CLR TA . 41.81 6.88 -37.09
C21 CLR TA . 43.01 7.65 -37.61
C22 CLR TA . 41.86 6.74 -35.58
C23 CLR TA . 42.33 8.04 -34.93
C24 CLR TA . 41.71 9.25 -35.63
C25 CLR TA . 41.74 10.47 -34.71
C26 CLR TA . 42.97 10.45 -33.81
C27 CLR TA . 41.68 11.76 -35.52
O1 CLR TA . 34.69 2.47 -44.21
C1 CLR UA . 27.13 20.40 -33.79
C2 CLR UA . 25.99 19.38 -33.81
C3 CLR UA . 25.98 18.59 -35.12
C4 CLR UA . 27.28 17.82 -35.27
C5 CLR UA . 28.43 18.79 -35.11
C6 CLR UA . 29.41 18.84 -36.02
C7 CLR UA . 30.84 19.13 -35.64
C8 CLR UA . 30.91 19.95 -34.35
C9 CLR UA . 29.59 20.70 -34.10
C10 CLR UA . 28.47 19.69 -33.90
C11 CLR UA . 29.66 21.68 -32.92
C12 CLR UA . 30.93 22.52 -32.87
C13 CLR UA . 32.13 21.59 -33.02
C14 CLR UA . 32.03 20.95 -34.38
C15 CLR UA . 33.43 20.45 -34.68
C16 CLR UA . 34.36 21.39 -33.93
C17 CLR UA . 33.49 22.24 -33.00
C18 CLR UA . 32.06 20.51 -31.95
C19 CLR UA . 28.72 18.85 -32.66
C20 CLR UA . 34.07 22.30 -31.60
C21 CLR UA . 33.68 23.59 -30.89
C22 CLR UA . 35.59 22.14 -31.63
C23 CLR UA . 36.11 21.63 -30.28
C24 CLR UA . 36.57 22.79 -29.40
C25 CLR UA . 37.13 22.27 -28.09
C26 CLR UA . 37.49 20.80 -28.19
C27 CLR UA . 38.33 23.10 -27.65
O1 CLR UA . 24.89 17.66 -35.11
C1 CLR VA . 53.61 28.97 -16.44
C2 CLR VA . 54.80 29.11 -15.50
C3 CLR VA . 54.85 30.49 -14.85
C4 CLR VA . 53.58 30.69 -14.02
C5 CLR VA . 52.38 30.43 -14.89
C6 CLR VA . 51.39 31.32 -14.95
C7 CLR VA . 49.95 30.89 -15.09
C8 CLR VA . 49.85 29.60 -15.91
C9 CLR VA . 51.14 29.29 -16.66
C10 CLR VA . 52.30 29.16 -15.70
C11 CLR VA . 51.02 28.06 -17.56
C12 CLR VA . 49.79 28.07 -18.45
C13 CLR VA . 48.57 28.31 -17.57
C14 CLR VA . 48.73 29.67 -16.93
C15 CLR VA . 47.33 30.05 -16.44
C16 CLR VA . 46.39 29.35 -17.40
C17 CLR VA . 47.23 28.41 -18.28
C18 CLR VA . 48.51 27.25 -16.49
C19 CLR VA . 52.06 27.99 -14.75
C20 CLR VA . 46.57 27.05 -18.45
C21 CLR VA . 47.60 26.00 -18.88
C22 CLR VA . 45.43 27.12 -19.46
C23 CLR VA . 45.12 25.75 -20.02
C24 CLR VA . 45.86 25.51 -21.32
C25 CLR VA . 44.91 25.14 -22.45
C26 CLR VA . 45.38 23.87 -23.17
C27 CLR VA . 43.49 24.97 -21.95
O1 CLR VA . 55.99 30.60 -14.01
P POV WA . 47.31 11.90 12.58
C1 POV WA . 44.97 10.95 11.84
C2 POV WA . 44.43 9.72 11.11
C3 POV WA . 43.04 9.36 11.65
C210 POV WA . 40.10 2.20 2.39
C310 POV WA . 35.85 3.14 2.68
C11 POV WA . 49.61 12.91 11.77
O11 POV WA . 46.37 11.06 11.59
C211 POV WA . 40.21 1.99 0.90
C311 POV WA . 35.81 3.49 1.19
C12 POV WA . 50.32 11.64 11.32
O12 POV WA . 48.20 12.78 11.57
C212 POV WA . 41.21 0.88 0.58
C312 POV WA . 37.21 3.79 0.67
O13 POV WA . 48.21 10.93 13.31
C213 POV WA . 41.42 0.72 -0.92
C313 POV WA . 37.36 3.34 -0.78
O14 POV WA . 46.43 12.85 13.37
C214 POV WA . 40.79 -0.56 -1.44
C215 POV WA . 41.16 -0.82 -2.89
C21 POV WA . 45.67 7.96 10.08
O21 POV WA . 45.34 8.65 11.32
C22 POV WA . 44.97 6.65 9.80
O22 POV WA . 46.49 8.42 9.32
C23 POV WA . 44.31 6.63 8.43
C24 POV WA . 43.59 5.32 8.12
C25 POV WA . 43.49 4.91 6.66
C26 POV WA . 42.07 4.51 6.27
C27 POV WA . 42.11 3.70 4.99
C28 POV WA . 40.72 3.39 4.46
C29 POV WA . 40.81 3.15 2.97
C31 POV WA . 41.02 8.03 11.00
O31 POV WA . 42.41 8.44 10.78
C32 POV WA . 40.49 6.78 10.35
O32 POV WA . 40.32 8.70 11.72
C33 POV WA . 39.03 6.98 9.94
C34 POV WA . 38.49 5.75 9.22
C35 POV WA . 38.17 6.05 7.75
C36 POV WA . 37.26 4.99 7.15
C37 POV WA . 37.55 4.81 5.65
C38 POV WA . 36.52 3.91 4.99
C39 POV WA . 36.27 4.33 3.53
N POV XA . 54.96 10.28 -1.18
P POV XA . 58.49 8.32 -3.10
C1 POV XA . 57.67 5.90 -3.84
C2 POV XA . 56.16 5.87 -3.45
C3 POV XA . 56.02 5.60 -1.92
C210 POV XA . 46.15 0.55 -8.42
C11 POV XA . 56.50 9.97 -3.31
O11 POV XA . 58.42 6.72 -2.93
C211 POV XA . 45.95 0.68 -9.92
C12 POV XA . 55.10 10.29 -2.72
O12 POV XA . 56.97 8.70 -2.80
C212 POV XA . 46.67 -0.42 -10.71
C13 POV XA . 54.86 8.86 -0.68
O13 POV XA . 59.41 8.93 -2.12
C213 POV XA . 46.54 -0.20 -12.24
C14 POV XA . 53.69 11.03 -0.79
O14 POV XA . 58.93 8.66 -4.47
C15 POV XA . 56.16 10.99 -0.53
C21 POV XA . 55.27 4.91 -5.52
O21 POV XA . 55.43 4.83 -4.17
C22 POV XA . 54.25 3.91 -6.04
O22 POV XA . 55.86 5.69 -6.24
C23 POV XA . 52.87 4.10 -5.36
C24 POV XA . 51.72 3.36 -6.10
C25 POV XA . 51.08 4.22 -7.22
C26 POV XA . 50.23 3.39 -8.21
C27 POV XA . 48.95 2.77 -7.58
C28 POV XA . 48.51 1.50 -8.33
C29 POV XA . 47.24 0.90 -7.74
C31 POV XA . 54.21 4.06 -1.49
O31 POV XA . 54.65 5.35 -1.56
C32 POV XA . 52.76 4.00 -1.01
O32 POV XA . 54.89 3.07 -1.73
C33 POV XA . 52.46 2.70 -0.23
C34 POV XA . 51.08 2.70 0.47
C35 POV XA . 49.95 2.04 -0.34
C36 POV XA . 49.71 2.70 -1.71
N POV YA . 26.21 -14.88 -14.69
P POV YA . 24.66 -10.66 -13.19
C1 POV YA . 26.19 -10.91 -11.09
C2 POV YA . 27.63 -10.63 -10.66
C3 POV YA . 27.77 -10.16 -9.24
C310 POV YA . 32.12 -0.32 -7.33
C11 POV YA . 24.92 -12.65 -14.88
O11 POV YA . 25.88 -10.17 -12.24
C311 POV YA . 32.45 -0.16 -5.85
C12 POV YA . 25.12 -13.97 -14.21
O12 POV YA . 25.57 -11.59 -14.21
C312 POV YA . 33.55 0.86 -5.59
C13 POV YA . 27.43 -14.12 -15.09
O13 POV YA . 23.81 -11.56 -12.35
C313 POV YA . 34.94 0.35 -5.87
C14 POV YA . 26.57 -15.78 -13.55
O14 POV YA . 24.06 -9.53 -13.97
C314 POV YA . 36.04 1.25 -5.33
C15 POV YA . 25.76 -15.73 -15.83
C21 POV YA . 29.57 -9.75 -11.69
O21 POV YA . 28.26 -9.65 -11.49
C22 POV YA . 30.25 -8.44 -11.45
O22 POV YA . 30.12 -10.77 -12.03
C23 POV YA . 31.75 -8.53 -11.30
C24 POV YA . 32.37 -7.23 -10.80
C25 POV YA . 33.88 -7.22 -10.86
C26 POV YA . 34.50 -5.98 -10.25
C27 POV YA . 36.01 -5.90 -10.40
C31 POV YA . 27.19 -7.89 -8.92
O31 POV YA . 26.80 -9.16 -8.97
C32 POV YA . 26.82 -7.26 -7.62
O32 POV YA . 27.77 -7.34 -9.82
C33 POV YA . 27.85 -7.40 -6.52
C34 POV YA . 28.60 -6.10 -6.29
C35 POV YA . 29.57 -5.72 -7.40
C36 POV YA . 30.38 -4.48 -7.05
C37 POV YA . 31.40 -4.08 -8.12
C38 POV YA . 32.17 -2.82 -7.74
C39 POV YA . 31.32 -1.56 -7.65
P POV ZA . -9.69 23.07 15.82
C1 POV ZA . -8.61 23.69 18.14
C2 POV ZA . -9.05 22.72 19.25
C3 POV ZA . -9.97 23.45 20.22
C11 POV ZA . -10.72 24.73 14.06
O11 POV ZA . -9.66 23.88 17.22
C12 POV ZA . -10.29 24.09 12.75
O12 POV ZA . -10.93 23.73 15.05
O13 POV ZA . -8.43 23.41 15.07
O14 POV ZA . -10.03 21.63 16.13
C21 POV ZA . -7.03 21.43 19.07
O21 POV ZA . -7.90 22.21 19.94
C22 POV ZA . -5.56 21.32 19.38
O22 POV ZA . -7.51 20.86 18.10
C23 POV ZA . -5.28 21.90 20.76
C24 POV ZA . -3.79 22.11 20.97
C25 POV ZA . -3.15 20.92 21.67
C26 POV ZA . -1.71 21.21 22.06
C27 POV ZA . -1.21 20.21 23.09
C28 POV ZA . 0.00 20.77 23.84
C29 POV ZA . 0.01 20.20 25.24
C31 POV ZA . -9.51 25.66 21.28
O31 POV ZA . -9.19 24.25 21.10
C32 POV ZA . -8.46 26.63 21.75
O32 POV ZA . -10.65 26.04 21.05
C33 POV ZA . -7.23 26.55 20.84
C34 POV ZA . -5.96 26.89 21.58
C35 POV ZA . -5.44 25.69 22.36
C36 POV ZA . -3.99 25.90 22.77
C37 POV ZA . -3.37 24.67 23.40
C38 POV ZA . -1.92 24.93 23.80
P POV AB . 1.63 -12.45 26.81
C1 POV AB . 3.92 -12.60 28.10
C2 POV AB . 4.82 -13.69 27.52
C3 POV AB . 4.92 -14.85 28.51
C11 POV AB . -0.78 -12.16 27.85
O11 POV AB . 2.55 -13.00 28.00
C12 POV AB . -1.43 -11.23 26.84
O12 POV AB . 0.17 -13.01 27.20
O13 POV AB . 1.60 -10.94 26.89
O14 POV AB . 2.06 -13.12 25.52
C21 POV AB . 6.08 -12.12 26.23
O21 POV AB . 6.11 -13.16 27.25
C22 POV AB . 7.15 -11.05 26.22
O22 POV AB . 5.19 -12.12 25.39
C23 POV AB . 8.25 -11.40 27.20
C24 POV AB . 9.16 -10.22 27.46
C25 POV AB . 10.37 -10.23 26.54
C26 POV AB . 11.38 -9.16 26.94
C27 POV AB . 12.73 -9.42 26.30
C28 POV AB . 13.84 -8.69 27.07
C29 POV AB . 15.13 -9.48 26.95
C31 POV AB . 5.45 -14.64 30.94
O31 POV AB . 5.84 -14.51 29.55
C32 POV AB . 6.14 -13.82 32.01
O32 POV AB . 4.56 -15.42 31.23
C33 POV AB . 6.08 -12.35 31.64
C34 POV AB . 7.27 -11.59 32.20
C35 POV AB . 8.49 -11.74 31.29
C36 POV AB . 9.53 -10.68 31.63
C37 POV AB . 10.68 -10.68 30.64
C38 POV AB . 11.71 -9.61 31.02
P POV BB . 25.64 -14.30 -3.82
C1 POV BB . 27.94 -13.03 -3.57
C2 POV BB . 28.23 -12.16 -4.79
C3 POV BB . 29.39 -12.77 -5.58
C11 POV BB . 25.14 -16.80 -3.21
O11 POV BB . 27.24 -14.20 -3.98
C12 POV BB . 23.72 -16.70 -2.64
O12 POV BB . 25.33 -15.82 -4.22
O13 POV BB . 25.32 -14.11 -2.36
O14 POV BB . 25.02 -13.40 -4.85
C21 POV BB . 27.47 -10.18 -3.70
O21 POV BB . 28.57 -10.84 -4.38
C22 POV BB . 27.74 -9.09 -2.68
O22 POV BB . 26.32 -10.51 -3.96
C23 POV BB . 29.21 -8.71 -2.74
C24 POV BB . 29.61 -7.86 -1.52
C25 POV BB . 29.51 -6.38 -1.83
C26 POV BB . 30.09 -5.55 -0.70
C27 POV BB . 30.37 -4.12 -1.14
C28 POV BB . 31.38 -3.45 -0.22
C29 POV BB . 32.17 -2.44 -1.01
C31 POV BB . 31.58 -13.51 -4.64
O31 POV BB . 30.63 -12.45 -4.95
C32 POV BB . 32.59 -13.33 -3.55
O32 POV BB . 31.54 -14.54 -5.30
C33 POV BB . 31.88 -12.96 -2.25
C34 POV BB . 32.77 -12.09 -1.36
C35 POV BB . 32.73 -10.63 -1.79
C36 POV BB . 33.27 -9.75 -0.68
C37 POV BB . 33.09 -8.27 -0.99
C38 POV BB . 33.67 -7.40 0.13
P POV CB . 14.37 21.34 -14.65
C1 POV CB . 15.48 23.36 -13.38
C2 POV CB . 14.42 24.36 -12.91
C3 POV CB . 14.55 25.64 -13.72
C11 POV CB . 15.24 20.20 -16.85
O11 POV CB . 15.07 22.79 -14.61
C12 POV CB . 14.92 18.73 -16.58
O12 POV CB . 14.27 21.03 -16.22
O13 POV CB . 15.33 20.33 -14.04
O14 POV CB . 12.98 21.47 -14.10
C21 POV CB . 14.39 23.47 -10.68
O21 POV CB . 14.60 24.65 -11.52
C22 POV CB . 15.08 23.36 -9.35
O22 POV CB . 13.66 22.58 -11.08
C23 POV CB . 15.73 24.69 -8.99
C24 POV CB . 16.69 24.55 -7.82
C25 POV CB . 16.02 24.85 -6.49
C26 POV CB . 17.03 24.89 -5.36
C27 POV CB . 16.45 25.58 -4.14
C28 POV CB . 17.55 26.08 -3.21
C29 POV CB . 17.09 27.32 -2.49
C31 POV CB . 16.67 26.90 -14.14
O31 POV CB . 15.65 26.42 -13.22
C32 POV CB . 18.06 27.23 -13.63
O32 POV CB . 16.39 27.03 -15.32
C33 POV CB . 18.62 26.03 -12.89
C34 POV CB . 19.59 26.47 -11.80
C35 POV CB . 18.85 26.89 -10.54
C36 POV CB . 19.81 26.92 -9.35
C37 POV CB . 19.08 27.16 -8.03
C38 POV CB . 20.08 27.22 -6.87
#